data_6QS7
#
_entry.id   6QS7
#
loop_
_entity.id
_entity.type
_entity.pdbx_description
1 polymer 'Chaperone protein ClpB'
2 polymer casein
3 non-polymer 'PHOSPHOTHIOPHOSPHORIC ACID-ADENYLATE ESTER'
4 non-polymer 'MAGNESIUM ION'
5 non-polymer "ADENOSINE-5'-DIPHOSPHATE"
#
loop_
_entity_poly.entity_id
_entity_poly.type
_entity_poly.pdbx_seq_one_letter_code
_entity_poly.pdbx_strand_id
1 'polypeptide(L)'
;MRLDRLTNKFQLALADAQSLALGHDNQFIEPLHLMSALLNQEGGSVSPLLTSAGINAGQLRTDINQALNRLPQVEGTGGD
VQPSQDLVRVLNLCDKLAQKRGDNFISSELFVLAALESRGTLADILKAAGATTANITQAIEQMRGGESVNDQGAEDQRQA
LKKYTIDLTERAEQGKLDPVIGRDEEIRRTIQVLQRRTKNNPVLIGEPGVGKTAIVEGLAQRIINGEVPEGLKGRRVLAL
DMGALVAGAKYRGEFEERLKGVLNDLAKQEGNVILFIDALHTMVGAGKADGAMDAGNMLKPALARGELHCVGATTLDEYR
QYIEKDAALERRFQKVFVAEPSVEDTIAILRGLKERYELHHHVQITDPAIVAAATLSHRYIADRQLPDKAIDLIDEAASS
IRMQIDSKPEELDRLDRRIIQLKLEQQALMKESDEASKKRLDMLNEELSDKERQYSELEEEWKAEKASLSGTQTICAELE
QAKIAIEQARRVGDLARMSELQYGKIPELEKQLEAATQLEGKTMRLLRNKVTDAEIAEVLARWTGIPVSRMMESEREKLL
RMEQELHHRVIGQNEAVDAVSNAIRRSRAGLADPNRPIGSFLFLGPTGVGKTELCKALANFMFDSDEAMVRIDMSEFMEK
HSVSRLVGAPPGYVGYEEGGYLTEAVRRRPYSVILLDAVEKAHPDVFNILLQVLDDGRLTDGQGRTVDFRNTVVIMTSNL
GSDLIQERFGELDYAHMKELVLGVVSHNFRPEFINRIDEVVVFHPLGEQHIASIAQIQLKRLYKRLEERGYEIHISDEAL
KLLSENGYDPVYGARPLKRAIQQQIENPLAQQILSGELVPGKVIRLEVNEDRIVAVQH
;
A,B,C,D,E,F
2 'polypeptide(L)'
;(UNK)(UNK)(UNK)(UNK)(UNK)(UNK)(UNK)(UNK)(UNK)(UNK)(UNK)(UNK)(UNK)(UNK)(UNK)(UNK)
(UNK)(UNK)(UNK)(UNK)(UNK)(UNK)(UNK)(UNK)
;
S
#
# COMPACT_ATOMS: atom_id res chain seq x y z
N GLN A 159 24.02 31.51 -20.74
CA GLN A 159 24.44 31.29 -19.36
C GLN A 159 23.27 30.74 -18.56
N ALA A 160 23.52 29.66 -17.82
CA ALA A 160 22.45 29.02 -17.06
C ALA A 160 22.42 29.45 -15.60
N LEU A 161 23.51 30.00 -15.09
CA LEU A 161 23.54 30.45 -13.70
C LEU A 161 22.61 31.62 -13.49
N LYS A 162 22.68 32.61 -14.37
CA LYS A 162 21.85 33.80 -14.24
C LYS A 162 20.38 33.50 -14.46
N LYS A 163 20.05 32.41 -15.15
CA LYS A 163 18.67 32.02 -15.29
C LYS A 163 18.11 31.46 -14.00
N TYR A 164 18.97 30.88 -13.14
CA TYR A 164 18.47 30.09 -12.03
C TYR A 164 19.11 30.37 -10.67
N THR A 165 20.20 31.12 -10.61
CA THR A 165 20.84 31.37 -9.32
C THR A 165 20.64 32.81 -8.89
N ILE A 166 20.86 33.05 -7.60
CA ILE A 166 20.77 34.38 -7.01
C ILE A 166 22.10 34.63 -6.30
N ASP A 167 22.87 35.58 -6.81
CA ASP A 167 24.17 35.91 -6.22
C ASP A 167 23.93 36.59 -4.88
N LEU A 168 24.20 35.88 -3.79
CA LEU A 168 23.96 36.47 -2.47
C LEU A 168 25.02 37.50 -2.11
N THR A 169 26.28 37.28 -2.51
CA THR A 169 27.34 38.19 -2.12
C THR A 169 27.23 39.53 -2.84
N GLU A 170 26.71 39.53 -4.06
CA GLU A 170 26.44 40.79 -4.75
C GLU A 170 25.31 41.54 -4.06
N ARG A 171 24.33 40.83 -3.52
CA ARG A 171 23.25 41.48 -2.78
C ARG A 171 23.74 42.03 -1.44
N ALA A 172 24.63 41.30 -0.78
CA ALA A 172 25.20 41.80 0.46
C ALA A 172 26.18 42.94 0.20
N GLU A 173 26.76 43.01 -1.01
CA GLU A 173 27.59 44.14 -1.37
C GLU A 173 26.76 45.42 -1.43
N GLN A 174 25.53 45.33 -1.94
CA GLN A 174 24.60 46.44 -1.87
C GLN A 174 23.85 46.48 -0.54
N GLY A 175 24.19 45.61 0.40
CA GLY A 175 23.71 45.72 1.76
C GLY A 175 22.25 45.40 1.96
N LYS A 176 21.65 44.63 1.05
CA LYS A 176 20.23 44.30 1.21
C LYS A 176 20.00 43.28 2.30
N LEU A 177 21.01 42.51 2.68
CA LEU A 177 20.78 41.41 3.60
C LEU A 177 20.77 41.90 5.04
N ASP A 178 20.55 40.98 5.95
CA ASP A 178 20.38 41.29 7.36
C ASP A 178 21.71 41.24 8.09
N PRO A 179 21.93 42.13 9.03
CA PRO A 179 23.14 42.06 9.85
C PRO A 179 23.07 40.91 10.82
N VAL A 180 23.47 39.72 10.37
CA VAL A 180 23.33 38.51 11.16
C VAL A 180 24.32 38.54 12.31
N ILE A 181 23.80 38.58 13.53
CA ILE A 181 24.62 38.69 14.73
C ILE A 181 24.39 37.44 15.55
N GLY A 182 25.48 36.80 15.96
CA GLY A 182 25.42 35.51 16.60
C GLY A 182 25.81 34.41 15.65
N ARG A 183 25.51 33.17 16.06
CA ARG A 183 25.70 31.96 15.27
C ARG A 183 27.14 31.77 14.82
N ASP A 184 28.11 32.14 15.65
CA ASP A 184 29.49 32.23 15.18
C ASP A 184 30.11 30.85 15.01
N GLU A 185 29.81 29.93 15.93
CA GLU A 185 30.43 28.62 15.84
C GLU A 185 29.85 27.79 14.70
N GLU A 186 28.59 28.02 14.34
CA GLU A 186 28.02 27.32 13.19
C GLU A 186 28.64 27.80 11.90
N ILE A 187 28.89 29.10 11.77
CA ILE A 187 29.63 29.62 10.64
C ILE A 187 31.04 29.06 10.63
N ARG A 188 31.65 28.89 11.80
CA ARG A 188 33.01 28.36 11.83
C ARG A 188 33.04 26.89 11.43
N ARG A 189 32.03 26.10 11.82
CA ARG A 189 32.04 24.71 11.41
C ARG A 189 31.72 24.57 9.93
N THR A 190 30.89 25.47 9.39
CA THR A 190 30.64 25.49 7.95
C THR A 190 31.90 25.85 7.18
N ILE A 191 32.70 26.77 7.71
CA ILE A 191 33.95 27.09 7.04
C ILE A 191 34.96 25.95 7.18
N GLN A 192 34.88 25.17 8.27
CA GLN A 192 35.70 23.97 8.35
C GLN A 192 35.32 22.95 7.28
N VAL A 193 34.01 22.84 7.01
CA VAL A 193 33.56 21.84 6.06
C VAL A 193 33.93 22.26 4.64
N LEU A 194 33.70 23.49 4.29
CA LEU A 194 33.96 23.97 2.93
C LEU A 194 35.43 24.10 2.60
N GLN A 195 36.39 23.64 3.39
CA GLN A 195 37.80 23.74 3.02
C GLN A 195 38.48 22.37 3.01
N ARG A 196 37.70 21.30 2.94
CA ARG A 196 38.22 19.96 2.82
C ARG A 196 38.69 19.69 1.39
N ARG A 197 39.12 18.48 1.10
CA ARG A 197 39.40 18.15 -0.29
C ARG A 197 38.21 17.47 -0.95
N THR A 198 37.79 16.33 -0.44
CA THR A 198 36.54 15.74 -0.90
C THR A 198 35.47 16.03 0.14
N LYS A 199 34.22 15.94 -0.32
CA LYS A 199 33.01 16.13 0.48
C LYS A 199 32.97 17.52 1.13
N ASN A 200 32.99 18.55 0.30
CA ASN A 200 33.06 19.92 0.80
C ASN A 200 31.69 20.50 1.06
N ASN A 201 30.72 19.70 1.43
CA ASN A 201 29.32 20.07 1.27
C ASN A 201 28.56 20.02 2.58
N PRO A 202 28.50 21.12 3.32
CA PRO A 202 27.77 21.10 4.58
C PRO A 202 26.27 21.18 4.34
N VAL A 203 25.52 20.56 5.23
CA VAL A 203 24.06 20.63 5.19
C VAL A 203 23.56 21.14 6.53
N LEU A 204 22.95 22.32 6.53
CA LEU A 204 22.51 22.94 7.76
C LEU A 204 21.20 22.30 8.19
N ILE A 205 21.18 21.76 9.41
CA ILE A 205 20.12 20.87 9.84
C ILE A 205 19.58 21.33 11.18
N GLY A 206 18.28 21.58 11.24
CA GLY A 206 17.61 21.92 12.47
C GLY A 206 16.13 22.02 12.20
N GLU A 207 15.37 22.22 13.26
CA GLU A 207 13.93 22.43 13.12
C GLU A 207 13.69 23.77 12.43
N PRO A 208 12.59 23.92 11.68
CA PRO A 208 12.47 25.09 10.82
C PRO A 208 12.16 26.36 11.57
N GLY A 209 12.61 27.48 11.01
CA GLY A 209 12.43 28.78 11.60
C GLY A 209 13.66 29.34 12.27
N VAL A 210 14.69 28.53 12.46
CA VAL A 210 15.80 28.91 13.32
C VAL A 210 16.87 29.71 12.57
N GLY A 211 16.59 30.09 11.32
CA GLY A 211 17.53 30.99 10.69
C GLY A 211 18.78 30.34 10.15
N LYS A 212 18.60 29.49 9.15
CA LYS A 212 19.69 28.81 8.47
C LYS A 212 20.12 29.57 7.22
N THR A 213 19.15 30.13 6.50
CA THR A 213 19.46 31.10 5.46
C THR A 213 20.15 32.32 6.07
N ALA A 214 19.83 32.64 7.32
CA ALA A 214 20.57 33.66 8.05
C ALA A 214 22.04 33.29 8.23
N ILE A 215 22.32 32.01 8.46
CA ILE A 215 23.72 31.57 8.60
C ILE A 215 24.45 31.74 7.28
N VAL A 216 23.79 31.42 6.16
CA VAL A 216 24.48 31.56 4.89
C VAL A 216 24.59 33.03 4.48
N GLU A 217 23.62 33.86 4.89
CA GLU A 217 23.75 35.31 4.69
C GLU A 217 24.92 35.88 5.49
N GLY A 218 25.10 35.40 6.72
CA GLY A 218 26.26 35.81 7.49
C GLY A 218 27.56 35.33 6.89
N LEU A 219 27.55 34.16 6.27
CA LEU A 219 28.72 33.68 5.56
C LEU A 219 29.04 34.58 4.37
N ALA A 220 28.02 35.03 3.65
CA ALA A 220 28.24 35.91 2.52
C ALA A 220 28.73 37.27 2.97
N GLN A 221 28.23 37.76 4.10
CA GLN A 221 28.72 39.02 4.63
C GLN A 221 30.16 38.91 5.13
N ARG A 222 30.54 37.74 5.66
CA ARG A 222 31.93 37.57 6.04
C ARG A 222 32.84 37.44 4.82
N ILE A 223 32.30 36.96 3.70
CA ILE A 223 33.09 36.95 2.47
C ILE A 223 33.26 38.37 1.95
N ILE A 224 32.20 39.18 2.02
CA ILE A 224 32.29 40.57 1.58
C ILE A 224 33.25 41.37 2.46
N ASN A 225 33.13 41.22 3.77
CA ASN A 225 34.01 41.97 4.68
C ASN A 225 35.43 41.41 4.64
N GLY A 226 35.55 40.09 4.65
CA GLY A 226 36.87 39.47 4.63
C GLY A 226 37.24 38.88 5.98
N GLU A 227 36.25 38.36 6.70
CA GLU A 227 36.48 37.65 7.96
C GLU A 227 36.72 36.17 7.74
N VAL A 228 36.96 35.76 6.51
CA VAL A 228 37.11 34.35 6.14
C VAL A 228 38.59 34.00 6.19
N PRO A 229 38.96 32.72 6.17
CA PRO A 229 40.37 32.38 5.97
C PRO A 229 40.89 32.71 4.57
N GLU A 230 42.16 32.41 4.31
CA GLU A 230 42.74 32.74 3.02
C GLU A 230 42.46 31.67 1.97
N GLY A 231 41.23 31.20 1.89
CA GLY A 231 40.85 30.26 0.86
C GLY A 231 39.47 30.56 0.36
N LEU A 232 38.86 31.60 0.92
CA LEU A 232 37.49 31.98 0.58
C LEU A 232 37.35 33.44 0.19
N LYS A 233 38.44 34.20 0.15
CA LYS A 233 38.37 35.58 -0.31
C LYS A 233 38.16 35.61 -1.81
N GLY A 234 37.00 36.11 -2.24
CA GLY A 234 36.68 36.21 -3.64
C GLY A 234 35.67 35.20 -4.12
N ARG A 235 35.15 34.35 -3.24
CA ARG A 235 34.12 33.42 -3.65
C ARG A 235 32.80 34.14 -3.83
N ARG A 236 31.92 33.54 -4.63
CA ARG A 236 30.58 34.03 -4.84
C ARG A 236 29.62 32.98 -4.34
N VAL A 237 28.65 33.39 -3.53
CA VAL A 237 27.66 32.49 -2.97
C VAL A 237 26.38 32.63 -3.76
N LEU A 238 25.98 31.54 -4.42
CA LEU A 238 24.87 31.55 -5.36
C LEU A 238 23.77 30.63 -4.85
N ALA A 239 22.62 31.22 -4.53
CA ALA A 239 21.49 30.44 -4.06
C ALA A 239 20.82 29.78 -5.25
N LEU A 240 20.79 28.46 -5.27
CA LEU A 240 20.16 27.73 -6.34
C LEU A 240 18.70 27.50 -5.99
N ASP A 241 17.88 27.31 -7.02
CA ASP A 241 16.44 27.18 -6.85
C ASP A 241 16.01 25.84 -7.46
N MET A 242 15.94 24.81 -6.61
CA MET A 242 15.50 23.48 -7.05
C MET A 242 14.06 23.49 -7.51
N GLY A 243 13.24 24.42 -7.01
CA GLY A 243 11.90 24.56 -7.51
C GLY A 243 11.84 25.12 -8.91
N ALA A 244 12.91 25.77 -9.36
CA ALA A 244 12.91 26.41 -10.66
C ALA A 244 13.50 25.55 -11.76
N LEU A 245 14.17 24.45 -11.43
CA LEU A 245 14.68 23.56 -12.46
C LEU A 245 13.66 22.53 -12.89
N VAL A 246 12.61 22.33 -12.11
CA VAL A 246 11.59 21.32 -12.41
C VAL A 246 10.37 22.10 -12.88
N ALA A 247 10.60 23.25 -13.49
CA ALA A 247 9.49 24.12 -13.88
C ALA A 247 8.77 23.59 -15.13
N GLY A 248 9.45 23.59 -16.26
CA GLY A 248 8.86 23.11 -17.49
C GLY A 248 9.21 21.67 -17.76
N ALA A 249 8.73 20.78 -16.89
CA ALA A 249 9.10 19.37 -16.98
C ALA A 249 8.13 18.60 -17.87
N LYS A 250 7.92 19.08 -19.08
CA LYS A 250 7.11 18.34 -20.05
C LYS A 250 7.85 17.11 -20.53
N TYR A 251 8.99 17.31 -21.17
CA TYR A 251 9.56 16.34 -22.06
C TYR A 251 10.66 15.55 -21.37
N ARG A 252 11.14 14.52 -22.05
CA ARG A 252 12.34 13.84 -21.61
C ARG A 252 13.53 14.76 -21.75
N GLY A 253 14.39 14.78 -20.73
CA GLY A 253 15.68 15.41 -20.83
C GLY A 253 15.57 16.90 -21.00
N GLU A 254 14.93 17.49 -20.08
CA GLU A 254 14.86 18.93 -20.07
C GLU A 254 15.29 19.44 -18.71
N PHE A 255 14.97 18.68 -17.66
CA PHE A 255 15.61 18.87 -16.37
C PHE A 255 17.11 18.69 -16.45
N GLU A 256 17.55 17.63 -17.15
CA GLU A 256 18.97 17.35 -17.23
C GLU A 256 19.71 18.39 -18.06
N GLU A 257 19.04 19.02 -19.03
CA GLU A 257 19.67 20.09 -19.78
C GLU A 257 19.95 21.30 -18.91
N ARG A 258 18.95 21.72 -18.13
CA ARG A 258 19.10 22.83 -17.20
C ARG A 258 20.18 22.55 -16.18
N LEU A 259 20.13 21.36 -15.59
CA LEU A 259 21.04 21.03 -14.53
C LEU A 259 22.45 20.87 -15.04
N LYS A 260 22.61 20.33 -16.25
CA LYS A 260 23.95 20.22 -16.79
C LYS A 260 24.48 21.58 -17.23
N GLY A 261 23.60 22.50 -17.64
CA GLY A 261 24.04 23.86 -17.89
C GLY A 261 24.56 24.54 -16.63
N VAL A 262 23.87 24.31 -15.52
CA VAL A 262 24.32 24.85 -14.23
C VAL A 262 25.65 24.23 -13.84
N LEU A 263 25.82 22.92 -14.06
CA LEU A 263 27.05 22.26 -13.63
C LEU A 263 28.23 22.60 -14.54
N ASN A 264 27.99 22.78 -15.84
CA ASN A 264 29.05 23.24 -16.74
C ASN A 264 29.48 24.66 -16.41
N ASP A 265 28.53 25.52 -16.06
CA ASP A 265 28.93 26.88 -15.73
C ASP A 265 29.58 26.97 -14.37
N LEU A 266 29.26 26.06 -13.44
CA LEU A 266 29.98 26.05 -12.18
C LEU A 266 31.37 25.46 -12.35
N ALA A 267 31.54 24.52 -13.27
CA ALA A 267 32.88 24.05 -13.58
C ALA A 267 33.67 25.11 -14.32
N LYS A 268 32.99 26.01 -15.01
CA LYS A 268 33.66 27.05 -15.78
C LYS A 268 34.35 28.07 -14.87
N GLN A 269 33.77 28.34 -13.70
CA GLN A 269 34.31 29.32 -12.78
C GLN A 269 35.56 28.86 -12.05
N GLU A 270 35.95 27.59 -12.21
CA GLU A 270 37.10 26.97 -11.57
C GLU A 270 37.00 27.04 -10.04
N GLY A 271 35.92 26.44 -9.52
CA GLY A 271 35.74 26.28 -8.10
C GLY A 271 35.56 27.56 -7.31
N ASN A 272 35.15 28.63 -7.96
CA ASN A 272 35.08 29.93 -7.33
C ASN A 272 33.70 30.21 -6.74
N VAL A 273 32.75 29.29 -6.87
CA VAL A 273 31.37 29.55 -6.50
C VAL A 273 30.93 28.57 -5.44
N ILE A 274 30.59 29.08 -4.26
CA ILE A 274 29.87 28.29 -3.26
C ILE A 274 28.41 28.23 -3.67
N LEU A 275 27.89 27.03 -3.83
CA LEU A 275 26.49 26.86 -4.15
C LEU A 275 25.69 26.69 -2.88
N PHE A 276 24.47 27.26 -2.86
CA PHE A 276 23.59 27.15 -1.71
C PHE A 276 22.25 26.59 -2.18
N ILE A 277 22.04 25.30 -1.95
CA ILE A 277 20.83 24.62 -2.37
C ILE A 277 19.97 24.50 -1.12
N ASP A 278 19.08 25.46 -0.94
CA ASP A 278 18.15 25.37 0.17
C ASP A 278 17.06 24.37 -0.14
N ALA A 279 16.38 23.92 0.93
CA ALA A 279 15.32 22.91 0.89
C ALA A 279 15.81 21.65 0.17
N LEU A 280 16.80 21.01 0.78
CA LEU A 280 17.57 19.97 0.13
C LEU A 280 16.77 18.71 -0.11
N HIS A 281 15.66 18.53 0.60
CA HIS A 281 14.77 17.41 0.36
C HIS A 281 14.09 17.45 -1.00
N THR A 282 14.14 18.58 -1.69
CA THR A 282 13.69 18.63 -3.07
C THR A 282 14.58 17.83 -4.00
N MET A 283 15.88 17.79 -3.70
CA MET A 283 16.87 17.21 -4.60
C MET A 283 16.76 15.70 -4.70
N VAL A 284 16.20 15.03 -3.69
CA VAL A 284 16.14 13.57 -3.73
C VAL A 284 15.10 13.11 -4.73
N GLY A 285 13.85 13.52 -4.55
CA GLY A 285 12.80 13.14 -5.48
C GLY A 285 12.58 14.18 -6.56
N ALA A 286 13.11 13.92 -7.76
CA ALA A 286 12.94 14.79 -8.93
C ALA A 286 12.51 13.97 -10.13
N GLY A 287 11.66 12.97 -9.90
CA GLY A 287 11.24 12.05 -10.94
C GLY A 287 12.11 10.80 -10.96
N MET A 293 19.33 8.46 -11.33
CA MET A 293 18.14 8.84 -12.07
C MET A 293 18.06 10.37 -12.24
N ASP A 294 17.54 11.06 -11.23
CA ASP A 294 17.00 12.39 -11.46
C ASP A 294 17.88 13.60 -11.16
N ALA A 295 18.16 13.86 -9.89
CA ALA A 295 18.85 15.09 -9.50
C ALA A 295 19.97 14.88 -8.52
N GLY A 296 19.91 13.85 -7.68
CA GLY A 296 21.06 13.48 -6.90
C GLY A 296 22.12 12.80 -7.74
N ASN A 297 21.74 12.26 -8.89
CA ASN A 297 22.67 11.47 -9.66
C ASN A 297 23.36 12.27 -10.75
N MET A 298 23.13 13.57 -10.83
CA MET A 298 23.99 14.44 -11.60
C MET A 298 24.89 15.28 -10.72
N LEU A 299 24.45 15.59 -9.51
CA LEU A 299 25.29 16.28 -8.58
C LEU A 299 26.22 15.34 -7.83
N LYS A 300 25.85 14.08 -7.71
CA LYS A 300 26.51 13.12 -6.84
C LYS A 300 27.98 12.85 -7.15
N PRO A 301 28.44 12.70 -8.40
CA PRO A 301 29.90 12.60 -8.58
C PRO A 301 30.63 13.91 -8.38
N ALA A 302 30.04 15.04 -8.76
CA ALA A 302 30.70 16.30 -8.50
C ALA A 302 30.63 16.67 -7.03
N LEU A 303 29.59 16.24 -6.32
CA LEU A 303 29.59 16.36 -4.86
C LEU A 303 30.67 15.50 -4.24
N ALA A 304 30.91 14.30 -4.79
CA ALA A 304 31.86 13.37 -4.19
C ALA A 304 33.27 13.91 -4.23
N ARG A 305 33.68 14.46 -5.35
CA ARG A 305 35.06 14.89 -5.53
C ARG A 305 35.34 16.26 -4.93
N GLY A 306 34.34 16.93 -4.39
CA GLY A 306 34.57 18.19 -3.73
C GLY A 306 34.78 19.36 -4.65
N GLU A 307 34.53 19.22 -5.94
CA GLU A 307 34.64 20.33 -6.87
C GLU A 307 33.35 21.12 -6.99
N LEU A 308 32.35 20.77 -6.20
CA LEU A 308 31.16 21.57 -6.00
C LEU A 308 31.01 21.79 -4.51
N HIS A 309 30.59 22.99 -4.12
CA HIS A 309 30.67 23.35 -2.71
C HIS A 309 29.29 23.64 -2.14
N CYS A 310 28.36 22.72 -2.38
CA CYS A 310 26.95 22.85 -2.09
C CYS A 310 26.65 22.99 -0.60
N VAL A 311 26.28 24.19 -0.16
CA VAL A 311 25.84 24.33 1.22
C VAL A 311 24.37 23.99 1.24
N GLY A 312 24.04 22.75 1.56
CA GLY A 312 22.64 22.39 1.69
C GLY A 312 22.06 22.96 2.95
N ALA A 313 20.72 22.99 3.01
CA ALA A 313 20.04 23.56 4.16
C ALA A 313 18.64 22.97 4.22
N THR A 314 18.39 22.11 5.20
CA THR A 314 17.12 21.42 5.21
C THR A 314 16.71 21.12 6.65
N THR A 315 15.43 20.78 6.79
CA THR A 315 14.85 20.46 8.09
C THR A 315 15.47 19.18 8.63
N LEU A 316 15.51 19.04 9.96
CA LEU A 316 15.95 17.80 10.59
C LEU A 316 15.11 16.62 10.17
N ASP A 317 13.79 16.79 10.18
CA ASP A 317 12.91 15.68 9.88
C ASP A 317 12.90 15.35 8.38
N GLU A 318 12.96 16.36 7.52
CA GLU A 318 13.14 16.10 6.09
C GLU A 318 14.49 15.45 5.80
N TYR A 319 15.53 15.78 6.56
CA TYR A 319 16.83 15.15 6.35
C TYR A 319 16.76 13.67 6.71
N ARG A 320 16.28 13.36 7.90
CA ARG A 320 16.23 11.95 8.27
C ARG A 320 15.10 11.19 7.60
N GLN A 321 14.23 11.84 6.84
CA GLN A 321 13.24 11.10 6.07
C GLN A 321 13.66 10.89 4.62
N TYR A 322 14.30 11.87 4.00
CA TYR A 322 14.66 11.78 2.60
C TYR A 322 16.12 11.42 2.35
N ILE A 323 17.05 12.03 3.08
CA ILE A 323 18.45 11.90 2.72
C ILE A 323 19.15 10.76 3.46
N GLU A 324 18.82 10.50 4.72
CA GLU A 324 19.39 9.32 5.36
C GLU A 324 18.75 8.03 4.90
N LYS A 325 17.70 8.09 4.10
CA LYS A 325 17.23 6.89 3.43
C LYS A 325 18.18 6.51 2.30
N ASP A 326 18.89 7.47 1.73
CA ASP A 326 19.73 7.27 0.55
C ASP A 326 21.19 7.51 0.92
N ALA A 327 21.94 6.43 1.11
CA ALA A 327 23.21 6.51 1.81
C ALA A 327 24.31 7.19 0.99
N ALA A 328 24.20 7.16 -0.34
CA ALA A 328 25.22 7.79 -1.16
C ALA A 328 25.15 9.31 -1.03
N LEU A 329 23.98 9.87 -1.26
CA LEU A 329 23.78 11.31 -1.10
C LEU A 329 23.93 11.73 0.34
N GLU A 330 23.72 10.81 1.29
CA GLU A 330 23.93 11.11 2.70
C GLU A 330 25.41 11.27 3.00
N ARG A 331 26.27 10.43 2.43
CA ARG A 331 27.68 10.63 2.73
C ARG A 331 28.34 11.67 1.87
N ARG A 332 27.72 12.12 0.78
CA ARG A 332 28.31 13.26 0.08
C ARG A 332 28.15 14.58 0.82
N PHE A 333 27.38 14.64 1.90
CA PHE A 333 27.20 15.83 2.71
C PHE A 333 27.77 15.63 4.10
N GLN A 334 27.78 16.71 4.87
CA GLN A 334 28.31 16.72 6.23
C GLN A 334 27.36 17.54 7.08
N LYS A 335 26.88 16.99 8.18
CA LYS A 335 25.91 17.69 9.00
C LYS A 335 26.56 18.83 9.76
N VAL A 336 25.82 19.92 9.92
CA VAL A 336 26.15 20.99 10.85
C VAL A 336 24.88 21.24 11.61
N PHE A 337 24.78 20.69 12.83
CA PHE A 337 23.53 20.77 13.55
C PHE A 337 23.32 22.19 14.06
N VAL A 338 22.16 22.75 13.78
CA VAL A 338 21.84 24.13 14.15
C VAL A 338 20.99 24.10 15.40
N ALA A 339 21.53 24.62 16.49
CA ALA A 339 20.80 24.67 17.74
C ALA A 339 19.78 25.81 17.69
N GLU A 340 18.56 25.50 18.09
CA GLU A 340 17.52 26.51 18.25
C GLU A 340 17.95 27.49 19.33
N PRO A 341 17.84 28.80 19.10
CA PRO A 341 18.46 29.76 20.00
C PRO A 341 17.73 29.87 21.33
N SER A 342 18.46 30.35 22.33
CA SER A 342 17.88 30.50 23.65
C SER A 342 17.03 31.77 23.70
N VAL A 343 16.48 32.05 24.87
CA VAL A 343 15.69 33.27 25.04
C VAL A 343 16.60 34.49 25.01
N GLU A 344 17.75 34.42 25.69
CA GLU A 344 18.70 35.52 25.70
C GLU A 344 19.30 35.78 24.33
N ASP A 345 19.53 34.72 23.57
CA ASP A 345 20.07 34.88 22.23
C ASP A 345 19.05 35.53 21.31
N THR A 346 17.76 35.22 21.51
CA THR A 346 16.70 35.89 20.78
C THR A 346 16.66 37.38 21.11
N ILE A 347 16.91 37.70 22.39
CA ILE A 347 16.99 39.09 22.82
C ILE A 347 18.16 39.79 22.12
N ALA A 348 19.29 39.10 21.99
CA ALA A 348 20.43 39.69 21.29
C ALA A 348 20.14 39.87 19.80
N ILE A 349 19.41 38.93 19.21
CA ILE A 349 18.99 39.05 17.82
C ILE A 349 18.10 40.27 17.62
N LEU A 350 17.10 40.42 18.49
CA LEU A 350 16.17 41.53 18.36
C LEU A 350 16.83 42.87 18.65
N ARG A 351 17.80 42.90 19.57
CA ARG A 351 18.58 44.12 19.75
C ARG A 351 19.47 44.39 18.55
N GLY A 352 19.87 43.35 17.82
CA GLY A 352 20.58 43.57 16.59
C GLY A 352 19.70 44.10 15.47
N LEU A 353 18.46 43.62 15.41
CA LEU A 353 17.56 43.95 14.31
C LEU A 353 16.55 45.03 14.66
N LYS A 354 16.75 45.74 15.77
CA LYS A 354 15.82 46.80 16.14
C LYS A 354 15.94 47.98 15.18
N GLU A 355 17.16 48.27 14.71
CA GLU A 355 17.39 49.50 13.96
C GLU A 355 16.77 49.44 12.58
N ARG A 356 16.80 48.27 11.93
CA ARG A 356 16.23 48.18 10.60
C ARG A 356 14.71 48.32 10.63
N TYR A 357 14.08 47.80 11.68
CA TYR A 357 12.63 47.94 11.78
C TYR A 357 12.25 49.36 12.19
N GLU A 358 13.04 50.01 13.03
CA GLU A 358 12.73 51.40 13.36
C GLU A 358 13.04 52.35 12.21
N LEU A 359 13.91 51.95 11.29
CA LEU A 359 14.15 52.75 10.09
C LEU A 359 13.24 52.39 8.94
N HIS A 360 12.48 51.30 9.05
CA HIS A 360 11.45 51.02 8.05
C HIS A 360 10.07 51.52 8.48
N HIS A 361 9.61 51.13 9.66
CA HIS A 361 8.31 51.58 10.16
C HIS A 361 8.28 53.04 10.59
N HIS A 362 9.45 53.67 10.74
CA HIS A 362 9.62 55.04 11.24
C HIS A 362 9.02 55.24 12.62
N VAL A 363 9.04 54.19 13.44
CA VAL A 363 8.52 54.26 14.80
C VAL A 363 9.67 53.99 15.76
N GLN A 364 9.39 54.02 17.05
CA GLN A 364 10.33 53.59 18.07
C GLN A 364 9.85 52.27 18.66
N ILE A 365 10.80 51.47 19.13
CA ILE A 365 10.50 50.19 19.78
C ILE A 365 11.12 50.22 21.16
N THR A 366 10.31 49.93 22.17
CA THR A 366 10.76 49.96 23.56
C THR A 366 11.39 48.62 23.90
N ASP A 367 12.60 48.67 24.45
CA ASP A 367 13.38 47.47 24.73
C ASP A 367 12.79 46.56 25.82
N PRO A 368 12.14 47.06 26.88
CA PRO A 368 11.32 46.14 27.70
C PRO A 368 10.22 45.43 26.94
N ALA A 369 9.61 46.07 25.94
CA ALA A 369 8.65 45.35 25.11
C ALA A 369 9.35 44.29 24.26
N ILE A 370 10.61 44.52 23.90
CA ILE A 370 11.37 43.51 23.16
C ILE A 370 11.62 42.27 24.01
N VAL A 371 12.14 42.48 25.23
CA VAL A 371 12.45 41.33 26.07
C VAL A 371 11.17 40.64 26.55
N ALA A 372 10.09 41.39 26.73
CA ALA A 372 8.82 40.78 27.06
C ALA A 372 8.25 40.02 25.86
N ALA A 373 8.50 40.51 24.64
CA ALA A 373 8.03 39.82 23.45
C ALA A 373 8.74 38.49 23.28
N ALA A 374 10.05 38.46 23.50
CA ALA A 374 10.80 37.22 23.39
C ALA A 374 10.40 36.24 24.48
N THR A 375 10.20 36.74 25.71
CA THR A 375 9.82 35.86 26.81
C THR A 375 8.42 35.27 26.61
N LEU A 376 7.46 36.10 26.20
CA LEU A 376 6.10 35.62 25.98
C LEU A 376 6.00 34.72 24.75
N SER A 377 6.80 34.99 23.72
CA SER A 377 6.80 34.12 22.55
C SER A 377 7.39 32.77 22.88
N HIS A 378 8.43 32.73 23.73
CA HIS A 378 8.97 31.44 24.12
C HIS A 378 8.06 30.71 25.09
N ARG A 379 7.27 31.44 25.88
CA ARG A 379 6.44 30.76 26.86
C ARG A 379 5.12 30.27 26.27
N TYR A 380 4.48 31.06 25.43
CA TYR A 380 3.09 30.81 25.07
C TYR A 380 2.88 30.33 23.64
N ILE A 381 3.95 30.01 22.90
CA ILE A 381 3.83 29.42 21.57
C ILE A 381 4.78 28.23 21.51
N ALA A 382 4.23 27.05 21.23
CA ALA A 382 5.01 25.83 21.16
C ALA A 382 5.23 25.31 19.75
N ASP A 383 4.46 25.79 18.77
CA ASP A 383 4.64 25.33 17.40
C ASP A 383 5.78 26.10 16.72
N ARG A 384 5.61 27.41 16.56
CA ARG A 384 6.67 28.24 16.01
C ARG A 384 7.83 28.33 16.99
N GLN A 385 9.01 28.63 16.46
CA GLN A 385 10.23 28.62 17.25
C GLN A 385 10.97 29.94 17.11
N LEU A 386 11.88 30.18 18.06
CA LEU A 386 12.67 31.40 18.06
C LEU A 386 13.68 31.37 16.93
N PRO A 387 14.00 32.53 16.34
CA PRO A 387 13.49 33.88 16.58
C PRO A 387 12.33 34.22 15.69
N ASP A 388 11.79 33.23 14.99
CA ASP A 388 10.80 33.48 13.94
C ASP A 388 9.52 34.06 14.51
N LYS A 389 8.99 33.44 15.55
CA LYS A 389 7.79 33.95 16.20
C LYS A 389 8.04 35.30 16.88
N ALA A 390 9.26 35.52 17.37
CA ALA A 390 9.57 36.79 18.03
C ALA A 390 9.58 37.94 17.04
N ILE A 391 10.23 37.75 15.90
CA ILE A 391 10.27 38.80 14.90
C ILE A 391 8.90 38.96 14.25
N ASP A 392 8.10 37.88 14.20
CA ASP A 392 6.70 37.99 13.78
C ASP A 392 5.90 38.92 14.69
N LEU A 393 6.02 38.74 16.00
CA LEU A 393 5.29 39.59 16.94
C LEU A 393 5.74 41.03 16.86
N ILE A 394 7.06 41.25 16.74
CA ILE A 394 7.59 42.61 16.67
C ILE A 394 7.14 43.30 15.38
N ASP A 395 7.16 42.58 14.27
CA ASP A 395 6.78 43.16 12.99
C ASP A 395 5.29 43.48 12.96
N GLU A 396 4.46 42.59 13.50
CA GLU A 396 3.02 42.82 13.43
C GLU A 396 2.59 43.90 14.42
N ALA A 397 3.25 43.99 15.58
CA ALA A 397 2.96 45.09 16.49
C ALA A 397 3.46 46.42 15.92
N ALA A 398 4.58 46.40 15.18
CA ALA A 398 5.06 47.62 14.55
C ALA A 398 4.11 48.10 13.47
N SER A 399 3.54 47.18 12.70
CA SER A 399 2.55 47.58 11.71
C SER A 399 1.23 48.01 12.34
N SER A 400 0.86 47.41 13.47
CA SER A 400 -0.35 47.82 14.17
C SER A 400 -0.22 49.24 14.73
N ILE A 401 0.95 49.55 15.31
CA ILE A 401 1.21 50.91 15.79
C ILE A 401 1.33 51.88 14.61
N ARG A 402 1.86 51.41 13.48
CA ARG A 402 1.92 52.21 12.26
C ARG A 402 0.54 52.61 11.78
N MET A 403 -0.41 51.66 11.80
CA MET A 403 -1.77 52.03 11.39
C MET A 403 -2.54 52.77 12.47
N GLN A 404 -2.18 52.62 13.75
CA GLN A 404 -2.84 53.43 14.78
C GLN A 404 -2.43 54.89 14.69
N ILE A 405 -1.16 55.15 14.36
CA ILE A 405 -0.75 56.51 14.06
C ILE A 405 -1.37 56.97 12.75
N ASP A 406 -1.34 56.11 11.74
CA ASP A 406 -1.62 56.49 10.37
C ASP A 406 -3.13 56.52 10.06
N SER A 407 -3.98 56.37 11.07
CA SER A 407 -5.43 56.44 10.85
C SER A 407 -5.96 57.85 11.08
N LYS A 408 -5.80 58.38 12.29
CA LYS A 408 -6.32 59.70 12.62
C LYS A 408 -5.52 60.32 13.76
N LEU A 527 -2.48 57.88 20.97
CA LEU A 527 -1.58 57.93 19.82
C LEU A 527 -0.13 57.76 20.26
N ARG A 528 0.40 56.56 20.08
CA ARG A 528 1.77 56.24 20.48
C ARG A 528 2.57 55.76 19.28
N ASN A 529 3.88 56.04 19.31
CA ASN A 529 4.80 55.44 18.36
C ASN A 529 5.67 54.35 18.96
N LYS A 530 5.80 54.32 20.27
CA LYS A 530 6.59 53.30 20.96
C LYS A 530 5.71 52.10 21.25
N VAL A 531 6.17 50.92 20.84
CA VAL A 531 5.42 49.70 21.10
C VAL A 531 5.61 49.30 22.55
N THR A 532 4.51 49.10 23.25
CA THR A 532 4.56 48.57 24.61
C THR A 532 4.32 47.07 24.58
N ASP A 533 4.64 46.42 25.70
CA ASP A 533 4.39 44.98 25.81
C ASP A 533 2.91 44.65 25.97
N ALA A 534 2.07 45.64 26.27
CA ALA A 534 0.64 45.39 26.28
C ALA A 534 0.11 45.11 24.89
N GLU A 535 0.61 45.85 23.89
CA GLU A 535 0.26 45.54 22.51
C GLU A 535 0.83 44.20 22.07
N ILE A 536 1.99 43.84 22.61
CA ILE A 536 2.57 42.52 22.37
C ILE A 536 1.66 41.43 22.91
N ALA A 537 1.13 41.63 24.12
CA ALA A 537 0.22 40.65 24.70
C ALA A 537 -1.11 40.60 23.95
N GLU A 538 -1.56 41.74 23.42
CA GLU A 538 -2.77 41.74 22.62
C GLU A 538 -2.60 40.99 21.31
N VAL A 539 -1.45 41.17 20.65
CA VAL A 539 -1.16 40.43 19.43
C VAL A 539 -0.94 38.94 19.75
N LEU A 540 -0.40 38.64 20.93
CA LEU A 540 -0.20 37.24 21.31
C LEU A 540 -1.52 36.54 21.59
N ALA A 541 -2.43 37.20 22.30
CA ALA A 541 -3.69 36.58 22.65
C ALA A 541 -4.64 36.50 21.46
N ARG A 542 -4.76 37.59 20.71
CA ARG A 542 -5.65 37.63 19.56
C ARG A 542 -5.18 36.70 18.45
N TRP A 543 -3.88 36.52 18.33
CA TRP A 543 -3.31 35.91 17.15
C TRP A 543 -2.26 34.87 17.50
N GLU A 553 -1.09 42.86 34.99
CA GLU A 553 -1.05 41.60 35.72
C GLU A 553 -1.89 41.65 36.98
N SER A 554 -3.21 41.84 36.81
CA SER A 554 -4.15 41.82 37.92
C SER A 554 -4.50 40.42 38.38
N GLU A 555 -3.92 39.39 37.75
CA GLU A 555 -4.09 38.02 38.21
C GLU A 555 -3.50 37.84 39.60
N ARG A 556 -2.48 38.61 39.96
CA ARG A 556 -1.96 38.60 41.32
C ARG A 556 -3.02 39.03 42.32
N GLU A 557 -3.71 40.13 42.02
CA GLU A 557 -4.77 40.62 42.90
C GLU A 557 -5.97 39.69 42.90
N LYS A 558 -6.19 38.95 41.81
CA LYS A 558 -7.24 37.94 41.82
C LYS A 558 -6.87 36.75 42.68
N LEU A 559 -5.62 36.29 42.57
CA LEU A 559 -5.16 35.11 43.30
C LEU A 559 -4.94 35.40 44.78
N LEU A 560 -4.79 36.67 45.17
CA LEU A 560 -4.83 36.98 46.60
C LEU A 560 -6.19 36.71 47.20
N ARG A 561 -7.26 36.87 46.42
CA ARG A 561 -8.61 36.57 46.85
C ARG A 561 -9.17 35.34 46.16
N MET A 562 -8.29 34.39 45.81
CA MET A 562 -8.70 33.21 45.07
C MET A 562 -9.60 32.30 45.91
N GLU A 563 -9.43 32.33 47.23
CA GLU A 563 -10.31 31.56 48.11
C GLU A 563 -11.73 32.12 48.08
N GLN A 564 -11.84 33.45 48.07
CA GLN A 564 -13.13 34.10 47.86
C GLN A 564 -13.71 33.74 46.49
N GLU A 565 -12.85 33.69 45.47
CA GLU A 565 -13.29 33.33 44.13
C GLU A 565 -13.80 31.90 44.06
N LEU A 566 -13.22 30.99 44.83
CA LEU A 566 -13.70 29.62 44.85
C LEU A 566 -14.96 29.47 45.68
N HIS A 567 -15.12 30.28 46.72
CA HIS A 567 -16.38 30.28 47.45
C HIS A 567 -17.42 31.20 46.83
N HIS A 568 -17.12 31.79 45.67
CA HIS A 568 -18.16 32.49 44.91
C HIS A 568 -19.22 31.52 44.38
N ARG A 569 -18.84 30.30 44.07
CA ARG A 569 -19.75 29.38 43.41
C ARG A 569 -20.08 28.13 44.19
N VAL A 570 -19.19 27.68 45.08
CA VAL A 570 -19.47 26.56 45.97
C VAL A 570 -19.19 27.00 47.40
N ILE A 571 -20.22 26.98 48.23
CA ILE A 571 -20.05 27.31 49.63
C ILE A 571 -19.69 26.03 50.39
N GLY A 572 -19.03 26.21 51.53
CA GLY A 572 -18.54 25.08 52.30
C GLY A 572 -17.24 24.53 51.74
N GLN A 573 -16.68 23.59 52.50
CA GLN A 573 -15.41 22.92 52.19
C GLN A 573 -14.27 23.94 52.05
N ASN A 574 -13.96 24.60 53.16
CA ASN A 574 -12.95 25.64 53.16
C ASN A 574 -11.55 25.09 52.94
N GLU A 575 -11.30 23.86 53.40
CA GLU A 575 -9.94 23.34 53.46
C GLU A 575 -9.39 23.02 52.09
N ALA A 576 -10.20 22.39 51.24
CA ALA A 576 -9.76 22.10 49.88
C ALA A 576 -9.61 23.37 49.07
N VAL A 577 -10.45 24.37 49.33
CA VAL A 577 -10.32 25.68 48.71
C VAL A 577 -8.98 26.32 49.09
N ASP A 578 -8.62 26.25 50.38
CA ASP A 578 -7.35 26.80 50.86
C ASP A 578 -6.16 26.09 50.22
N ALA A 579 -6.21 24.76 50.17
CA ALA A 579 -5.08 23.99 49.66
C ALA A 579 -4.91 24.17 48.15
N VAL A 580 -6.01 24.20 47.40
CA VAL A 580 -5.92 24.37 45.96
C VAL A 580 -5.51 25.79 45.62
N SER A 581 -6.00 26.77 46.38
CA SER A 581 -5.55 28.16 46.19
C SER A 581 -4.07 28.31 46.52
N ASN A 582 -3.59 27.62 47.55
CA ASN A 582 -2.17 27.61 47.85
C ASN A 582 -1.36 26.99 46.73
N ALA A 583 -1.86 25.90 46.15
CA ALA A 583 -1.15 25.23 45.06
C ALA A 583 -1.08 26.12 43.83
N ILE A 584 -2.18 26.79 43.50
CA ILE A 584 -2.19 27.67 42.33
C ILE A 584 -1.31 28.89 42.58
N ARG A 585 -1.31 29.42 43.81
CA ARG A 585 -0.43 30.54 44.13
C ARG A 585 1.02 30.13 44.07
N ARG A 586 1.35 28.92 44.48
CA ARG A 586 2.74 28.47 44.38
C ARG A 586 3.12 28.19 42.94
N SER A 587 2.17 27.77 42.12
CA SER A 587 2.48 27.51 40.72
C SER A 587 2.69 28.81 39.95
N ARG A 588 1.78 29.77 40.13
CA ARG A 588 1.93 31.06 39.48
C ARG A 588 3.08 31.87 40.07
N ALA A 589 3.45 31.59 41.31
CA ALA A 589 4.65 32.18 41.90
C ALA A 589 5.92 31.46 41.47
N GLY A 590 5.80 30.28 40.88
CA GLY A 590 6.95 29.58 40.37
C GLY A 590 7.84 28.95 41.42
N LEU A 591 7.36 28.85 42.66
CA LEU A 591 8.17 28.21 43.69
C LEU A 591 8.25 26.71 43.51
N ALA A 592 7.20 26.11 42.96
CA ALA A 592 7.13 24.67 42.84
C ALA A 592 8.10 24.18 41.77
N ASP A 593 8.38 22.89 41.82
CA ASP A 593 9.35 22.27 40.91
C ASP A 593 8.74 22.22 39.52
N PRO A 594 9.37 22.82 38.51
CA PRO A 594 8.76 22.86 37.18
C PRO A 594 8.95 21.59 36.37
N ASN A 595 9.31 20.50 37.01
CA ASN A 595 9.31 19.17 36.41
C ASN A 595 8.29 18.29 37.11
N ARG A 596 7.16 18.89 37.49
CA ARG A 596 6.09 18.24 38.24
C ARG A 596 4.77 18.82 37.75
N PRO A 597 3.67 18.08 37.88
CA PRO A 597 2.36 18.67 37.60
C PRO A 597 1.98 19.67 38.68
N ILE A 598 0.95 20.45 38.39
CA ILE A 598 0.50 21.45 39.34
C ILE A 598 -0.16 20.78 40.55
N GLY A 599 -1.25 20.08 40.30
CA GLY A 599 -2.01 19.56 41.41
C GLY A 599 -2.08 18.05 41.48
N SER A 600 -1.53 17.48 42.54
CA SER A 600 -1.74 16.08 42.87
C SER A 600 -2.64 16.09 44.10
N PHE A 601 -3.94 15.95 43.87
CA PHE A 601 -4.93 16.04 44.94
C PHE A 601 -5.83 14.83 44.93
N LEU A 602 -5.81 14.08 46.03
CA LEU A 602 -6.69 12.94 46.22
C LEU A 602 -7.96 13.43 46.91
N PHE A 603 -9.02 13.61 46.14
CA PHE A 603 -10.30 14.01 46.70
C PHE A 603 -11.01 12.78 47.23
N LEU A 604 -11.52 12.85 48.45
CA LEU A 604 -12.17 11.74 49.12
C LEU A 604 -13.63 12.10 49.41
N GLY A 605 -14.28 11.27 50.21
CA GLY A 605 -15.59 11.60 50.73
C GLY A 605 -16.72 11.25 49.78
N PRO A 606 -17.95 11.35 50.26
CA PRO A 606 -19.11 11.03 49.43
C PRO A 606 -19.35 12.09 48.38
N THR A 607 -20.18 11.73 47.41
CA THR A 607 -20.44 12.61 46.28
C THR A 607 -21.35 13.77 46.69
N GLY A 608 -21.44 14.76 45.81
CA GLY A 608 -22.32 15.89 46.03
C GLY A 608 -21.90 16.84 47.12
N VAL A 609 -20.67 16.76 47.59
CA VAL A 609 -20.19 17.66 48.65
C VAL A 609 -19.45 18.83 48.00
N GLY A 610 -19.49 18.91 46.68
CA GLY A 610 -18.79 19.93 45.95
C GLY A 610 -17.50 19.44 45.32
N LYS A 611 -17.55 18.28 44.67
CA LYS A 611 -16.36 17.77 44.00
C LYS A 611 -16.21 18.37 42.61
N THR A 612 -17.15 18.07 41.71
CA THR A 612 -16.97 18.42 40.31
C THR A 612 -17.32 19.87 40.02
N GLU A 613 -18.24 20.44 40.79
CA GLU A 613 -18.53 21.86 40.68
C GLU A 613 -17.31 22.69 41.03
N LEU A 614 -16.56 22.24 42.04
CA LEU A 614 -15.28 22.85 42.38
C LEU A 614 -14.29 22.76 41.22
N CYS A 615 -14.27 21.61 40.53
CA CYS A 615 -13.38 21.44 39.38
C CYS A 615 -13.76 22.36 38.23
N LYS A 616 -15.06 22.51 37.98
CA LYS A 616 -15.53 23.35 36.88
C LYS A 616 -15.21 24.82 37.15
N ALA A 617 -15.55 25.30 38.35
CA ALA A 617 -15.21 26.67 38.71
C ALA A 617 -13.71 26.86 38.84
N LEU A 618 -12.98 25.79 39.14
CA LEU A 618 -11.54 25.87 39.28
C LEU A 618 -10.87 26.08 37.93
N ALA A 619 -11.31 25.33 36.92
CA ALA A 619 -10.79 25.56 35.59
C ALA A 619 -11.33 26.86 35.00
N ASN A 620 -12.48 27.33 35.49
CA ASN A 620 -13.02 28.60 35.03
C ASN A 620 -12.17 29.76 35.52
N PHE A 621 -12.08 29.93 36.83
CA PHE A 621 -11.31 31.02 37.42
C PHE A 621 -9.81 30.78 37.38
N MET A 622 -9.37 29.57 37.03
CA MET A 622 -7.94 29.33 36.87
C MET A 622 -7.47 29.73 35.48
N PHE A 623 -7.97 29.05 34.45
CA PHE A 623 -7.56 29.39 33.09
C PHE A 623 -8.70 29.87 32.21
N ASP A 624 -9.68 29.02 31.88
CA ASP A 624 -10.74 29.52 31.01
C ASP A 624 -12.18 29.32 31.49
N SER A 625 -12.59 28.08 31.70
CA SER A 625 -14.00 27.73 31.56
C SER A 625 -14.37 26.60 32.48
N ASP A 626 -15.69 26.39 32.62
CA ASP A 626 -16.18 25.28 33.43
C ASP A 626 -15.94 23.94 32.75
N GLU A 627 -15.94 23.90 31.42
CA GLU A 627 -15.74 22.68 30.66
C GLU A 627 -14.72 22.86 29.56
N ALA A 628 -13.67 23.64 29.82
CA ALA A 628 -12.44 23.56 29.03
C ALA A 628 -11.44 22.62 29.69
N MET A 629 -11.93 21.43 30.01
CA MET A 629 -11.22 20.47 30.84
C MET A 629 -11.39 19.08 30.23
N VAL A 630 -10.97 18.06 30.97
CA VAL A 630 -11.13 16.67 30.56
C VAL A 630 -11.68 15.90 31.76
N ARG A 631 -12.80 15.22 31.56
CA ARG A 631 -13.35 14.30 32.54
C ARG A 631 -13.12 12.87 32.05
N ILE A 632 -12.65 12.01 32.93
CA ILE A 632 -12.43 10.61 32.61
C ILE A 632 -13.12 9.76 33.68
N ASP A 633 -14.06 8.93 33.25
CA ASP A 633 -14.80 8.07 34.17
C ASP A 633 -13.96 6.83 34.42
N MET A 634 -13.31 6.76 35.58
CA MET A 634 -12.46 5.63 35.91
C MET A 634 -13.25 4.42 36.38
N SER A 635 -14.57 4.47 36.38
CA SER A 635 -15.36 3.26 36.56
C SER A 635 -15.29 2.36 35.34
N GLU A 636 -14.97 2.92 34.18
CA GLU A 636 -14.80 2.12 32.97
C GLU A 636 -13.60 1.21 33.07
N PHE A 637 -12.46 1.77 33.42
CA PHE A 637 -11.19 1.06 33.34
C PHE A 637 -11.09 0.05 34.47
N MET A 638 -11.13 -1.25 34.15
CA MET A 638 -11.07 -2.27 35.18
C MET A 638 -10.21 -3.49 34.82
N GLU A 639 -9.38 -3.42 33.78
CA GLU A 639 -8.58 -4.57 33.36
C GLU A 639 -7.17 -4.12 32.97
N LYS A 640 -6.44 -5.01 32.32
CA LYS A 640 -5.12 -4.68 31.81
C LYS A 640 -5.21 -3.92 30.49
N HIS A 641 -6.10 -4.36 29.61
CA HIS A 641 -6.33 -3.64 28.38
C HIS A 641 -7.00 -2.30 28.63
N SER A 642 -7.57 -2.10 29.81
CA SER A 642 -7.94 -0.76 30.26
C SER A 642 -6.74 0.16 30.32
N VAL A 643 -5.64 -0.33 30.89
CA VAL A 643 -4.41 0.45 30.95
C VAL A 643 -3.86 0.71 29.56
N SER A 644 -3.93 -0.31 28.70
CA SER A 644 -3.52 -0.07 27.31
C SER A 644 -4.49 0.84 26.57
N ARG A 645 -5.72 0.99 27.03
CA ARG A 645 -6.59 2.00 26.45
C ARG A 645 -6.14 3.40 26.85
N LEU A 646 -5.90 3.61 28.13
CA LEU A 646 -5.69 4.98 28.55
C LEU A 646 -4.29 5.47 28.23
N VAL A 647 -3.32 4.57 28.12
CA VAL A 647 -2.01 4.99 27.63
C VAL A 647 -1.98 5.00 26.11
N GLY A 648 -2.39 3.90 25.50
CA GLY A 648 -2.37 3.77 24.05
C GLY A 648 -1.78 2.41 23.72
N ALA A 649 -2.26 1.84 22.63
CA ALA A 649 -1.82 0.51 22.24
C ALA A 649 -0.39 0.55 21.73
N PRO A 650 0.37 -0.54 21.87
CA PRO A 650 1.74 -0.55 21.40
C PRO A 650 1.80 -0.64 19.89
N PRO A 651 2.95 -0.39 19.28
CA PRO A 651 3.08 -0.54 17.83
C PRO A 651 2.89 -1.98 17.38
N GLY A 652 2.06 -2.13 16.35
CA GLY A 652 1.71 -3.43 15.85
C GLY A 652 0.41 -3.98 16.36
N TYR A 653 -0.37 -3.18 17.08
CA TYR A 653 -1.61 -3.71 17.63
C TYR A 653 -2.77 -2.81 17.31
N VAL A 654 -3.92 -3.04 17.94
CA VAL A 654 -5.19 -2.60 17.38
C VAL A 654 -5.36 -1.09 17.49
N GLY A 655 -5.33 -0.55 18.71
CA GLY A 655 -5.61 0.86 18.86
C GLY A 655 -4.40 1.76 18.70
N TYR A 656 -3.50 1.44 17.77
CA TYR A 656 -2.23 2.14 17.69
C TYR A 656 -2.40 3.53 17.12
N GLU A 657 -2.85 3.64 15.88
CA GLU A 657 -2.84 4.92 15.18
C GLU A 657 -3.85 5.91 15.73
N GLU A 658 -4.72 5.48 16.63
CA GLU A 658 -5.76 6.31 17.20
C GLU A 658 -5.47 6.66 18.65
N GLY A 659 -4.22 6.57 19.05
CA GLY A 659 -3.73 7.19 20.27
C GLY A 659 -4.25 6.53 21.53
N GLY A 660 -3.90 7.17 22.65
CA GLY A 660 -4.44 6.80 23.94
C GLY A 660 -5.77 7.48 24.20
N TYR A 661 -6.17 7.49 25.46
CA TYR A 661 -7.37 8.21 25.83
C TYR A 661 -7.06 9.36 26.76
N LEU A 662 -6.30 9.12 27.81
CA LEU A 662 -5.75 10.20 28.61
C LEU A 662 -4.81 11.07 27.79
N THR A 663 -3.83 10.44 27.15
CA THR A 663 -2.72 11.15 26.57
C THR A 663 -3.13 11.96 25.35
N GLU A 664 -4.08 11.47 24.58
CA GLU A 664 -4.60 12.26 23.47
C GLU A 664 -5.38 13.45 23.97
N ALA A 665 -6.18 13.26 25.02
CA ALA A 665 -6.96 14.35 25.56
C ALA A 665 -6.08 15.43 26.15
N VAL A 666 -4.91 15.08 26.64
CA VAL A 666 -4.00 16.12 27.11
C VAL A 666 -3.16 16.69 25.97
N ARG A 667 -2.80 15.89 24.97
CA ARG A 667 -2.03 16.39 23.84
C ARG A 667 -2.83 17.36 23.00
N ARG A 668 -4.16 17.25 23.04
CA ARG A 668 -5.01 18.30 22.48
C ARG A 668 -4.91 19.58 23.29
N ARG A 669 -5.08 19.49 24.60
CA ARG A 669 -5.26 20.65 25.48
C ARG A 669 -4.15 20.66 26.52
N PRO A 670 -3.01 21.29 26.23
CA PRO A 670 -1.89 21.23 27.18
C PRO A 670 -2.09 22.07 28.42
N TYR A 671 -3.03 23.01 28.39
CA TYR A 671 -3.39 23.83 29.54
C TYR A 671 -4.82 23.46 29.89
N SER A 672 -4.99 22.43 30.70
CA SER A 672 -6.31 21.88 30.94
C SER A 672 -6.37 21.31 32.34
N VAL A 673 -7.45 20.60 32.65
CA VAL A 673 -7.66 19.98 33.95
C VAL A 673 -8.14 18.56 33.73
N ILE A 674 -7.47 17.61 34.36
CA ILE A 674 -7.78 16.20 34.23
C ILE A 674 -8.65 15.79 35.41
N LEU A 675 -9.75 15.11 35.12
CA LEU A 675 -10.70 14.68 36.14
C LEU A 675 -10.87 13.17 36.05
N LEU A 676 -10.41 12.46 37.08
CA LEU A 676 -10.55 11.01 37.16
C LEU A 676 -11.77 10.70 38.02
N ASP A 677 -12.91 10.49 37.37
CA ASP A 677 -14.14 10.19 38.08
C ASP A 677 -14.06 8.78 38.65
N ALA A 678 -14.12 8.68 39.98
CA ALA A 678 -14.15 7.43 40.75
C ALA A 678 -12.90 6.57 40.49
N VAL A 679 -11.76 7.10 40.95
CA VAL A 679 -10.47 6.45 40.73
C VAL A 679 -10.34 5.16 41.55
N GLU A 680 -11.17 4.97 42.58
CA GLU A 680 -11.12 3.75 43.36
C GLU A 680 -11.68 2.56 42.61
N LYS A 681 -12.47 2.79 41.57
CA LYS A 681 -13.08 1.72 40.78
C LYS A 681 -12.10 1.10 39.79
N ALA A 682 -10.92 1.68 39.65
CA ALA A 682 -9.98 1.27 38.62
C ALA A 682 -9.33 -0.06 38.95
N HIS A 683 -8.72 -0.65 37.94
CA HIS A 683 -7.84 -1.78 38.17
C HIS A 683 -6.60 -1.28 38.90
N PRO A 684 -6.05 -2.06 39.83
CA PRO A 684 -4.97 -1.53 40.70
C PRO A 684 -3.66 -1.21 40.02
N ASP A 685 -3.50 -1.47 38.72
CA ASP A 685 -2.28 -1.10 38.02
C ASP A 685 -2.37 0.24 37.32
N VAL A 686 -3.53 0.88 37.32
CA VAL A 686 -3.63 2.24 36.76
C VAL A 686 -2.86 3.21 37.63
N PHE A 687 -2.75 2.91 38.92
CA PHE A 687 -1.95 3.73 39.82
C PHE A 687 -0.47 3.67 39.51
N ASN A 688 0.01 2.72 38.71
CA ASN A 688 1.39 2.77 38.26
C ASN A 688 1.58 3.85 37.19
N ILE A 689 0.62 3.93 36.27
CA ILE A 689 0.58 5.02 35.30
C ILE A 689 0.51 6.35 36.02
N LEU A 690 -0.31 6.42 37.07
CA LEU A 690 -0.44 7.65 37.82
C LEU A 690 0.74 7.94 38.73
N LEU A 691 1.54 6.91 39.09
CA LEU A 691 2.85 7.17 39.67
C LEU A 691 3.71 7.98 38.73
N GLN A 692 3.78 7.54 37.48
CA GLN A 692 4.58 8.26 36.48
C GLN A 692 4.05 9.66 36.28
N VAL A 693 2.72 9.81 36.27
CA VAL A 693 2.06 11.10 36.11
C VAL A 693 2.41 12.04 37.25
N LEU A 694 2.10 11.62 38.48
CA LEU A 694 2.19 12.53 39.62
C LEU A 694 3.60 12.76 40.11
N ASP A 695 4.57 11.94 39.70
CA ASP A 695 5.94 12.34 39.99
C ASP A 695 6.48 13.19 38.86
N ASP A 696 6.54 12.65 37.66
CA ASP A 696 7.44 13.24 36.68
C ASP A 696 6.76 14.20 35.74
N GLY A 697 5.44 14.23 35.71
CA GLY A 697 4.76 15.10 34.78
C GLY A 697 4.93 14.69 33.34
N ARG A 698 5.22 13.42 33.09
CA ARG A 698 5.42 12.95 31.73
C ARG A 698 4.87 11.53 31.62
N LEU A 699 4.26 11.25 30.47
CA LEU A 699 3.67 9.95 30.21
C LEU A 699 3.93 9.63 28.76
N THR A 700 4.38 8.42 28.49
CA THR A 700 4.89 8.04 27.18
C THR A 700 3.86 7.13 26.51
N ASP A 701 3.14 7.67 25.53
CA ASP A 701 2.02 6.92 24.99
C ASP A 701 2.50 5.82 24.04
N GLY A 702 1.53 5.10 23.47
CA GLY A 702 1.85 3.93 22.67
C GLY A 702 2.48 4.25 21.34
N GLN A 703 2.36 5.47 20.87
CA GLN A 703 2.98 5.85 19.62
C GLN A 703 4.40 6.36 19.81
N GLY A 704 4.94 6.22 21.02
CA GLY A 704 6.31 6.56 21.27
C GLY A 704 6.62 8.04 21.35
N ARG A 705 5.81 8.81 22.08
CA ARG A 705 6.14 10.20 22.32
C ARG A 705 5.68 10.57 23.72
N THR A 706 6.18 11.70 24.22
CA THR A 706 5.94 12.06 25.60
C THR A 706 4.81 13.09 25.69
N VAL A 707 4.18 13.12 26.85
CA VAL A 707 3.03 13.97 27.11
C VAL A 707 3.37 14.86 28.29
N ASP A 708 3.30 16.16 28.10
CA ASP A 708 3.69 17.09 29.14
C ASP A 708 2.52 17.33 30.08
N PHE A 709 2.75 17.19 31.38
CA PHE A 709 1.74 17.39 32.41
C PHE A 709 2.06 18.56 33.33
N ARG A 710 3.01 19.40 32.96
CA ARG A 710 3.50 20.44 33.86
C ARG A 710 2.68 21.71 33.77
N ASN A 711 1.52 21.65 33.11
CA ASN A 711 0.63 22.80 32.99
C ASN A 711 -0.80 22.45 33.35
N THR A 712 -1.04 21.24 33.85
CA THR A 712 -2.38 20.76 34.15
C THR A 712 -2.47 20.33 35.61
N VAL A 713 -3.70 20.05 36.03
CA VAL A 713 -3.99 19.66 37.40
C VAL A 713 -4.67 18.30 37.37
N VAL A 714 -4.13 17.36 38.13
CA VAL A 714 -4.71 16.04 38.25
C VAL A 714 -5.67 16.04 39.44
N ILE A 715 -6.90 15.60 39.20
CA ILE A 715 -7.92 15.55 40.24
C ILE A 715 -8.46 14.13 40.31
N MET A 716 -8.38 13.51 41.49
CA MET A 716 -8.79 12.13 41.69
C MET A 716 -9.91 12.07 42.71
N THR A 717 -11.07 11.57 42.29
CA THR A 717 -12.24 11.46 43.15
C THR A 717 -12.35 10.04 43.68
N SER A 718 -12.62 9.91 44.99
CA SER A 718 -12.74 8.60 45.60
C SER A 718 -13.81 8.62 46.69
N ASN A 719 -14.12 7.44 47.22
CA ASN A 719 -15.09 7.30 48.30
C ASN A 719 -14.66 6.22 49.28
N LEU A 720 -13.35 6.06 49.48
CA LEU A 720 -12.83 4.99 50.33
C LEU A 720 -13.07 5.22 51.81
N GLY A 721 -13.45 6.43 52.22
CA GLY A 721 -13.71 6.69 53.62
C GLY A 721 -14.94 7.55 53.85
N SER A 722 -15.96 7.39 53.00
CA SER A 722 -17.12 8.30 53.03
C SER A 722 -17.90 8.16 54.33
N ASP A 723 -18.34 6.94 54.65
CA ASP A 723 -19.15 6.73 55.84
C ASP A 723 -18.33 6.88 57.10
N LEU A 724 -17.01 6.65 57.02
CA LEU A 724 -16.12 6.85 58.16
C LEU A 724 -16.08 8.31 58.58
N ILE A 725 -16.16 9.23 57.62
CA ILE A 725 -16.18 10.65 57.93
C ILE A 725 -17.61 11.12 58.22
N GLN A 726 -18.61 10.49 57.59
CA GLN A 726 -20.00 10.84 57.86
C GLN A 726 -20.40 10.51 59.30
N GLU A 727 -19.97 9.34 59.79
CA GLU A 727 -20.34 8.92 61.13
C GLU A 727 -19.51 9.59 62.21
N ARG A 728 -18.45 10.31 61.85
CA ARG A 728 -17.56 10.92 62.84
C ARG A 728 -17.28 12.40 62.55
N PHE A 729 -18.08 13.04 61.69
CA PHE A 729 -17.92 14.46 61.43
C PHE A 729 -18.22 15.31 62.66
N GLY A 730 -19.14 14.85 63.50
CA GLY A 730 -19.58 15.62 64.65
C GLY A 730 -18.52 15.81 65.73
N GLU A 731 -18.01 17.04 65.81
CA GLU A 731 -17.08 17.50 66.85
C GLU A 731 -15.79 16.68 66.88
N LEU A 732 -15.34 16.24 65.72
CA LEU A 732 -14.01 15.69 65.54
C LEU A 732 -13.27 16.51 64.51
N ASP A 733 -12.02 16.85 64.80
CA ASP A 733 -11.33 17.89 64.06
C ASP A 733 -10.87 17.39 62.70
N TYR A 734 -10.18 18.27 61.98
CA TYR A 734 -9.79 18.01 60.60
C TYR A 734 -8.54 17.15 60.53
N ALA A 735 -7.60 17.36 61.46
CA ALA A 735 -6.30 16.68 61.39
C ALA A 735 -6.43 15.20 61.74
N HIS A 736 -7.16 14.88 62.81
CA HIS A 736 -7.30 13.47 63.19
C HIS A 736 -8.17 12.71 62.21
N MET A 737 -9.18 13.38 61.63
CA MET A 737 -9.98 12.77 60.57
C MET A 737 -9.12 12.49 59.34
N LYS A 738 -8.25 13.44 58.99
CA LYS A 738 -7.33 13.24 57.88
C LYS A 738 -6.36 12.09 58.15
N GLU A 739 -5.88 11.98 59.39
CA GLU A 739 -4.99 10.88 59.75
C GLU A 739 -5.69 9.54 59.69
N LEU A 740 -6.95 9.49 60.13
CA LEU A 740 -7.71 8.25 60.12
C LEU A 740 -8.00 7.79 58.71
N VAL A 741 -8.53 8.67 57.86
CA VAL A 741 -8.83 8.28 56.50
C VAL A 741 -7.54 8.08 55.70
N LEU A 742 -6.44 8.73 56.10
CA LEU A 742 -5.14 8.50 55.49
C LEU A 742 -4.65 7.08 55.77
N GLY A 743 -4.79 6.63 57.02
CA GLY A 743 -4.44 5.26 57.34
C GLY A 743 -5.31 4.23 56.63
N VAL A 744 -6.61 4.51 56.50
CA VAL A 744 -7.51 3.57 55.83
C VAL A 744 -7.16 3.45 54.35
N VAL A 745 -7.00 4.59 53.67
CA VAL A 745 -6.65 4.57 52.25
C VAL A 745 -5.22 4.05 52.04
N SER A 746 -4.34 4.22 53.02
CA SER A 746 -3.01 3.62 52.95
C SER A 746 -3.08 2.11 53.06
N HIS A 747 -4.06 1.58 53.79
CA HIS A 747 -4.33 0.16 53.70
C HIS A 747 -4.96 -0.19 52.35
N ASN A 748 -5.69 0.74 51.74
CA ASN A 748 -6.25 0.48 50.42
C ASN A 748 -5.20 0.62 49.31
N PHE A 749 -4.52 1.75 49.26
CA PHE A 749 -3.64 2.05 48.15
C PHE A 749 -2.20 1.61 48.42
N ARG A 750 -1.41 1.61 47.35
CA ARG A 750 -0.02 1.16 47.43
C ARG A 750 0.83 2.22 48.13
N PRO A 751 1.94 1.81 48.77
CA PRO A 751 2.77 2.80 49.48
C PRO A 751 3.53 3.73 48.58
N GLU A 752 3.80 3.34 47.33
CA GLU A 752 4.51 4.22 46.41
C GLU A 752 3.63 5.36 45.93
N PHE A 753 2.32 5.14 45.84
CA PHE A 753 1.42 6.12 45.26
C PHE A 753 0.94 7.16 46.24
N ILE A 754 0.78 6.78 47.51
CA ILE A 754 0.42 7.75 48.53
C ILE A 754 1.58 8.67 48.86
N ASN A 755 2.80 8.29 48.50
CA ASN A 755 3.98 9.13 48.70
C ASN A 755 4.13 10.18 47.61
N ARG A 756 3.29 10.14 46.58
CA ARG A 756 3.38 11.04 45.44
C ARG A 756 2.43 12.23 45.53
N ILE A 757 1.49 12.19 46.44
CA ILE A 757 0.44 13.20 46.50
C ILE A 757 0.99 14.45 47.18
N ASP A 758 0.58 15.63 46.71
CA ASP A 758 0.88 16.86 47.44
C ASP A 758 0.13 16.90 48.76
N GLU A 759 -1.20 16.85 48.71
CA GLU A 759 -2.02 16.96 49.91
C GLU A 759 -3.35 16.28 49.64
N VAL A 760 -3.78 15.45 50.58
CA VAL A 760 -5.04 14.73 50.50
C VAL A 760 -6.06 15.49 51.33
N VAL A 761 -7.08 16.05 50.67
CA VAL A 761 -8.14 16.73 51.39
C VAL A 761 -9.12 15.70 51.90
N VAL A 762 -10.05 16.11 52.75
CA VAL A 762 -10.94 15.19 53.44
C VAL A 762 -12.32 15.15 52.79
N PHE A 763 -12.86 16.30 52.40
CA PHE A 763 -14.25 16.48 51.96
C PHE A 763 -15.24 15.97 53.01
N HIS A 764 -15.24 16.70 54.13
CA HIS A 764 -16.18 16.46 55.21
C HIS A 764 -17.62 16.66 54.75
N PRO A 765 -18.57 15.96 55.35
CA PRO A 765 -19.98 16.18 55.00
C PRO A 765 -20.45 17.55 55.47
N LEU A 766 -21.23 18.19 54.63
CA LEU A 766 -21.74 19.53 54.90
C LEU A 766 -23.04 19.42 55.69
N GLY A 767 -23.28 20.42 56.53
CA GLY A 767 -24.40 20.38 57.46
C GLY A 767 -25.68 20.85 56.77
N GLU A 768 -26.72 21.11 57.57
CA GLU A 768 -28.02 21.48 57.02
C GLU A 768 -28.00 22.89 56.44
N GLN A 769 -27.38 23.84 57.15
CA GLN A 769 -27.32 25.21 56.67
C GLN A 769 -26.38 25.34 55.47
N HIS A 770 -25.35 24.48 55.40
CA HIS A 770 -24.43 24.52 54.27
C HIS A 770 -25.12 24.07 52.99
N ILE A 771 -25.82 22.93 53.05
CA ILE A 771 -26.49 22.41 51.87
C ILE A 771 -27.76 23.23 51.57
N ALA A 772 -28.32 23.87 52.58
CA ALA A 772 -29.40 24.83 52.35
C ALA A 772 -28.89 26.06 51.58
N SER A 773 -27.69 26.54 51.94
CA SER A 773 -27.08 27.62 51.18
C SER A 773 -26.69 27.17 49.77
N ILE A 774 -26.31 25.89 49.62
CA ILE A 774 -26.07 25.32 48.29
C ILE A 774 -27.34 25.36 47.46
N ALA A 775 -28.47 24.99 48.06
CA ALA A 775 -29.75 25.06 47.37
C ALA A 775 -30.14 26.49 47.04
N GLN A 776 -29.75 27.45 47.90
CA GLN A 776 -29.95 28.86 47.59
C GLN A 776 -29.10 29.30 46.40
N ILE A 777 -27.87 28.81 46.33
CA ILE A 777 -27.00 29.09 45.17
C ILE A 777 -27.58 28.47 43.90
N GLN A 778 -28.17 27.28 44.03
CA GLN A 778 -28.82 26.65 42.88
C GLN A 778 -30.05 27.42 42.45
N LEU A 779 -30.80 27.99 43.40
CA LEU A 779 -31.91 28.86 43.03
C LEU A 779 -31.43 30.15 42.38
N LYS A 780 -30.28 30.67 42.81
CA LYS A 780 -29.74 31.89 42.20
C LYS A 780 -29.28 31.64 40.76
N ARG A 781 -28.59 30.52 40.52
CA ARG A 781 -28.21 30.21 39.16
C ARG A 781 -29.39 29.76 38.31
N LEU A 782 -30.45 29.24 38.93
CA LEU A 782 -31.69 28.99 38.21
C LEU A 782 -32.36 30.30 37.80
N TYR A 783 -32.32 31.30 38.68
CA TYR A 783 -32.81 32.63 38.33
C TYR A 783 -31.98 33.25 37.23
N LYS A 784 -30.67 32.98 37.22
CA LYS A 784 -29.81 33.40 36.12
C LYS A 784 -30.22 32.72 34.82
N ARG A 785 -30.50 31.42 34.86
CA ARG A 785 -30.92 30.70 33.66
C ARG A 785 -32.29 31.16 33.16
N LEU A 786 -33.19 31.52 34.07
CA LEU A 786 -34.50 32.03 33.65
C LEU A 786 -34.43 33.46 33.17
N GLU A 787 -33.46 34.24 33.66
CA GLU A 787 -33.22 35.56 33.10
C GLU A 787 -32.59 35.44 31.70
N GLU A 788 -31.78 34.41 31.49
CA GLU A 788 -31.35 34.07 30.14
C GLU A 788 -32.54 33.65 29.28
N ARG A 789 -33.50 32.94 29.88
CA ARG A 789 -34.77 32.68 29.20
C ARG A 789 -35.59 33.95 29.05
N GLY A 790 -35.47 34.88 30.01
CA GLY A 790 -36.15 36.16 29.91
C GLY A 790 -37.39 36.28 30.78
N TYR A 791 -37.29 35.84 32.04
CA TYR A 791 -38.41 35.91 32.96
C TYR A 791 -37.93 36.34 34.34
N GLU A 792 -38.84 36.94 35.09
CA GLU A 792 -38.60 37.37 36.47
C GLU A 792 -39.59 36.63 37.36
N ILE A 793 -39.10 35.62 38.07
CA ILE A 793 -39.94 34.71 38.84
C ILE A 793 -39.54 34.79 40.30
N HIS A 794 -40.50 35.09 41.17
CA HIS A 794 -40.27 35.14 42.60
C HIS A 794 -40.70 33.83 43.25
N ILE A 795 -40.32 33.66 44.52
CA ILE A 795 -40.56 32.43 45.25
C ILE A 795 -41.06 32.79 46.64
N SER A 796 -41.81 31.85 47.24
CA SER A 796 -42.11 31.90 48.66
C SER A 796 -40.98 31.27 49.45
N ASP A 797 -40.77 31.77 50.67
CA ASP A 797 -39.76 31.18 51.54
C ASP A 797 -40.18 29.79 52.00
N GLU A 798 -41.49 29.55 52.12
CA GLU A 798 -41.99 28.20 52.38
C GLU A 798 -41.69 27.28 51.21
N ALA A 799 -41.79 27.79 49.98
CA ALA A 799 -41.41 27.01 48.81
C ALA A 799 -39.92 26.71 48.81
N LEU A 800 -39.11 27.66 49.28
CA LEU A 800 -37.67 27.43 49.42
C LEU A 800 -37.40 26.36 50.47
N LYS A 801 -38.16 26.35 51.57
CA LYS A 801 -37.96 25.33 52.59
C LYS A 801 -38.38 23.96 52.12
N LEU A 802 -39.48 23.87 51.38
CA LEU A 802 -39.91 22.58 50.82
C LEU A 802 -38.93 22.08 49.76
N LEU A 803 -38.40 22.98 48.93
CA LEU A 803 -37.37 22.57 47.97
C LEU A 803 -36.08 22.14 48.67
N SER A 804 -35.73 22.79 49.78
CA SER A 804 -34.55 22.36 50.54
C SER A 804 -34.79 21.04 51.25
N GLU A 805 -36.04 20.72 51.57
CA GLU A 805 -36.36 19.48 52.27
C GLU A 805 -36.90 18.38 51.36
N ASN A 806 -36.86 18.56 50.04
CA ASN A 806 -37.24 17.47 49.14
C ASN A 806 -36.24 16.32 49.17
N GLY A 807 -35.01 16.59 48.74
CA GLY A 807 -34.03 15.53 48.57
C GLY A 807 -32.76 15.70 49.38
N TYR A 808 -32.89 16.22 50.59
CA TYR A 808 -31.73 16.42 51.46
C TYR A 808 -31.30 15.08 52.05
N ASP A 809 -30.03 14.73 51.83
CA ASP A 809 -29.43 13.55 52.44
C ASP A 809 -27.92 13.70 52.53
N PRO A 810 -27.34 13.53 53.72
CA PRO A 810 -25.87 13.57 53.85
C PRO A 810 -25.17 12.30 53.36
N VAL A 811 -25.91 11.30 52.91
CA VAL A 811 -25.32 10.02 52.51
C VAL A 811 -25.05 10.00 51.01
N TYR A 812 -25.76 10.84 50.26
CA TYR A 812 -25.56 10.95 48.82
C TYR A 812 -25.10 12.33 48.38
N GLY A 813 -25.32 13.36 49.18
CA GLY A 813 -24.93 14.71 48.84
C GLY A 813 -26.11 15.53 48.36
N ALA A 814 -25.77 16.73 47.86
CA ALA A 814 -26.76 17.68 47.39
C ALA A 814 -27.23 17.39 45.97
N ARG A 815 -26.57 16.49 45.26
CA ARG A 815 -26.97 16.17 43.90
C ARG A 815 -28.34 15.46 43.81
N PRO A 816 -28.75 14.59 44.76
CA PRO A 816 -30.18 14.24 44.80
C PRO A 816 -31.08 15.42 45.10
N LEU A 817 -30.65 16.33 45.99
CA LEU A 817 -31.41 17.54 46.24
C LEU A 817 -31.46 18.42 45.00
N LYS A 818 -30.34 18.50 44.27
CA LYS A 818 -30.28 19.26 43.03
C LYS A 818 -31.23 18.71 41.98
N ARG A 819 -31.19 17.40 41.75
CA ARG A 819 -32.06 16.83 40.72
C ARG A 819 -33.51 16.79 41.17
N ALA A 820 -33.78 16.75 42.48
CA ALA A 820 -35.14 16.82 42.96
C ALA A 820 -35.75 18.19 42.73
N ILE A 821 -35.02 19.25 43.08
CA ILE A 821 -35.46 20.62 42.79
C ILE A 821 -35.57 20.85 41.29
N GLN A 822 -34.62 20.28 40.53
CA GLN A 822 -34.59 20.45 39.08
C GLN A 822 -35.80 19.80 38.41
N GLN A 823 -36.15 18.57 38.81
CA GLN A 823 -37.34 17.93 38.26
C GLN A 823 -38.62 18.64 38.71
N GLN A 824 -38.74 18.93 40.01
CA GLN A 824 -39.97 19.50 40.54
C GLN A 824 -40.17 20.96 40.16
N ILE A 825 -39.19 21.61 39.54
CA ILE A 825 -39.41 22.91 38.94
C ILE A 825 -39.54 22.83 37.43
N GLU A 826 -38.61 22.12 36.75
CA GLU A 826 -38.60 22.08 35.30
C GLU A 826 -39.76 21.29 34.72
N ASN A 827 -40.40 20.40 35.48
CA ASN A 827 -41.58 19.80 34.90
C ASN A 827 -42.79 20.74 34.97
N PRO A 828 -43.29 21.22 36.18
CA PRO A 828 -44.56 21.96 36.16
C PRO A 828 -44.43 23.39 35.65
N LEU A 829 -43.33 24.08 35.99
CA LEU A 829 -43.20 25.48 35.60
C LEU A 829 -42.94 25.61 34.10
N ALA A 830 -42.01 24.83 33.56
CA ALA A 830 -41.78 24.85 32.12
C ALA A 830 -42.90 24.16 31.36
N GLN A 831 -43.72 23.33 32.02
CA GLN A 831 -44.92 22.84 31.37
C GLN A 831 -45.96 23.95 31.24
N GLN A 832 -46.14 24.75 32.30
CA GLN A 832 -47.03 25.90 32.22
C GLN A 832 -46.49 26.98 31.27
N ILE A 833 -45.18 27.02 31.05
CA ILE A 833 -44.62 27.85 29.99
C ILE A 833 -45.08 27.33 28.63
N LEU A 834 -44.98 26.02 28.42
CA LEU A 834 -45.43 25.42 27.17
C LEU A 834 -46.95 25.38 27.07
N SER A 835 -47.65 25.49 28.20
CA SER A 835 -49.11 25.55 28.18
C SER A 835 -49.64 26.92 27.76
N GLY A 836 -48.80 27.94 27.73
CA GLY A 836 -49.22 29.28 27.34
C GLY A 836 -49.76 30.10 28.49
N GLU A 837 -48.98 30.21 29.56
CA GLU A 837 -49.39 30.96 30.75
C GLU A 837 -48.43 32.09 31.10
N LEU A 838 -47.13 31.86 31.03
CA LEU A 838 -46.16 32.83 31.51
C LEU A 838 -45.84 33.86 30.45
N VAL A 839 -45.73 35.12 30.85
CA VAL A 839 -45.45 36.24 29.97
C VAL A 839 -44.19 36.92 30.48
N PRO A 840 -43.21 37.24 29.62
CA PRO A 840 -42.01 37.95 30.08
C PRO A 840 -42.34 39.36 30.55
N GLY A 841 -42.19 39.58 31.85
CA GLY A 841 -42.48 40.85 32.47
C GLY A 841 -43.62 40.86 33.46
N LYS A 842 -44.00 39.71 34.01
CA LYS A 842 -45.05 39.63 35.02
C LYS A 842 -44.48 39.10 36.33
N VAL A 843 -45.12 39.49 37.43
CA VAL A 843 -44.72 39.01 38.75
C VAL A 843 -45.17 37.56 38.88
N ILE A 844 -44.21 36.65 38.94
CA ILE A 844 -44.47 35.22 38.96
C ILE A 844 -43.98 34.69 40.29
N ARG A 845 -44.90 34.52 41.24
CA ARG A 845 -44.55 34.05 42.57
C ARG A 845 -44.74 32.54 42.65
N LEU A 846 -43.69 31.85 43.09
CA LEU A 846 -43.77 30.40 43.31
C LEU A 846 -44.44 30.15 44.66
N GLU A 847 -45.76 30.29 44.65
CA GLU A 847 -46.56 30.09 45.85
C GLU A 847 -46.72 28.60 46.14
N VAL A 848 -46.99 28.29 47.39
CA VAL A 848 -47.04 26.90 47.85
C VAL A 848 -48.46 26.36 47.66
N ASN A 849 -48.54 25.08 47.29
CA ASN A 849 -49.76 24.32 47.35
C ASN A 849 -49.80 23.58 48.69
N GLU A 850 -50.71 22.62 48.82
CA GLU A 850 -50.72 21.77 50.02
C GLU A 850 -49.50 20.86 50.06
N ASP A 851 -49.14 20.29 48.91
CA ASP A 851 -47.94 19.48 48.80
C ASP A 851 -47.04 19.90 47.64
N ARG A 852 -47.45 20.89 46.85
CA ARG A 852 -46.70 21.28 45.66
C ARG A 852 -46.39 22.77 45.68
N ILE A 853 -45.88 23.28 44.55
CA ILE A 853 -45.59 24.70 44.38
C ILE A 853 -46.31 25.17 43.13
N VAL A 854 -47.17 26.19 43.28
CA VAL A 854 -47.95 26.73 42.17
C VAL A 854 -47.28 28.02 41.70
N ALA A 855 -47.39 28.28 40.39
CA ALA A 855 -46.86 29.49 39.78
C ALA A 855 -48.01 30.39 39.38
N VAL A 856 -47.95 31.66 39.78
CA VAL A 856 -49.02 32.61 39.51
C VAL A 856 -48.54 33.63 38.49
N GLN A 857 -49.50 34.37 37.95
CA GLN A 857 -49.23 35.43 36.97
C GLN A 857 -49.85 36.72 37.49
N HIS A 858 -49.02 37.58 38.09
CA HIS A 858 -49.49 38.86 38.59
C HIS A 858 -48.51 39.98 38.23
N GLN B 159 33.36 13.47 -33.08
CA GLN B 159 32.92 12.14 -32.63
C GLN B 159 31.70 12.21 -31.73
N ALA B 160 31.15 11.04 -31.45
CA ALA B 160 30.05 10.88 -30.51
C ALA B 160 30.49 10.29 -29.19
N LEU B 161 31.79 10.05 -29.00
CA LEU B 161 32.31 9.68 -27.70
C LEU B 161 32.78 10.88 -26.91
N LYS B 162 33.51 11.79 -27.56
CA LYS B 162 34.07 12.92 -26.87
C LYS B 162 33.02 13.92 -26.44
N LYS B 163 31.86 13.93 -27.08
CA LYS B 163 30.78 14.78 -26.62
C LYS B 163 30.16 14.24 -25.33
N TYR B 164 30.22 12.93 -25.11
CA TYR B 164 29.39 12.32 -24.09
C TYR B 164 30.14 11.51 -23.04
N THR B 165 31.41 11.19 -23.25
CA THR B 165 32.17 10.42 -22.29
C THR B 165 33.30 11.25 -21.68
N ILE B 166 33.94 10.68 -20.68
CA ILE B 166 35.05 11.31 -19.98
C ILE B 166 36.19 10.30 -19.93
N ASP B 167 37.34 10.67 -20.48
CA ASP B 167 38.47 9.76 -20.57
C ASP B 167 39.18 9.70 -19.23
N LEU B 168 39.20 8.52 -18.62
CA LEU B 168 39.87 8.39 -17.33
C LEU B 168 41.36 8.19 -17.46
N THR B 169 41.82 7.51 -18.51
CA THR B 169 43.26 7.30 -18.66
C THR B 169 43.98 8.59 -18.95
N GLU B 170 43.32 9.53 -19.64
CA GLU B 170 43.91 10.84 -19.84
C GLU B 170 44.04 11.58 -18.51
N ARG B 171 43.07 11.44 -17.61
CA ARG B 171 43.16 12.10 -16.32
C ARG B 171 44.15 11.41 -15.41
N ALA B 172 44.32 10.09 -15.54
CA ALA B 172 45.35 9.39 -14.78
C ALA B 172 46.73 9.78 -15.27
N GLU B 173 46.88 10.00 -16.58
CA GLU B 173 48.16 10.43 -17.13
C GLU B 173 48.46 11.86 -16.74
N GLN B 174 47.44 12.70 -16.64
CA GLN B 174 47.64 14.05 -16.13
C GLN B 174 47.84 14.07 -14.64
N GLY B 175 47.51 12.99 -13.94
CA GLY B 175 47.73 12.93 -12.52
C GLY B 175 46.65 13.59 -11.69
N LYS B 176 45.41 13.53 -12.15
CA LYS B 176 44.30 14.10 -11.39
C LYS B 176 43.66 13.13 -10.41
N LEU B 177 43.93 11.85 -10.55
CA LEU B 177 43.16 10.88 -9.79
C LEU B 177 43.78 10.61 -8.43
N ASP B 178 43.00 9.99 -7.57
CA ASP B 178 43.50 9.58 -6.27
C ASP B 178 44.42 8.37 -6.43
N PRO B 179 45.52 8.32 -5.69
CA PRO B 179 46.33 7.11 -5.69
C PRO B 179 45.59 6.01 -4.98
N VAL B 180 45.61 4.82 -5.56
CA VAL B 180 44.76 3.73 -5.13
C VAL B 180 45.63 2.60 -4.62
N ILE B 181 45.59 2.39 -3.32
CA ILE B 181 46.45 1.45 -2.62
C ILE B 181 45.58 0.40 -1.97
N GLY B 182 45.96 -0.86 -2.13
CA GLY B 182 45.11 -1.95 -1.72
C GLY B 182 44.31 -2.40 -2.92
N ARG B 183 43.22 -3.11 -2.63
CA ARG B 183 42.27 -3.63 -3.60
C ARG B 183 42.97 -4.47 -4.66
N ASP B 184 43.53 -5.59 -4.22
CA ASP B 184 44.27 -6.44 -5.14
C ASP B 184 43.34 -7.39 -5.88
N GLU B 185 42.60 -8.21 -5.14
CA GLU B 185 41.82 -9.27 -5.76
C GLU B 185 40.62 -8.69 -6.51
N GLU B 186 40.13 -7.52 -6.11
CA GLU B 186 39.03 -6.89 -6.82
C GLU B 186 39.47 -6.43 -8.21
N ILE B 187 40.62 -5.76 -8.28
CA ILE B 187 41.17 -5.35 -9.57
C ILE B 187 41.54 -6.58 -10.40
N ARG B 188 42.02 -7.64 -9.76
CA ARG B 188 42.41 -8.82 -10.53
C ARG B 188 41.20 -9.54 -11.11
N ARG B 189 40.13 -9.68 -10.32
CA ARG B 189 38.95 -10.34 -10.85
C ARG B 189 38.25 -9.48 -11.88
N THR B 190 38.34 -8.16 -11.74
CA THR B 190 37.79 -7.30 -12.78
C THR B 190 38.57 -7.42 -14.08
N ILE B 191 39.90 -7.48 -13.99
CA ILE B 191 40.73 -7.67 -15.18
C ILE B 191 40.46 -9.04 -15.82
N GLN B 192 40.16 -10.05 -15.02
CA GLN B 192 39.78 -11.34 -15.58
C GLN B 192 38.46 -11.26 -16.32
N VAL B 193 37.46 -10.62 -15.72
CA VAL B 193 36.13 -10.57 -16.32
C VAL B 193 36.12 -9.68 -17.56
N LEU B 194 36.99 -8.67 -17.60
CA LEU B 194 37.07 -7.83 -18.79
C LEU B 194 37.62 -8.58 -20.00
N GLN B 195 38.53 -9.52 -19.80
CA GLN B 195 39.05 -10.27 -20.92
C GLN B 195 38.39 -11.64 -21.04
N ARG B 196 37.07 -11.64 -21.13
CA ARG B 196 36.33 -12.84 -21.44
C ARG B 196 35.98 -12.85 -22.93
N ARG B 197 35.32 -13.91 -23.37
CA ARG B 197 34.86 -13.93 -24.76
C ARG B 197 33.51 -13.19 -24.80
N THR B 198 32.51 -13.76 -24.14
CA THR B 198 31.22 -13.11 -23.99
C THR B 198 31.14 -12.49 -22.60
N LYS B 199 30.33 -11.44 -22.50
CA LYS B 199 30.05 -10.72 -21.26
C LYS B 199 31.32 -10.17 -20.62
N ASN B 200 31.94 -9.21 -21.31
CA ASN B 200 33.03 -8.46 -20.72
C ASN B 200 32.44 -7.37 -19.84
N ASN B 201 31.85 -7.80 -18.72
CA ASN B 201 30.95 -6.93 -17.97
C ASN B 201 31.08 -7.19 -16.48
N PRO B 202 31.99 -6.53 -15.82
CA PRO B 202 32.02 -6.61 -14.36
C PRO B 202 31.23 -5.50 -13.70
N VAL B 203 30.34 -5.81 -12.79
CA VAL B 203 29.71 -4.79 -11.98
C VAL B 203 30.30 -4.92 -10.59
N LEU B 204 30.68 -3.78 -9.98
CA LEU B 204 31.37 -3.77 -8.70
C LEU B 204 30.36 -3.49 -7.61
N ILE B 205 29.73 -4.54 -7.11
CA ILE B 205 28.66 -4.40 -6.14
C ILE B 205 29.27 -4.39 -4.76
N GLY B 206 29.10 -3.28 -4.04
CA GLY B 206 29.64 -3.15 -2.72
C GLY B 206 28.75 -2.23 -1.92
N GLU B 207 29.15 -1.97 -0.70
CA GLU B 207 28.43 -1.06 0.17
C GLU B 207 28.73 0.37 -0.24
N PRO B 208 27.96 1.37 0.22
CA PRO B 208 28.25 2.74 -0.20
C PRO B 208 29.39 3.36 0.60
N GLY B 209 30.55 3.48 -0.04
CA GLY B 209 31.67 4.13 0.59
C GLY B 209 32.95 3.32 0.55
N VAL B 210 32.88 2.07 0.12
CA VAL B 210 33.98 1.14 0.32
C VAL B 210 35.00 1.17 -0.80
N GLY B 211 34.89 2.12 -1.71
CA GLY B 211 35.90 2.24 -2.73
C GLY B 211 35.56 1.56 -4.04
N LYS B 212 34.31 1.67 -4.49
CA LYS B 212 33.91 1.05 -5.74
C LYS B 212 34.33 1.86 -6.95
N THR B 213 34.39 3.18 -6.83
CA THR B 213 34.89 3.97 -7.95
C THR B 213 36.41 3.92 -7.99
N ALA B 214 37.02 3.91 -6.81
CA ALA B 214 38.48 4.00 -6.73
C ALA B 214 39.15 2.74 -7.24
N ILE B 215 38.47 1.60 -7.24
CA ILE B 215 39.00 0.42 -7.91
C ILE B 215 39.11 0.67 -9.40
N VAL B 216 38.14 1.36 -9.99
CA VAL B 216 38.17 1.61 -11.42
C VAL B 216 39.23 2.65 -11.75
N GLU B 217 39.38 3.67 -10.92
CA GLU B 217 40.44 4.63 -11.18
C GLU B 217 41.82 4.05 -10.91
N GLY B 218 41.94 3.10 -9.99
CA GLY B 218 43.20 2.40 -9.83
C GLY B 218 43.50 1.50 -11.01
N LEU B 219 42.47 0.93 -11.62
CA LEU B 219 42.66 0.16 -12.84
C LEU B 219 43.14 1.05 -13.97
N ALA B 220 42.62 2.29 -14.04
CA ALA B 220 43.11 3.23 -15.04
C ALA B 220 44.55 3.62 -14.77
N GLN B 221 44.92 3.77 -13.49
CA GLN B 221 46.30 4.08 -13.16
C GLN B 221 47.23 2.92 -13.46
N ARG B 222 46.75 1.68 -13.37
CA ARG B 222 47.61 0.57 -13.75
C ARG B 222 47.74 0.43 -15.26
N ILE B 223 46.71 0.82 -16.00
CA ILE B 223 46.84 0.85 -17.46
C ILE B 223 47.82 1.92 -17.88
N ILE B 224 47.84 3.05 -17.17
CA ILE B 224 48.82 4.10 -17.45
C ILE B 224 50.22 3.64 -17.07
N ASN B 225 50.39 3.10 -15.86
CA ASN B 225 51.71 2.74 -15.37
C ASN B 225 52.27 1.51 -16.07
N GLY B 226 51.41 0.65 -16.58
CA GLY B 226 51.84 -0.59 -17.18
C GLY B 226 51.82 -1.79 -16.27
N GLU B 227 51.15 -1.71 -15.13
CA GLU B 227 51.10 -2.79 -14.15
C GLU B 227 50.05 -3.83 -14.48
N VAL B 228 49.37 -3.70 -15.62
CA VAL B 228 48.34 -4.62 -16.07
C VAL B 228 49.02 -5.76 -16.84
N PRO B 229 48.33 -6.81 -17.26
CA PRO B 229 48.92 -7.73 -18.23
C PRO B 229 49.09 -7.10 -19.60
N GLU B 230 49.73 -7.86 -20.50
CA GLU B 230 50.03 -7.37 -21.83
C GLU B 230 48.76 -7.15 -22.65
N GLY B 231 47.69 -7.90 -22.36
CA GLY B 231 46.47 -7.78 -23.13
C GLY B 231 45.73 -6.49 -22.92
N LEU B 232 45.89 -5.85 -21.76
CA LEU B 232 45.21 -4.60 -21.47
C LEU B 232 46.11 -3.39 -21.59
N LYS B 233 47.30 -3.54 -22.14
CA LYS B 233 48.18 -2.38 -22.31
C LYS B 233 47.67 -1.53 -23.45
N GLY B 234 47.29 -0.29 -23.14
CA GLY B 234 46.86 0.66 -24.14
C GLY B 234 45.36 0.87 -24.22
N ARG B 235 44.58 0.10 -23.45
CA ARG B 235 43.14 0.23 -23.45
C ARG B 235 42.72 1.59 -22.90
N ARG B 236 41.75 2.21 -23.57
CA ARG B 236 41.27 3.52 -23.20
C ARG B 236 40.05 3.34 -22.31
N VAL B 237 40.22 3.62 -21.02
CA VAL B 237 39.11 3.59 -20.08
C VAL B 237 38.31 4.86 -20.26
N LEU B 238 37.15 4.73 -20.89
CA LEU B 238 36.23 5.84 -21.05
C LEU B 238 35.14 5.71 -20.00
N ALA B 239 34.82 6.81 -19.36
CA ALA B 239 33.76 6.84 -18.37
C ALA B 239 32.51 7.42 -19.01
N LEU B 240 31.46 6.62 -19.08
CA LEU B 240 30.22 7.07 -19.69
C LEU B 240 29.53 8.09 -18.79
N ASP B 241 28.70 8.92 -19.40
CA ASP B 241 27.93 9.93 -18.66
C ASP B 241 26.48 9.81 -19.12
N MET B 242 25.64 9.21 -18.27
CA MET B 242 24.23 9.08 -18.58
C MET B 242 23.52 10.42 -18.64
N GLY B 243 23.86 11.31 -17.71
CA GLY B 243 23.26 12.63 -17.72
C GLY B 243 23.61 13.44 -18.95
N ALA B 244 24.80 13.22 -19.49
CA ALA B 244 25.18 13.91 -20.71
C ALA B 244 24.46 13.36 -21.92
N LEU B 245 23.91 12.17 -21.84
CA LEU B 245 23.15 11.60 -22.94
C LEU B 245 21.68 11.99 -22.89
N VAL B 246 21.09 11.98 -21.70
CA VAL B 246 19.65 12.25 -21.61
C VAL B 246 19.35 13.72 -21.85
N ALA B 247 20.33 14.61 -21.63
CA ALA B 247 20.04 16.03 -21.40
C ALA B 247 19.54 16.75 -22.65
N GLY B 248 20.04 16.36 -23.82
CA GLY B 248 19.65 17.15 -24.96
C GLY B 248 18.74 16.41 -25.91
N ALA B 249 17.75 15.69 -25.38
CA ALA B 249 16.95 14.80 -26.22
C ALA B 249 15.51 14.79 -25.71
N LYS B 250 14.68 15.59 -26.33
CA LYS B 250 13.27 15.63 -26.01
C LYS B 250 12.40 15.14 -27.15
N TYR B 251 12.94 15.02 -28.35
CA TYR B 251 12.20 14.55 -29.49
C TYR B 251 12.17 13.03 -29.49
N ARG B 252 11.28 12.46 -30.31
CA ARG B 252 11.23 11.02 -30.43
C ARG B 252 12.48 10.54 -31.12
N GLY B 253 13.34 9.86 -30.38
CA GLY B 253 14.52 9.31 -31.01
C GLY B 253 15.60 10.34 -31.22
N GLU B 254 16.08 10.90 -30.15
CA GLU B 254 17.37 11.57 -30.18
C GLU B 254 18.34 10.94 -29.20
N PHE B 255 17.84 10.51 -28.04
CA PHE B 255 18.64 9.74 -27.10
C PHE B 255 19.09 8.43 -27.71
N GLU B 256 18.19 7.75 -28.43
CA GLU B 256 18.55 6.49 -29.06
C GLU B 256 19.53 6.71 -30.20
N GLU B 257 19.45 7.87 -30.87
CA GLU B 257 20.43 8.20 -31.91
C GLU B 257 21.81 8.40 -31.30
N ARG B 258 21.89 9.13 -30.19
CA ARG B 258 23.16 9.34 -29.51
C ARG B 258 23.75 8.03 -29.01
N LEU B 259 22.91 7.16 -28.45
CA LEU B 259 23.41 5.91 -27.91
C LEU B 259 23.83 4.96 -29.01
N LYS B 260 23.13 4.96 -30.15
CA LYS B 260 23.60 4.15 -31.27
C LYS B 260 24.88 4.72 -31.85
N GLY B 261 25.06 6.04 -31.80
CA GLY B 261 26.34 6.62 -32.22
C GLY B 261 27.48 6.21 -31.31
N VAL B 262 27.23 6.17 -30.01
CA VAL B 262 28.25 5.70 -29.07
C VAL B 262 28.57 4.24 -29.31
N LEU B 263 27.55 3.42 -29.58
CA LEU B 263 27.79 2.01 -29.86
C LEU B 263 28.54 1.80 -31.16
N ASN B 264 28.29 2.63 -32.17
CA ASN B 264 29.04 2.51 -33.41
C ASN B 264 30.49 2.95 -33.25
N ASP B 265 30.75 3.96 -32.42
CA ASP B 265 32.13 4.34 -32.18
C ASP B 265 32.87 3.28 -31.36
N LEU B 266 32.18 2.66 -30.40
CA LEU B 266 32.85 1.64 -29.60
C LEU B 266 32.96 0.32 -30.32
N ALA B 267 32.18 0.13 -31.39
CA ALA B 267 32.52 -0.95 -32.31
C ALA B 267 33.67 -0.54 -33.22
N LYS B 268 33.78 0.76 -33.49
CA LYS B 268 34.83 1.24 -34.37
C LYS B 268 36.19 1.25 -33.70
N GLN B 269 36.23 1.31 -32.37
CA GLN B 269 37.49 1.41 -31.63
C GLN B 269 38.22 0.10 -31.46
N GLU B 270 37.92 -0.93 -32.26
CA GLU B 270 38.67 -2.19 -32.33
C GLU B 270 38.71 -2.93 -30.99
N GLY B 271 37.71 -2.72 -30.15
CA GLY B 271 37.69 -3.35 -28.85
C GLY B 271 38.75 -2.87 -27.89
N ASN B 272 39.32 -1.69 -28.15
CA ASN B 272 40.41 -1.15 -27.36
C ASN B 272 39.89 -0.22 -26.26
N VAL B 273 38.60 -0.27 -25.94
CA VAL B 273 38.01 0.69 -25.03
C VAL B 273 37.27 -0.06 -23.94
N ILE B 274 37.63 0.23 -22.69
CA ILE B 274 36.95 -0.30 -21.52
C ILE B 274 35.97 0.78 -21.06
N LEU B 275 34.71 0.61 -21.39
CA LEU B 275 33.70 1.58 -20.99
C LEU B 275 33.43 1.46 -19.50
N PHE B 276 33.09 2.57 -18.87
CA PHE B 276 32.85 2.60 -17.43
C PHE B 276 31.59 3.40 -17.13
N ILE B 277 30.72 2.83 -16.31
CA ILE B 277 29.50 3.49 -15.87
C ILE B 277 29.50 3.39 -14.36
N ASP B 278 29.79 4.48 -13.67
CA ASP B 278 29.40 4.51 -12.28
C ASP B 278 27.90 4.71 -12.23
N ALA B 279 27.25 4.14 -11.21
CA ALA B 279 25.80 4.11 -11.04
C ALA B 279 25.11 3.45 -12.23
N LEU B 280 25.31 2.13 -12.32
CA LEU B 280 24.72 1.30 -13.37
C LEU B 280 23.20 1.34 -13.38
N HIS B 281 22.57 1.68 -12.26
CA HIS B 281 21.12 1.78 -12.22
C HIS B 281 20.62 3.01 -12.98
N THR B 282 21.44 4.05 -13.07
CA THR B 282 21.11 5.18 -13.92
C THR B 282 21.07 4.75 -15.38
N MET B 283 21.92 3.82 -15.78
CA MET B 283 21.79 3.20 -17.10
C MET B 283 20.49 2.42 -17.21
N VAL B 284 20.08 1.73 -16.13
CA VAL B 284 18.91 0.85 -16.17
C VAL B 284 17.66 1.65 -16.51
N GLY B 285 17.42 2.75 -15.83
CA GLY B 285 16.21 3.49 -16.15
C GLY B 285 16.39 4.75 -16.99
N ALA B 286 17.24 4.69 -18.02
CA ALA B 286 17.92 5.91 -18.48
C ALA B 286 17.07 6.84 -19.34
N GLY B 287 16.72 6.40 -20.54
CA GLY B 287 16.07 7.32 -21.44
C GLY B 287 14.62 6.94 -21.58
N LYS B 288 14.11 6.24 -20.58
CA LYS B 288 12.81 5.61 -20.67
C LYS B 288 11.74 6.67 -20.63
N ALA B 289 11.06 6.83 -21.75
CA ALA B 289 9.93 7.73 -21.84
C ALA B 289 8.71 6.89 -22.15
N ASP B 290 7.60 7.57 -22.42
CA ASP B 290 6.47 6.87 -23.01
C ASP B 290 6.91 6.42 -24.38
N GLY B 291 7.12 5.11 -24.51
CA GLY B 291 7.54 4.44 -25.75
C GLY B 291 8.89 4.95 -26.25
N ALA B 292 9.92 4.62 -25.47
CA ALA B 292 11.29 4.90 -25.86
C ALA B 292 12.20 3.78 -25.41
N MET B 293 13.21 3.50 -26.23
CA MET B 293 14.23 2.52 -25.90
C MET B 293 15.22 3.16 -24.95
N ASP B 294 15.18 2.77 -23.68
CA ASP B 294 16.16 3.27 -22.72
C ASP B 294 17.51 2.60 -22.94
N ALA B 295 18.51 3.03 -22.18
CA ALA B 295 19.86 2.51 -22.39
C ALA B 295 19.99 1.07 -21.92
N GLY B 296 19.08 0.59 -21.07
CA GLY B 296 19.05 -0.82 -20.76
C GLY B 296 18.73 -1.66 -21.97
N ASN B 297 17.64 -1.33 -22.65
CA ASN B 297 17.23 -2.16 -23.77
C ASN B 297 18.08 -1.98 -25.01
N MET B 298 18.91 -0.96 -25.08
CA MET B 298 19.78 -0.84 -26.24
C MET B 298 21.20 -1.31 -25.99
N LEU B 299 21.70 -1.17 -24.78
CA LEU B 299 22.94 -1.85 -24.46
C LEU B 299 22.74 -3.33 -24.23
N LYS B 300 21.50 -3.79 -24.07
CA LYS B 300 21.21 -5.18 -23.76
C LYS B 300 21.61 -6.20 -24.83
N PRO B 301 21.63 -5.89 -26.15
CA PRO B 301 22.31 -6.83 -27.06
C PRO B 301 23.82 -6.72 -27.10
N ALA B 302 24.36 -5.51 -27.07
CA ALA B 302 25.80 -5.34 -27.20
C ALA B 302 26.54 -5.58 -25.92
N LEU B 303 25.87 -6.06 -24.89
CA LEU B 303 26.48 -6.56 -23.67
C LEU B 303 26.62 -8.06 -23.63
N ALA B 304 25.68 -8.79 -24.21
CA ALA B 304 25.73 -10.25 -24.19
C ALA B 304 26.70 -10.82 -25.20
N ARG B 305 27.37 -10.00 -25.99
CA ARG B 305 28.31 -10.48 -26.98
C ARG B 305 29.72 -9.99 -26.72
N GLY B 306 29.92 -9.22 -25.66
CA GLY B 306 31.24 -8.75 -25.32
C GLY B 306 31.80 -7.71 -26.25
N GLU B 307 30.96 -7.10 -27.08
CA GLU B 307 31.43 -6.01 -27.92
C GLU B 307 31.68 -4.76 -27.10
N LEU B 308 31.02 -4.63 -25.96
CA LEU B 308 31.12 -3.47 -25.10
C LEU B 308 31.76 -3.91 -23.80
N HIS B 309 32.88 -3.31 -23.44
CA HIS B 309 33.66 -3.83 -22.31
C HIS B 309 33.33 -3.13 -21.01
N CYS B 310 32.04 -2.84 -20.82
CA CYS B 310 31.50 -2.01 -19.75
C CYS B 310 31.80 -2.45 -18.33
N VAL B 311 32.57 -1.66 -17.60
CA VAL B 311 32.78 -1.86 -16.17
C VAL B 311 31.73 -1.03 -15.45
N GLY B 312 30.78 -1.70 -14.81
CA GLY B 312 29.78 -0.99 -14.05
C GLY B 312 30.27 -0.73 -12.66
N ALA B 313 29.43 -0.05 -11.90
CA ALA B 313 29.62 0.13 -10.47
C ALA B 313 28.28 0.52 -9.89
N THR B 314 27.95 -0.06 -8.74
CA THR B 314 26.64 0.17 -8.14
C THR B 314 26.73 -0.23 -6.68
N THR B 315 25.66 0.05 -5.97
CA THR B 315 25.62 -0.15 -4.53
C THR B 315 24.93 -1.48 -4.25
N LEU B 316 25.15 -2.05 -3.07
CA LEU B 316 24.64 -3.39 -2.79
C LEU B 316 23.14 -3.42 -2.62
N ASP B 317 22.54 -2.34 -2.12
CA ASP B 317 21.10 -2.28 -1.98
C ASP B 317 20.40 -1.58 -3.13
N GLU B 318 21.07 -0.65 -3.81
CA GLU B 318 20.54 -0.08 -5.05
C GLU B 318 20.44 -1.11 -6.15
N TYR B 319 21.29 -2.13 -6.12
CA TYR B 319 21.22 -3.21 -7.08
C TYR B 319 19.93 -3.99 -6.94
N ARG B 320 19.54 -4.28 -5.70
CA ARG B 320 18.28 -4.98 -5.44
C ARG B 320 17.08 -4.17 -5.90
N GLN B 321 17.16 -2.84 -5.78
CA GLN B 321 16.04 -2.02 -6.21
C GLN B 321 15.93 -1.96 -7.71
N TYR B 322 17.06 -1.80 -8.41
CA TYR B 322 16.95 -1.39 -9.80
C TYR B 322 17.43 -2.41 -10.82
N ILE B 323 18.42 -3.23 -10.52
CA ILE B 323 18.97 -4.10 -11.56
C ILE B 323 18.37 -5.50 -11.47
N GLU B 324 18.07 -5.97 -10.25
CA GLU B 324 17.33 -7.22 -10.15
C GLU B 324 15.86 -7.06 -10.52
N LYS B 325 15.40 -5.84 -10.75
CA LYS B 325 14.10 -5.63 -11.37
C LYS B 325 14.07 -6.15 -12.79
N ASP B 326 15.16 -5.97 -13.55
CA ASP B 326 15.23 -6.28 -14.98
C ASP B 326 16.22 -7.41 -15.15
N ALA B 327 15.73 -8.65 -15.19
CA ALA B 327 16.61 -9.81 -15.01
C ALA B 327 17.53 -10.08 -16.19
N ALA B 328 17.18 -9.62 -17.39
CA ALA B 328 18.06 -9.86 -18.53
C ALA B 328 19.30 -8.98 -18.46
N LEU B 329 19.11 -7.69 -18.20
CA LEU B 329 20.25 -6.81 -17.97
C LEU B 329 20.92 -7.13 -16.65
N GLU B 330 20.23 -7.79 -15.75
CA GLU B 330 20.87 -8.28 -14.55
C GLU B 330 21.84 -9.41 -14.87
N ARG B 331 21.48 -10.30 -15.79
CA ARG B 331 22.44 -11.35 -16.10
C ARG B 331 23.48 -10.94 -17.12
N ARG B 332 23.40 -9.77 -17.72
CA ARG B 332 24.52 -9.34 -18.56
C ARG B 332 25.81 -9.13 -17.78
N PHE B 333 25.74 -8.84 -16.49
CA PHE B 333 26.88 -8.41 -15.70
C PHE B 333 27.34 -9.48 -14.72
N GLN B 334 28.65 -9.54 -14.51
CA GLN B 334 29.23 -10.44 -13.52
C GLN B 334 29.45 -9.68 -12.22
N LYS B 335 29.13 -10.32 -11.10
CA LYS B 335 29.16 -9.64 -9.82
C LYS B 335 30.55 -9.75 -9.21
N VAL B 336 31.33 -8.70 -9.30
CA VAL B 336 32.59 -8.62 -8.57
C VAL B 336 32.29 -7.89 -7.27
N PHE B 337 32.39 -8.59 -6.15
CA PHE B 337 31.96 -8.05 -4.87
C PHE B 337 33.11 -7.34 -4.19
N VAL B 338 32.86 -6.13 -3.73
CA VAL B 338 33.87 -5.29 -3.11
C VAL B 338 33.52 -5.17 -1.64
N ALA B 339 34.22 -5.91 -0.80
CA ALA B 339 33.92 -5.92 0.62
C ALA B 339 34.50 -4.67 1.29
N GLU B 340 33.86 -4.29 2.37
CA GLU B 340 34.36 -3.21 3.20
C GLU B 340 35.71 -3.61 3.79
N PRO B 341 36.73 -2.76 3.71
CA PRO B 341 38.07 -3.18 4.10
C PRO B 341 38.20 -3.28 5.61
N SER B 342 39.25 -3.94 6.03
CA SER B 342 39.48 -4.16 7.45
C SER B 342 40.18 -2.95 8.04
N VAL B 343 40.62 -3.06 9.29
CA VAL B 343 41.27 -1.94 9.94
C VAL B 343 42.67 -1.74 9.38
N GLU B 344 43.44 -2.83 9.21
CA GLU B 344 44.81 -2.72 8.70
C GLU B 344 44.85 -2.20 7.28
N ASP B 345 43.91 -2.64 6.45
CA ASP B 345 43.86 -2.14 5.10
C ASP B 345 43.45 -0.68 5.06
N THR B 346 42.62 -0.25 6.01
CA THR B 346 42.27 1.16 6.09
C THR B 346 43.47 2.00 6.53
N ILE B 347 44.31 1.44 7.40
CA ILE B 347 45.56 2.10 7.79
C ILE B 347 46.45 2.28 6.57
N ALA B 348 46.55 1.24 5.73
CA ALA B 348 47.40 1.34 4.55
C ALA B 348 46.82 2.30 3.52
N ILE B 349 45.50 2.33 3.37
CA ILE B 349 44.84 3.25 2.44
C ILE B 349 45.05 4.69 2.89
N LEU B 350 44.98 4.94 4.19
CA LEU B 350 45.25 6.27 4.71
C LEU B 350 46.71 6.67 4.55
N ARG B 351 47.63 5.71 4.74
CA ARG B 351 49.03 6.00 4.55
C ARG B 351 49.38 6.24 3.08
N GLY B 352 48.54 5.79 2.16
CA GLY B 352 48.72 6.22 0.78
C GLY B 352 48.28 7.65 0.57
N LEU B 353 47.10 8.00 1.08
CA LEU B 353 46.46 9.28 0.82
C LEU B 353 46.91 10.38 1.77
N LYS B 354 47.88 10.10 2.64
CA LYS B 354 48.38 11.13 3.55
C LYS B 354 49.05 12.25 2.78
N GLU B 355 49.74 11.90 1.70
CA GLU B 355 50.46 12.90 0.91
C GLU B 355 49.50 13.85 0.22
N ARG B 356 48.33 13.38 -0.21
CA ARG B 356 47.44 14.26 -0.93
C ARG B 356 46.77 15.27 0.00
N TYR B 357 46.36 14.83 1.19
CA TYR B 357 45.77 15.76 2.15
C TYR B 357 46.81 16.70 2.73
N GLU B 358 48.05 16.27 2.84
CA GLU B 358 49.11 17.20 3.25
C GLU B 358 49.41 18.22 2.17
N LEU B 359 49.37 17.82 0.89
CA LEU B 359 49.56 18.78 -0.17
C LEU B 359 48.39 19.75 -0.28
N HIS B 360 47.19 19.33 0.08
CA HIS B 360 46.07 20.26 0.00
C HIS B 360 46.06 21.22 1.18
N HIS B 361 46.10 20.71 2.40
CA HIS B 361 45.93 21.58 3.55
C HIS B 361 47.22 22.27 4.00
N HIS B 362 48.35 21.98 3.34
CA HIS B 362 49.67 22.54 3.67
C HIS B 362 50.09 22.25 5.11
N VAL B 363 49.68 21.10 5.64
CA VAL B 363 50.00 20.74 7.02
C VAL B 363 50.70 19.39 7.00
N GLN B 364 50.96 18.84 8.17
CA GLN B 364 51.54 17.51 8.31
C GLN B 364 50.60 16.64 9.11
N ILE B 365 50.59 15.35 8.80
CA ILE B 365 49.79 14.36 9.50
C ILE B 365 50.74 13.32 10.07
N THR B 366 50.59 13.04 11.36
CA THR B 366 51.45 12.08 12.04
C THR B 366 50.77 10.73 12.07
N ASP B 367 51.54 9.67 11.88
CA ASP B 367 51.01 8.31 11.74
C ASP B 367 50.26 7.74 12.95
N PRO B 368 50.56 8.12 14.20
CA PRO B 368 49.59 7.82 15.26
C PRO B 368 48.21 8.38 15.03
N ALA B 369 48.08 9.54 14.38
CA ALA B 369 46.75 10.02 14.05
C ALA B 369 46.08 9.16 12.99
N ILE B 370 46.86 8.53 12.12
CA ILE B 370 46.26 7.66 11.11
C ILE B 370 45.77 6.36 11.73
N VAL B 371 46.57 5.75 12.60
CA VAL B 371 46.08 4.53 13.24
C VAL B 371 44.96 4.86 14.22
N ALA B 372 44.96 6.06 14.80
CA ALA B 372 43.86 6.48 15.63
C ALA B 372 42.61 6.74 14.80
N ALA B 373 42.77 7.30 13.62
CA ALA B 373 41.62 7.57 12.75
C ALA B 373 40.97 6.29 12.31
N ALA B 374 41.77 5.32 11.87
CA ALA B 374 41.21 4.05 11.44
C ALA B 374 40.55 3.30 12.58
N THR B 375 41.20 3.26 13.75
CA THR B 375 40.65 2.49 14.86
C THR B 375 39.40 3.14 15.44
N LEU B 376 39.43 4.45 15.67
CA LEU B 376 38.29 5.13 16.25
C LEU B 376 37.12 5.20 15.29
N SER B 377 37.38 5.41 14.00
CA SER B 377 36.29 5.41 13.04
C SER B 377 35.69 4.04 12.91
N HIS B 378 36.49 2.99 13.02
CA HIS B 378 35.90 1.65 12.99
C HIS B 378 35.11 1.37 14.25
N ARG B 379 35.52 1.93 15.38
CA ARG B 379 34.85 1.55 16.62
C ARG B 379 33.56 2.33 16.83
N TYR B 380 33.58 3.65 16.66
CA TYR B 380 32.50 4.48 17.16
C TYR B 380 31.46 4.84 16.11
N ILE B 381 31.88 5.33 14.96
CA ILE B 381 30.92 5.76 13.94
C ILE B 381 30.23 4.55 13.34
N ALA B 382 28.91 4.50 13.47
CA ALA B 382 28.10 3.40 12.98
C ALA B 382 27.36 3.71 11.70
N ASP B 383 27.31 4.99 11.30
CA ASP B 383 26.56 5.35 10.11
C ASP B 383 27.33 5.00 8.85
N ARG B 384 28.49 5.60 8.66
CA ARG B 384 29.23 5.49 7.42
C ARG B 384 30.16 4.28 7.49
N GLN B 385 31.09 4.18 6.53
CA GLN B 385 31.93 3.01 6.40
C GLN B 385 33.36 3.42 6.10
N LEU B 386 34.22 2.46 6.08
CA LEU B 386 35.65 2.39 5.86
C LEU B 386 35.94 2.25 4.38
N PRO B 387 36.96 2.92 3.85
CA PRO B 387 37.88 3.86 4.49
C PRO B 387 37.39 5.26 4.34
N ASP B 388 36.08 5.43 4.26
CA ASP B 388 35.50 6.74 4.01
C ASP B 388 35.43 7.57 5.27
N LYS B 389 34.96 6.98 6.36
CA LYS B 389 34.81 7.74 7.59
C LYS B 389 36.14 8.04 8.23
N ALA B 390 37.14 7.18 8.01
CA ALA B 390 38.46 7.47 8.53
C ALA B 390 39.10 8.63 7.77
N ILE B 391 38.90 8.67 6.46
CA ILE B 391 39.35 9.80 5.65
C ILE B 391 38.64 11.07 6.07
N ASP B 392 37.36 10.97 6.43
CA ASP B 392 36.64 12.14 6.91
C ASP B 392 37.23 12.67 8.21
N LEU B 393 37.61 11.78 9.13
CA LEU B 393 38.24 12.26 10.36
C LEU B 393 39.57 12.94 10.06
N ILE B 394 40.37 12.34 9.17
CA ILE B 394 41.65 12.91 8.76
C ILE B 394 41.46 14.30 8.16
N ASP B 395 40.52 14.41 7.23
CA ASP B 395 40.39 15.63 6.48
C ASP B 395 39.72 16.73 7.28
N GLU B 396 38.78 16.38 8.16
CA GLU B 396 38.19 17.42 8.98
C GLU B 396 39.13 17.88 10.08
N ALA B 397 39.98 16.99 10.61
CA ALA B 397 41.01 17.42 11.53
C ALA B 397 42.02 18.33 10.85
N ALA B 398 42.39 18.01 9.61
CA ALA B 398 43.32 18.88 8.89
C ALA B 398 42.70 20.23 8.59
N SER B 399 41.39 20.26 8.32
CA SER B 399 40.69 21.53 8.16
C SER B 399 40.70 22.34 9.45
N SER B 400 40.51 21.67 10.58
CA SER B 400 40.50 22.35 11.88
C SER B 400 41.85 22.96 12.19
N ILE B 401 42.92 22.22 11.91
CA ILE B 401 44.26 22.73 12.17
C ILE B 401 44.61 23.85 11.20
N ARG B 402 44.15 23.77 9.95
CA ARG B 402 44.41 24.84 9.00
C ARG B 402 43.69 26.13 9.40
N MET B 403 42.46 26.03 9.89
CA MET B 403 41.79 27.24 10.35
C MET B 403 42.41 27.79 11.62
N GLN B 404 42.81 26.93 12.55
CA GLN B 404 43.38 27.44 13.79
C GLN B 404 44.79 27.96 13.61
N ILE B 405 45.48 27.57 12.55
CA ILE B 405 46.65 28.33 12.12
C ILE B 405 46.21 29.66 11.52
N ASP B 406 45.22 29.62 10.63
CA ASP B 406 44.93 30.77 9.79
C ASP B 406 44.09 31.82 10.50
N SER B 407 43.58 31.54 11.71
CA SER B 407 42.72 32.53 12.36
C SER B 407 43.55 33.61 13.04
N LYS B 408 44.30 33.23 14.08
CA LYS B 408 45.13 34.17 14.84
C LYS B 408 46.17 33.42 15.67
N LEU B 527 49.24 27.20 19.92
CA LEU B 527 48.89 26.86 18.55
C LEU B 527 49.69 25.67 18.06
N ARG B 528 49.18 24.99 17.04
CA ARG B 528 49.80 23.79 16.51
C ARG B 528 49.98 23.91 15.00
N ASN B 529 50.74 22.98 14.45
CA ASN B 529 50.89 22.88 13.00
C ASN B 529 50.91 21.45 12.49
N LYS B 530 50.73 20.46 13.35
CA LYS B 530 50.79 19.05 12.99
C LYS B 530 49.60 18.35 13.60
N VAL B 531 48.91 17.54 12.80
CA VAL B 531 47.72 16.84 13.25
C VAL B 531 48.15 15.71 14.19
N THR B 532 47.71 15.79 15.44
CA THR B 532 47.96 14.72 16.40
C THR B 532 46.76 13.78 16.41
N ASP B 533 46.80 12.79 17.30
CA ASP B 533 45.68 11.87 17.43
C ASP B 533 44.56 12.44 18.28
N ALA B 534 44.89 13.33 19.22
CA ALA B 534 43.85 13.99 20.01
C ALA B 534 43.00 14.90 19.17
N GLU B 535 43.53 15.43 18.07
CA GLU B 535 42.71 16.15 17.12
C GLU B 535 41.68 15.23 16.47
N ILE B 536 42.08 13.99 16.16
CA ILE B 536 41.15 13.01 15.62
C ILE B 536 40.08 12.67 16.64
N ALA B 537 40.47 12.57 17.91
CA ALA B 537 39.48 12.31 18.95
C ALA B 537 38.57 13.51 19.17
N GLU B 538 39.05 14.72 18.91
CA GLU B 538 38.16 15.88 18.99
C GLU B 538 37.14 15.89 17.87
N VAL B 539 37.56 15.56 16.66
CA VAL B 539 36.61 15.54 15.55
C VAL B 539 35.63 14.38 15.74
N LEU B 540 36.08 13.30 16.37
CA LEU B 540 35.15 12.21 16.70
C LEU B 540 34.20 12.63 17.81
N ALA B 541 34.67 13.40 18.78
CA ALA B 541 33.80 13.85 19.85
C ALA B 541 32.80 14.88 19.38
N ARG B 542 33.12 15.60 18.30
CA ARG B 542 32.13 16.51 17.75
C ARG B 542 31.15 15.78 16.82
N TRP B 543 31.59 14.74 16.11
CA TRP B 543 30.69 14.01 15.22
C TRP B 543 29.65 13.24 16.02
N THR B 544 30.05 12.66 17.15
CA THR B 544 29.22 11.72 17.89
C THR B 544 28.81 12.22 19.26
N GLY B 545 29.76 12.63 20.08
CA GLY B 545 29.51 12.97 21.47
C GLY B 545 30.17 12.05 22.46
N ILE B 546 30.70 10.92 22.02
CA ILE B 546 31.45 10.03 22.91
C ILE B 546 32.75 10.72 23.26
N PRO B 547 33.02 10.96 24.53
CA PRO B 547 34.24 11.67 24.93
C PRO B 547 35.50 10.83 24.83
N VAL B 548 35.97 10.64 23.58
CA VAL B 548 37.19 9.92 23.32
C VAL B 548 38.40 10.83 23.51
N SER B 549 38.19 12.13 23.66
CA SER B 549 39.24 13.14 23.66
C SER B 549 40.16 12.98 24.86
N ARG B 550 41.30 13.66 24.79
CA ARG B 550 42.23 13.66 25.91
C ARG B 550 41.63 14.42 27.08
N MET B 551 41.94 13.97 28.28
CA MET B 551 41.41 14.59 29.47
C MET B 551 42.15 15.90 29.73
N MET B 552 41.44 17.02 29.63
CA MET B 552 42.00 18.25 30.16
C MET B 552 42.00 18.16 31.69
N GLU B 553 42.89 18.96 32.30
CA GLU B 553 43.15 18.83 33.72
C GLU B 553 41.96 19.25 34.57
N SER B 554 41.18 20.22 34.08
CA SER B 554 39.95 20.60 34.76
C SER B 554 38.96 19.45 34.77
N GLU B 555 38.76 18.81 33.61
CA GLU B 555 37.86 17.67 33.53
C GLU B 555 38.42 16.46 34.26
N ARG B 556 39.75 16.33 34.32
CA ARG B 556 40.31 15.15 34.98
C ARG B 556 40.20 15.27 36.50
N GLU B 557 40.42 16.47 37.03
CA GLU B 557 40.17 16.67 38.47
C GLU B 557 38.69 16.65 38.77
N LYS B 558 37.86 17.10 37.83
CA LYS B 558 36.42 16.95 37.94
C LYS B 558 36.02 15.48 38.01
N LEU B 559 36.76 14.64 37.29
CA LEU B 559 36.42 13.24 37.18
C LEU B 559 36.94 12.44 38.35
N LEU B 560 38.03 12.89 38.97
CA LEU B 560 38.48 12.26 40.19
C LEU B 560 37.63 12.64 41.40
N ARG B 561 36.86 13.71 41.29
CA ARG B 561 35.90 14.10 42.31
C ARG B 561 34.50 13.64 41.97
N MET B 562 34.38 12.45 41.38
CA MET B 562 33.09 11.94 40.95
C MET B 562 32.17 11.69 42.14
N GLU B 563 32.71 11.05 43.19
CA GLU B 563 31.90 10.71 44.35
C GLU B 563 31.45 11.95 45.09
N GLN B 564 32.34 12.93 45.23
CA GLN B 564 31.99 14.16 45.92
C GLN B 564 30.98 14.98 45.14
N GLU B 565 31.09 15.01 43.81
CA GLU B 565 30.12 15.76 43.03
C GLU B 565 28.78 15.06 42.92
N LEU B 566 28.74 13.74 43.08
CA LEU B 566 27.42 13.12 43.20
C LEU B 566 26.87 13.28 44.60
N HIS B 567 27.74 13.45 45.60
CA HIS B 567 27.24 13.81 46.93
C HIS B 567 26.98 15.30 47.08
N HIS B 568 27.19 16.09 46.04
CA HIS B 568 26.62 17.43 46.03
C HIS B 568 25.17 17.45 45.58
N ARG B 569 24.62 16.31 45.18
CA ARG B 569 23.18 16.22 44.97
C ARG B 569 22.55 15.03 45.66
N VAL B 570 23.29 13.93 45.80
CA VAL B 570 22.76 12.74 46.46
C VAL B 570 23.61 12.51 47.69
N ILE B 571 23.18 13.06 48.81
CA ILE B 571 23.72 12.65 50.09
C ILE B 571 23.06 11.34 50.48
N GLY B 572 23.80 10.53 51.23
CA GLY B 572 23.42 9.16 51.48
C GLY B 572 23.83 8.24 50.34
N GLN B 573 23.76 6.94 50.63
CA GLN B 573 23.94 5.85 49.65
C GLN B 573 25.32 5.92 48.98
N ASN B 574 26.35 5.66 49.79
CA ASN B 574 27.72 5.72 49.27
C ASN B 574 28.00 4.64 48.24
N GLU B 575 27.28 3.52 48.32
CA GLU B 575 27.66 2.30 47.60
C GLU B 575 27.52 2.45 46.09
N ALA B 576 26.34 2.82 45.63
CA ALA B 576 26.17 2.94 44.19
C ALA B 576 26.83 4.17 43.62
N VAL B 577 27.06 5.21 44.44
CA VAL B 577 27.85 6.33 43.98
C VAL B 577 29.28 5.87 43.71
N ASP B 578 29.81 5.00 44.57
CA ASP B 578 31.12 4.39 44.32
C ASP B 578 31.09 3.54 43.05
N ALA B 579 30.01 2.77 42.86
CA ALA B 579 29.91 1.87 41.72
C ALA B 579 29.89 2.63 40.40
N VAL B 580 29.01 3.64 40.30
CA VAL B 580 28.89 4.38 39.06
C VAL B 580 30.11 5.26 38.83
N SER B 581 30.73 5.74 39.92
CA SER B 581 32.00 6.44 39.82
C SER B 581 33.07 5.58 39.18
N ASN B 582 33.17 4.33 39.65
CA ASN B 582 34.15 3.41 39.08
C ASN B 582 33.84 3.09 37.63
N ALA B 583 32.56 3.02 37.28
CA ALA B 583 32.19 2.69 35.90
C ALA B 583 32.56 3.81 34.93
N ILE B 584 32.31 5.05 35.30
CA ILE B 584 32.67 6.13 34.38
C ILE B 584 34.17 6.34 34.36
N ARG B 585 34.86 6.08 35.47
CA ARG B 585 36.32 6.16 35.44
C ARG B 585 36.91 5.07 34.55
N ARG B 586 36.29 3.88 34.53
CA ARG B 586 36.69 2.86 33.57
C ARG B 586 36.42 3.28 32.14
N SER B 587 35.27 3.91 31.90
CA SER B 587 34.91 4.29 30.54
C SER B 587 35.83 5.37 30.00
N ARG B 588 36.24 6.30 30.85
CA ARG B 588 37.14 7.34 30.40
C ARG B 588 38.58 6.86 30.35
N ALA B 589 38.96 5.89 31.16
CA ALA B 589 40.35 5.47 31.15
C ALA B 589 40.62 4.39 30.12
N GLY B 590 39.64 4.04 29.30
CA GLY B 590 39.85 3.08 28.24
C GLY B 590 39.86 1.64 28.67
N LEU B 591 39.61 1.35 29.94
CA LEU B 591 39.58 -0.04 30.41
C LEU B 591 38.23 -0.69 30.24
N ALA B 592 37.28 -0.02 29.61
CA ALA B 592 35.94 -0.55 29.49
C ALA B 592 35.90 -1.66 28.46
N ASP B 593 35.17 -2.72 28.78
CA ASP B 593 35.01 -3.87 27.92
C ASP B 593 34.29 -3.45 26.65
N PRO B 594 34.95 -3.43 25.49
CA PRO B 594 34.35 -2.79 24.32
C PRO B 594 33.26 -3.59 23.66
N ASN B 595 33.00 -4.81 24.10
CA ASN B 595 31.89 -5.61 23.59
C ASN B 595 30.69 -5.58 24.51
N ARG B 596 30.62 -4.60 25.38
CA ARG B 596 29.57 -4.49 26.38
C ARG B 596 29.28 -3.02 26.62
N PRO B 597 28.12 -2.67 27.20
CA PRO B 597 27.90 -1.27 27.56
C PRO B 597 28.79 -0.82 28.71
N ILE B 598 28.67 0.45 29.08
CA ILE B 598 29.59 1.02 30.04
C ILE B 598 29.30 0.47 31.43
N GLY B 599 28.10 0.69 31.92
CA GLY B 599 27.68 0.09 33.16
C GLY B 599 26.27 -0.42 33.00
N SER B 600 26.00 -1.56 33.63
CA SER B 600 24.67 -2.11 33.59
C SER B 600 24.23 -2.33 35.04
N PHE B 601 23.67 -1.30 35.65
CA PHE B 601 23.41 -1.32 37.08
C PHE B 601 21.96 -1.66 37.39
N LEU B 602 21.76 -2.31 38.52
CA LEU B 602 20.44 -2.52 39.09
C LEU B 602 20.38 -1.76 40.41
N PHE B 603 19.32 -1.01 40.64
CA PHE B 603 19.15 -0.25 41.86
C PHE B 603 18.02 -0.85 42.67
N LEU B 604 18.30 -1.21 43.92
CA LEU B 604 17.34 -1.84 44.79
C LEU B 604 17.31 -1.08 46.11
N GLY B 605 16.16 -0.54 46.47
CA GLY B 605 16.05 0.13 47.74
C GLY B 605 14.62 0.46 48.15
N PRO B 606 14.47 0.96 49.37
CA PRO B 606 13.16 1.47 49.80
C PRO B 606 12.82 2.74 49.03
N THR B 607 11.52 3.00 48.98
CA THR B 607 11.01 4.02 48.07
C THR B 607 11.39 5.41 48.52
N GLY B 608 11.99 6.17 47.61
CA GLY B 608 12.33 7.54 47.92
C GLY B 608 13.68 7.74 48.56
N VAL B 609 14.68 6.96 48.16
CA VAL B 609 16.03 7.14 48.68
C VAL B 609 16.97 7.68 47.61
N GLY B 610 16.44 8.13 46.49
CA GLY B 610 17.24 8.81 45.51
C GLY B 610 17.76 7.97 44.37
N LYS B 611 17.10 6.87 44.04
CA LYS B 611 17.48 6.03 42.91
C LYS B 611 17.38 6.81 41.61
N THR B 612 16.18 7.29 41.31
CA THR B 612 15.94 8.19 40.20
C THR B 612 16.76 9.48 40.36
N GLU B 613 17.00 9.90 41.59
CA GLU B 613 17.88 11.05 41.79
C GLU B 613 19.35 10.72 41.67
N LEU B 614 19.75 9.47 41.87
CA LEU B 614 21.12 9.10 41.52
C LEU B 614 21.31 9.12 40.01
N CYS B 615 20.28 8.68 39.27
CA CYS B 615 20.36 8.78 37.82
C CYS B 615 20.33 10.23 37.34
N LYS B 616 19.58 11.07 38.04
CA LYS B 616 19.60 12.48 37.67
C LYS B 616 20.89 13.14 38.10
N ALA B 617 21.55 12.62 39.13
CA ALA B 617 22.89 13.09 39.46
C ALA B 617 23.87 12.71 38.37
N LEU B 618 23.70 11.52 37.81
CA LEU B 618 24.48 11.11 36.64
C LEU B 618 24.29 12.05 35.47
N ALA B 619 23.05 12.31 35.10
CA ALA B 619 22.81 13.16 33.95
C ALA B 619 23.30 14.58 34.18
N ASN B 620 23.15 15.08 35.41
CA ASN B 620 23.57 16.43 35.72
C ASN B 620 25.09 16.57 35.78
N PHE B 621 25.80 15.50 36.17
CA PHE B 621 27.26 15.53 36.04
C PHE B 621 27.67 15.39 34.58
N MET B 622 27.14 14.38 33.90
CA MET B 622 27.72 13.90 32.67
C MET B 622 27.42 14.84 31.51
N PHE B 623 26.19 15.33 31.42
CA PHE B 623 25.77 16.12 30.25
C PHE B 623 25.47 17.56 30.60
N ASP B 624 25.60 17.96 31.87
CA ASP B 624 25.27 19.28 32.39
C ASP B 624 23.81 19.64 32.12
N SER B 625 22.92 18.66 32.23
CA SER B 625 21.50 18.90 32.12
C SER B 625 20.79 17.85 32.97
N ASP B 626 19.52 18.13 33.28
CA ASP B 626 18.80 17.36 34.28
C ASP B 626 18.08 16.16 33.69
N GLU B 627 17.15 16.39 32.77
CA GLU B 627 16.52 15.29 32.03
C GLU B 627 17.20 15.07 30.69
N ALA B 628 18.51 14.91 30.70
CA ALA B 628 19.25 14.58 29.48
C ALA B 628 19.51 13.08 29.43
N MET B 629 18.44 12.30 29.48
CA MET B 629 18.59 10.86 29.61
C MET B 629 17.45 10.17 28.90
N VAL B 630 17.73 8.96 28.43
CA VAL B 630 16.71 8.14 27.78
C VAL B 630 15.98 7.41 28.88
N ARG B 631 14.77 7.82 29.15
CA ARG B 631 14.08 7.39 30.35
C ARG B 631 12.89 6.54 29.96
N ILE B 632 13.04 5.23 30.04
CA ILE B 632 11.92 4.32 29.84
C ILE B 632 11.27 4.08 31.19
N ASP B 633 9.98 4.39 31.28
CA ASP B 633 9.22 4.21 32.50
C ASP B 633 8.56 2.84 32.42
N MET B 634 9.20 1.86 33.05
CA MET B 634 8.85 0.46 32.87
C MET B 634 7.57 0.05 33.57
N SER B 635 6.83 0.95 34.19
CA SER B 635 5.53 0.55 34.71
C SER B 635 4.45 0.62 33.65
N GLU B 636 4.78 1.18 32.48
CA GLU B 636 3.91 1.07 31.32
C GLU B 636 3.98 -0.28 30.64
N PHE B 637 5.01 -1.07 30.93
CA PHE B 637 5.30 -2.24 30.11
C PHE B 637 4.79 -3.50 30.77
N MET B 638 3.60 -3.47 31.34
CA MET B 638 3.13 -4.58 32.16
C MET B 638 2.64 -5.76 31.35
N GLU B 639 2.69 -5.70 30.03
CA GLU B 639 2.34 -6.86 29.21
C GLU B 639 3.44 -7.13 28.19
N LYS B 640 3.35 -8.29 27.54
CA LYS B 640 4.46 -8.80 26.75
C LYS B 640 4.73 -7.99 25.49
N HIS B 641 3.82 -7.12 25.08
CA HIS B 641 3.96 -6.43 23.81
C HIS B 641 4.45 -4.99 23.94
N SER B 642 4.69 -4.52 25.13
CA SER B 642 5.40 -3.25 25.19
C SER B 642 6.89 -3.41 24.93
N VAL B 643 7.37 -4.65 24.89
CA VAL B 643 8.56 -5.03 24.13
C VAL B 643 8.47 -4.42 22.75
N SER B 644 7.36 -4.67 22.08
CA SER B 644 7.17 -4.13 20.75
C SER B 644 6.95 -2.65 20.76
N ARG B 645 6.60 -2.06 21.91
CA ARG B 645 6.69 -0.61 22.00
C ARG B 645 8.12 -0.14 21.91
N LEU B 646 9.04 -0.81 22.59
CA LEU B 646 10.37 -0.22 22.65
C LEU B 646 11.20 -0.55 21.41
N VAL B 647 10.99 -1.69 20.75
CA VAL B 647 11.77 -1.98 19.53
C VAL B 647 11.04 -1.56 18.27
N GLY B 648 9.72 -1.70 18.19
CA GLY B 648 8.97 -1.37 17.01
C GLY B 648 8.25 -2.56 16.43
N ALA B 649 7.49 -2.30 15.55
CA ALA B 649 6.62 -3.26 14.90
C ALA B 649 7.31 -3.80 13.66
N PRO B 650 7.08 -5.06 13.30
CA PRO B 650 7.84 -5.69 12.22
C PRO B 650 7.35 -5.24 10.85
N PRO B 651 7.93 -5.74 9.75
CA PRO B 651 7.31 -5.51 8.44
C PRO B 651 5.91 -6.10 8.35
N GLY B 652 5.00 -5.33 7.77
CA GLY B 652 3.62 -5.70 7.66
C GLY B 652 2.69 -5.00 8.63
N TYR B 653 3.17 -4.67 9.81
CA TYR B 653 2.32 -4.19 10.89
C TYR B 653 2.43 -2.68 11.04
N VAL B 654 1.66 -2.15 11.99
CA VAL B 654 1.16 -0.78 11.88
C VAL B 654 2.26 0.23 12.13
N GLY B 655 3.03 0.03 13.18
CA GLY B 655 4.03 1.01 13.52
C GLY B 655 5.38 0.69 12.92
N TYR B 656 5.37 0.26 11.66
CA TYR B 656 6.60 -0.16 11.00
C TYR B 656 7.51 1.04 10.76
N GLU B 657 7.03 2.01 9.99
CA GLU B 657 7.88 3.10 9.53
C GLU B 657 8.25 4.08 10.62
N GLU B 658 7.64 4.01 11.78
CA GLU B 658 7.98 4.93 12.86
C GLU B 658 9.09 4.40 13.76
N GLY B 659 9.63 3.23 13.48
CA GLY B 659 10.79 2.77 14.22
C GLY B 659 10.45 2.24 15.60
N GLY B 660 11.40 2.38 16.51
CA GLY B 660 11.18 2.10 17.91
C GLY B 660 11.56 3.30 18.77
N TYR B 661 11.14 3.25 20.03
CA TYR B 661 11.48 4.34 20.93
C TYR B 661 12.93 4.26 21.37
N LEU B 662 13.33 3.11 21.91
CA LEU B 662 14.68 2.95 22.43
C LEU B 662 15.70 2.99 21.32
N THR B 663 15.39 2.39 20.17
CA THR B 663 16.37 2.29 19.10
C THR B 663 16.63 3.64 18.44
N GLU B 664 15.59 4.46 18.23
CA GLU B 664 15.87 5.80 17.74
C GLU B 664 16.48 6.68 18.81
N ALA B 665 16.10 6.50 20.07
CA ALA B 665 16.66 7.32 21.13
C ALA B 665 18.15 7.04 21.32
N VAL B 666 18.61 5.84 21.02
CA VAL B 666 20.03 5.56 21.16
C VAL B 666 20.78 5.77 19.84
N ARG B 667 20.14 5.53 18.70
CA ARG B 667 20.84 5.73 17.44
C ARG B 667 21.03 7.21 17.14
N ARG B 668 20.11 8.06 17.57
CA ARG B 668 20.32 9.48 17.36
C ARG B 668 21.27 10.06 18.41
N ARG B 669 21.37 9.44 19.57
CA ARG B 669 22.24 9.89 20.65
C ARG B 669 23.05 8.71 21.16
N PRO B 670 24.26 8.49 20.66
CA PRO B 670 24.97 7.23 20.94
C PRO B 670 25.44 7.14 22.38
N TYR B 671 26.03 8.21 22.88
CA TYR B 671 26.52 8.24 24.26
C TYR B 671 25.42 8.84 25.11
N SER B 672 24.69 7.97 25.81
CA SER B 672 23.55 8.45 26.58
C SER B 672 23.49 7.68 27.89
N VAL B 673 22.42 7.89 28.63
CA VAL B 673 22.12 7.18 29.86
C VAL B 673 20.72 6.63 29.74
N ILE B 674 20.57 5.32 29.91
CA ILE B 674 19.27 4.67 29.81
C ILE B 674 18.81 4.33 31.21
N LEU B 675 17.63 4.80 31.57
CA LEU B 675 17.02 4.53 32.85
C LEU B 675 15.79 3.68 32.63
N LEU B 676 15.81 2.47 33.15
CA LEU B 676 14.59 1.67 33.14
C LEU B 676 13.91 1.91 34.47
N ASP B 677 13.04 2.91 34.48
CA ASP B 677 12.43 3.40 35.70
C ASP B 677 11.39 2.42 36.22
N ALA B 678 11.52 2.06 37.51
CA ALA B 678 10.59 1.20 38.25
C ALA B 678 10.42 -0.16 37.57
N VAL B 679 11.52 -0.90 37.54
CA VAL B 679 11.62 -2.06 36.65
C VAL B 679 10.98 -3.32 37.24
N GLU B 680 10.35 -3.23 38.40
CA GLU B 680 9.68 -4.37 39.00
C GLU B 680 8.24 -4.51 38.54
N LYS B 681 7.69 -3.48 37.91
CA LYS B 681 6.26 -3.44 37.62
C LYS B 681 5.90 -4.27 36.41
N ALA B 682 6.85 -4.48 35.50
CA ALA B 682 6.56 -5.01 34.18
C ALA B 682 6.22 -6.49 34.24
N HIS B 683 5.87 -7.02 33.07
CA HIS B 683 5.77 -8.46 32.88
C HIS B 683 7.16 -9.05 33.05
N PRO B 684 7.27 -10.29 33.53
CA PRO B 684 8.61 -10.87 33.74
C PRO B 684 9.43 -11.04 32.48
N ASP B 685 8.82 -11.33 31.34
CA ASP B 685 9.56 -11.38 30.09
C ASP B 685 9.35 -10.12 29.26
N VAL B 686 9.75 -8.99 29.83
CA VAL B 686 10.19 -7.85 29.04
C VAL B 686 11.70 -7.77 29.05
N PHE B 687 12.35 -8.57 29.89
CA PHE B 687 13.78 -8.46 30.14
C PHE B 687 14.54 -9.49 29.34
N ASN B 688 14.16 -9.69 28.08
CA ASN B 688 14.92 -10.53 27.18
C ASN B 688 15.54 -9.72 26.06
N ILE B 689 14.82 -8.67 25.66
CA ILE B 689 15.41 -7.52 24.99
C ILE B 689 16.66 -7.07 25.75
N LEU B 690 16.55 -6.97 27.06
CA LEU B 690 17.72 -6.61 27.83
C LEU B 690 18.77 -7.69 27.89
N LEU B 691 18.44 -8.95 27.63
CA LEU B 691 19.49 -9.96 27.54
C LEU B 691 20.43 -9.63 26.41
N GLN B 692 19.85 -9.26 25.26
CA GLN B 692 20.69 -8.84 24.13
C GLN B 692 21.47 -7.58 24.47
N VAL B 693 20.78 -6.60 25.06
CA VAL B 693 21.35 -5.30 25.38
C VAL B 693 22.55 -5.43 26.31
N LEU B 694 22.36 -6.09 27.44
CA LEU B 694 23.42 -6.18 28.43
C LEU B 694 24.50 -7.17 28.04
N ASP B 695 24.23 -8.10 27.13
CA ASP B 695 25.30 -9.01 26.81
C ASP B 695 26.21 -8.44 25.72
N ASP B 696 25.66 -7.95 24.63
CA ASP B 696 26.54 -7.55 23.53
C ASP B 696 26.38 -6.12 23.06
N GLY B 697 25.46 -5.36 23.65
CA GLY B 697 25.37 -3.97 23.27
C GLY B 697 24.72 -3.74 21.93
N ARG B 698 23.66 -4.47 21.63
CA ARG B 698 23.02 -4.34 20.34
C ARG B 698 21.55 -4.70 20.50
N LEU B 699 20.74 -4.17 19.60
CA LEU B 699 19.30 -4.35 19.67
C LEU B 699 18.76 -4.03 18.29
N THR B 700 18.02 -4.97 17.72
CA THR B 700 17.57 -4.85 16.34
C THR B 700 16.15 -4.32 16.31
N ASP B 701 15.93 -3.21 15.60
CA ASP B 701 14.59 -2.63 15.58
C ASP B 701 13.71 -3.37 14.58
N GLY B 702 12.52 -2.86 14.28
CA GLY B 702 11.67 -3.54 13.33
C GLY B 702 12.19 -3.44 11.91
N GLN B 703 12.76 -2.30 11.56
CA GLN B 703 13.26 -2.02 10.22
C GLN B 703 14.58 -2.70 9.92
N GLY B 704 15.05 -3.62 10.75
CA GLY B 704 16.19 -4.44 10.42
C GLY B 704 17.55 -3.79 10.50
N ARG B 705 17.77 -2.89 11.44
CA ARG B 705 19.11 -2.40 11.69
C ARG B 705 19.38 -2.37 13.18
N THR B 706 20.62 -2.56 13.55
CA THR B 706 20.95 -2.71 14.97
C THR B 706 21.58 -1.43 15.49
N VAL B 707 21.22 -1.08 16.71
CA VAL B 707 21.71 0.13 17.34
C VAL B 707 22.82 -0.27 18.31
N ASP B 708 23.89 0.49 18.33
CA ASP B 708 25.10 0.10 19.02
C ASP B 708 25.03 0.57 20.47
N PHE B 709 24.79 -0.35 21.40
CA PHE B 709 24.70 0.03 22.80
C PHE B 709 26.01 -0.16 23.52
N ARG B 710 27.13 0.07 22.86
CA ARG B 710 28.42 -0.04 23.52
C ARG B 710 28.81 1.22 24.25
N ASN B 711 27.88 2.15 24.43
CA ASN B 711 28.18 3.47 24.95
C ASN B 711 27.18 4.00 25.95
N THR B 712 26.15 3.25 26.33
CA THR B 712 25.14 3.74 27.26
C THR B 712 25.40 3.19 28.65
N VAL B 713 24.62 3.66 29.61
CA VAL B 713 24.70 3.21 30.99
C VAL B 713 23.32 2.70 31.35
N VAL B 714 23.07 1.41 31.15
CA VAL B 714 21.73 0.86 31.34
C VAL B 714 21.49 0.69 32.83
N ILE B 715 20.44 1.31 33.35
CA ILE B 715 20.20 1.38 34.79
C ILE B 715 18.78 0.94 35.09
N MET B 716 18.61 0.01 36.00
CA MET B 716 17.29 -0.44 36.40
C MET B 716 17.07 -0.16 37.88
N THR B 717 15.87 0.27 38.23
CA THR B 717 15.55 0.78 39.56
C THR B 717 14.37 0.01 40.13
N SER B 718 14.64 -1.13 40.73
CA SER B 718 13.56 -1.94 41.28
C SER B 718 13.41 -1.65 42.77
N ASN B 719 12.38 -2.25 43.36
CA ASN B 719 12.26 -2.31 44.81
C ASN B 719 11.72 -3.66 45.26
N LEU B 720 12.31 -4.73 44.73
CA LEU B 720 11.88 -6.09 45.07
C LEU B 720 12.07 -6.45 46.54
N GLY B 721 13.06 -5.86 47.20
CA GLY B 721 13.33 -6.27 48.56
C GLY B 721 13.28 -5.15 49.58
N SER B 722 12.41 -4.16 49.37
CA SER B 722 12.37 -3.01 50.28
C SER B 722 11.86 -3.39 51.67
N ASP B 723 10.99 -4.39 51.75
CA ASP B 723 10.57 -4.91 53.05
C ASP B 723 11.72 -5.54 53.79
N LEU B 724 12.50 -6.37 53.09
CA LEU B 724 13.64 -7.04 53.70
C LEU B 724 14.73 -6.06 54.10
N ILE B 725 14.97 -5.04 53.26
CA ILE B 725 16.03 -4.08 53.56
C ILE B 725 15.61 -3.16 54.71
N GLN B 726 14.35 -2.73 54.73
CA GLN B 726 13.86 -1.95 55.86
C GLN B 726 13.79 -2.77 57.13
N GLU B 727 13.68 -4.09 57.03
CA GLU B 727 13.64 -4.90 58.23
C GLU B 727 15.04 -5.14 58.79
N ARG B 728 15.99 -5.50 57.93
CA ARG B 728 17.24 -6.09 58.41
C ARG B 728 18.50 -5.37 57.93
N PHE B 729 18.43 -4.08 57.61
CA PHE B 729 19.68 -3.41 57.28
C PHE B 729 20.53 -3.21 58.52
N GLY B 730 19.91 -2.94 59.65
CA GLY B 730 20.60 -3.02 60.91
C GLY B 730 21.01 -4.45 61.22
N GLU B 731 22.06 -4.56 62.03
CA GLU B 731 22.70 -5.81 62.53
C GLU B 731 23.04 -6.82 61.42
N LEU B 732 23.12 -6.39 60.16
CA LEU B 732 23.55 -7.24 59.07
C LEU B 732 24.50 -6.43 58.20
N ASP B 733 25.67 -7.00 57.91
CA ASP B 733 26.66 -6.30 57.10
C ASP B 733 26.20 -6.22 55.64
N TYR B 734 26.92 -5.40 54.88
CA TYR B 734 26.49 -5.05 53.53
C TYR B 734 26.59 -6.23 52.58
N ALA B 735 27.62 -7.06 52.74
CA ALA B 735 27.80 -8.19 51.83
C ALA B 735 26.71 -9.23 52.01
N HIS B 736 26.33 -9.52 53.26
CA HIS B 736 25.30 -10.52 53.47
C HIS B 736 23.93 -9.98 53.15
N MET B 737 23.72 -8.67 53.33
CA MET B 737 22.49 -8.02 52.86
C MET B 737 22.36 -8.15 51.36
N LYS B 738 23.45 -7.88 50.63
CA LYS B 738 23.45 -8.05 49.18
C LYS B 738 23.21 -9.49 48.79
N GLU B 739 23.78 -10.42 49.56
CA GLU B 739 23.59 -11.85 49.31
C GLU B 739 22.13 -12.26 49.47
N LEU B 740 21.48 -11.77 50.52
CA LEU B 740 20.11 -12.18 50.80
C LEU B 740 19.13 -11.56 49.80
N VAL B 741 19.27 -10.26 49.53
CA VAL B 741 18.34 -9.64 48.60
C VAL B 741 18.63 -10.09 47.18
N LEU B 742 19.87 -10.51 46.89
CA LEU B 742 20.19 -11.05 45.59
C LEU B 742 19.63 -12.46 45.45
N GLY B 743 19.54 -13.21 46.54
CA GLY B 743 18.83 -14.47 46.51
C GLY B 743 17.35 -14.28 46.21
N VAL B 744 16.76 -13.23 46.79
CA VAL B 744 15.35 -12.96 46.49
C VAL B 744 15.16 -12.54 45.04
N VAL B 745 16.08 -11.73 44.51
CA VAL B 745 16.03 -11.35 43.09
C VAL B 745 16.23 -12.56 42.19
N SER B 746 17.08 -13.50 42.62
CA SER B 746 17.24 -14.77 41.92
C SER B 746 15.94 -15.55 41.91
N HIS B 747 15.13 -15.42 42.97
CA HIS B 747 13.79 -15.99 42.92
C HIS B 747 12.89 -15.21 41.97
N ASN B 748 13.17 -13.93 41.74
CA ASN B 748 12.24 -13.13 40.96
C ASN B 748 12.63 -12.87 39.51
N PHE B 749 13.91 -12.92 39.16
CA PHE B 749 14.31 -12.84 37.77
C PHE B 749 14.86 -14.19 37.32
N ARG B 750 15.37 -14.23 36.14
CA ARG B 750 15.93 -15.47 35.66
C ARG B 750 17.43 -15.46 35.85
N PRO B 751 18.08 -16.62 35.99
CA PRO B 751 19.52 -16.64 36.17
C PRO B 751 20.29 -16.16 34.97
N GLU B 752 19.68 -16.18 33.78
CA GLU B 752 20.31 -15.55 32.63
C GLU B 752 20.40 -14.05 32.78
N PHE B 753 19.49 -13.45 33.52
CA PHE B 753 19.42 -12.00 33.45
C PHE B 753 20.19 -11.33 34.57
N ILE B 754 20.16 -11.89 35.78
CA ILE B 754 20.99 -11.35 36.84
C ILE B 754 22.47 -11.64 36.62
N ASN B 755 22.79 -12.59 35.75
CA ASN B 755 24.17 -12.85 35.39
C ASN B 755 24.72 -11.73 34.52
N ARG B 756 23.86 -11.07 33.76
CA ARG B 756 24.31 -10.01 32.85
C ARG B 756 24.63 -8.72 33.56
N ILE B 757 24.07 -8.51 34.75
CA ILE B 757 24.11 -7.21 35.42
C ILE B 757 25.54 -6.91 35.84
N ASP B 758 25.93 -5.65 35.76
CA ASP B 758 27.29 -5.28 36.15
C ASP B 758 27.45 -5.39 37.65
N GLU B 759 26.65 -4.65 38.39
CA GLU B 759 26.78 -4.63 39.84
C GLU B 759 25.42 -4.32 40.43
N VAL B 760 24.81 -5.33 41.05
CA VAL B 760 23.53 -5.18 41.72
C VAL B 760 23.81 -4.44 43.03
N VAL B 761 23.58 -3.14 43.06
CA VAL B 761 23.82 -2.41 44.30
C VAL B 761 22.62 -2.59 45.20
N VAL B 762 22.76 -2.20 46.46
CA VAL B 762 21.66 -2.25 47.43
C VAL B 762 21.57 -0.88 48.07
N PHE B 763 20.37 -0.34 48.16
CA PHE B 763 20.18 0.93 48.84
C PHE B 763 19.62 0.74 50.24
N HIS B 764 20.17 1.50 51.19
CA HIS B 764 19.79 1.45 52.59
C HIS B 764 18.76 2.52 52.91
N PRO B 765 17.90 2.29 53.90
CA PRO B 765 16.96 3.32 54.32
C PRO B 765 17.68 4.51 54.95
N LEU B 766 17.05 5.67 54.82
CA LEU B 766 17.66 6.91 55.28
C LEU B 766 17.62 7.00 56.80
N GLY B 767 18.57 7.74 57.36
CA GLY B 767 18.58 8.04 58.79
C GLY B 767 18.11 9.47 59.00
N GLU B 768 18.22 9.94 60.24
CA GLU B 768 17.72 11.27 60.58
C GLU B 768 18.62 12.36 60.02
N GLN B 769 19.94 12.22 60.24
CA GLN B 769 20.89 13.22 59.77
C GLN B 769 20.96 13.26 58.25
N HIS B 770 20.71 12.14 57.58
CA HIS B 770 20.64 12.12 56.13
C HIS B 770 19.47 12.97 55.64
N ILE B 771 18.32 12.83 56.28
CA ILE B 771 17.14 13.61 55.92
C ILE B 771 17.35 15.08 56.23
N ALA B 772 18.09 15.38 57.30
CA ALA B 772 18.47 16.76 57.57
C ALA B 772 19.35 17.33 56.45
N SER B 773 20.29 16.53 55.97
CA SER B 773 21.14 16.99 54.88
C SER B 773 20.37 17.13 53.57
N ILE B 774 19.39 16.27 53.34
CA ILE B 774 18.52 16.38 52.16
C ILE B 774 17.72 17.67 52.22
N ALA B 775 17.18 17.99 53.40
CA ALA B 775 16.45 19.24 53.58
C ALA B 775 17.37 20.44 53.37
N GLN B 776 18.63 20.32 53.77
CA GLN B 776 19.61 21.37 53.50
C GLN B 776 19.83 21.55 52.00
N ILE B 777 19.91 20.45 51.26
CA ILE B 777 20.07 20.52 49.80
C ILE B 777 18.85 21.17 49.15
N GLN B 778 17.65 20.82 49.62
CA GLN B 778 16.43 21.40 49.09
C GLN B 778 16.35 22.89 49.38
N LEU B 779 16.73 23.29 50.59
CA LEU B 779 16.71 24.70 50.93
C LEU B 779 17.74 25.49 50.14
N LYS B 780 18.89 24.89 49.86
CA LYS B 780 19.91 25.62 49.12
C LYS B 780 19.54 25.76 47.64
N ARG B 781 18.89 24.73 47.05
CA ARG B 781 18.45 24.91 45.67
C ARG B 781 17.24 25.85 45.60
N LEU B 782 16.43 25.90 46.66
CA LEU B 782 15.32 26.85 46.70
C LEU B 782 15.84 28.28 46.81
N TYR B 783 16.89 28.47 47.61
CA TYR B 783 17.49 29.80 47.76
C TYR B 783 18.18 30.22 46.48
N LYS B 784 18.78 29.27 45.75
CA LYS B 784 19.41 29.61 44.49
C LYS B 784 18.37 30.00 43.45
N ARG B 785 17.25 29.28 43.40
CA ARG B 785 16.19 29.64 42.47
C ARG B 785 15.55 30.98 42.81
N LEU B 786 15.30 31.24 44.09
CA LEU B 786 14.70 32.51 44.47
C LEU B 786 15.69 33.65 44.46
N GLU B 787 16.99 33.36 44.44
CA GLU B 787 18.00 34.38 44.20
C GLU B 787 18.06 34.73 42.72
N GLU B 788 17.88 33.74 41.85
CA GLU B 788 17.69 34.02 40.44
C GLU B 788 16.41 34.80 40.20
N ARG B 789 15.38 34.55 41.01
CA ARG B 789 14.17 35.36 40.97
C ARG B 789 14.45 36.79 41.42
N GLY B 790 15.42 36.98 42.31
CA GLY B 790 15.75 38.31 42.77
C GLY B 790 15.44 38.56 44.23
N TYR B 791 15.64 37.54 45.07
CA TYR B 791 15.39 37.64 46.49
C TYR B 791 16.59 37.12 47.27
N GLU B 792 16.64 37.45 48.54
CA GLU B 792 17.71 37.03 49.44
C GLU B 792 17.09 36.50 50.72
N ILE B 793 17.29 35.21 50.99
CA ILE B 793 16.56 34.52 52.05
C ILE B 793 17.55 34.00 53.08
N HIS B 794 17.31 34.32 54.34
CA HIS B 794 18.01 33.71 55.47
C HIS B 794 17.05 32.79 56.21
N ILE B 795 17.60 32.05 57.18
CA ILE B 795 16.81 31.10 57.94
C ILE B 795 17.48 30.90 59.29
N SER B 796 16.67 30.65 60.32
CA SER B 796 17.20 30.19 61.59
C SER B 796 17.33 28.68 61.59
N ASP B 797 18.21 28.17 62.45
CA ASP B 797 18.38 26.73 62.57
C ASP B 797 17.18 26.05 63.22
N GLU B 798 16.36 26.82 63.95
CA GLU B 798 15.18 26.25 64.57
C GLU B 798 14.16 25.79 63.54
N ALA B 799 14.03 26.53 62.44
CA ALA B 799 13.15 26.10 61.35
C ALA B 799 13.64 24.81 60.73
N LEU B 800 14.96 24.66 60.60
CA LEU B 800 15.54 23.42 60.11
C LEU B 800 15.28 22.27 61.08
N LYS B 801 15.32 22.56 62.39
CA LYS B 801 15.04 21.54 63.38
C LYS B 801 13.58 21.10 63.33
N LEU B 802 12.67 22.06 63.14
CA LEU B 802 11.26 21.72 62.99
C LEU B 802 11.01 20.89 61.73
N LEU B 803 11.67 21.24 60.63
CA LEU B 803 11.51 20.46 59.41
C LEU B 803 12.09 19.06 59.55
N SER B 804 13.18 18.92 60.31
CA SER B 804 13.76 17.60 60.50
C SER B 804 12.94 16.74 61.45
N GLU B 805 12.30 17.36 62.45
CA GLU B 805 11.59 16.59 63.46
C GLU B 805 10.12 16.34 63.10
N ASN B 806 9.54 17.10 62.18
CA ASN B 806 8.13 16.92 61.89
C ASN B 806 7.85 15.84 60.86
N GLY B 807 8.66 15.74 59.81
CA GLY B 807 8.34 14.83 58.73
C GLY B 807 9.21 13.61 58.66
N TYR B 808 9.49 12.98 59.79
CA TYR B 808 10.38 11.82 59.83
C TYR B 808 9.59 10.53 60.00
N ASP B 809 9.81 9.60 59.09
CA ASP B 809 9.51 8.18 59.19
C ASP B 809 10.35 7.45 58.15
N PRO B 810 11.04 6.38 58.53
CA PRO B 810 11.90 5.69 57.56
C PRO B 810 11.14 4.94 56.49
N VAL B 811 9.84 4.69 56.68
CA VAL B 811 9.12 3.85 55.75
C VAL B 811 8.78 4.54 54.44
N TYR B 812 8.84 5.87 54.39
CA TYR B 812 8.37 6.61 53.23
C TYR B 812 9.44 7.46 52.55
N GLY B 813 10.68 7.44 53.02
CA GLY B 813 11.73 8.14 52.32
C GLY B 813 11.68 9.64 52.51
N ALA B 814 12.40 10.34 51.64
CA ALA B 814 12.59 11.78 51.78
C ALA B 814 11.51 12.59 51.08
N ARG B 815 10.45 11.96 50.60
CA ARG B 815 9.34 12.68 50.01
C ARG B 815 8.37 13.32 51.01
N PRO B 816 8.05 12.72 52.18
CA PRO B 816 7.34 13.50 53.20
C PRO B 816 8.12 14.70 53.70
N LEU B 817 9.45 14.60 53.73
CA LEU B 817 10.29 15.76 54.00
C LEU B 817 10.03 16.88 53.00
N LYS B 818 10.06 16.58 51.72
CA LYS B 818 9.94 17.64 50.73
C LYS B 818 8.53 18.18 50.64
N ARG B 819 7.50 17.35 50.84
CA ARG B 819 6.17 17.95 50.83
C ARG B 819 5.87 18.72 52.11
N ALA B 820 6.51 18.35 53.23
CA ALA B 820 6.37 19.16 54.43
C ALA B 820 7.09 20.50 54.28
N ILE B 821 8.26 20.49 53.66
CA ILE B 821 8.97 21.73 53.34
C ILE B 821 8.14 22.59 52.40
N GLN B 822 7.56 21.94 51.37
CA GLN B 822 6.63 22.56 50.42
C GLN B 822 5.51 23.31 51.12
N GLN B 823 4.72 22.60 51.93
CA GLN B 823 3.63 23.23 52.68
C GLN B 823 4.15 24.29 53.65
N GLN B 824 4.87 23.86 54.68
CA GLN B 824 5.23 24.70 55.81
C GLN B 824 6.30 25.73 55.50
N ILE B 825 6.73 25.89 54.25
CA ILE B 825 7.48 27.07 53.82
C ILE B 825 6.76 27.80 52.70
N GLU B 826 6.49 27.11 51.59
CA GLU B 826 6.05 27.77 50.39
C GLU B 826 4.59 28.17 50.42
N ASN B 827 3.78 27.71 51.39
CA ASN B 827 2.45 28.30 51.39
C ASN B 827 2.46 29.71 51.98
N PRO B 828 3.08 30.00 53.15
CA PRO B 828 3.15 31.42 53.54
C PRO B 828 4.12 32.23 52.69
N LEU B 829 5.14 31.61 52.12
CA LEU B 829 6.10 32.37 51.32
C LEU B 829 5.45 32.88 50.04
N ALA B 830 4.79 32.00 49.29
CA ALA B 830 4.07 32.43 48.12
C ALA B 830 2.80 33.20 48.48
N GLN B 831 2.30 33.04 49.70
CA GLN B 831 1.23 33.90 50.17
C GLN B 831 1.70 35.35 50.30
N GLN B 832 2.92 35.54 50.78
CA GLN B 832 3.44 36.88 51.02
C GLN B 832 4.14 37.49 49.82
N ILE B 833 4.59 36.69 48.86
CA ILE B 833 5.23 37.26 47.67
C ILE B 833 4.18 37.92 46.78
N LEU B 834 3.06 37.24 46.56
CA LEU B 834 2.06 37.71 45.61
C LEU B 834 1.30 38.93 46.10
N SER B 835 1.39 39.26 47.38
CA SER B 835 0.78 40.48 47.89
C SER B 835 1.66 41.71 47.67
N GLY B 836 2.87 41.55 47.16
CA GLY B 836 3.82 42.63 47.11
C GLY B 836 4.44 42.95 48.45
N GLU B 837 4.24 42.11 49.46
CA GLU B 837 4.76 42.36 50.79
C GLU B 837 6.28 42.21 50.82
N LEU B 838 6.80 41.20 50.15
CA LEU B 838 8.24 40.96 50.09
C LEU B 838 8.85 41.81 48.98
N VAL B 839 9.45 42.93 49.36
CA VAL B 839 10.14 43.78 48.41
C VAL B 839 11.50 43.17 48.10
N PRO B 840 11.88 43.02 46.84
CA PRO B 840 13.21 42.50 46.50
C PRO B 840 14.30 43.45 46.92
N GLY B 841 15.48 42.89 47.16
CA GLY B 841 16.60 43.62 47.69
C GLY B 841 16.70 43.60 49.20
N LYS B 842 15.72 43.04 49.88
CA LYS B 842 15.74 42.95 51.34
C LYS B 842 16.30 41.61 51.78
N VAL B 843 16.17 41.35 53.07
CA VAL B 843 16.60 40.09 53.68
C VAL B 843 15.36 39.35 54.16
N ILE B 844 15.19 38.13 53.68
CA ILE B 844 14.01 37.32 54.00
C ILE B 844 14.44 36.35 55.08
N ARG B 845 14.27 36.76 56.34
CA ARG B 845 14.64 35.91 57.46
C ARG B 845 13.50 34.94 57.72
N LEU B 846 13.73 33.66 57.44
CA LEU B 846 12.74 32.63 57.76
C LEU B 846 12.74 32.33 59.25
N GLU B 847 12.03 33.14 60.02
CA GLU B 847 11.91 32.93 61.44
C GLU B 847 10.78 31.92 61.70
N VAL B 848 10.52 31.67 62.98
CA VAL B 848 9.51 30.69 63.35
C VAL B 848 8.43 31.36 64.18
N ASN B 849 7.26 30.75 64.19
CA ASN B 849 6.17 31.11 65.09
C ASN B 849 6.30 30.28 66.36
N GLU B 850 5.25 30.25 67.17
CA GLU B 850 5.20 29.30 68.27
C GLU B 850 5.09 27.87 67.75
N ASP B 851 4.40 27.69 66.63
CA ASP B 851 4.27 26.38 66.00
C ASP B 851 4.66 26.35 64.53
N ARG B 852 4.69 27.49 63.86
CA ARG B 852 4.86 27.50 62.40
C ARG B 852 6.01 28.39 61.97
N ILE B 853 6.09 28.67 60.67
CA ILE B 853 7.20 29.40 60.08
C ILE B 853 6.63 30.63 59.37
N VAL B 854 7.25 31.79 59.60
CA VAL B 854 6.87 33.01 58.90
C VAL B 854 8.16 33.77 58.58
N ALA B 855 8.12 34.56 57.52
CA ALA B 855 9.27 35.32 57.06
C ALA B 855 9.04 36.81 57.29
N VAL B 856 10.14 37.53 57.55
CA VAL B 856 10.06 38.97 57.78
C VAL B 856 10.93 39.69 56.75
N GLN B 857 10.80 41.01 56.69
CA GLN B 857 11.51 41.83 55.71
C GLN B 857 12.36 42.85 56.45
N HIS B 858 13.58 42.46 56.79
CA HIS B 858 14.52 43.37 57.45
C HIS B 858 15.93 43.14 56.93
N GLN C 159 16.62 1.82 -49.68
CA GLN C 159 15.95 0.64 -49.17
C GLN C 159 15.74 0.74 -47.67
N ALA C 160 14.92 -0.16 -47.13
CA ALA C 160 14.64 -0.16 -45.70
C ALA C 160 15.09 -1.41 -44.99
N LEU C 161 15.22 -2.54 -45.69
CA LEU C 161 15.71 -3.74 -45.03
C LEU C 161 17.18 -3.63 -44.69
N LYS C 162 17.97 -3.00 -45.56
CA LYS C 162 19.40 -2.92 -45.28
C LYS C 162 19.69 -1.96 -44.15
N LYS C 163 18.89 -0.90 -44.02
CA LYS C 163 19.19 0.08 -43.00
C LYS C 163 18.75 -0.36 -41.62
N TYR C 164 17.73 -1.21 -41.52
CA TYR C 164 17.12 -1.46 -40.23
C TYR C 164 17.09 -2.92 -39.83
N THR C 165 17.67 -3.82 -40.63
CA THR C 165 17.80 -5.21 -40.22
C THR C 165 19.26 -5.64 -40.28
N ILE C 166 19.52 -6.81 -39.73
CA ILE C 166 20.83 -7.47 -39.81
C ILE C 166 20.59 -8.88 -40.29
N ASP C 167 21.28 -9.28 -41.35
CA ASP C 167 21.02 -10.57 -41.98
C ASP C 167 21.69 -11.66 -41.17
N LEU C 168 20.90 -12.44 -40.44
CA LEU C 168 21.46 -13.55 -39.68
C LEU C 168 21.95 -14.68 -40.55
N THR C 169 21.43 -14.81 -41.77
CA THR C 169 21.98 -15.85 -42.62
C THR C 169 23.33 -15.46 -43.18
N GLU C 170 23.57 -14.16 -43.35
CA GLU C 170 24.90 -13.72 -43.76
C GLU C 170 25.91 -13.94 -42.64
N ARG C 171 25.56 -13.56 -41.41
CA ARG C 171 26.46 -13.79 -40.29
C ARG C 171 26.62 -15.27 -39.96
N ALA C 172 25.58 -16.07 -40.21
CA ALA C 172 25.69 -17.50 -40.01
C ALA C 172 26.50 -18.15 -41.11
N GLU C 173 26.54 -17.52 -42.28
CA GLU C 173 27.29 -18.06 -43.40
C GLU C 173 28.73 -17.56 -43.40
N GLN C 174 28.97 -16.35 -42.90
CA GLN C 174 30.34 -15.88 -42.75
C GLN C 174 31.08 -16.54 -41.60
N GLY C 175 30.41 -17.35 -40.79
CA GLY C 175 31.05 -17.93 -39.64
C GLY C 175 31.20 -16.92 -38.53
N LYS C 176 30.08 -16.41 -38.03
CA LYS C 176 30.10 -15.52 -36.89
C LYS C 176 29.12 -15.90 -35.80
N LEU C 177 28.11 -16.72 -36.10
CA LEU C 177 27.24 -17.22 -35.05
C LEU C 177 27.88 -18.43 -34.42
N ASP C 178 27.74 -18.53 -33.10
CA ASP C 178 28.27 -19.64 -32.35
C ASP C 178 27.50 -20.91 -32.69
N PRO C 179 28.10 -22.08 -32.47
CA PRO C 179 27.36 -23.32 -32.74
C PRO C 179 26.24 -23.50 -31.74
N VAL C 180 25.14 -24.08 -32.20
CA VAL C 180 23.95 -24.25 -31.40
C VAL C 180 23.61 -25.72 -31.35
N ILE C 181 23.57 -26.25 -30.14
CA ILE C 181 23.65 -27.68 -29.89
C ILE C 181 22.42 -28.09 -29.11
N GLY C 182 21.89 -29.27 -29.40
CA GLY C 182 20.66 -29.69 -28.75
C GLY C 182 19.47 -28.98 -29.36
N ARG C 183 18.45 -28.76 -28.53
CA ARG C 183 17.27 -27.97 -28.85
C ARG C 183 16.54 -28.47 -30.10
N ASP C 184 16.31 -29.77 -30.16
CA ASP C 184 15.63 -30.25 -31.36
C ASP C 184 14.13 -30.01 -31.27
N GLU C 185 13.54 -30.25 -30.10
CA GLU C 185 12.10 -30.06 -29.93
C GLU C 185 11.70 -28.62 -30.18
N GLU C 186 12.46 -27.66 -29.67
CA GLU C 186 12.05 -26.28 -29.79
C GLU C 186 12.29 -25.72 -31.19
N ILE C 187 13.34 -26.15 -31.88
CA ILE C 187 13.52 -25.68 -33.25
C ILE C 187 12.53 -26.36 -34.18
N ARG C 188 12.13 -27.59 -33.88
CA ARG C 188 11.07 -28.24 -34.66
C ARG C 188 9.74 -27.51 -34.47
N ARG C 189 9.45 -27.09 -33.25
CA ARG C 189 8.18 -26.38 -33.06
C ARG C 189 8.26 -24.96 -33.60
N THR C 190 9.45 -24.36 -33.63
CA THR C 190 9.60 -23.06 -34.28
C THR C 190 9.39 -23.15 -35.78
N ILE C 191 9.92 -24.21 -36.39
CA ILE C 191 9.74 -24.42 -37.83
C ILE C 191 8.29 -24.71 -38.13
N GLN C 192 7.58 -25.43 -37.25
CA GLN C 192 6.16 -25.67 -37.47
C GLN C 192 5.34 -24.39 -37.39
N VAL C 193 5.63 -23.53 -36.41
CA VAL C 193 4.85 -22.32 -36.28
C VAL C 193 5.18 -21.34 -37.42
N LEU C 194 6.40 -21.39 -37.95
CA LEU C 194 6.73 -20.50 -39.05
C LEU C 194 6.02 -20.87 -40.34
N GLN C 195 5.74 -22.14 -40.56
CA GLN C 195 5.04 -22.56 -41.78
C GLN C 195 3.56 -22.73 -41.50
N ARG C 196 2.87 -21.61 -41.41
CA ARG C 196 1.43 -21.60 -41.24
C ARG C 196 0.80 -20.66 -42.26
N ARG C 197 -0.52 -20.54 -42.21
CA ARG C 197 -1.19 -19.66 -43.15
C ARG C 197 -1.55 -18.35 -42.49
N THR C 198 -2.14 -18.40 -41.30
CA THR C 198 -2.38 -17.23 -40.47
C THR C 198 -1.64 -17.44 -39.15
N LYS C 199 -1.22 -16.34 -38.54
CA LYS C 199 -0.39 -16.32 -37.33
C LYS C 199 0.89 -17.13 -37.54
N ASN C 200 1.77 -16.61 -38.37
CA ASN C 200 3.03 -17.31 -38.58
C ASN C 200 4.01 -17.18 -37.44
N ASN C 201 3.66 -16.58 -36.32
CA ASN C 201 4.64 -15.95 -35.46
C ASN C 201 4.93 -16.80 -34.23
N PRO C 202 6.13 -17.32 -34.04
CA PRO C 202 6.47 -17.91 -32.76
C PRO C 202 7.15 -16.91 -31.84
N VAL C 203 6.83 -17.01 -30.56
CA VAL C 203 7.53 -16.27 -29.53
C VAL C 203 8.27 -17.29 -28.67
N LEU C 204 9.52 -16.99 -28.35
CA LEU C 204 10.34 -17.90 -27.58
C LEU C 204 10.36 -17.41 -26.15
N ILE C 205 9.54 -18.06 -25.33
CA ILE C 205 9.29 -17.66 -23.95
C ILE C 205 10.09 -18.57 -23.04
N GLY C 206 10.86 -17.96 -22.14
CA GLY C 206 11.69 -18.73 -21.25
C GLY C 206 12.49 -17.79 -20.40
N GLU C 207 12.89 -18.30 -19.23
CA GLU C 207 13.63 -17.53 -18.25
C GLU C 207 14.98 -17.12 -18.84
N PRO C 208 15.57 -15.98 -18.41
CA PRO C 208 16.68 -15.41 -19.17
C PRO C 208 18.00 -16.16 -19.12
N GLY C 209 18.38 -16.79 -20.23
CA GLY C 209 19.68 -17.41 -20.30
C GLY C 209 19.66 -18.79 -20.91
N VAL C 210 18.46 -19.31 -21.19
CA VAL C 210 18.31 -20.71 -21.54
C VAL C 210 18.47 -20.99 -23.03
N GLY C 211 18.67 -19.97 -23.85
CA GLY C 211 18.95 -20.24 -25.24
C GLY C 211 17.95 -19.67 -26.22
N LYS C 212 17.31 -18.56 -25.87
CA LYS C 212 16.21 -18.09 -26.70
C LYS C 212 16.70 -17.43 -27.98
N THR C 213 17.80 -16.70 -27.92
CA THR C 213 18.42 -16.19 -29.13
C THR C 213 19.26 -17.27 -29.78
N ALA C 214 19.70 -18.24 -28.99
CA ALA C 214 20.49 -19.33 -29.56
C ALA C 214 19.64 -20.25 -30.41
N ILE C 215 18.35 -20.40 -30.10
CA ILE C 215 17.47 -21.19 -30.96
C ILE C 215 17.30 -20.52 -32.31
N VAL C 216 17.25 -19.20 -32.35
CA VAL C 216 17.08 -18.51 -33.62
C VAL C 216 18.39 -18.49 -34.40
N GLU C 217 19.52 -18.31 -33.70
CA GLU C 217 20.80 -18.42 -34.38
C GLU C 217 21.09 -19.85 -34.86
N GLY C 218 20.57 -20.85 -34.16
CA GLY C 218 20.67 -22.20 -34.66
C GLY C 218 19.76 -22.48 -35.83
N LEU C 219 18.59 -21.85 -35.86
CA LEU C 219 17.73 -21.98 -37.02
C LEU C 219 18.33 -21.30 -38.24
N ALA C 220 19.00 -20.17 -38.04
CA ALA C 220 19.72 -19.54 -39.15
C ALA C 220 20.87 -20.43 -39.63
N GLN C 221 21.56 -21.07 -38.71
CA GLN C 221 22.61 -21.99 -39.15
C GLN C 221 22.05 -23.23 -39.81
N ARG C 222 20.83 -23.63 -39.48
CA ARG C 222 20.24 -24.76 -40.18
C ARG C 222 19.83 -24.37 -41.60
N ILE C 223 19.33 -23.14 -41.77
CA ILE C 223 18.99 -22.68 -43.11
C ILE C 223 20.25 -22.51 -43.97
N ILE C 224 21.36 -22.11 -43.36
CA ILE C 224 22.62 -22.06 -44.12
C ILE C 224 23.11 -23.45 -44.46
N ASN C 225 23.14 -24.35 -43.47
CA ASN C 225 23.60 -25.71 -43.73
C ASN C 225 22.60 -26.55 -44.48
N GLY C 226 21.37 -26.09 -44.66
CA GLY C 226 20.39 -26.85 -45.39
C GLY C 226 19.90 -28.09 -44.69
N GLU C 227 19.77 -28.04 -43.37
CA GLU C 227 19.22 -29.12 -42.58
C GLU C 227 17.75 -28.90 -42.24
N VAL C 228 17.01 -28.24 -43.12
CA VAL C 228 15.65 -27.81 -42.82
C VAL C 228 14.69 -28.52 -43.77
N PRO C 229 13.37 -28.44 -43.57
CA PRO C 229 12.44 -28.84 -44.63
C PRO C 229 12.60 -28.00 -45.89
N GLU C 230 12.05 -28.51 -46.99
CA GLU C 230 12.28 -27.92 -48.30
C GLU C 230 11.61 -26.57 -48.45
N GLY C 231 10.57 -26.28 -47.67
CA GLY C 231 9.99 -24.95 -47.72
C GLY C 231 10.82 -23.87 -47.06
N LEU C 232 11.89 -24.24 -46.36
CA LEU C 232 12.71 -23.26 -45.69
C LEU C 232 14.09 -23.08 -46.29
N LYS C 233 14.51 -23.92 -47.23
CA LYS C 233 15.79 -23.72 -47.89
C LYS C 233 15.77 -22.44 -48.70
N GLY C 234 16.79 -21.62 -48.52
CA GLY C 234 16.84 -20.34 -49.19
C GLY C 234 16.07 -19.24 -48.51
N ARG C 235 15.48 -19.50 -47.35
CA ARG C 235 14.92 -18.41 -46.56
C ARG C 235 16.04 -17.52 -46.05
N ARG C 236 15.69 -16.27 -45.82
CA ARG C 236 16.57 -15.34 -45.14
C ARG C 236 16.00 -15.08 -43.75
N VAL C 237 16.87 -14.93 -42.77
CA VAL C 237 16.45 -14.63 -41.40
C VAL C 237 17.01 -13.27 -41.03
N LEU C 238 16.14 -12.32 -40.78
CA LEU C 238 16.51 -10.93 -40.61
C LEU C 238 16.11 -10.46 -39.22
N ALA C 239 17.01 -9.72 -38.58
CA ALA C 239 16.81 -9.27 -37.21
C ALA C 239 16.38 -7.81 -37.21
N LEU C 240 15.14 -7.55 -36.85
CA LEU C 240 14.64 -6.19 -36.81
C LEU C 240 15.25 -5.43 -35.64
N ASP C 241 15.95 -4.35 -35.97
CA ASP C 241 16.62 -3.50 -34.99
C ASP C 241 15.68 -2.35 -34.65
N MET C 242 14.87 -2.55 -33.60
CA MET C 242 13.89 -1.54 -33.19
C MET C 242 14.57 -0.28 -32.68
N GLY C 243 15.81 -0.41 -32.19
CA GLY C 243 16.57 0.75 -31.78
C GLY C 243 16.83 1.74 -32.90
N ALA C 244 17.15 1.24 -34.10
CA ALA C 244 17.43 2.14 -35.21
C ALA C 244 16.18 2.84 -35.70
N LEU C 245 15.08 2.07 -35.81
CA LEU C 245 13.78 2.60 -36.20
C LEU C 245 13.34 3.74 -35.31
N VAL C 246 13.52 3.59 -34.00
CA VAL C 246 13.23 4.73 -33.14
C VAL C 246 14.28 5.82 -33.29
N ALA C 247 15.54 5.42 -33.46
CA ALA C 247 16.67 6.32 -33.24
C ALA C 247 16.75 7.42 -34.28
N GLY C 248 16.40 7.14 -35.52
CA GLY C 248 16.52 8.29 -36.39
C GLY C 248 15.29 9.15 -36.54
N ALA C 249 14.18 8.83 -35.86
CA ALA C 249 12.85 9.24 -36.31
C ALA C 249 12.33 10.45 -35.54
N LYS C 250 12.88 11.61 -35.85
CA LYS C 250 12.62 12.79 -35.05
C LYS C 250 11.26 13.42 -35.37
N TYR C 251 10.92 13.55 -36.65
CA TYR C 251 9.70 14.25 -37.02
C TYR C 251 8.50 13.33 -36.93
N ARG C 252 7.32 13.93 -36.99
CA ARG C 252 6.09 13.15 -36.97
C ARG C 252 5.93 12.42 -38.28
N GLY C 253 5.56 11.15 -38.20
CA GLY C 253 5.41 10.38 -39.40
C GLY C 253 6.69 9.93 -40.04
N GLU C 254 7.79 9.96 -39.31
CA GLU C 254 9.01 9.41 -39.89
C GLU C 254 9.21 7.96 -39.48
N PHE C 255 8.96 7.67 -38.20
CA PHE C 255 9.00 6.30 -37.71
C PHE C 255 8.00 5.43 -38.44
N GLU C 256 6.78 5.93 -38.59
CA GLU C 256 5.73 5.19 -39.27
C GLU C 256 6.06 5.00 -40.73
N GLU C 257 6.74 5.96 -41.34
CA GLU C 257 7.15 5.82 -42.73
C GLU C 257 8.21 4.74 -42.87
N ARG C 258 9.13 4.67 -41.91
CA ARG C 258 10.14 3.61 -41.92
C ARG C 258 9.51 2.25 -41.75
N LEU C 259 8.54 2.16 -40.85
CA LEU C 259 7.96 0.86 -40.55
C LEU C 259 7.07 0.39 -41.69
N LYS C 260 6.41 1.32 -42.37
CA LYS C 260 5.67 0.95 -43.57
C LYS C 260 6.61 0.61 -44.71
N GLY C 261 7.77 1.24 -44.79
CA GLY C 261 8.75 0.87 -45.80
C GLY C 261 9.32 -0.51 -45.59
N VAL C 262 9.54 -0.88 -44.33
CA VAL C 262 9.97 -2.23 -44.01
C VAL C 262 8.89 -3.24 -44.36
N LEU C 263 7.62 -2.91 -44.08
CA LEU C 263 6.54 -3.82 -44.45
C LEU C 263 6.37 -3.94 -45.96
N ASN C 264 6.60 -2.87 -46.72
CA ASN C 264 6.51 -2.97 -48.17
C ASN C 264 7.65 -3.79 -48.75
N ASP C 265 8.85 -3.63 -48.19
CA ASP C 265 9.96 -4.47 -48.63
C ASP C 265 9.71 -5.93 -48.32
N LEU C 266 9.22 -6.24 -47.12
CA LEU C 266 8.95 -7.64 -46.80
C LEU C 266 7.77 -8.19 -47.56
N ALA C 267 6.85 -7.34 -48.03
CA ALA C 267 5.85 -7.81 -48.97
C ALA C 267 6.47 -8.11 -50.32
N LYS C 268 7.44 -7.31 -50.75
CA LYS C 268 8.06 -7.55 -52.05
C LYS C 268 9.03 -8.72 -52.04
N GLN C 269 9.43 -9.23 -50.87
CA GLN C 269 10.36 -10.34 -50.81
C GLN C 269 9.67 -11.70 -50.87
N GLU C 270 8.40 -11.74 -51.29
CA GLU C 270 7.68 -12.97 -51.66
C GLU C 270 7.49 -13.93 -50.48
N GLY C 271 7.60 -13.44 -49.26
CA GLY C 271 7.49 -14.32 -48.13
C GLY C 271 8.69 -15.23 -47.97
N ASN C 272 9.87 -14.75 -48.35
CA ASN C 272 11.09 -15.52 -48.26
C ASN C 272 11.94 -15.09 -47.07
N VAL C 273 11.45 -14.17 -46.25
CA VAL C 273 12.25 -13.55 -45.21
C VAL C 273 11.58 -13.76 -43.88
N ILE C 274 12.27 -14.44 -42.97
CA ILE C 274 11.76 -14.74 -41.64
C ILE C 274 12.26 -13.68 -40.69
N LEU C 275 11.38 -12.77 -40.30
CA LEU C 275 11.77 -11.66 -39.46
C LEU C 275 11.95 -12.15 -38.02
N PHE C 276 12.96 -11.62 -37.35
CA PHE C 276 13.30 -12.05 -36.00
C PHE C 276 13.45 -10.83 -35.12
N ILE C 277 12.47 -10.60 -34.25
CA ILE C 277 12.55 -9.52 -33.30
C ILE C 277 13.00 -10.12 -31.99
N ASP C 278 14.28 -10.00 -31.69
CA ASP C 278 14.73 -10.22 -30.33
C ASP C 278 14.21 -9.10 -29.45
N ALA C 279 13.89 -9.46 -28.20
CA ALA C 279 13.26 -8.57 -27.22
C ALA C 279 11.97 -7.98 -27.78
N LEU C 280 11.01 -8.90 -27.98
CA LEU C 280 9.71 -8.58 -28.55
C LEU C 280 8.89 -7.65 -27.67
N HIS C 281 9.17 -7.57 -26.38
CA HIS C 281 8.49 -6.60 -25.53
C HIS C 281 8.92 -5.17 -25.82
N THR C 282 10.00 -4.96 -26.58
CA THR C 282 10.37 -3.60 -26.98
C THR C 282 9.59 -3.11 -28.16
N MET C 283 8.67 -3.92 -28.68
CA MET C 283 7.80 -3.57 -29.78
C MET C 283 6.53 -2.91 -29.29
N VAL C 284 5.97 -3.36 -28.16
CA VAL C 284 4.77 -2.72 -27.65
C VAL C 284 5.11 -1.33 -27.12
N GLY C 285 4.54 -0.32 -27.74
CA GLY C 285 4.92 1.02 -27.40
C GLY C 285 6.33 1.28 -27.87
N ALA C 286 6.52 1.38 -29.17
CA ALA C 286 7.81 1.78 -29.71
C ALA C 286 7.55 2.99 -30.59
N GLY C 287 7.81 4.17 -30.07
CA GLY C 287 7.63 5.36 -30.86
C GLY C 287 6.27 6.00 -30.76
N LYS C 288 5.44 5.57 -29.82
CA LYS C 288 4.20 6.26 -29.55
C LYS C 288 4.48 7.68 -29.06
N ALA C 289 3.59 8.58 -29.44
CA ALA C 289 3.70 10.00 -29.12
C ALA C 289 2.29 10.54 -29.05
N ASP C 290 2.14 11.85 -29.23
CA ASP C 290 0.82 12.40 -29.55
C ASP C 290 0.27 11.77 -30.83
N GLY C 291 1.14 11.52 -31.82
CA GLY C 291 0.75 10.74 -33.01
C GLY C 291 0.96 9.26 -32.71
N ALA C 292 0.03 8.73 -31.90
CA ALA C 292 0.21 7.42 -31.27
C ALA C 292 0.05 6.28 -32.27
N MET C 293 1.16 5.82 -32.84
CA MET C 293 1.14 4.63 -33.68
C MET C 293 1.91 3.45 -33.13
N ASP C 294 2.73 3.61 -32.11
CA ASP C 294 2.98 2.59 -31.10
C ASP C 294 3.79 1.38 -31.58
N ALA C 295 3.94 1.19 -32.90
CA ALA C 295 4.64 0.10 -33.57
C ALA C 295 4.15 -1.29 -33.26
N GLY C 296 3.12 -1.42 -32.45
CA GLY C 296 2.54 -2.71 -32.21
C GLY C 296 1.29 -2.70 -33.05
N ASN C 297 0.84 -1.51 -33.40
CA ASN C 297 -0.39 -1.39 -34.17
C ASN C 297 -0.13 -1.44 -35.67
N MET C 298 1.02 -0.96 -36.11
CA MET C 298 1.28 -0.95 -37.55
C MET C 298 1.60 -2.35 -38.04
N LEU C 299 2.28 -3.14 -37.22
CA LEU C 299 2.59 -4.50 -37.62
C LEU C 299 1.37 -5.40 -37.53
N LYS C 300 0.39 -5.03 -36.73
CA LYS C 300 -0.62 -5.97 -36.25
C LYS C 300 -1.53 -6.56 -37.33
N PRO C 301 -1.95 -5.86 -38.40
CA PRO C 301 -2.64 -6.60 -39.46
C PRO C 301 -1.73 -7.51 -40.25
N ALA C 302 -0.45 -7.18 -40.37
CA ALA C 302 0.46 -8.09 -41.06
C ALA C 302 0.72 -9.34 -40.23
N LEU C 303 0.76 -9.19 -38.91
CA LEU C 303 0.92 -10.36 -38.04
C LEU C 303 -0.33 -11.21 -38.05
N ALA C 304 -1.51 -10.58 -38.01
CA ALA C 304 -2.75 -11.33 -37.91
C ALA C 304 -3.03 -12.10 -39.20
N ARG C 305 -2.68 -11.51 -40.34
CA ARG C 305 -2.92 -12.16 -41.62
C ARG C 305 -1.81 -13.11 -42.01
N GLY C 306 -0.82 -13.29 -41.15
CA GLY C 306 0.23 -14.25 -41.42
C GLY C 306 1.19 -13.85 -42.51
N GLU C 307 1.09 -12.64 -43.03
CA GLU C 307 1.99 -12.20 -44.09
C GLU C 307 3.35 -11.81 -43.57
N LEU C 308 3.56 -11.83 -42.26
CA LEU C 308 4.85 -11.53 -41.66
C LEU C 308 5.23 -12.69 -40.74
N HIS C 309 6.46 -13.18 -40.89
CA HIS C 309 6.89 -14.44 -40.29
C HIS C 309 7.65 -14.23 -39.00
N CYS C 310 7.21 -13.26 -38.19
CA CYS C 310 8.02 -12.69 -37.12
C CYS C 310 8.31 -13.69 -36.01
N VAL C 311 9.57 -14.10 -35.89
CA VAL C 311 10.04 -14.94 -34.79
C VAL C 311 10.36 -14.02 -33.63
N GLY C 312 9.57 -14.09 -32.59
CA GLY C 312 9.81 -13.28 -31.42
C GLY C 312 10.54 -14.09 -30.38
N ALA C 313 11.17 -13.38 -29.46
CA ALA C 313 11.91 -14.04 -28.39
C ALA C 313 11.97 -13.03 -27.26
N THR C 314 11.40 -13.38 -26.13
CA THR C 314 11.33 -12.46 -25.02
C THR C 314 11.47 -13.24 -23.73
N THR C 315 11.55 -12.52 -22.62
CA THR C 315 11.74 -13.16 -21.33
C THR C 315 10.40 -13.71 -20.87
N LEU C 316 10.34 -14.24 -19.66
CA LEU C 316 9.10 -14.77 -19.14
C LEU C 316 8.39 -13.78 -18.22
N ASP C 317 9.13 -13.00 -17.44
CA ASP C 317 8.50 -11.90 -16.74
C ASP C 317 8.22 -10.72 -17.67
N GLU C 318 9.16 -10.39 -18.57
CA GLU C 318 8.95 -9.29 -19.51
C GLU C 318 7.81 -9.55 -20.48
N TYR C 319 7.52 -10.81 -20.80
CA TYR C 319 6.35 -11.14 -21.60
C TYR C 319 5.07 -10.73 -20.90
N ARG C 320 4.90 -11.20 -19.66
CA ARG C 320 3.71 -10.87 -18.89
C ARG C 320 3.62 -9.38 -18.61
N GLN C 321 4.74 -8.76 -18.32
CA GLN C 321 4.67 -7.37 -17.88
C GLN C 321 4.44 -6.41 -19.02
N TYR C 322 4.92 -6.72 -20.23
CA TYR C 322 4.82 -5.73 -21.28
C TYR C 322 3.89 -6.13 -22.42
N ILE C 323 3.65 -7.42 -22.65
CA ILE C 323 2.77 -7.85 -23.72
C ILE C 323 1.37 -8.15 -23.22
N GLU C 324 1.23 -8.95 -22.16
CA GLU C 324 -0.10 -9.32 -21.67
C GLU C 324 -0.89 -8.15 -21.09
N LYS C 325 -0.27 -6.98 -20.93
CA LYS C 325 -1.05 -5.75 -20.82
C LYS C 325 -1.88 -5.52 -22.07
N ASP C 326 -1.21 -5.49 -23.21
CA ASP C 326 -1.83 -5.23 -24.51
C ASP C 326 -2.25 -6.55 -25.13
N ALA C 327 -3.43 -7.03 -24.77
CA ALA C 327 -3.82 -8.38 -25.11
C ALA C 327 -4.34 -8.52 -26.52
N ALA C 328 -4.34 -7.47 -27.32
CA ALA C 328 -4.70 -7.65 -28.72
C ALA C 328 -3.54 -8.18 -29.53
N LEU C 329 -2.33 -8.10 -29.00
CA LEU C 329 -1.13 -8.56 -29.65
C LEU C 329 -0.59 -9.84 -29.03
N GLU C 330 -1.00 -10.11 -27.80
CA GLU C 330 -0.70 -11.37 -27.13
C GLU C 330 -1.31 -12.58 -27.84
N ARG C 331 -2.39 -12.42 -28.61
CA ARG C 331 -2.87 -13.57 -29.38
C ARG C 331 -2.24 -13.70 -30.74
N ARG C 332 -1.55 -12.69 -31.24
CA ARG C 332 -1.00 -12.79 -32.58
C ARG C 332 0.13 -13.80 -32.65
N PHE C 333 0.74 -14.13 -31.51
CA PHE C 333 1.91 -14.97 -31.38
C PHE C 333 1.57 -16.36 -30.88
N GLN C 334 2.52 -17.28 -31.03
CA GLN C 334 2.38 -18.65 -30.55
C GLN C 334 3.52 -18.95 -29.61
N LYS C 335 3.21 -19.49 -28.45
CA LYS C 335 4.18 -19.55 -27.35
C LYS C 335 4.97 -20.83 -27.46
N VAL C 336 6.23 -20.72 -27.84
CA VAL C 336 7.16 -21.83 -27.74
C VAL C 336 7.93 -21.64 -26.46
N PHE C 337 7.77 -22.55 -25.51
CA PHE C 337 8.41 -22.46 -24.21
C PHE C 337 9.78 -23.08 -24.28
N VAL C 338 10.76 -22.41 -23.71
CA VAL C 338 12.14 -22.87 -23.76
C VAL C 338 12.57 -23.16 -22.33
N ALA C 339 12.50 -24.41 -21.92
CA ALA C 339 12.79 -24.77 -20.54
C ALA C 339 14.27 -24.65 -20.26
N GLU C 340 14.59 -24.46 -19.00
CA GLU C 340 15.97 -24.50 -18.57
C GLU C 340 16.52 -25.90 -18.79
N PRO C 341 17.68 -26.04 -19.41
CA PRO C 341 18.19 -27.37 -19.72
C PRO C 341 18.68 -28.09 -18.48
N SER C 342 18.85 -29.39 -18.62
CA SER C 342 19.35 -30.18 -17.50
C SER C 342 20.85 -29.99 -17.36
N VAL C 343 21.45 -30.70 -16.41
CA VAL C 343 22.89 -30.63 -16.28
C VAL C 343 23.54 -31.38 -17.42
N GLU C 344 22.96 -32.52 -17.79
CA GLU C 344 23.58 -33.37 -18.80
C GLU C 344 23.42 -32.77 -20.19
N ASP C 345 22.29 -32.11 -20.44
CA ASP C 345 22.15 -31.36 -21.68
C ASP C 345 23.08 -30.17 -21.72
N THR C 346 23.39 -29.59 -20.56
CA THR C 346 24.36 -28.51 -20.52
C THR C 346 25.77 -29.02 -20.81
N ILE C 347 26.07 -30.23 -20.33
CA ILE C 347 27.33 -30.89 -20.66
C ILE C 347 27.42 -31.11 -22.16
N ALA C 348 26.34 -31.58 -22.77
CA ALA C 348 26.31 -31.79 -24.21
C ALA C 348 26.42 -30.48 -24.98
N ILE C 349 25.88 -29.40 -24.42
CA ILE C 349 26.03 -28.08 -25.05
C ILE C 349 27.47 -27.62 -24.99
N LEU C 350 28.12 -27.76 -23.84
CA LEU C 350 29.47 -27.22 -23.68
C LEU C 350 30.52 -27.96 -24.50
N ARG C 351 30.28 -29.22 -24.86
CA ARG C 351 31.31 -29.97 -25.57
C ARG C 351 31.46 -29.56 -27.03
N GLY C 352 30.62 -28.69 -27.55
CA GLY C 352 30.80 -28.22 -28.90
C GLY C 352 31.07 -26.74 -28.94
N LEU C 353 30.72 -26.04 -27.87
CA LEU C 353 31.12 -24.66 -27.72
C LEU C 353 32.56 -24.51 -27.27
N LYS C 354 33.15 -25.59 -26.77
CA LYS C 354 34.45 -25.54 -26.11
C LYS C 354 35.55 -25.03 -27.03
N GLU C 355 35.55 -25.49 -28.28
CA GLU C 355 36.70 -25.23 -29.14
C GLU C 355 36.75 -23.77 -29.56
N ARG C 356 35.61 -23.09 -29.54
CA ARG C 356 35.60 -21.67 -29.86
C ARG C 356 36.25 -20.85 -28.74
N TYR C 357 35.94 -21.18 -27.48
CA TYR C 357 36.60 -20.49 -26.38
C TYR C 357 38.07 -20.86 -26.28
N GLU C 358 38.40 -22.11 -26.63
CA GLU C 358 39.80 -22.52 -26.71
C GLU C 358 40.57 -21.68 -27.71
N LEU C 359 40.00 -21.47 -28.89
CA LEU C 359 40.68 -20.65 -29.88
C LEU C 359 40.67 -19.18 -29.54
N HIS C 360 39.75 -18.72 -28.69
CA HIS C 360 39.84 -17.32 -28.29
C HIS C 360 40.91 -17.10 -27.25
N HIS C 361 40.88 -17.87 -26.16
CA HIS C 361 41.82 -17.63 -25.08
C HIS C 361 43.16 -18.31 -25.27
N HIS C 362 43.30 -19.09 -26.36
CA HIS C 362 44.52 -19.86 -26.67
C HIS C 362 44.91 -20.79 -25.53
N VAL C 363 43.91 -21.39 -24.88
CA VAL C 363 44.14 -22.37 -23.84
C VAL C 363 43.32 -23.61 -24.16
N GLN C 364 43.56 -24.66 -23.40
CA GLN C 364 42.77 -25.88 -23.51
C GLN C 364 41.77 -25.95 -22.37
N ILE C 365 40.71 -26.71 -22.59
CA ILE C 365 39.69 -26.97 -21.59
C ILE C 365 39.51 -28.48 -21.54
N THR C 366 39.82 -29.07 -20.41
CA THR C 366 39.78 -30.52 -20.28
C THR C 366 38.44 -30.93 -19.75
N ASP C 367 37.81 -31.93 -20.40
CA ASP C 367 36.43 -32.37 -20.17
C ASP C 367 36.02 -32.61 -18.71
N PRO C 368 36.92 -32.97 -17.78
CA PRO C 368 36.57 -32.80 -16.37
C PRO C 368 36.27 -31.37 -15.97
N ALA C 369 36.87 -30.35 -16.59
CA ALA C 369 36.45 -29.00 -16.24
C ALA C 369 35.07 -28.68 -16.78
N ILE C 370 34.69 -29.26 -17.92
CA ILE C 370 33.33 -29.06 -18.43
C ILE C 370 32.30 -29.69 -17.51
N VAL C 371 32.52 -30.95 -17.13
CA VAL C 371 31.53 -31.60 -16.29
C VAL C 371 31.55 -31.03 -14.88
N ALA C 372 32.69 -30.48 -14.43
CA ALA C 372 32.73 -29.81 -13.15
C ALA C 372 32.02 -28.46 -13.22
N ALA C 373 32.15 -27.74 -14.33
CA ALA C 373 31.48 -26.47 -14.50
C ALA C 373 29.97 -26.63 -14.46
N ALA C 374 29.46 -27.63 -15.19
CA ALA C 374 28.02 -27.87 -15.22
C ALA C 374 27.50 -28.32 -13.87
N THR C 375 28.18 -29.28 -13.22
CA THR C 375 27.68 -29.80 -11.96
C THR C 375 27.75 -28.77 -10.84
N LEU C 376 28.89 -28.09 -10.69
CA LEU C 376 29.03 -27.10 -9.64
C LEU C 376 28.14 -25.89 -9.88
N SER C 377 27.99 -25.45 -11.13
CA SER C 377 27.17 -24.29 -11.36
C SER C 377 25.71 -24.62 -11.17
N HIS C 378 25.33 -25.87 -11.37
CA HIS C 378 23.95 -26.23 -11.06
C HIS C 378 23.73 -26.36 -9.56
N ARG C 379 24.77 -26.69 -8.80
CA ARG C 379 24.54 -26.88 -7.38
C ARG C 379 24.71 -25.60 -6.56
N TYR C 380 25.65 -24.73 -6.89
CA TYR C 380 26.07 -23.68 -5.97
C TYR C 380 25.72 -22.27 -6.41
N ILE C 381 25.04 -22.08 -7.53
CA ILE C 381 24.63 -20.75 -7.97
C ILE C 381 23.13 -20.79 -8.22
N ALA C 382 22.38 -19.96 -7.49
CA ALA C 382 20.94 -20.10 -7.47
C ALA C 382 20.21 -19.08 -8.33
N ASP C 383 20.82 -17.92 -8.57
CA ASP C 383 20.15 -16.94 -9.42
C ASP C 383 20.16 -17.39 -10.87
N ARG C 384 21.32 -17.50 -11.48
CA ARG C 384 21.40 -17.67 -12.93
C ARG C 384 21.05 -19.08 -13.34
N GLN C 385 20.88 -19.27 -14.64
CA GLN C 385 20.32 -20.50 -15.18
C GLN C 385 21.21 -21.08 -16.26
N LEU C 386 21.16 -22.41 -16.39
CA LEU C 386 21.99 -23.10 -17.35
C LEU C 386 21.53 -22.77 -18.76
N PRO C 387 22.45 -22.72 -19.73
CA PRO C 387 23.90 -22.85 -19.64
C PRO C 387 24.60 -21.52 -19.60
N ASP C 388 23.98 -20.51 -19.00
CA ASP C 388 24.65 -19.22 -18.93
C ASP C 388 25.77 -19.23 -17.90
N LYS C 389 25.51 -19.81 -16.73
CA LYS C 389 26.51 -19.85 -15.68
C LYS C 389 27.60 -20.88 -15.95
N ALA C 390 27.30 -21.96 -16.67
CA ALA C 390 28.32 -22.93 -17.03
C ALA C 390 29.33 -22.32 -17.98
N ILE C 391 28.85 -21.63 -19.02
CA ILE C 391 29.72 -20.90 -19.93
C ILE C 391 30.45 -19.79 -19.22
N ASP C 392 29.81 -19.15 -18.23
CA ASP C 392 30.49 -18.11 -17.48
C ASP C 392 31.67 -18.66 -16.68
N LEU C 393 31.50 -19.80 -16.03
CA LEU C 393 32.61 -20.39 -15.31
C LEU C 393 33.72 -20.83 -16.25
N ILE C 394 33.37 -21.45 -17.37
CA ILE C 394 34.37 -21.90 -18.33
C ILE C 394 35.16 -20.73 -18.90
N ASP C 395 34.45 -19.70 -19.36
CA ASP C 395 35.09 -18.58 -20.04
C ASP C 395 35.92 -17.76 -19.06
N GLU C 396 35.43 -17.56 -17.85
CA GLU C 396 36.21 -16.78 -16.89
C GLU C 396 37.41 -17.56 -16.40
N ALA C 397 37.29 -18.89 -16.27
CA ALA C 397 38.44 -19.71 -15.91
C ALA C 397 39.51 -19.67 -16.99
N ALA C 398 39.09 -19.70 -18.25
CA ALA C 398 40.06 -19.60 -19.34
C ALA C 398 40.72 -18.24 -19.38
N SER C 399 40.00 -17.17 -19.03
CA SER C 399 40.65 -15.87 -18.89
C SER C 399 41.66 -15.87 -17.77
N SER C 400 41.37 -16.57 -16.68
CA SER C 400 42.29 -16.66 -15.55
C SER C 400 43.57 -17.39 -15.94
N ILE C 401 43.45 -18.48 -16.71
CA ILE C 401 44.63 -19.21 -17.15
C ILE C 401 45.44 -18.39 -18.15
N ARG C 402 44.77 -17.65 -19.02
CA ARG C 402 45.49 -16.77 -19.95
C ARG C 402 46.24 -15.66 -19.21
N MET C 403 45.66 -15.15 -18.14
CA MET C 403 46.40 -14.17 -17.35
C MET C 403 47.52 -14.78 -16.52
N GLN C 404 47.44 -16.06 -16.15
CA GLN C 404 48.62 -16.71 -15.57
C GLN C 404 49.75 -16.75 -16.59
N ILE C 405 49.44 -17.23 -17.79
CA ILE C 405 50.47 -17.44 -18.81
C ILE C 405 51.05 -16.11 -19.29
N ASP C 406 50.27 -15.03 -19.23
CA ASP C 406 50.70 -13.75 -19.79
C ASP C 406 51.85 -13.15 -18.98
N SER C 407 51.62 -12.83 -17.71
CA SER C 407 52.66 -12.16 -16.93
C SER C 407 53.39 -13.09 -15.98
N LYS C 408 52.69 -13.68 -15.01
CA LYS C 408 53.25 -14.49 -13.94
C LYS C 408 52.11 -15.13 -13.16
N PRO C 409 52.36 -16.24 -12.44
CA PRO C 409 51.27 -16.91 -11.71
C PRO C 409 50.68 -16.16 -10.53
N GLU C 410 49.77 -16.84 -9.81
CA GLU C 410 48.97 -16.18 -8.78
C GLU C 410 49.80 -15.74 -7.60
N GLU C 411 50.46 -16.69 -6.92
CA GLU C 411 51.13 -16.38 -5.67
C GLU C 411 52.29 -15.43 -5.87
N LEU C 412 52.90 -15.45 -7.06
CA LEU C 412 53.84 -14.41 -7.43
C LEU C 412 53.17 -13.05 -7.42
N ASP C 413 51.94 -12.94 -7.94
CA ASP C 413 51.26 -11.65 -7.93
C ASP C 413 50.77 -11.25 -6.54
N ARG C 414 50.34 -12.22 -5.73
CA ARG C 414 49.95 -11.96 -4.35
C ARG C 414 51.12 -11.37 -3.57
N LEU C 415 52.26 -12.05 -3.63
CA LEU C 415 53.45 -11.56 -2.93
C LEU C 415 53.99 -10.29 -3.56
N ASP C 416 53.83 -10.11 -4.87
CA ASP C 416 54.34 -8.92 -5.52
C ASP C 416 53.55 -7.69 -5.11
N ARG C 417 52.23 -7.82 -5.04
CA ARG C 417 51.41 -6.73 -4.54
C ARG C 417 51.65 -6.47 -3.07
N ARG C 418 51.89 -7.52 -2.27
CA ARG C 418 52.11 -7.23 -0.87
C ARG C 418 53.49 -6.64 -0.60
N ILE C 419 54.52 -7.00 -1.39
CA ILE C 419 55.81 -6.38 -1.13
C ILE C 419 55.84 -4.96 -1.67
N ILE C 420 55.08 -4.63 -2.73
CA ILE C 420 55.05 -3.23 -3.12
C ILE C 420 54.21 -2.43 -2.12
N GLN C 421 53.21 -3.07 -1.51
CA GLN C 421 52.43 -2.46 -0.44
C GLN C 421 53.31 -2.11 0.76
N LEU C 422 54.07 -3.10 1.24
CA LEU C 422 54.91 -2.87 2.41
C LEU C 422 56.09 -1.96 2.08
N LYS C 423 56.51 -1.92 0.81
CA LYS C 423 57.55 -0.99 0.40
C LYS C 423 57.08 0.45 0.55
N LEU C 424 55.90 0.76 -0.01
CA LEU C 424 55.36 2.11 0.14
C LEU C 424 55.02 2.44 1.60
N GLU C 425 54.58 1.45 2.38
CA GLU C 425 54.20 1.74 3.76
C GLU C 425 55.42 1.98 4.64
N GLN C 426 56.50 1.23 4.42
CA GLN C 426 57.75 1.48 5.14
C GLN C 426 58.38 2.79 4.70
N GLN C 427 58.21 3.17 3.44
CA GLN C 427 58.65 4.50 3.02
C GLN C 427 57.86 5.59 3.71
N ALA C 428 56.55 5.39 3.86
CA ALA C 428 55.71 6.39 4.53
C ALA C 428 55.88 6.41 6.04
N LEU C 429 56.49 5.38 6.64
CA LEU C 429 56.75 5.41 8.07
C LEU C 429 58.03 6.16 8.45
N MET C 430 58.55 7.02 7.59
CA MET C 430 59.76 7.76 7.92
C MET C 430 59.54 9.26 7.87
N LEU C 441 57.43 -0.32 17.24
CA LEU C 441 57.07 0.82 16.40
C LEU C 441 56.71 0.34 15.00
N ASP C 442 57.72 -0.07 14.22
CA ASP C 442 57.42 -0.61 12.91
C ASP C 442 56.82 -2.01 13.05
N MET C 443 57.64 -2.96 13.51
CA MET C 443 57.33 -4.40 13.50
C MET C 443 56.82 -4.87 12.15
N LEU C 444 57.41 -4.34 11.10
CA LEU C 444 56.94 -4.42 9.73
C LEU C 444 58.02 -4.91 8.79
N ASN C 445 59.27 -4.51 9.03
CA ASN C 445 60.38 -4.92 8.17
C ASN C 445 60.64 -6.42 8.30
N GLU C 446 60.26 -7.00 9.44
CA GLU C 446 60.18 -8.45 9.57
C GLU C 446 59.24 -9.03 8.52
N GLU C 447 58.06 -8.43 8.37
CA GLU C 447 57.07 -8.96 7.45
C GLU C 447 57.49 -8.74 6.00
N LEU C 448 58.09 -7.60 5.70
CA LEU C 448 58.57 -7.35 4.34
C LEU C 448 59.73 -8.27 3.98
N SER C 449 60.61 -8.55 4.94
CA SER C 449 61.70 -9.49 4.69
C SER C 449 61.18 -10.90 4.47
N ASP C 450 60.16 -11.30 5.24
CA ASP C 450 59.55 -12.62 5.06
C ASP C 450 58.89 -12.75 3.70
N LYS C 451 58.11 -11.74 3.29
CA LYS C 451 57.42 -11.81 2.02
C LYS C 451 58.39 -11.70 0.84
N GLU C 452 59.48 -10.93 0.99
CA GLU C 452 60.47 -10.87 -0.09
C GLU C 452 61.24 -12.18 -0.22
N ARG C 453 61.49 -12.85 0.91
CA ARG C 453 62.12 -14.16 0.86
C ARG C 453 61.21 -15.18 0.19
N GLN C 454 59.91 -15.15 0.52
CA GLN C 454 58.98 -16.09 -0.08
C GLN C 454 58.76 -15.79 -1.56
N TYR C 455 58.81 -14.51 -1.93
CA TYR C 455 58.76 -14.12 -3.33
C TYR C 455 59.97 -14.63 -4.10
N SER C 456 61.16 -14.55 -3.49
CA SER C 456 62.35 -15.07 -4.15
C SER C 456 62.30 -16.58 -4.29
N GLU C 457 61.77 -17.27 -3.28
CA GLU C 457 61.59 -18.72 -3.35
C GLU C 457 60.64 -19.11 -4.48
N LEU C 458 59.48 -18.47 -4.56
CA LEU C 458 58.52 -18.83 -5.60
C LEU C 458 58.97 -18.35 -6.97
N GLU C 459 59.77 -17.29 -7.04
CA GLU C 459 60.31 -16.86 -8.32
C GLU C 459 61.34 -17.84 -8.84
N GLU C 460 62.20 -18.36 -7.95
CA GLU C 460 63.18 -19.35 -8.40
C GLU C 460 62.51 -20.68 -8.74
N GLU C 461 61.45 -21.04 -8.01
CA GLU C 461 60.70 -22.24 -8.36
C GLU C 461 59.97 -22.08 -9.69
N TRP C 462 59.49 -20.87 -9.98
CA TRP C 462 58.87 -20.62 -11.28
C TRP C 462 59.91 -20.63 -12.40
N LYS C 463 61.14 -20.21 -12.11
CA LYS C 463 62.21 -20.36 -13.10
C LYS C 463 62.64 -21.81 -13.25
N ALA C 464 62.42 -22.64 -12.23
CA ALA C 464 62.74 -24.06 -12.35
C ALA C 464 61.79 -24.77 -13.30
N GLU C 465 60.53 -24.33 -13.37
CA GLU C 465 59.56 -24.86 -14.31
C GLU C 465 59.48 -24.02 -15.57
N LYS C 466 60.59 -23.40 -15.96
CA LYS C 466 60.61 -22.52 -17.13
C LYS C 466 61.81 -22.81 -18.02
N LEU C 527 53.67 -25.47 -14.24
CA LEU C 527 52.66 -24.44 -14.41
C LEU C 527 51.33 -24.99 -14.88
N ARG C 528 50.43 -24.08 -15.24
CA ARG C 528 49.10 -24.41 -15.71
C ARG C 528 48.87 -23.73 -17.04
N ASN C 529 48.60 -24.52 -18.07
CA ASN C 529 48.16 -23.99 -19.34
C ASN C 529 46.92 -24.72 -19.85
N LYS C 530 46.29 -25.52 -19.01
CA LYS C 530 44.98 -26.08 -19.27
C LYS C 530 43.98 -25.41 -18.36
N VAL C 531 42.73 -25.83 -18.47
CA VAL C 531 41.71 -25.52 -17.49
C VAL C 531 41.31 -26.83 -16.86
N THR C 532 41.75 -27.06 -15.64
CA THR C 532 41.31 -28.22 -14.92
C THR C 532 40.05 -27.87 -14.14
N ASP C 533 39.57 -28.82 -13.35
CA ASP C 533 38.45 -28.53 -12.48
C ASP C 533 38.84 -27.65 -11.29
N ALA C 534 40.13 -27.56 -10.99
CA ALA C 534 40.57 -26.70 -9.91
C ALA C 534 40.34 -25.24 -10.25
N GLU C 535 40.53 -24.87 -11.51
CA GLU C 535 40.32 -23.48 -11.89
C GLU C 535 38.85 -23.13 -11.91
N ILE C 536 38.01 -24.08 -12.33
CA ILE C 536 36.57 -23.91 -12.24
C ILE C 536 36.14 -23.71 -10.81
N ALA C 537 36.71 -24.49 -9.89
CA ALA C 537 36.37 -24.32 -8.49
C ALA C 537 36.90 -23.02 -7.92
N GLU C 538 38.03 -22.52 -8.41
CA GLU C 538 38.48 -21.20 -7.97
C GLU C 538 37.55 -20.09 -8.44
N VAL C 539 37.07 -20.19 -9.67
CA VAL C 539 36.16 -19.17 -10.16
C VAL C 539 34.79 -19.32 -9.50
N LEU C 540 34.45 -20.52 -9.05
CA LEU C 540 33.20 -20.66 -8.30
C LEU C 540 33.34 -20.08 -6.90
N ALA C 541 34.49 -20.27 -6.27
CA ALA C 541 34.71 -19.71 -4.95
C ALA C 541 35.02 -18.22 -4.98
N ARG C 542 35.23 -17.63 -6.14
CA ARG C 542 35.23 -16.18 -6.21
C ARG C 542 33.94 -15.60 -6.75
N TRP C 543 33.09 -16.41 -7.38
CA TRP C 543 31.77 -15.93 -7.76
C TRP C 543 30.94 -15.73 -6.51
N THR C 544 30.70 -16.81 -5.80
CA THR C 544 29.70 -16.86 -4.76
C THR C 544 30.30 -16.55 -3.39
N GLY C 545 31.25 -17.35 -2.97
CA GLY C 545 31.88 -17.12 -1.71
C GLY C 545 32.09 -18.44 -1.01
N ILE C 546 31.37 -19.47 -1.44
CA ILE C 546 31.46 -20.79 -0.84
C ILE C 546 32.84 -21.34 -1.17
N PRO C 547 33.62 -21.73 -0.19
CA PRO C 547 34.91 -22.35 -0.48
C PRO C 547 34.74 -23.76 -1.01
N VAL C 548 34.56 -23.84 -2.32
CA VAL C 548 34.49 -25.13 -3.00
C VAL C 548 35.87 -25.58 -3.45
N SER C 549 36.82 -24.66 -3.55
CA SER C 549 38.12 -24.88 -4.16
C SER C 549 38.94 -25.90 -3.38
N ARG C 550 40.00 -26.36 -4.01
CA ARG C 550 40.83 -27.36 -3.38
C ARG C 550 41.64 -26.72 -2.26
N MET C 551 41.77 -27.45 -1.16
CA MET C 551 42.43 -26.92 0.02
C MET C 551 43.93 -26.84 -0.24
N MET C 552 44.45 -25.63 -0.39
CA MET C 552 45.88 -25.47 -0.35
C MET C 552 46.39 -25.76 1.05
N GLU C 553 47.68 -26.13 1.13
CA GLU C 553 48.20 -26.87 2.28
C GLU C 553 48.15 -26.08 3.57
N SER C 554 48.29 -24.75 3.51
CA SER C 554 48.19 -23.93 4.71
C SER C 554 46.79 -23.98 5.28
N GLU C 555 45.78 -23.92 4.40
CA GLU C 555 44.40 -24.00 4.86
C GLU C 555 44.07 -25.39 5.38
N ARG C 556 44.67 -26.43 4.80
CA ARG C 556 44.38 -27.78 5.26
C ARG C 556 45.03 -28.04 6.62
N GLU C 557 46.23 -27.49 6.82
CA GLU C 557 46.88 -27.59 8.13
C GLU C 557 46.13 -26.77 9.17
N LYS C 558 45.59 -25.62 8.78
CA LYS C 558 44.76 -24.83 9.66
C LYS C 558 43.48 -25.57 10.03
N LEU C 559 42.94 -26.32 9.08
CA LEU C 559 41.65 -26.94 9.25
C LEU C 559 41.73 -28.30 9.93
N LEU C 560 42.91 -28.93 9.96
CA LEU C 560 43.07 -30.09 10.82
C LEU C 560 43.26 -29.69 12.28
N ARG C 561 43.72 -28.46 12.53
CA ARG C 561 43.87 -27.93 13.87
C ARG C 561 42.67 -27.10 14.29
N MET C 562 41.48 -27.50 13.86
CA MET C 562 40.27 -26.75 14.16
C MET C 562 40.02 -26.67 15.66
N GLU C 563 40.20 -27.78 16.36
CA GLU C 563 39.96 -27.79 17.80
C GLU C 563 41.04 -27.01 18.52
N GLN C 564 42.28 -27.12 18.05
CA GLN C 564 43.37 -26.34 18.63
C GLN C 564 43.21 -24.85 18.35
N GLU C 565 42.66 -24.49 17.19
CA GLU C 565 42.37 -23.10 16.92
C GLU C 565 41.17 -22.58 17.68
N LEU C 566 40.24 -23.46 18.07
CA LEU C 566 39.10 -22.97 18.84
C LEU C 566 39.35 -23.01 20.34
N HIS C 567 40.21 -23.90 20.83
CA HIS C 567 40.41 -23.85 22.27
C HIS C 567 41.33 -22.72 22.71
N HIS C 568 41.72 -21.78 21.85
CA HIS C 568 42.26 -20.51 22.31
C HIS C 568 41.19 -19.55 22.77
N ARG C 569 39.91 -19.86 22.52
CA ARG C 569 38.81 -19.01 22.92
C ARG C 569 37.69 -19.73 23.63
N VAL C 570 37.54 -21.02 23.45
CA VAL C 570 36.54 -21.80 24.14
C VAL C 570 37.31 -22.80 24.98
N ILE C 571 37.42 -22.55 26.25
CA ILE C 571 38.12 -23.53 27.08
C ILE C 571 37.07 -24.54 27.51
N GLY C 572 37.53 -25.76 27.80
CA GLY C 572 36.63 -26.86 28.08
C GLY C 572 35.79 -27.18 26.86
N GLN C 573 34.61 -27.75 27.12
CA GLN C 573 33.52 -27.87 26.15
C GLN C 573 33.93 -28.70 24.93
N ASN C 574 34.45 -29.90 25.19
CA ASN C 574 35.08 -30.68 24.13
C ASN C 574 34.08 -31.16 23.10
N GLU C 575 32.88 -31.54 23.53
CA GLU C 575 31.94 -32.23 22.65
C GLU C 575 31.42 -31.30 21.57
N ALA C 576 31.15 -30.05 21.92
CA ALA C 576 30.62 -29.14 20.92
C ALA C 576 31.68 -28.63 19.96
N VAL C 577 32.91 -28.44 20.45
CA VAL C 577 34.02 -28.09 19.57
C VAL C 577 34.29 -29.22 18.59
N ASP C 578 34.18 -30.46 19.06
CA ASP C 578 34.27 -31.61 18.17
C ASP C 578 33.16 -31.60 17.13
N ALA C 579 31.93 -31.27 17.54
CA ALA C 579 30.81 -31.33 16.63
C ALA C 579 30.90 -30.27 15.55
N VAL C 580 31.21 -29.04 15.96
CA VAL C 580 31.46 -27.93 15.03
C VAL C 580 32.58 -28.28 14.06
N SER C 581 33.69 -28.81 14.59
CA SER C 581 34.85 -29.13 13.77
C SER C 581 34.52 -30.22 12.77
N ASN C 582 33.73 -31.22 13.18
CA ASN C 582 33.37 -32.27 12.25
C ASN C 582 32.45 -31.77 11.17
N ALA C 583 31.58 -30.81 11.48
CA ALA C 583 30.73 -30.26 10.43
C ALA C 583 31.52 -29.50 9.39
N ILE C 584 32.49 -28.70 9.83
CA ILE C 584 33.26 -27.94 8.85
C ILE C 584 34.20 -28.85 8.06
N ARG C 585 34.73 -29.89 8.70
CA ARG C 585 35.59 -30.81 7.96
C ARG C 585 34.79 -31.62 6.94
N ARG C 586 33.55 -31.98 7.27
CA ARG C 586 32.71 -32.62 6.26
C ARG C 586 32.36 -31.67 5.14
N SER C 587 32.19 -30.38 5.44
CA SER C 587 31.85 -29.45 4.38
C SER C 587 33.02 -29.24 3.43
N ARG C 588 34.22 -29.07 3.96
CA ARG C 588 35.35 -28.82 3.08
C ARG C 588 35.81 -30.07 2.37
N ALA C 589 35.67 -31.24 2.99
CA ALA C 589 36.11 -32.46 2.34
C ALA C 589 35.20 -32.87 1.20
N GLY C 590 33.94 -32.47 1.24
CA GLY C 590 33.00 -32.84 0.21
C GLY C 590 32.24 -34.10 0.55
N LEU C 591 31.60 -34.12 1.72
CA LEU C 591 30.74 -35.22 2.09
C LEU C 591 29.41 -34.79 2.68
N ALA C 592 29.16 -33.49 2.80
CA ALA C 592 27.96 -33.00 3.44
C ALA C 592 26.76 -33.26 2.57
N ASP C 593 25.62 -33.48 3.22
CA ASP C 593 24.35 -33.81 2.59
C ASP C 593 23.94 -32.63 1.73
N PRO C 594 23.94 -32.79 0.41
CA PRO C 594 23.80 -31.63 -0.47
C PRO C 594 22.42 -31.06 -0.55
N ASN C 595 21.43 -31.62 0.14
CA ASN C 595 20.10 -31.05 0.16
C ASN C 595 19.70 -30.59 1.56
N ARG C 596 20.68 -30.27 2.38
CA ARG C 596 20.46 -29.76 3.73
C ARG C 596 21.54 -28.72 3.98
N PRO C 597 21.51 -27.92 5.06
CA PRO C 597 22.67 -27.07 5.34
C PRO C 597 23.85 -27.85 5.85
N ILE C 598 24.95 -27.16 6.15
CA ILE C 598 26.17 -27.84 6.57
C ILE C 598 25.97 -28.45 7.95
N GLY C 599 25.60 -27.63 8.91
CA GLY C 599 25.44 -28.15 10.25
C GLY C 599 24.38 -27.38 10.96
N SER C 600 23.41 -28.09 11.51
CA SER C 600 22.27 -27.47 12.18
C SER C 600 22.33 -27.89 13.63
N PHE C 601 23.03 -27.12 14.46
CA PHE C 601 23.34 -27.51 15.82
C PHE C 601 22.39 -26.88 16.81
N LEU C 602 22.34 -27.46 18.00
CA LEU C 602 21.53 -26.96 19.09
C LEU C 602 22.34 -27.08 20.36
N PHE C 603 22.73 -25.95 20.94
CA PHE C 603 23.59 -25.95 22.11
C PHE C 603 22.72 -25.84 23.35
N LEU C 604 23.17 -26.42 24.46
CA LEU C 604 22.37 -26.43 25.68
C LEU C 604 23.26 -26.38 26.91
N GLY C 605 22.82 -25.66 27.94
CA GLY C 605 23.50 -25.70 29.21
C GLY C 605 23.26 -24.52 30.12
N PRO C 606 24.07 -24.35 31.15
CA PRO C 606 23.92 -23.21 32.05
C PRO C 606 24.38 -21.91 31.44
N THR C 607 24.34 -20.84 32.21
CA THR C 607 24.63 -19.52 31.68
C THR C 607 26.11 -19.22 31.76
N GLY C 608 26.68 -18.75 30.65
CA GLY C 608 28.06 -18.33 30.67
C GLY C 608 29.04 -19.48 30.65
N VAL C 609 28.90 -20.34 29.64
CA VAL C 609 29.79 -21.47 29.44
C VAL C 609 30.39 -21.47 28.05
N GLY C 610 30.07 -20.49 27.23
CA GLY C 610 30.80 -20.25 26.00
C GLY C 610 30.05 -20.53 24.73
N LYS C 611 28.72 -20.59 24.82
CA LYS C 611 27.83 -20.85 23.68
C LYS C 611 28.01 -19.78 22.61
N THR C 612 27.72 -18.54 22.97
CA THR C 612 27.98 -17.44 22.08
C THR C 612 29.47 -17.25 21.85
N GLU C 613 30.33 -17.70 22.76
CA GLU C 613 31.75 -17.70 22.44
C GLU C 613 32.11 -18.77 21.42
N LEU C 614 31.43 -19.91 21.44
CA LEU C 614 31.73 -20.90 20.43
C LEU C 614 31.27 -20.43 19.07
N CYS C 615 30.15 -19.71 19.01
CA CYS C 615 29.70 -19.19 17.73
C CYS C 615 30.56 -18.02 17.26
N LYS C 616 30.98 -17.14 18.17
CA LYS C 616 31.88 -16.07 17.80
C LYS C 616 33.27 -16.59 17.47
N ALA C 617 33.67 -17.73 18.03
CA ALA C 617 34.94 -18.31 17.64
C ALA C 617 34.85 -19.00 16.30
N LEU C 618 33.69 -19.58 15.97
CA LEU C 618 33.42 -20.01 14.60
C LEU C 618 33.55 -18.89 13.61
N ALA C 619 32.91 -17.76 13.89
CA ALA C 619 33.00 -16.65 12.95
C ALA C 619 34.42 -16.09 12.88
N ASN C 620 35.13 -16.06 14.00
CA ASN C 620 36.49 -15.52 13.99
C ASN C 620 37.46 -16.48 13.32
N PHE C 621 37.19 -17.78 13.37
CA PHE C 621 37.96 -18.71 12.55
C PHE C 621 37.65 -18.49 11.09
N MET C 622 36.40 -18.66 10.72
CA MET C 622 36.01 -18.91 9.34
C MET C 622 36.01 -17.64 8.51
N PHE C 623 35.80 -16.48 9.13
CA PHE C 623 35.72 -15.22 8.38
C PHE C 623 36.57 -14.12 8.98
N ASP C 624 37.36 -14.41 10.01
CA ASP C 624 38.36 -13.51 10.60
C ASP C 624 37.72 -12.26 11.21
N SER C 625 36.55 -12.40 11.80
CA SER C 625 35.88 -11.36 12.55
C SER C 625 34.80 -12.01 13.41
N ASP C 626 34.59 -11.46 14.60
CA ASP C 626 33.58 -12.03 15.49
C ASP C 626 32.17 -11.77 14.98
N GLU C 627 31.87 -10.52 14.63
CA GLU C 627 30.52 -10.19 14.18
C GLU C 627 30.39 -10.23 12.66
N ALA C 628 30.87 -11.30 12.04
CA ALA C 628 30.55 -11.58 10.65
C ALA C 628 29.75 -12.86 10.66
N MET C 629 28.47 -12.72 10.96
CA MET C 629 27.57 -13.84 11.17
C MET C 629 26.17 -13.29 11.22
N VAL C 630 25.24 -13.97 10.56
CA VAL C 630 23.86 -13.52 10.64
C VAL C 630 23.37 -13.86 12.04
N ARG C 631 23.20 -12.86 12.87
CA ARG C 631 22.79 -13.08 14.25
C ARG C 631 21.34 -12.69 14.42
N ILE C 632 20.52 -13.66 14.77
CA ILE C 632 19.12 -13.44 15.06
C ILE C 632 18.97 -13.62 16.56
N ASP C 633 18.94 -12.53 17.30
CA ASP C 633 18.62 -12.62 18.70
C ASP C 633 17.17 -13.00 18.84
N MET C 634 16.91 -14.26 19.18
CA MET C 634 15.55 -14.76 19.22
C MET C 634 14.82 -14.27 20.36
N SER C 635 15.34 -13.42 21.21
CA SER C 635 14.57 -12.91 22.33
C SER C 635 13.80 -11.67 21.98
N GLU C 636 13.93 -11.15 20.76
CA GLU C 636 12.98 -10.19 20.25
C GLU C 636 11.75 -10.86 19.67
N PHE C 637 11.77 -12.17 19.58
CA PHE C 637 10.80 -12.89 18.76
C PHE C 637 9.76 -13.53 19.65
N MET C 638 9.34 -12.82 20.68
CA MET C 638 8.42 -13.38 21.65
C MET C 638 7.00 -13.47 21.13
N GLU C 639 6.67 -12.71 20.10
CA GLU C 639 5.34 -12.76 19.50
C GLU C 639 5.45 -13.28 18.07
N LYS C 640 4.30 -13.65 17.51
CA LYS C 640 4.20 -14.34 16.23
C LYS C 640 4.29 -13.41 15.03
N HIS C 641 4.92 -12.25 15.18
CA HIS C 641 5.04 -11.28 14.13
C HIS C 641 6.46 -11.24 13.61
N SER C 642 7.37 -11.75 14.41
CA SER C 642 8.76 -11.73 14.03
C SER C 642 9.05 -12.69 12.91
N VAL C 643 8.17 -13.66 12.72
CA VAL C 643 8.04 -14.41 11.48
C VAL C 643 8.10 -13.45 10.30
N SER C 644 7.31 -12.38 10.37
CA SER C 644 7.36 -11.38 9.32
C SER C 644 8.61 -10.56 9.38
N ARG C 645 9.27 -10.44 10.53
CA ARG C 645 10.47 -9.61 10.41
C ARG C 645 11.67 -10.38 9.91
N LEU C 646 11.64 -11.71 9.90
CA LEU C 646 12.72 -12.43 9.22
C LEU C 646 12.38 -12.87 7.80
N VAL C 647 11.13 -13.23 7.47
CA VAL C 647 10.85 -13.54 6.07
C VAL C 647 10.32 -12.37 5.27
N GLY C 648 9.99 -11.25 5.88
CA GLY C 648 9.57 -10.09 5.14
C GLY C 648 8.06 -9.98 5.01
N ALA C 649 7.64 -8.84 4.56
CA ALA C 649 6.23 -8.55 4.42
C ALA C 649 5.65 -9.21 3.18
N PRO C 650 4.38 -9.59 3.21
CA PRO C 650 3.73 -10.13 2.01
C PRO C 650 3.36 -9.02 1.04
N PRO C 651 2.94 -9.35 -0.19
CA PRO C 651 2.53 -8.31 -1.13
C PRO C 651 1.26 -7.60 -0.71
N GLY C 652 1.35 -6.29 -0.61
CA GLY C 652 0.25 -5.46 -0.20
C GLY C 652 0.53 -4.65 1.04
N TYR C 653 1.56 -5.00 1.77
CA TYR C 653 1.80 -4.46 3.09
C TYR C 653 3.05 -3.61 3.06
N VAL C 654 3.49 -3.14 4.23
CA VAL C 654 4.29 -1.94 4.29
C VAL C 654 5.73 -2.21 3.86
N GLY C 655 6.44 -3.06 4.57
CA GLY C 655 7.82 -3.28 4.24
C GLY C 655 8.04 -4.36 3.20
N TYR C 656 7.22 -4.36 2.15
CA TYR C 656 7.33 -5.35 1.10
C TYR C 656 8.59 -5.13 0.28
N GLU C 657 8.74 -3.94 -0.25
CA GLU C 657 9.85 -3.63 -1.13
C GLU C 657 11.10 -3.23 -0.39
N GLU C 658 11.21 -3.64 0.87
CA GLU C 658 12.42 -3.49 1.64
C GLU C 658 12.98 -4.82 2.08
N GLY C 659 12.28 -5.93 1.81
CA GLY C 659 12.81 -7.24 2.01
C GLY C 659 12.61 -7.78 3.41
N GLY C 660 13.04 -9.02 3.59
CA GLY C 660 13.18 -9.59 4.91
C GLY C 660 14.53 -9.28 5.49
N TYR C 661 14.86 -9.94 6.59
CA TYR C 661 16.18 -9.78 7.16
C TYR C 661 17.04 -11.02 7.04
N LEU C 662 16.52 -12.19 7.42
CA LEU C 662 17.30 -13.41 7.29
C LEU C 662 17.54 -13.75 5.83
N THR C 663 16.50 -13.59 5.00
CA THR C 663 16.58 -13.96 3.60
C THR C 663 17.57 -13.09 2.85
N GLU C 664 17.48 -11.77 3.01
CA GLU C 664 18.34 -10.90 2.24
C GLU C 664 19.78 -11.00 2.69
N ALA C 665 20.01 -11.03 4.00
CA ALA C 665 21.37 -11.10 4.52
C ALA C 665 22.04 -12.44 4.30
N VAL C 666 21.29 -13.52 4.10
CA VAL C 666 21.97 -14.74 3.66
C VAL C 666 22.16 -14.73 2.14
N ARG C 667 21.20 -14.22 1.38
CA ARG C 667 21.33 -14.22 -0.07
C ARG C 667 22.45 -13.31 -0.57
N ARG C 668 22.90 -12.33 0.23
CA ARG C 668 24.08 -11.55 -0.13
C ARG C 668 25.32 -12.43 -0.20
N ARG C 669 25.62 -13.11 0.89
CA ARG C 669 26.79 -13.98 0.98
C ARG C 669 26.29 -15.35 1.39
N PRO C 670 26.19 -16.31 0.46
CA PRO C 670 25.46 -17.54 0.75
C PRO C 670 26.18 -18.49 1.69
N TYR C 671 27.42 -18.21 2.04
CA TYR C 671 28.21 -19.05 2.93
C TYR C 671 28.49 -18.26 4.19
N SER C 672 27.79 -18.59 5.26
CA SER C 672 27.89 -17.82 6.47
C SER C 672 27.48 -18.69 7.64
N VAL C 673 27.48 -18.11 8.82
CA VAL C 673 27.06 -18.78 10.05
C VAL C 673 25.82 -18.07 10.54
N ILE C 674 24.81 -18.83 10.94
CA ILE C 674 23.58 -18.25 11.45
C ILE C 674 23.46 -18.60 12.92
N LEU C 675 23.31 -17.58 13.75
CA LEU C 675 23.17 -17.73 15.18
C LEU C 675 21.79 -17.33 15.62
N LEU C 676 21.10 -18.21 16.31
CA LEU C 676 19.79 -17.92 16.86
C LEU C 676 19.95 -17.96 18.37
N ASP C 677 20.39 -16.86 18.96
CA ASP C 677 20.75 -16.90 20.35
C ASP C 677 19.51 -16.74 21.22
N ALA C 678 19.54 -17.41 22.36
CA ALA C 678 18.45 -17.52 23.34
C ALA C 678 17.17 -18.04 22.66
N VAL C 679 17.25 -19.29 22.20
CA VAL C 679 16.19 -19.82 21.37
C VAL C 679 14.98 -20.26 22.18
N GLU C 680 15.08 -20.35 23.51
CA GLU C 680 13.90 -20.65 24.30
C GLU C 680 13.04 -19.43 24.54
N LYS C 681 13.59 -18.24 24.29
CA LYS C 681 12.95 -16.98 24.60
C LYS C 681 12.03 -16.51 23.50
N ALA C 682 11.55 -17.41 22.66
CA ALA C 682 10.69 -17.06 21.54
C ALA C 682 9.33 -17.71 21.72
N HIS C 683 8.41 -17.28 20.89
CA HIS C 683 7.14 -17.95 20.77
C HIS C 683 7.40 -19.32 20.19
N PRO C 684 6.69 -20.36 20.65
CA PRO C 684 7.04 -21.72 20.22
C PRO C 684 6.83 -21.98 18.75
N ASP C 685 5.88 -21.35 18.09
CA ASP C 685 5.76 -21.48 16.65
C ASP C 685 6.40 -20.33 15.89
N VAL C 686 7.63 -20.01 16.23
CA VAL C 686 8.54 -19.30 15.32
C VAL C 686 9.48 -20.32 14.70
N PHE C 687 9.45 -21.55 15.18
CA PHE C 687 10.34 -22.61 14.74
C PHE C 687 9.75 -23.46 13.66
N ASN C 688 8.99 -22.87 12.76
CA ASN C 688 8.49 -23.62 11.63
C ASN C 688 9.09 -23.10 10.33
N ILE C 689 9.39 -21.80 10.33
CA ILE C 689 10.37 -21.20 9.45
C ILE C 689 11.66 -22.03 9.48
N LEU C 690 12.11 -22.36 10.68
CA LEU C 690 13.30 -23.18 10.78
C LEU C 690 13.06 -24.62 10.35
N LEU C 691 11.82 -25.12 10.32
CA LEU C 691 11.59 -26.46 9.77
C LEU C 691 11.99 -26.50 8.31
N GLN C 692 11.54 -25.50 7.55
CA GLN C 692 11.93 -25.42 6.14
C GLN C 692 13.43 -25.24 6.00
N VAL C 693 14.00 -24.36 6.84
CA VAL C 693 15.41 -24.00 6.76
C VAL C 693 16.30 -25.20 7.04
N LEU C 694 16.02 -25.92 8.12
CA LEU C 694 16.89 -27.00 8.52
C LEU C 694 16.63 -28.30 7.77
N ASP C 695 15.46 -28.47 7.16
CA ASP C 695 15.30 -29.70 6.40
C ASP C 695 15.75 -29.55 4.97
N ASP C 696 15.60 -28.38 4.36
CA ASP C 696 15.88 -28.26 2.95
C ASP C 696 16.73 -27.08 2.55
N GLY C 697 17.01 -26.16 3.46
CA GLY C 697 17.79 -25.01 3.10
C GLY C 697 17.06 -23.99 2.29
N ARG C 698 15.74 -24.07 2.17
CA ARG C 698 15.02 -23.11 1.37
C ARG C 698 14.04 -22.34 2.24
N LEU C 699 14.03 -21.03 2.06
CA LEU C 699 13.18 -20.12 2.81
C LEU C 699 12.64 -19.11 1.82
N THR C 700 11.36 -19.17 1.53
CA THR C 700 10.77 -18.27 0.55
C THR C 700 10.35 -16.98 1.24
N ASP C 701 10.88 -15.86 0.79
CA ASP C 701 10.54 -14.61 1.45
C ASP C 701 9.19 -14.05 1.02
N GLY C 702 8.95 -12.77 1.30
CA GLY C 702 7.68 -12.18 0.95
C GLY C 702 7.53 -11.97 -0.54
N GLN C 703 8.55 -11.45 -1.19
CA GLN C 703 8.46 -11.13 -2.61
C GLN C 703 8.35 -12.34 -3.51
N GLY C 704 8.69 -13.53 -3.02
CA GLY C 704 8.45 -14.74 -3.77
C GLY C 704 9.68 -15.49 -4.22
N ARG C 705 10.88 -14.99 -3.95
CA ARG C 705 12.10 -15.63 -4.40
C ARG C 705 12.73 -16.41 -3.25
N THR C 706 13.11 -17.65 -3.51
CA THR C 706 13.46 -18.57 -2.45
C THR C 706 14.95 -18.51 -2.22
N VAL C 707 15.37 -17.99 -1.07
CA VAL C 707 16.76 -17.97 -0.73
C VAL C 707 17.20 -19.37 -0.35
N ASP C 708 18.43 -19.72 -0.70
CA ASP C 708 18.95 -21.07 -0.50
C ASP C 708 19.93 -21.06 0.66
N PHE C 709 19.76 -21.99 1.61
CA PHE C 709 20.58 -22.03 2.82
C PHE C 709 21.41 -23.29 2.90
N ARG C 710 21.71 -23.92 1.80
CA ARG C 710 22.39 -25.20 1.90
C ARG C 710 23.89 -25.06 2.05
N ASN C 711 24.37 -23.88 2.43
CA ASN C 711 25.79 -23.67 2.70
C ASN C 711 26.03 -22.93 4.02
N THR C 712 25.01 -22.76 4.85
CA THR C 712 25.11 -22.00 6.08
C THR C 712 25.06 -22.92 7.29
N VAL C 713 25.67 -22.48 8.38
CA VAL C 713 25.82 -23.30 9.57
C VAL C 713 24.88 -22.75 10.64
N VAL C 714 23.67 -23.31 10.74
CA VAL C 714 22.66 -22.78 11.63
C VAL C 714 22.95 -23.26 13.05
N ILE C 715 23.06 -22.33 13.99
CA ILE C 715 23.42 -22.67 15.37
C ILE C 715 22.39 -22.06 16.31
N MET C 716 21.92 -22.83 17.26
CA MET C 716 20.90 -22.38 18.20
C MET C 716 21.38 -22.62 19.61
N THR C 717 21.67 -21.54 20.32
CA THR C 717 22.02 -21.66 21.73
C THR C 717 20.76 -21.54 22.57
N SER C 718 20.87 -21.96 23.81
CA SER C 718 19.69 -22.10 24.66
C SER C 718 20.14 -22.21 26.11
N ASN C 719 19.20 -22.48 27.01
CA ASN C 719 19.60 -22.90 28.35
C ASN C 719 18.67 -23.95 28.96
N LEU C 720 17.94 -24.69 28.13
CA LEU C 720 16.74 -25.40 28.56
C LEU C 720 16.97 -26.49 29.60
N GLY C 721 18.19 -26.92 29.84
CA GLY C 721 18.38 -27.94 30.84
C GLY C 721 19.33 -27.54 31.94
N SER C 722 19.38 -26.23 32.22
CA SER C 722 20.42 -25.67 33.10
C SER C 722 20.32 -26.22 34.51
N ASP C 723 19.10 -26.36 35.02
CA ASP C 723 18.89 -26.94 36.34
C ASP C 723 19.33 -28.39 36.38
N LEU C 724 18.99 -29.14 35.33
CA LEU C 724 19.28 -30.56 35.29
C LEU C 724 20.77 -30.81 35.10
N ILE C 725 21.42 -30.03 34.24
CA ILE C 725 22.83 -30.23 33.97
C ILE C 725 23.66 -29.79 35.17
N GLN C 726 23.31 -28.65 35.78
CA GLN C 726 23.97 -28.24 37.01
C GLN C 726 23.74 -29.21 38.15
N GLU C 727 22.62 -29.92 38.12
CA GLU C 727 22.40 -30.93 39.14
C GLU C 727 23.22 -32.18 38.92
N ARG C 728 23.38 -32.62 37.66
CA ARG C 728 23.86 -33.98 37.44
C ARG C 728 24.96 -34.12 36.40
N PHE C 729 25.78 -33.10 36.15
CA PHE C 729 26.85 -33.33 35.18
C PHE C 729 27.94 -34.22 35.76
N GLY C 730 28.19 -34.10 37.06
CA GLY C 730 28.92 -35.14 37.74
C GLY C 730 28.12 -36.42 37.81
N GLU C 731 28.85 -37.52 38.05
CA GLU C 731 28.37 -38.91 38.20
C GLU C 731 27.49 -39.39 37.04
N LEU C 732 27.50 -38.73 35.89
CA LEU C 732 26.74 -39.17 34.74
C LEU C 732 27.59 -39.07 33.49
N ASP C 733 27.62 -40.17 32.73
CA ASP C 733 28.23 -40.17 31.41
C ASP C 733 27.48 -39.24 30.47
N TYR C 734 28.18 -38.82 29.42
CA TYR C 734 27.70 -37.76 28.53
C TYR C 734 26.47 -38.19 27.74
N ALA C 735 26.35 -39.48 27.43
CA ALA C 735 25.24 -39.95 26.62
C ALA C 735 23.93 -39.89 27.39
N HIS C 736 23.94 -40.25 28.67
CA HIS C 736 22.71 -40.23 29.45
C HIS C 736 22.25 -38.80 29.73
N MET C 737 23.22 -37.90 29.93
CA MET C 737 22.92 -36.48 30.08
C MET C 737 22.29 -35.93 28.81
N LYS C 738 22.85 -36.27 27.65
CA LYS C 738 22.27 -35.85 26.38
C LYS C 738 20.87 -36.41 26.21
N GLU C 739 20.66 -37.65 26.65
CA GLU C 739 19.34 -38.28 26.57
C GLU C 739 18.32 -37.55 27.43
N LEU C 740 18.70 -37.20 28.66
CA LEU C 740 17.72 -36.66 29.59
C LEU C 740 17.43 -35.19 29.27
N VAL C 741 18.44 -34.42 28.86
CA VAL C 741 18.14 -33.07 28.43
C VAL C 741 17.43 -33.06 27.08
N LEU C 742 17.58 -34.11 26.28
CA LEU C 742 16.78 -34.19 25.07
C LEU C 742 15.34 -34.53 25.40
N GLY C 743 15.11 -35.25 26.51
CA GLY C 743 13.75 -35.38 27.02
C GLY C 743 13.16 -34.05 27.47
N VAL C 744 14.00 -33.19 28.08
CA VAL C 744 13.54 -31.85 28.46
C VAL C 744 13.20 -31.02 27.22
N VAL C 745 14.03 -31.11 26.20
CA VAL C 745 13.77 -30.40 24.94
C VAL C 745 12.50 -30.93 24.28
N SER C 746 12.26 -32.23 24.39
CA SER C 746 11.01 -32.79 23.89
C SER C 746 9.81 -32.29 24.69
N HIS C 747 10.01 -31.93 25.96
CA HIS C 747 8.93 -31.20 26.64
C HIS C 747 8.79 -29.78 26.12
N ASN C 748 9.87 -29.19 25.61
CA ASN C 748 9.76 -27.83 25.06
C ASN C 748 9.20 -27.84 23.64
N PHE C 749 9.92 -28.46 22.71
CA PHE C 749 9.66 -28.30 21.29
C PHE C 749 8.68 -29.36 20.80
N ARG C 750 8.53 -29.43 19.56
CA ARG C 750 7.74 -30.40 18.84
C ARG C 750 8.66 -31.40 18.18
N PRO C 751 8.23 -32.65 17.97
CA PRO C 751 9.15 -33.67 17.47
C PRO C 751 9.54 -33.49 16.03
N GLU C 752 8.89 -32.59 15.31
CA GLU C 752 9.35 -32.19 13.99
C GLU C 752 10.71 -31.53 14.09
N PHE C 753 10.78 -30.42 14.83
CA PHE C 753 11.91 -29.52 14.78
C PHE C 753 13.16 -30.11 15.39
N ILE C 754 13.04 -30.98 16.39
CA ILE C 754 14.22 -31.61 16.94
C ILE C 754 14.57 -32.89 16.22
N ASN C 755 13.81 -33.28 15.22
CA ASN C 755 14.26 -34.35 14.36
C ASN C 755 15.15 -33.81 13.27
N ARG C 756 15.08 -32.51 13.00
CA ARG C 756 15.84 -31.86 11.95
C ARG C 756 17.23 -31.46 12.39
N ILE C 757 17.46 -31.38 13.71
CA ILE C 757 18.73 -30.90 14.24
C ILE C 757 19.84 -31.86 13.89
N ASP C 758 20.98 -31.32 13.48
CA ASP C 758 22.09 -32.18 13.11
C ASP C 758 22.71 -32.84 14.33
N GLU C 759 22.86 -32.08 15.43
CA GLU C 759 23.39 -32.62 16.68
C GLU C 759 23.02 -31.70 17.82
N VAL C 760 22.42 -32.26 18.86
CA VAL C 760 22.17 -31.53 20.10
C VAL C 760 23.31 -31.81 21.05
N VAL C 761 23.99 -30.76 21.52
CA VAL C 761 25.11 -30.94 22.42
C VAL C 761 24.77 -30.34 23.77
N VAL C 762 25.57 -30.69 24.76
CA VAL C 762 25.35 -30.31 26.14
C VAL C 762 26.57 -29.56 26.64
N PHE C 763 26.36 -28.37 27.18
CA PHE C 763 27.47 -27.70 27.80
C PHE C 763 27.42 -27.98 29.29
N HIS C 764 28.54 -27.78 29.96
CA HIS C 764 28.67 -28.21 31.34
C HIS C 764 29.18 -27.10 32.22
N PRO C 765 28.90 -27.13 33.53
CA PRO C 765 29.41 -26.09 34.41
C PRO C 765 30.92 -26.12 34.52
N LEU C 766 31.53 -24.95 34.48
CA LEU C 766 32.97 -24.85 34.37
C LEU C 766 33.65 -25.13 35.71
N GLY C 767 34.73 -25.88 35.67
CA GLY C 767 35.49 -26.20 36.86
C GLY C 767 36.52 -25.09 37.11
N GLU C 768 37.42 -25.33 38.06
CA GLU C 768 38.32 -24.27 38.51
C GLU C 768 39.51 -24.08 37.58
N GLN C 769 39.98 -25.16 36.96
CA GLN C 769 41.03 -25.02 35.96
C GLN C 769 40.50 -24.30 34.72
N HIS C 770 39.22 -24.47 34.42
CA HIS C 770 38.58 -23.71 33.36
C HIS C 770 38.63 -22.22 33.66
N ILE C 771 38.33 -21.85 34.90
CA ILE C 771 38.30 -20.43 35.24
C ILE C 771 39.71 -19.87 35.38
N ALA C 772 40.69 -20.69 35.70
CA ALA C 772 42.08 -20.24 35.62
C ALA C 772 42.47 -19.92 34.17
N SER C 773 42.07 -20.77 33.23
CA SER C 773 42.40 -20.51 31.83
C SER C 773 41.64 -19.31 31.28
N ILE C 774 40.36 -19.16 31.68
CA ILE C 774 39.57 -18.01 31.23
C ILE C 774 40.14 -16.73 31.81
N ALA C 775 40.61 -16.77 33.06
CA ALA C 775 41.24 -15.59 33.65
C ALA C 775 42.51 -15.23 32.89
N GLN C 776 43.23 -16.23 32.40
CA GLN C 776 44.39 -15.95 31.56
C GLN C 776 43.99 -15.28 30.24
N ILE C 777 42.88 -15.72 29.64
CA ILE C 777 42.44 -15.16 28.36
C ILE C 777 41.96 -13.72 28.53
N GLN C 778 41.12 -13.48 29.53
CA GLN C 778 40.60 -12.15 29.80
C GLN C 778 41.71 -11.20 30.20
N LEU C 779 42.73 -11.70 30.90
CA LEU C 779 43.85 -10.84 31.22
C LEU C 779 44.72 -10.55 30.00
N LYS C 780 44.82 -11.49 29.05
CA LYS C 780 45.56 -11.18 27.83
C LYS C 780 44.88 -10.08 27.04
N ARG C 781 43.55 -10.11 26.95
CA ARG C 781 42.91 -9.02 26.22
C ARG C 781 42.92 -7.73 27.04
N LEU C 782 43.00 -7.80 28.36
CA LEU C 782 43.19 -6.59 29.13
C LEU C 782 44.58 -6.00 28.91
N TYR C 783 45.59 -6.87 28.76
CA TYR C 783 46.93 -6.41 28.44
C TYR C 783 46.96 -5.75 27.08
N LYS C 784 46.15 -6.25 26.16
CA LYS C 784 46.09 -5.63 24.84
C LYS C 784 45.40 -4.28 24.90
N ARG C 785 44.35 -4.15 25.73
CA ARG C 785 43.70 -2.85 25.83
C ARG C 785 44.56 -1.81 26.51
N LEU C 786 45.38 -2.20 27.48
CA LEU C 786 46.22 -1.19 28.13
C LEU C 786 47.61 -1.06 27.53
N GLU C 787 47.99 -1.91 26.58
CA GLU C 787 49.26 -1.68 25.91
C GLU C 787 49.16 -0.54 24.92
N GLU C 788 47.95 -0.29 24.39
CA GLU C 788 47.77 0.68 23.34
C GLU C 788 47.97 2.11 23.84
N ARG C 789 47.51 2.38 25.06
CA ARG C 789 47.78 3.68 25.66
C ARG C 789 49.26 3.79 26.05
N GLY C 790 49.92 2.66 26.30
CA GLY C 790 51.36 2.67 26.50
C GLY C 790 51.81 2.06 27.81
N TYR C 791 50.96 1.21 28.39
CA TYR C 791 51.20 0.65 29.71
C TYR C 791 51.43 -0.85 29.61
N GLU C 792 52.50 -1.33 30.25
CA GLU C 792 52.81 -2.75 30.28
C GLU C 792 52.41 -3.32 31.63
N ILE C 793 51.80 -4.49 31.62
CA ILE C 793 51.24 -5.09 32.83
C ILE C 793 51.80 -6.50 32.98
N HIS C 794 52.33 -6.80 34.16
CA HIS C 794 52.52 -8.17 34.60
C HIS C 794 51.57 -8.46 35.75
N ILE C 795 51.66 -9.68 36.28
CA ILE C 795 50.81 -10.09 37.38
C ILE C 795 51.56 -11.10 38.23
N SER C 796 51.33 -11.06 39.53
CA SER C 796 51.82 -12.12 40.39
C SER C 796 50.94 -13.35 40.22
N ASP C 797 51.56 -14.53 40.35
CA ASP C 797 50.78 -15.76 40.32
C ASP C 797 49.93 -15.91 41.56
N GLU C 798 50.30 -15.24 42.66
CA GLU C 798 49.42 -15.19 43.81
C GLU C 798 48.17 -14.36 43.49
N ALA C 799 48.31 -13.32 42.66
CA ALA C 799 47.16 -12.49 42.31
C ALA C 799 46.19 -13.24 41.41
N LEU C 800 46.70 -14.08 40.52
CA LEU C 800 45.83 -14.88 39.67
C LEU C 800 45.07 -15.91 40.49
N LYS C 801 45.64 -16.34 41.61
CA LYS C 801 44.90 -17.18 42.54
C LYS C 801 43.75 -16.43 43.17
N LEU C 802 43.96 -15.15 43.49
CA LEU C 802 42.87 -14.35 44.04
C LEU C 802 41.78 -14.11 43.01
N LEU C 803 42.14 -13.95 41.74
CA LEU C 803 41.11 -13.81 40.71
C LEU C 803 40.36 -15.10 40.50
N SER C 804 41.06 -16.23 40.49
CA SER C 804 40.40 -17.51 40.31
C SER C 804 39.55 -17.91 41.50
N GLU C 805 39.88 -17.45 42.70
CA GLU C 805 39.08 -17.79 43.87
C GLU C 805 37.98 -16.80 44.16
N ASN C 806 38.13 -15.55 43.74
CA ASN C 806 37.08 -14.56 43.94
C ASN C 806 36.07 -14.53 42.82
N GLY C 807 36.33 -15.24 41.73
CA GLY C 807 35.40 -15.28 40.62
C GLY C 807 34.88 -16.66 40.32
N TYR C 808 34.59 -17.44 41.36
CA TYR C 808 34.10 -18.79 41.19
C TYR C 808 32.84 -19.01 42.00
N ASP C 809 31.76 -19.39 41.31
CA ASP C 809 30.58 -19.95 41.92
C ASP C 809 29.95 -20.82 40.85
N PRO C 810 29.37 -21.97 41.22
CA PRO C 810 29.01 -22.95 40.19
C PRO C 810 27.78 -22.60 39.40
N VAL C 811 27.02 -21.58 39.79
CA VAL C 811 25.70 -21.39 39.21
C VAL C 811 25.63 -20.36 38.09
N TYR C 812 26.62 -19.48 37.98
CA TYR C 812 26.56 -18.44 36.97
C TYR C 812 27.62 -18.58 35.89
N GLY C 813 28.34 -19.68 35.89
CA GLY C 813 29.30 -19.89 34.83
C GLY C 813 30.53 -19.02 35.00
N ALA C 814 30.95 -18.37 33.93
CA ALA C 814 32.21 -17.66 33.89
C ALA C 814 32.04 -16.17 33.66
N ARG C 815 30.85 -15.65 33.84
CA ARG C 815 30.73 -14.20 33.96
C ARG C 815 31.14 -13.62 35.30
N PRO C 816 30.89 -14.25 36.48
CA PRO C 816 31.44 -13.66 37.72
C PRO C 816 32.93 -13.55 37.75
N LEU C 817 33.66 -14.41 37.04
CA LEU C 817 35.07 -14.17 36.83
C LEU C 817 35.30 -12.85 36.09
N LYS C 818 34.46 -12.55 35.11
CA LYS C 818 34.67 -11.33 34.34
C LYS C 818 34.39 -10.08 35.16
N ARG C 819 33.31 -10.08 35.95
CA ARG C 819 33.14 -8.87 36.76
C ARG C 819 34.00 -8.87 38.02
N ALA C 820 34.54 -10.01 38.45
CA ALA C 820 35.52 -9.98 39.51
C ALA C 820 36.83 -9.38 39.03
N ILE C 821 37.25 -9.75 37.81
CA ILE C 821 38.36 -9.07 37.14
C ILE C 821 38.09 -7.60 37.03
N GLN C 822 36.87 -7.26 36.59
CA GLN C 822 36.46 -5.88 36.34
C GLN C 822 36.59 -5.02 37.59
N GLN C 823 35.98 -5.47 38.69
CA GLN C 823 36.12 -4.78 39.96
C GLN C 823 37.55 -4.78 40.46
N GLN C 824 38.06 -5.95 40.84
CA GLN C 824 39.29 -6.08 41.61
C GLN C 824 40.54 -5.74 40.82
N ILE C 825 40.45 -5.43 39.53
CA ILE C 825 41.61 -4.84 38.86
C ILE C 825 41.21 -3.50 38.28
N GLU C 826 40.18 -3.50 37.43
CA GLU C 826 39.92 -2.36 36.58
C GLU C 826 39.35 -1.17 37.35
N ASN C 827 38.82 -1.36 38.56
CA ASN C 827 38.42 -0.15 39.24
C ASN C 827 39.60 0.55 39.92
N PRO C 828 40.48 -0.11 40.70
CA PRO C 828 41.65 0.62 41.19
C PRO C 828 42.63 1.01 40.11
N LEU C 829 42.73 0.23 39.03
CA LEU C 829 43.71 0.57 38.00
C LEU C 829 43.28 1.80 37.21
N ALA C 830 42.01 1.88 36.83
CA ALA C 830 41.53 3.09 36.16
C ALA C 830 41.40 4.24 37.15
N GLN C 831 41.25 3.93 38.43
CA GLN C 831 41.37 4.97 39.47
C GLN C 831 42.75 5.59 39.46
N GLN C 832 43.78 4.77 39.30
CA GLN C 832 45.14 5.27 39.35
C GLN C 832 45.59 5.90 38.03
N ILE C 833 45.10 5.41 36.90
CA ILE C 833 45.54 5.93 35.61
C ILE C 833 45.01 7.35 35.41
N LEU C 834 43.74 7.58 35.74
CA LEU C 834 43.22 8.94 35.75
C LEU C 834 43.86 9.81 36.82
N SER C 835 44.39 9.22 37.88
CA SER C 835 45.04 10.01 38.91
C SER C 835 46.40 10.55 38.49
N GLY C 836 46.96 10.08 37.38
CA GLY C 836 48.31 10.42 37.03
C GLY C 836 49.35 9.77 37.90
N GLU C 837 48.97 8.76 38.68
CA GLU C 837 49.90 8.10 39.56
C GLU C 837 50.81 7.15 38.80
N LEU C 838 50.31 6.57 37.72
CA LEU C 838 51.02 5.53 36.99
C LEU C 838 51.46 6.09 35.64
N VAL C 839 52.75 6.38 35.54
CA VAL C 839 53.36 6.90 34.31
C VAL C 839 53.68 5.72 33.39
N PRO C 840 53.51 5.86 32.07
CA PRO C 840 53.89 4.77 31.15
C PRO C 840 55.38 4.46 31.16
N GLY C 841 55.72 3.37 30.48
CA GLY C 841 57.09 2.93 30.42
C GLY C 841 57.42 1.88 31.47
N LYS C 842 57.20 2.21 32.74
CA LYS C 842 57.48 1.26 33.80
C LYS C 842 56.40 0.19 33.85
N VAL C 843 56.83 -1.04 34.14
CA VAL C 843 55.92 -2.18 34.11
C VAL C 843 55.03 -2.16 35.33
N ILE C 844 53.72 -2.12 35.11
CA ILE C 844 52.74 -2.11 36.18
C ILE C 844 52.60 -3.53 36.68
N ARG C 845 53.16 -3.83 37.85
CA ARG C 845 53.01 -5.15 38.42
C ARG C 845 51.73 -5.21 39.24
N LEU C 846 51.10 -6.38 39.21
CA LEU C 846 49.86 -6.62 39.93
C LEU C 846 50.19 -7.55 41.11
N GLU C 847 50.52 -6.95 42.23
CA GLU C 847 50.81 -7.68 43.45
C GLU C 847 49.66 -7.51 44.42
N VAL C 848 49.66 -8.36 45.44
CA VAL C 848 48.54 -8.41 46.36
C VAL C 848 48.90 -7.71 47.66
N ASN C 849 47.88 -7.17 48.29
CA ASN C 849 47.89 -6.89 49.72
C ASN C 849 47.30 -8.10 50.43
N GLU C 850 46.90 -7.93 51.69
CA GLU C 850 46.30 -9.01 52.45
C GLU C 850 44.99 -9.49 51.84
N ASP C 851 44.21 -8.57 51.27
CA ASP C 851 43.05 -8.95 50.47
C ASP C 851 42.91 -8.17 49.18
N ARG C 852 43.64 -7.07 48.98
CA ARG C 852 43.51 -6.28 47.77
C ARG C 852 44.55 -6.73 46.74
N ILE C 853 44.46 -6.13 45.56
CA ILE C 853 45.46 -6.29 44.52
C ILE C 853 45.90 -4.88 44.14
N VAL C 854 47.11 -4.51 44.52
CA VAL C 854 47.57 -3.15 44.34
C VAL C 854 48.55 -3.11 43.17
N ALA C 855 48.58 -1.99 42.48
CA ALA C 855 49.53 -1.76 41.40
C ALA C 855 50.71 -0.96 41.93
N VAL C 856 51.91 -1.34 41.50
CA VAL C 856 53.14 -0.67 41.94
C VAL C 856 53.87 -0.12 40.72
N GLN C 857 54.86 0.72 41.00
CA GLN C 857 55.66 1.38 39.97
C GLN C 857 57.14 1.23 40.32
N HIS C 858 57.80 0.26 39.69
CA HIS C 858 59.23 0.06 39.88
C HIS C 858 59.89 -0.35 38.57
N GLN D 159 -6.64 11.92 -55.72
CA GLN D 159 -7.59 11.04 -55.05
C GLN D 159 -7.02 10.48 -53.76
N ALA D 160 -7.61 10.89 -52.64
CA ALA D 160 -7.10 10.45 -51.34
C ALA D 160 -7.50 9.02 -51.04
N LEU D 161 -8.69 8.61 -51.47
CA LEU D 161 -9.23 7.30 -51.10
C LEU D 161 -8.44 6.16 -51.71
N LYS D 162 -7.74 6.39 -52.82
CA LYS D 162 -6.91 5.34 -53.38
C LYS D 162 -5.62 5.20 -52.59
N LYS D 163 -5.12 6.28 -52.01
CA LYS D 163 -3.81 6.22 -51.37
C LYS D 163 -3.88 5.67 -49.96
N TYR D 164 -5.02 5.78 -49.29
CA TYR D 164 -5.02 5.55 -47.85
C TYR D 164 -6.07 4.53 -47.40
N THR D 165 -6.68 3.79 -48.31
CA THR D 165 -7.70 2.81 -47.94
C THR D 165 -7.40 1.47 -48.61
N ILE D 166 -7.61 0.41 -47.86
CA ILE D 166 -7.55 -0.96 -48.37
C ILE D 166 -8.97 -1.32 -48.76
N ASP D 167 -9.20 -1.66 -50.02
CA ASP D 167 -10.52 -2.11 -50.41
C ASP D 167 -10.72 -3.52 -49.92
N LEU D 168 -11.84 -3.77 -49.24
CA LEU D 168 -12.16 -5.14 -48.88
C LEU D 168 -12.96 -5.85 -49.95
N THR D 169 -13.87 -5.15 -50.64
CA THR D 169 -14.70 -5.80 -51.65
C THR D 169 -13.90 -6.22 -52.86
N GLU D 170 -12.85 -5.49 -53.22
CA GLU D 170 -11.95 -5.93 -54.28
C GLU D 170 -11.23 -7.20 -53.87
N ARG D 171 -10.88 -7.33 -52.59
CA ARG D 171 -10.25 -8.55 -52.13
C ARG D 171 -11.25 -9.70 -52.04
N ALA D 172 -12.52 -9.39 -51.79
CA ALA D 172 -13.52 -10.44 -51.75
C ALA D 172 -13.88 -10.92 -53.14
N GLU D 173 -13.80 -10.02 -54.12
CA GLU D 173 -14.12 -10.37 -55.49
C GLU D 173 -13.06 -11.27 -56.08
N GLN D 174 -11.82 -11.15 -55.62
CA GLN D 174 -10.71 -11.92 -56.12
C GLN D 174 -10.38 -13.10 -55.22
N GLY D 175 -11.24 -13.39 -54.25
CA GLY D 175 -11.03 -14.54 -53.40
C GLY D 175 -9.91 -14.39 -52.40
N LYS D 176 -9.48 -13.17 -52.12
CA LYS D 176 -8.41 -12.98 -51.15
C LYS D 176 -8.92 -12.93 -49.71
N LEU D 177 -10.17 -13.27 -49.46
CA LEU D 177 -10.70 -13.27 -48.11
C LEU D 177 -11.24 -14.65 -47.77
N ASP D 178 -11.07 -15.02 -46.52
CA ASP D 178 -11.49 -16.33 -46.06
C ASP D 178 -13.00 -16.38 -45.92
N PRO D 179 -13.60 -17.56 -46.01
CA PRO D 179 -15.05 -17.67 -45.81
C PRO D 179 -15.43 -17.37 -44.39
N VAL D 180 -16.64 -16.84 -44.24
CA VAL D 180 -17.17 -16.45 -42.93
C VAL D 180 -18.44 -17.23 -42.68
N ILE D 181 -18.52 -17.86 -41.52
CA ILE D 181 -19.54 -18.84 -41.20
C ILE D 181 -20.19 -18.46 -39.90
N GLY D 182 -21.51 -18.50 -39.84
CA GLY D 182 -22.19 -18.06 -38.65
C GLY D 182 -22.17 -16.55 -38.59
N ARG D 183 -22.21 -16.03 -37.36
CA ARG D 183 -22.33 -14.60 -37.08
C ARG D 183 -23.48 -13.99 -37.87
N ASP D 184 -24.62 -14.66 -37.84
CA ASP D 184 -25.75 -14.18 -38.60
C ASP D 184 -26.28 -12.88 -38.00
N GLU D 185 -26.54 -12.91 -36.70
CA GLU D 185 -27.25 -11.82 -36.07
C GLU D 185 -26.36 -10.58 -35.94
N GLU D 186 -25.05 -10.77 -35.79
CA GLU D 186 -24.16 -9.62 -35.67
C GLU D 186 -23.97 -8.91 -37.00
N ILE D 187 -23.93 -9.65 -38.10
CA ILE D 187 -23.89 -9.00 -39.40
C ILE D 187 -25.23 -8.35 -39.71
N ARG D 188 -26.33 -8.96 -39.27
CA ARG D 188 -27.64 -8.35 -39.47
C ARG D 188 -27.77 -7.06 -38.68
N ARG D 189 -27.26 -7.04 -37.46
CA ARG D 189 -27.33 -5.81 -36.69
C ARG D 189 -26.36 -4.77 -37.22
N THR D 190 -25.24 -5.21 -37.82
CA THR D 190 -24.35 -4.27 -38.50
C THR D 190 -25.02 -3.61 -39.69
N ILE D 191 -25.77 -4.40 -40.46
CA ILE D 191 -26.52 -3.85 -41.59
C ILE D 191 -27.59 -2.88 -41.10
N GLN D 192 -28.23 -3.20 -39.97
CA GLN D 192 -29.22 -2.30 -39.39
C GLN D 192 -28.61 -0.97 -38.98
N VAL D 193 -27.50 -1.01 -38.24
CA VAL D 193 -26.94 0.21 -37.70
C VAL D 193 -26.30 1.04 -38.82
N LEU D 194 -25.83 0.42 -39.89
CA LEU D 194 -25.35 1.19 -41.02
C LEU D 194 -26.46 1.90 -41.77
N GLN D 195 -27.68 1.39 -41.73
CA GLN D 195 -28.79 2.02 -42.45
C GLN D 195 -29.68 2.84 -41.53
N ARG D 196 -29.12 3.88 -40.93
CA ARG D 196 -29.90 4.80 -40.12
C ARG D 196 -29.74 6.21 -40.68
N ARG D 197 -30.30 7.19 -39.99
CA ARG D 197 -30.10 8.56 -40.45
C ARG D 197 -29.06 9.31 -39.62
N THR D 198 -29.10 9.14 -38.31
CA THR D 198 -28.04 9.61 -37.43
C THR D 198 -27.46 8.40 -36.72
N LYS D 199 -26.17 8.50 -36.38
CA LYS D 199 -25.40 7.43 -35.74
C LYS D 199 -25.41 6.17 -36.61
N ASN D 200 -24.73 6.28 -37.74
CA ASN D 200 -24.51 5.18 -38.66
C ASN D 200 -23.26 4.40 -38.35
N ASN D 201 -22.92 4.28 -37.09
CA ASN D 201 -21.56 3.96 -36.70
C ASN D 201 -21.53 2.76 -35.75
N PRO D 202 -21.52 1.55 -36.28
CA PRO D 202 -21.37 0.39 -35.42
C PRO D 202 -19.91 0.16 -35.10
N VAL D 203 -19.65 -0.21 -33.85
CA VAL D 203 -18.33 -0.65 -33.44
C VAL D 203 -18.48 -2.06 -32.89
N LEU D 204 -17.67 -2.98 -33.40
CA LEU D 204 -17.77 -4.37 -33.01
C LEU D 204 -16.88 -4.60 -31.80
N ILE D 205 -17.49 -4.98 -30.68
CA ILE D 205 -16.83 -5.04 -29.39
C ILE D 205 -16.90 -6.47 -28.88
N GLY D 206 -15.75 -7.05 -28.59
CA GLY D 206 -15.67 -8.37 -28.00
C GLY D 206 -14.23 -8.68 -27.70
N GLU D 207 -14.03 -9.76 -26.95
CA GLU D 207 -12.69 -10.16 -26.55
C GLU D 207 -11.90 -10.59 -27.78
N PRO D 208 -10.58 -10.41 -27.79
CA PRO D 208 -9.84 -10.65 -29.03
C PRO D 208 -9.71 -12.10 -29.43
N GLY D 209 -10.29 -12.45 -30.57
CA GLY D 209 -10.20 -13.78 -31.10
C GLY D 209 -11.53 -14.24 -31.64
N VAL D 210 -12.58 -13.47 -31.39
CA VAL D 210 -13.91 -13.85 -31.80
C VAL D 210 -14.24 -13.40 -33.21
N GLY D 211 -13.32 -12.71 -33.88
CA GLY D 211 -13.51 -12.38 -35.27
C GLY D 211 -14.36 -11.13 -35.46
N LYS D 212 -13.95 -10.06 -34.81
CA LYS D 212 -14.53 -8.76 -35.07
C LYS D 212 -14.08 -8.17 -36.40
N THR D 213 -13.07 -8.75 -37.04
CA THR D 213 -12.72 -8.42 -38.39
C THR D 213 -13.37 -9.38 -39.38
N ALA D 214 -13.59 -10.63 -38.96
CA ALA D 214 -14.24 -11.61 -39.82
C ALA D 214 -15.69 -11.25 -40.08
N ILE D 215 -16.34 -10.55 -39.17
CA ILE D 215 -17.72 -10.14 -39.38
C ILE D 215 -17.79 -9.09 -40.48
N VAL D 216 -16.87 -8.15 -40.48
CA VAL D 216 -16.83 -7.16 -41.56
C VAL D 216 -16.44 -7.80 -42.88
N GLU D 217 -15.53 -8.78 -42.85
CA GLU D 217 -15.18 -9.43 -44.11
C GLU D 217 -16.31 -10.31 -44.61
N GLY D 218 -17.14 -10.84 -43.72
CA GLY D 218 -18.35 -11.51 -44.16
C GLY D 218 -19.36 -10.55 -44.73
N LEU D 219 -19.43 -9.34 -44.19
CA LEU D 219 -20.28 -8.31 -44.79
C LEU D 219 -19.80 -7.93 -46.17
N ALA D 220 -18.48 -7.87 -46.36
CA ALA D 220 -17.94 -7.56 -47.68
C ALA D 220 -18.23 -8.69 -48.67
N GLN D 221 -18.14 -9.94 -48.22
CA GLN D 221 -18.49 -11.04 -49.11
C GLN D 221 -19.99 -11.11 -49.37
N ARG D 222 -20.81 -10.63 -48.45
CA ARG D 222 -22.25 -10.59 -48.74
C ARG D 222 -22.61 -9.46 -49.70
N ILE D 223 -21.89 -8.34 -49.65
CA ILE D 223 -22.13 -7.28 -50.62
C ILE D 223 -21.68 -7.72 -52.01
N ILE D 224 -20.53 -8.39 -52.09
CA ILE D 224 -20.02 -8.82 -53.40
C ILE D 224 -20.90 -9.92 -53.99
N ASN D 225 -21.32 -10.88 -53.19
CA ASN D 225 -22.12 -11.96 -53.74
C ASN D 225 -23.59 -11.62 -53.85
N GLY D 226 -23.99 -10.38 -53.54
CA GLY D 226 -25.36 -9.94 -53.70
C GLY D 226 -26.33 -10.65 -52.78
N GLU D 227 -25.98 -10.70 -51.50
CA GLU D 227 -26.73 -11.47 -50.51
C GLU D 227 -27.28 -10.57 -49.42
N VAL D 228 -27.55 -9.32 -49.78
CA VAL D 228 -27.83 -8.24 -48.84
C VAL D 228 -29.22 -7.69 -49.13
N PRO D 229 -29.79 -6.81 -48.31
CA PRO D 229 -30.95 -6.04 -48.77
C PRO D 229 -30.62 -5.16 -49.95
N GLU D 230 -31.66 -4.71 -50.66
CA GLU D 230 -31.49 -4.00 -51.91
C GLU D 230 -30.82 -2.65 -51.77
N GLY D 231 -30.78 -2.09 -50.56
CA GLY D 231 -30.08 -0.84 -50.36
C GLY D 231 -28.58 -0.97 -50.48
N LEU D 232 -28.03 -2.13 -50.12
CA LEU D 232 -26.59 -2.31 -50.06
C LEU D 232 -25.99 -2.81 -51.37
N LYS D 233 -26.80 -3.18 -52.33
CA LYS D 233 -26.27 -3.76 -53.57
C LYS D 233 -25.60 -2.66 -54.37
N GLY D 234 -24.30 -2.49 -54.17
CA GLY D 234 -23.55 -1.47 -54.86
C GLY D 234 -22.55 -0.77 -53.99
N ARG D 235 -22.54 -1.10 -52.70
CA ARG D 235 -21.66 -0.43 -51.77
C ARG D 235 -20.20 -0.85 -51.98
N ARG D 236 -19.30 -0.01 -51.50
CA ARG D 236 -17.89 -0.32 -51.40
C ARG D 236 -17.52 -0.31 -49.91
N VAL D 237 -16.74 -1.28 -49.47
CA VAL D 237 -16.31 -1.35 -48.09
C VAL D 237 -14.82 -1.10 -48.08
N LEU D 238 -14.44 0.11 -47.73
CA LEU D 238 -13.05 0.54 -47.72
C LEU D 238 -12.52 0.46 -46.31
N ALA D 239 -11.44 -0.29 -46.12
CA ALA D 239 -10.79 -0.39 -44.82
C ALA D 239 -9.82 0.77 -44.69
N LEU D 240 -10.12 1.68 -43.78
CA LEU D 240 -9.26 2.83 -43.57
C LEU D 240 -7.99 2.40 -42.86
N ASP D 241 -6.86 2.97 -43.29
CA ASP D 241 -5.55 2.59 -42.78
C ASP D 241 -4.96 3.79 -42.05
N MET D 242 -4.91 3.70 -40.72
CA MET D 242 -4.32 4.76 -39.91
C MET D 242 -2.83 4.91 -40.17
N GLY D 243 -2.17 3.82 -40.54
CA GLY D 243 -0.73 3.82 -40.68
C GLY D 243 -0.25 4.74 -41.79
N ALA D 244 -0.95 4.75 -42.91
CA ALA D 244 -0.54 5.59 -44.03
C ALA D 244 -0.76 7.07 -43.74
N LEU D 245 -1.93 7.37 -43.16
CA LEU D 245 -2.31 8.73 -42.80
C LEU D 245 -1.32 9.35 -41.83
N VAL D 246 -0.86 8.58 -40.84
CA VAL D 246 0.16 9.18 -39.99
C VAL D 246 1.51 9.10 -40.67
N ALA D 247 1.74 8.08 -41.50
CA ALA D 247 3.07 7.76 -42.01
C ALA D 247 3.60 8.77 -43.00
N GLY D 248 2.75 9.60 -43.57
CA GLY D 248 3.34 10.63 -44.40
C GLY D 248 3.56 11.99 -43.76
N ALA D 249 2.76 12.30 -42.73
CA ALA D 249 2.55 13.69 -42.31
C ALA D 249 3.75 14.23 -41.54
N LYS D 250 4.76 14.67 -42.28
CA LYS D 250 5.89 15.33 -41.67
C LYS D 250 5.53 16.74 -41.22
N TYR D 251 5.04 17.56 -42.14
CA TYR D 251 4.79 18.97 -41.87
C TYR D 251 3.55 19.14 -41.01
N ARG D 252 3.40 20.35 -40.46
CA ARG D 252 2.26 20.66 -39.61
C ARG D 252 0.99 20.73 -40.44
N GLY D 253 -0.10 20.25 -39.87
CA GLY D 253 -1.39 20.32 -40.52
C GLY D 253 -1.60 19.37 -41.67
N GLU D 254 -0.59 18.59 -42.05
CA GLU D 254 -0.73 17.69 -43.19
C GLU D 254 -1.58 16.48 -42.85
N PHE D 255 -1.55 16.04 -41.59
CA PHE D 255 -2.40 14.93 -41.18
C PHE D 255 -3.87 15.32 -41.19
N GLU D 256 -4.18 16.50 -40.64
CA GLU D 256 -5.54 17.01 -40.70
C GLU D 256 -5.96 17.27 -42.13
N GLU D 257 -5.01 17.65 -42.98
CA GLU D 257 -5.30 17.85 -44.41
C GLU D 257 -5.68 16.54 -45.07
N ARG D 258 -4.95 15.45 -44.77
CA ARG D 258 -5.29 14.16 -45.37
C ARG D 258 -6.61 13.65 -44.84
N LEU D 259 -6.87 13.84 -43.56
CA LEU D 259 -8.11 13.35 -43.00
C LEU D 259 -9.30 14.14 -43.53
N LYS D 260 -9.15 15.45 -43.68
CA LYS D 260 -10.20 16.28 -44.25
C LYS D 260 -10.39 15.96 -45.74
N GLY D 261 -9.31 15.64 -46.44
CA GLY D 261 -9.44 15.23 -47.83
C GLY D 261 -10.18 13.93 -47.98
N VAL D 262 -9.93 12.99 -47.08
CA VAL D 262 -10.66 11.72 -47.10
C VAL D 262 -12.13 11.95 -46.76
N LEU D 263 -12.42 12.85 -45.82
CA LEU D 263 -13.81 13.13 -45.48
C LEU D 263 -14.55 13.81 -46.62
N ASN D 264 -13.90 14.75 -47.32
CA ASN D 264 -14.55 15.37 -48.47
C ASN D 264 -14.71 14.38 -49.61
N ASP D 265 -13.73 13.51 -49.83
CA ASP D 265 -13.85 12.56 -50.91
C ASP D 265 -14.80 11.42 -50.59
N LEU D 266 -15.15 11.23 -49.32
CA LEU D 266 -16.25 10.34 -48.99
C LEU D 266 -17.58 11.06 -49.08
N ALA D 267 -17.59 12.37 -48.85
CA ALA D 267 -18.80 13.14 -49.11
C ALA D 267 -19.11 13.20 -50.59
N LYS D 268 -18.09 13.11 -51.44
CA LYS D 268 -18.31 13.12 -52.87
C LYS D 268 -18.87 11.79 -53.36
N GLN D 269 -18.59 10.70 -52.64
CA GLN D 269 -19.12 9.39 -53.04
C GLN D 269 -20.61 9.27 -52.77
N GLU D 270 -21.15 10.10 -51.88
CA GLU D 270 -22.59 10.21 -51.58
C GLU D 270 -23.16 8.88 -51.09
N GLY D 271 -22.66 8.44 -49.94
CA GLY D 271 -23.19 7.26 -49.29
C GLY D 271 -22.83 5.95 -49.92
N ASN D 272 -22.02 5.96 -50.97
CA ASN D 272 -21.70 4.71 -51.66
C ASN D 272 -20.72 3.87 -50.85
N VAL D 273 -19.89 4.51 -50.03
CA VAL D 273 -18.79 3.84 -49.36
C VAL D 273 -19.13 3.62 -47.90
N ILE D 274 -19.05 2.38 -47.46
CA ILE D 274 -19.04 2.05 -46.04
C ILE D 274 -17.59 2.02 -45.59
N LEU D 275 -17.26 2.81 -44.58
CA LEU D 275 -15.88 2.93 -44.13
C LEU D 275 -15.64 1.98 -42.96
N PHE D 276 -14.48 1.34 -42.96
CA PHE D 276 -14.15 0.31 -41.97
C PHE D 276 -12.85 0.68 -41.27
N ILE D 277 -12.95 1.06 -40.00
CA ILE D 277 -11.74 1.40 -39.27
C ILE D 277 -11.50 0.33 -38.23
N ASP D 278 -10.72 -0.69 -38.57
CA ASP D 278 -10.33 -1.61 -37.51
C ASP D 278 -9.28 -0.96 -36.65
N ALA D 279 -9.18 -1.44 -35.41
CA ALA D 279 -8.50 -0.77 -34.32
C ALA D 279 -8.98 0.68 -34.24
N LEU D 280 -10.25 0.81 -33.88
CA LEU D 280 -10.89 2.12 -33.80
C LEU D 280 -10.20 3.02 -32.78
N HIS D 281 -9.59 2.45 -31.76
CA HIS D 281 -8.87 3.23 -30.77
C HIS D 281 -7.60 3.85 -31.32
N THR D 282 -7.12 3.41 -32.47
CA THR D 282 -5.98 4.07 -33.10
C THR D 282 -6.38 5.43 -33.66
N MET D 283 -7.66 5.58 -34.02
CA MET D 283 -8.16 6.85 -34.53
C MET D 283 -8.23 7.91 -33.43
N VAL D 284 -8.28 7.49 -32.17
CA VAL D 284 -8.68 8.39 -31.08
C VAL D 284 -7.63 9.47 -30.83
N GLY D 285 -6.36 9.08 -30.74
CA GLY D 285 -5.34 10.09 -30.56
C GLY D 285 -4.26 10.05 -31.62
N ALA D 286 -4.18 11.08 -32.47
CA ALA D 286 -3.15 11.11 -33.48
C ALA D 286 -2.55 12.51 -33.64
N GLY D 287 -2.50 13.29 -32.57
CA GLY D 287 -1.94 14.62 -32.60
C GLY D 287 -2.46 15.52 -31.50
N MET D 293 -9.44 19.14 -34.15
CA MET D 293 -8.14 19.06 -33.49
C MET D 293 -7.22 18.07 -34.18
N ASP D 294 -7.31 16.77 -33.89
CA ASP D 294 -6.37 15.81 -34.47
C ASP D 294 -7.02 14.73 -35.31
N ALA D 295 -7.78 13.79 -34.73
CA ALA D 295 -8.37 12.74 -35.55
C ALA D 295 -9.70 12.26 -35.01
N GLY D 296 -10.08 12.75 -33.83
CA GLY D 296 -11.33 12.34 -33.23
C GLY D 296 -12.24 13.52 -33.08
N ASN D 297 -11.65 14.69 -32.85
CA ASN D 297 -12.44 15.91 -32.78
C ASN D 297 -12.90 16.37 -34.14
N MET D 298 -12.23 15.92 -35.21
CA MET D 298 -12.65 16.30 -36.54
C MET D 298 -13.89 15.52 -36.96
N LEU D 299 -13.89 14.22 -36.72
CA LEU D 299 -15.02 13.38 -37.08
C LEU D 299 -16.14 13.44 -36.06
N LYS D 300 -15.94 14.13 -34.95
CA LYS D 300 -16.96 14.18 -33.90
C LYS D 300 -18.24 14.93 -34.32
N PRO D 301 -18.20 16.03 -35.08
CA PRO D 301 -19.49 16.49 -35.64
C PRO D 301 -19.96 15.65 -36.80
N ALA D 302 -19.05 15.16 -37.62
CA ALA D 302 -19.43 14.44 -38.83
C ALA D 302 -19.91 13.02 -38.56
N LEU D 303 -19.96 12.58 -37.32
CA LEU D 303 -20.49 11.25 -37.01
C LEU D 303 -21.83 11.28 -36.32
N ALA D 304 -22.19 12.33 -35.58
CA ALA D 304 -23.60 12.49 -35.23
C ALA D 304 -24.33 13.37 -36.22
N ARG D 305 -24.11 13.13 -37.51
CA ARG D 305 -24.99 13.57 -38.57
C ARG D 305 -25.20 12.42 -39.54
N GLY D 306 -24.70 11.24 -39.19
CA GLY D 306 -24.91 10.01 -39.92
C GLY D 306 -24.22 9.94 -41.26
N GLU D 307 -23.42 10.94 -41.62
CA GLU D 307 -22.98 11.06 -43.00
C GLU D 307 -21.81 10.15 -43.31
N LEU D 308 -20.91 9.98 -42.36
CA LEU D 308 -19.85 9.00 -42.49
C LEU D 308 -20.31 7.68 -41.90
N HIS D 309 -20.16 6.60 -42.66
CA HIS D 309 -20.72 5.29 -42.30
C HIS D 309 -19.68 4.38 -41.69
N CYS D 310 -18.85 4.92 -40.81
CA CYS D 310 -17.75 4.20 -40.18
C CYS D 310 -18.18 2.92 -39.48
N VAL D 311 -17.42 1.85 -39.68
CA VAL D 311 -17.62 0.59 -38.98
C VAL D 311 -16.35 0.34 -38.18
N GLY D 312 -16.40 0.61 -36.89
CA GLY D 312 -15.26 0.32 -36.05
C GLY D 312 -15.23 -1.14 -35.67
N ALA D 313 -14.08 -1.54 -35.11
CA ALA D 313 -13.95 -2.89 -34.58
C ALA D 313 -12.82 -2.85 -33.55
N THR D 314 -13.18 -2.84 -32.28
CA THR D 314 -12.20 -2.67 -31.23
C THR D 314 -12.35 -3.75 -30.17
N THR D 315 -11.33 -3.84 -29.33
CA THR D 315 -11.28 -4.83 -28.28
C THR D 315 -12.29 -4.47 -27.19
N LEU D 316 -12.54 -5.43 -26.29
CA LEU D 316 -13.47 -5.17 -25.20
C LEU D 316 -12.89 -4.19 -24.20
N ASP D 317 -11.56 -4.14 -24.07
CA ASP D 317 -10.93 -3.23 -23.14
C ASP D 317 -10.17 -2.08 -23.78
N GLU D 318 -9.81 -2.16 -25.05
CA GLU D 318 -9.40 -0.94 -25.74
C GLU D 318 -10.55 0.05 -25.86
N TYR D 319 -11.79 -0.43 -25.87
CA TYR D 319 -12.93 0.46 -25.86
C TYR D 319 -13.02 1.21 -24.55
N ARG D 320 -12.87 0.50 -23.43
CA ARG D 320 -12.94 1.14 -22.13
C ARG D 320 -11.79 2.10 -21.91
N GLN D 321 -10.58 1.68 -22.23
CA GLN D 321 -9.42 2.49 -21.93
C GLN D 321 -9.25 3.63 -22.89
N TYR D 322 -9.77 3.53 -24.11
CA TYR D 322 -9.43 4.52 -25.11
C TYR D 322 -10.61 5.29 -25.67
N ILE D 323 -11.82 4.76 -25.65
CA ILE D 323 -12.96 5.41 -26.26
C ILE D 323 -13.99 5.86 -25.22
N GLU D 324 -14.18 5.09 -24.15
CA GLU D 324 -14.97 5.61 -23.04
C GLU D 324 -14.23 6.63 -22.18
N LYS D 325 -13.03 7.06 -22.59
CA LYS D 325 -12.35 8.13 -21.89
C LYS D 325 -13.08 9.45 -22.09
N ASP D 326 -13.66 9.67 -23.28
CA ASP D 326 -14.43 10.87 -23.57
C ASP D 326 -15.79 10.45 -24.10
N ALA D 327 -16.85 10.87 -23.41
CA ALA D 327 -18.17 10.32 -23.65
C ALA D 327 -18.84 10.85 -24.92
N ALA D 328 -18.31 11.93 -25.51
CA ALA D 328 -18.85 12.41 -26.78
C ALA D 328 -18.59 11.40 -27.89
N LEU D 329 -17.34 10.97 -28.04
CA LEU D 329 -17.03 9.93 -29.01
C LEU D 329 -17.63 8.59 -28.61
N GLU D 330 -17.89 8.38 -27.33
CA GLU D 330 -18.55 7.15 -26.93
C GLU D 330 -20.01 7.15 -27.37
N ARG D 331 -20.68 8.29 -27.31
CA ARG D 331 -22.06 8.27 -27.77
C ARG D 331 -22.18 8.42 -29.27
N ARG D 332 -21.09 8.74 -29.98
CA ARG D 332 -21.18 8.71 -31.43
C ARG D 332 -21.38 7.32 -32.01
N PHE D 333 -21.03 6.27 -31.27
CA PHE D 333 -20.99 4.91 -31.80
C PHE D 333 -22.03 4.02 -31.13
N GLN D 334 -22.58 3.11 -31.90
CA GLN D 334 -23.43 2.05 -31.37
C GLN D 334 -22.62 0.78 -31.15
N LYS D 335 -22.71 0.21 -29.96
CA LYS D 335 -22.01 -1.02 -29.66
C LYS D 335 -22.69 -2.17 -30.37
N VAL D 336 -21.89 -3.08 -30.94
CA VAL D 336 -22.39 -4.37 -31.40
C VAL D 336 -21.55 -5.41 -30.68
N PHE D 337 -22.13 -6.06 -29.67
CA PHE D 337 -21.37 -6.97 -28.84
C PHE D 337 -21.17 -8.29 -29.57
N VAL D 338 -19.96 -8.53 -30.05
CA VAL D 338 -19.60 -9.76 -30.72
C VAL D 338 -19.11 -10.74 -29.66
N ALA D 339 -19.87 -11.79 -29.41
CA ALA D 339 -19.56 -12.71 -28.32
C ALA D 339 -18.81 -13.93 -28.84
N GLU D 340 -18.18 -14.63 -27.89
CA GLU D 340 -17.41 -15.82 -28.19
C GLU D 340 -18.30 -16.91 -28.76
N PRO D 341 -17.86 -17.65 -29.77
CA PRO D 341 -18.66 -18.76 -30.27
C PRO D 341 -18.69 -19.90 -29.27
N SER D 342 -19.65 -20.79 -29.49
CA SER D 342 -19.77 -21.98 -28.68
C SER D 342 -18.82 -23.05 -29.19
N VAL D 343 -19.01 -24.30 -28.80
CA VAL D 343 -18.16 -25.34 -29.34
C VAL D 343 -18.61 -25.70 -30.75
N GLU D 344 -19.92 -25.82 -30.98
CA GLU D 344 -20.40 -26.27 -32.28
C GLU D 344 -20.25 -25.21 -33.36
N ASP D 345 -20.32 -23.94 -32.98
CA ASP D 345 -19.98 -22.87 -33.90
C ASP D 345 -18.54 -22.96 -34.33
N THR D 346 -17.64 -23.30 -33.39
CA THR D 346 -16.24 -23.49 -33.73
C THR D 346 -16.06 -24.67 -34.66
N ILE D 347 -16.87 -25.71 -34.48
CA ILE D 347 -16.82 -26.87 -35.37
C ILE D 347 -17.21 -26.48 -36.79
N ALA D 348 -18.28 -25.70 -36.94
CA ALA D 348 -18.73 -25.33 -38.29
C ALA D 348 -17.75 -24.38 -38.98
N ILE D 349 -17.24 -23.41 -38.22
CA ILE D 349 -16.21 -22.49 -38.72
C ILE D 349 -14.98 -23.26 -39.15
N LEU D 350 -14.60 -24.29 -38.38
CA LEU D 350 -13.51 -25.13 -38.79
C LEU D 350 -13.84 -26.03 -39.95
N ARG D 351 -15.11 -26.26 -40.27
CA ARG D 351 -15.38 -27.04 -41.48
C ARG D 351 -15.13 -26.22 -42.74
N GLY D 352 -15.61 -24.97 -42.76
CA GLY D 352 -15.27 -24.10 -43.88
C GLY D 352 -13.77 -23.82 -43.98
N LEU D 353 -13.15 -23.54 -42.85
CA LEU D 353 -11.72 -23.34 -42.91
C LEU D 353 -10.95 -24.64 -43.08
N LYS D 354 -11.56 -25.81 -42.82
CA LYS D 354 -10.94 -27.07 -43.19
C LYS D 354 -10.71 -27.14 -44.67
N GLU D 355 -11.75 -26.78 -45.43
CA GLU D 355 -11.59 -26.67 -46.88
C GLU D 355 -10.45 -25.72 -47.25
N ARG D 356 -10.38 -24.56 -46.58
CA ARG D 356 -9.33 -23.61 -46.97
C ARG D 356 -7.92 -24.06 -46.59
N TYR D 357 -7.72 -24.57 -45.37
CA TYR D 357 -6.38 -24.97 -44.95
C TYR D 357 -5.93 -26.26 -45.63
N GLU D 358 -6.86 -27.12 -46.05
CA GLU D 358 -6.46 -28.25 -46.89
C GLU D 358 -5.98 -27.77 -48.24
N LEU D 359 -6.62 -26.74 -48.80
CA LEU D 359 -6.07 -26.20 -50.05
C LEU D 359 -4.76 -25.48 -49.85
N HIS D 360 -4.44 -25.03 -48.63
CA HIS D 360 -3.13 -24.42 -48.43
C HIS D 360 -2.02 -25.45 -48.20
N HIS D 361 -2.11 -26.20 -47.10
CA HIS D 361 -0.99 -27.06 -46.69
C HIS D 361 -0.92 -28.38 -47.43
N HIS D 362 -1.83 -28.63 -48.38
CA HIS D 362 -1.87 -29.84 -49.20
C HIS D 362 -1.97 -31.12 -48.37
N VAL D 363 -2.64 -31.07 -47.22
CA VAL D 363 -2.88 -32.28 -46.46
C VAL D 363 -4.38 -32.49 -46.35
N GLN D 364 -4.79 -33.56 -45.70
CA GLN D 364 -6.20 -33.86 -45.50
C GLN D 364 -6.50 -33.72 -44.03
N ILE D 365 -7.62 -33.06 -43.72
CA ILE D 365 -8.02 -32.81 -42.35
C ILE D 365 -9.28 -33.61 -42.08
N THR D 366 -9.16 -34.63 -41.25
CA THR D 366 -10.29 -35.48 -40.97
C THR D 366 -11.23 -34.76 -40.01
N ASP D 367 -12.52 -34.99 -40.16
CA ASP D 367 -13.51 -34.30 -39.33
C ASP D 367 -13.46 -34.63 -37.83
N PRO D 368 -13.07 -35.86 -37.41
CA PRO D 368 -12.70 -36.04 -36.01
C PRO D 368 -11.58 -35.14 -35.51
N ALA D 369 -10.65 -34.71 -36.39
CA ALA D 369 -9.67 -33.74 -35.92
C ALA D 369 -10.30 -32.39 -35.66
N ILE D 370 -11.37 -32.05 -36.39
CA ILE D 370 -12.05 -30.79 -36.14
C ILE D 370 -12.80 -30.83 -34.81
N VAL D 371 -13.56 -31.91 -34.57
CA VAL D 371 -14.33 -31.94 -33.33
C VAL D 371 -13.38 -32.08 -32.12
N ALA D 372 -12.24 -32.75 -32.31
CA ALA D 372 -11.29 -32.82 -31.21
C ALA D 372 -10.54 -31.51 -31.01
N ALA D 373 -10.31 -30.74 -32.08
CA ALA D 373 -9.67 -29.45 -31.91
C ALA D 373 -10.55 -28.49 -31.16
N ALA D 374 -11.85 -28.50 -31.47
CA ALA D 374 -12.80 -27.66 -30.75
C ALA D 374 -12.89 -28.06 -29.29
N THR D 375 -13.04 -29.36 -29.00
CA THR D 375 -13.23 -29.80 -27.63
C THR D 375 -11.97 -29.60 -26.80
N LEU D 376 -10.81 -30.04 -27.31
CA LEU D 376 -9.59 -29.95 -26.54
C LEU D 376 -9.11 -28.51 -26.38
N SER D 377 -9.31 -27.67 -27.38
CA SER D 377 -8.93 -26.28 -27.17
C SER D 377 -9.90 -25.55 -26.29
N HIS D 378 -11.16 -25.99 -26.23
CA HIS D 378 -12.06 -25.39 -25.26
C HIS D 378 -11.70 -25.79 -23.86
N ARG D 379 -11.20 -27.00 -23.69
CA ARG D 379 -10.90 -27.48 -22.34
C ARG D 379 -9.57 -26.96 -21.84
N TYR D 380 -8.49 -27.19 -22.58
CA TYR D 380 -7.18 -27.00 -21.98
C TYR D 380 -6.58 -25.61 -22.17
N ILE D 381 -6.65 -25.06 -23.37
CA ILE D 381 -6.02 -23.77 -23.60
C ILE D 381 -6.90 -22.71 -22.96
N ALA D 382 -6.50 -22.28 -21.77
CA ALA D 382 -7.33 -21.38 -20.97
C ALA D 382 -7.04 -19.91 -21.22
N ASP D 383 -6.01 -19.61 -21.99
CA ASP D 383 -5.64 -18.22 -22.17
C ASP D 383 -6.49 -17.57 -23.24
N ARG D 384 -6.56 -18.18 -24.41
CA ARG D 384 -7.13 -17.61 -25.61
C ARG D 384 -8.51 -18.19 -25.87
N GLN D 385 -9.07 -17.82 -27.03
CA GLN D 385 -10.51 -17.96 -27.26
C GLN D 385 -10.81 -18.57 -28.61
N LEU D 386 -11.99 -19.14 -28.67
CA LEU D 386 -12.55 -19.78 -29.84
C LEU D 386 -13.00 -18.71 -30.81
N PRO D 387 -12.98 -19.00 -32.12
CA PRO D 387 -12.56 -20.19 -32.83
C PRO D 387 -11.07 -20.15 -33.10
N ASP D 388 -10.42 -19.13 -32.55
CA ASP D 388 -9.08 -18.79 -32.96
C ASP D 388 -8.05 -19.81 -32.50
N LYS D 389 -8.14 -20.25 -31.24
CA LYS D 389 -7.20 -21.26 -30.77
C LYS D 389 -7.46 -22.61 -31.41
N ALA D 390 -8.69 -22.88 -31.84
CA ALA D 390 -8.92 -24.12 -32.54
C ALA D 390 -8.37 -24.08 -33.96
N ILE D 391 -8.41 -22.90 -34.58
CA ILE D 391 -7.75 -22.70 -35.85
C ILE D 391 -6.25 -22.82 -35.70
N ASP D 392 -5.70 -22.40 -34.55
CA ASP D 392 -4.28 -22.61 -34.30
C ASP D 392 -3.92 -24.07 -34.19
N LEU D 393 -4.76 -24.86 -33.52
CA LEU D 393 -4.51 -26.30 -33.45
C LEU D 393 -4.57 -26.95 -34.83
N ILE D 394 -5.58 -26.58 -35.65
CA ILE D 394 -5.71 -27.17 -36.98
C ILE D 394 -4.54 -26.78 -37.88
N ASP D 395 -4.17 -25.50 -37.86
CA ASP D 395 -3.12 -25.03 -38.75
C ASP D 395 -1.77 -25.58 -38.34
N GLU D 396 -1.50 -25.67 -37.05
CA GLU D 396 -0.20 -26.14 -36.64
C GLU D 396 -0.09 -27.66 -36.76
N ALA D 397 -1.19 -28.39 -36.61
CA ALA D 397 -1.18 -29.82 -36.90
C ALA D 397 -0.96 -30.09 -38.38
N ALA D 398 -1.58 -29.30 -39.25
CA ALA D 398 -1.32 -29.43 -40.67
C ALA D 398 0.12 -29.09 -41.02
N SER D 399 0.72 -28.13 -40.31
CA SER D 399 2.14 -27.84 -40.52
C SER D 399 3.01 -29.01 -40.11
N SER D 400 2.63 -29.70 -39.03
CA SER D 400 3.36 -30.88 -38.59
C SER D 400 3.30 -31.99 -39.63
N ILE D 401 2.11 -32.24 -40.17
CA ILE D 401 1.96 -33.29 -41.18
C ILE D 401 2.66 -32.93 -42.47
N ARG D 402 2.67 -31.65 -42.84
CA ARG D 402 3.35 -31.29 -44.07
C ARG D 402 4.86 -31.39 -43.93
N MET D 403 5.40 -31.08 -42.74
CA MET D 403 6.82 -31.29 -42.52
C MET D 403 7.19 -32.77 -42.50
N GLN D 404 6.31 -33.61 -41.95
CA GLN D 404 6.64 -35.04 -41.93
C GLN D 404 6.58 -35.65 -43.33
N ILE D 405 5.65 -35.19 -44.17
CA ILE D 405 5.63 -35.66 -45.55
C ILE D 405 6.84 -35.16 -46.31
N ASP D 406 7.27 -33.92 -46.03
CA ASP D 406 8.31 -33.29 -46.84
C ASP D 406 9.68 -33.92 -46.59
N SER D 407 10.20 -33.79 -45.37
CA SER D 407 11.56 -34.29 -45.12
C SER D 407 11.55 -35.78 -44.78
N LYS D 408 10.97 -36.14 -43.61
CA LYS D 408 10.99 -37.47 -43.01
C LYS D 408 10.13 -37.44 -41.74
N PRO D 409 9.74 -38.58 -41.17
CA PRO D 409 8.93 -38.55 -39.93
C PRO D 409 9.69 -38.03 -38.73
N GLU D 410 8.96 -37.90 -37.63
CA GLU D 410 9.54 -37.32 -36.42
C GLU D 410 10.49 -38.25 -35.72
N GLU D 411 10.19 -39.56 -35.69
CA GLU D 411 11.08 -40.48 -34.98
C GLU D 411 12.44 -40.59 -35.66
N LEU D 412 12.45 -40.54 -36.99
CA LEU D 412 13.72 -40.48 -37.69
C LEU D 412 14.44 -39.16 -37.45
N ASP D 413 13.71 -38.07 -37.24
CA ASP D 413 14.38 -36.80 -36.94
C ASP D 413 14.96 -36.77 -35.53
N ARG D 414 14.21 -37.31 -34.55
CA ARG D 414 14.71 -37.46 -33.19
C ARG D 414 16.00 -38.27 -33.17
N LEU D 415 15.97 -39.45 -33.81
CA LEU D 415 17.14 -40.32 -33.78
C LEU D 415 18.26 -39.77 -34.64
N ASP D 416 17.94 -39.03 -35.69
CA ASP D 416 18.95 -38.40 -36.54
C ASP D 416 19.73 -37.35 -35.76
N ARG D 417 19.01 -36.45 -35.08
CA ARG D 417 19.70 -35.43 -34.31
C ARG D 417 20.40 -36.02 -33.10
N ARG D 418 19.87 -37.10 -32.53
CA ARG D 418 20.55 -37.69 -31.39
C ARG D 418 21.84 -38.40 -31.81
N ILE D 419 21.84 -39.06 -32.96
CA ILE D 419 23.08 -39.73 -33.36
C ILE D 419 24.09 -38.74 -33.89
N ILE D 420 23.66 -37.62 -34.48
CA ILE D 420 24.67 -36.63 -34.86
C ILE D 420 25.18 -35.90 -33.62
N GLN D 421 24.35 -35.81 -32.58
CA GLN D 421 24.77 -35.24 -31.32
C GLN D 421 25.82 -36.11 -30.64
N LEU D 422 25.54 -37.41 -30.55
CA LEU D 422 26.51 -38.30 -29.93
C LEU D 422 27.72 -38.54 -30.82
N LYS D 423 27.62 -38.26 -32.13
CA LYS D 423 28.80 -38.29 -32.97
C LYS D 423 29.70 -37.10 -32.69
N LEU D 424 29.11 -35.90 -32.55
CA LEU D 424 29.87 -34.74 -32.10
C LEU D 424 30.45 -34.94 -30.71
N GLU D 425 29.72 -35.65 -29.85
CA GLU D 425 30.20 -35.83 -28.48
C GLU D 425 31.26 -36.93 -28.39
N GLN D 426 31.22 -37.93 -29.26
CA GLN D 426 32.32 -38.88 -29.35
C GLN D 426 33.56 -38.24 -29.94
N GLN D 427 33.38 -37.31 -30.89
CA GLN D 427 34.50 -36.48 -31.33
C GLN D 427 35.02 -35.59 -30.20
N ALA D 428 34.13 -35.15 -29.31
CA ALA D 428 34.54 -34.29 -28.21
C ALA D 428 35.26 -35.06 -27.12
N LEU D 429 34.98 -36.36 -26.97
CA LEU D 429 35.64 -37.19 -25.97
C LEU D 429 36.76 -38.04 -26.54
N MET D 430 37.55 -37.49 -27.46
CA MET D 430 38.74 -38.19 -27.96
C MET D 430 39.91 -37.98 -27.01
N LEU D 441 35.96 -43.98 -19.70
CA LEU D 441 35.63 -42.58 -19.46
C LEU D 441 34.42 -42.20 -20.29
N ASP D 442 34.32 -42.76 -21.49
CA ASP D 442 33.21 -42.49 -22.40
C ASP D 442 31.87 -42.97 -21.86
N MET D 443 31.71 -44.30 -21.81
CA MET D 443 30.42 -44.98 -21.58
C MET D 443 29.32 -44.42 -22.48
N LEU D 444 29.67 -44.15 -23.73
CA LEU D 444 28.82 -43.42 -24.66
C LEU D 444 28.61 -44.24 -25.91
N ASN D 445 29.64 -45.02 -26.26
CA ASN D 445 29.62 -45.82 -27.49
C ASN D 445 28.57 -46.91 -27.43
N GLU D 446 28.26 -47.39 -26.22
CA GLU D 446 27.10 -48.27 -26.02
C GLU D 446 25.81 -47.56 -26.40
N GLU D 447 25.64 -46.33 -25.89
CA GLU D 447 24.42 -45.58 -26.15
C GLU D 447 24.32 -45.15 -27.61
N LEU D 448 25.46 -44.75 -28.19
CA LEU D 448 25.49 -44.41 -29.60
C LEU D 448 25.20 -45.61 -30.48
N SER D 449 25.70 -46.79 -30.10
CA SER D 449 25.43 -48.00 -30.86
C SER D 449 23.95 -48.37 -30.80
N ASP D 450 23.33 -48.18 -29.62
CA ASP D 450 21.90 -48.44 -29.47
C ASP D 450 21.08 -47.50 -30.34
N LYS D 451 21.41 -46.21 -30.32
CA LYS D 451 20.63 -45.26 -31.11
C LYS D 451 20.89 -45.38 -32.61
N GLU D 452 22.11 -45.78 -33.01
CA GLU D 452 22.38 -46.00 -34.43
C GLU D 452 21.64 -47.23 -34.94
N ARG D 453 21.58 -48.30 -34.11
CA ARG D 453 20.77 -49.46 -34.45
C ARG D 453 19.29 -49.09 -34.58
N GLN D 454 18.79 -48.26 -33.68
CA GLN D 454 17.37 -47.93 -33.73
C GLN D 454 17.04 -47.00 -34.89
N TYR D 455 17.97 -46.10 -35.24
CA TYR D 455 17.78 -45.25 -36.42
C TYR D 455 17.83 -46.07 -37.69
N SER D 456 18.69 -47.08 -37.75
CA SER D 456 18.70 -47.98 -38.90
C SER D 456 17.40 -48.78 -39.00
N GLU D 457 16.86 -49.22 -37.85
CA GLU D 457 15.61 -49.96 -37.83
C GLU D 457 14.45 -49.12 -38.34
N LEU D 458 14.32 -47.89 -37.82
CA LEU D 458 13.21 -47.06 -38.26
C LEU D 458 13.43 -46.52 -39.67
N GLU D 459 14.69 -46.38 -40.11
CA GLU D 459 14.93 -46.02 -41.50
C GLU D 459 14.51 -47.13 -42.45
N GLU D 460 14.78 -48.38 -42.08
CA GLU D 460 14.39 -49.49 -42.94
C GLU D 460 12.89 -49.73 -42.88
N GLU D 461 12.25 -49.45 -41.73
CA GLU D 461 10.79 -49.54 -41.67
C GLU D 461 10.14 -48.43 -42.51
N TRP D 462 10.75 -47.24 -42.51
CA TRP D 462 10.25 -46.15 -43.35
C TRP D 462 10.46 -46.45 -44.83
N LYS D 463 11.52 -47.20 -45.17
CA LYS D 463 11.63 -47.70 -46.53
C LYS D 463 10.58 -48.76 -46.82
N ALA D 464 10.24 -49.58 -45.82
CA ALA D 464 9.33 -50.70 -46.02
C ALA D 464 7.88 -50.26 -46.20
N GLU D 465 7.49 -49.13 -45.62
CA GLU D 465 6.17 -48.57 -45.84
C GLU D 465 6.21 -47.46 -46.89
N LYS D 466 7.05 -47.63 -47.90
CA LYS D 466 7.21 -46.65 -48.96
C LYS D 466 7.32 -47.35 -50.30
N LEU D 527 2.59 -44.63 -42.29
CA LEU D 527 3.14 -43.34 -41.92
C LEU D 527 2.04 -42.38 -41.48
N ARG D 528 2.20 -41.11 -41.87
CA ARG D 528 1.20 -40.08 -41.59
C ARG D 528 1.08 -39.19 -42.81
N ASN D 529 -0.13 -39.07 -43.34
CA ASN D 529 -0.39 -38.13 -44.42
C ASN D 529 -1.75 -37.45 -44.33
N LYS D 530 -2.44 -37.55 -43.19
CA LYS D 530 -3.65 -36.78 -42.94
C LYS D 530 -3.54 -36.08 -41.60
N VAL D 531 -4.63 -35.48 -41.15
CA VAL D 531 -4.70 -34.89 -39.82
C VAL D 531 -5.80 -35.65 -39.08
N THR D 532 -5.40 -36.61 -38.26
CA THR D 532 -6.36 -37.27 -37.39
C THR D 532 -6.48 -36.44 -36.11
N ASP D 533 -7.23 -36.96 -35.14
CA ASP D 533 -7.31 -36.27 -33.85
C ASP D 533 -6.05 -36.44 -33.02
N ALA D 534 -5.25 -37.47 -33.32
CA ALA D 534 -4.03 -37.71 -32.55
C ALA D 534 -3.00 -36.62 -32.79
N GLU D 535 -2.98 -36.05 -34.00
CA GLU D 535 -2.13 -34.90 -34.23
C GLU D 535 -2.61 -33.68 -33.46
N ILE D 536 -3.92 -33.58 -33.24
CA ILE D 536 -4.43 -32.48 -32.42
C ILE D 536 -4.00 -32.65 -30.98
N ALA D 537 -4.02 -33.88 -30.47
CA ALA D 537 -3.50 -34.13 -29.13
C ALA D 537 -1.99 -33.87 -29.05
N GLU D 538 -1.25 -34.14 -30.12
CA GLU D 538 0.18 -33.85 -30.09
C GLU D 538 0.46 -32.36 -30.06
N VAL D 539 -0.26 -31.58 -30.87
CA VAL D 539 0.02 -30.14 -30.87
C VAL D 539 -0.54 -29.50 -29.62
N LEU D 540 -1.56 -30.08 -29.00
CA LEU D 540 -2.02 -29.55 -27.73
C LEU D 540 -1.02 -29.83 -26.62
N ALA D 541 -0.42 -31.01 -26.61
CA ALA D 541 0.60 -31.31 -25.62
C ALA D 541 1.84 -30.46 -25.83
N ARG D 542 2.20 -30.13 -27.07
CA ARG D 542 3.35 -29.25 -27.21
C ARG D 542 3.01 -27.79 -27.01
N TRP D 543 1.75 -27.39 -27.17
CA TRP D 543 1.38 -26.00 -26.92
C TRP D 543 1.40 -25.79 -25.42
N THR D 544 0.48 -26.47 -24.73
CA THR D 544 0.26 -26.16 -23.34
C THR D 544 1.31 -26.80 -22.46
N GLY D 545 1.35 -28.12 -22.44
CA GLY D 545 2.30 -28.81 -21.59
C GLY D 545 1.67 -30.01 -20.94
N ILE D 546 0.36 -30.06 -20.96
CA ILE D 546 -0.39 -31.20 -20.43
C ILE D 546 -0.19 -32.40 -21.35
N PRO D 547 0.15 -33.56 -20.84
CA PRO D 547 0.28 -34.75 -21.70
C PRO D 547 -1.08 -35.35 -22.05
N VAL D 548 -1.69 -34.76 -23.08
CA VAL D 548 -2.97 -35.27 -23.59
C VAL D 548 -2.75 -36.39 -24.60
N SER D 549 -1.54 -36.45 -25.18
CA SER D 549 -1.25 -37.27 -26.34
C SER D 549 -1.46 -38.74 -26.09
N ARG D 550 -1.61 -39.51 -27.17
CA ARG D 550 -1.83 -40.94 -27.06
C ARG D 550 -0.59 -41.62 -26.50
N MET D 551 -0.81 -42.75 -25.85
CA MET D 551 0.24 -43.37 -25.05
C MET D 551 1.24 -44.06 -25.96
N MET D 552 2.36 -43.37 -26.22
CA MET D 552 3.53 -44.02 -26.78
C MET D 552 4.01 -45.10 -25.81
N GLU D 553 4.61 -46.14 -26.39
CA GLU D 553 4.73 -47.41 -25.67
C GLU D 553 5.71 -47.36 -24.51
N SER D 554 6.80 -46.59 -24.64
CA SER D 554 7.73 -46.46 -23.53
C SER D 554 7.09 -45.74 -22.34
N GLU D 555 6.25 -44.75 -22.63
CA GLU D 555 5.54 -44.05 -21.56
C GLU D 555 4.55 -44.96 -20.86
N ARG D 556 3.89 -45.84 -21.61
CA ARG D 556 2.93 -46.74 -20.99
C ARG D 556 3.63 -47.82 -20.18
N GLU D 557 4.78 -48.30 -20.65
CA GLU D 557 5.57 -49.24 -19.87
C GLU D 557 6.08 -48.62 -18.59
N LYS D 558 6.49 -47.35 -18.65
CA LYS D 558 6.89 -46.63 -17.45
C LYS D 558 5.72 -46.45 -16.50
N LEU D 559 4.57 -46.09 -17.03
CA LEU D 559 3.44 -45.69 -16.23
C LEU D 559 2.70 -46.87 -15.65
N LEU D 560 2.92 -48.07 -16.17
CA LEU D 560 2.48 -49.26 -15.46
C LEU D 560 3.43 -49.62 -14.33
N ARG D 561 4.67 -49.16 -14.40
CA ARG D 561 5.65 -49.37 -13.34
C ARG D 561 5.76 -48.16 -12.44
N MET D 562 4.65 -47.43 -12.26
CA MET D 562 4.59 -46.33 -11.32
C MET D 562 4.95 -46.79 -9.92
N GLU D 563 4.28 -47.84 -9.45
CA GLU D 563 4.49 -48.41 -8.13
C GLU D 563 5.80 -49.21 -8.02
N GLN D 564 6.62 -49.21 -9.06
CA GLN D 564 7.98 -49.72 -9.01
C GLN D 564 8.99 -48.61 -9.13
N GLU D 565 8.74 -47.60 -9.97
CA GLU D 565 9.64 -46.47 -10.09
C GLU D 565 9.53 -45.52 -8.91
N LEU D 566 8.51 -45.64 -8.06
CA LEU D 566 8.49 -44.83 -6.85
C LEU D 566 9.27 -45.46 -5.73
N HIS D 567 9.27 -46.78 -5.61
CA HIS D 567 9.94 -47.42 -4.48
C HIS D 567 11.44 -47.50 -4.64
N HIS D 568 12.00 -46.98 -5.72
CA HIS D 568 13.44 -46.82 -5.78
C HIS D 568 13.91 -45.61 -4.99
N ARG D 569 13.00 -44.75 -4.53
CA ARG D 569 13.35 -43.63 -3.66
C ARG D 569 12.52 -43.54 -2.41
N VAL D 570 11.33 -44.15 -2.37
CA VAL D 570 10.47 -44.14 -1.20
C VAL D 570 10.20 -45.60 -0.87
N ILE D 571 10.96 -46.16 0.02
CA ILE D 571 10.74 -47.55 0.38
C ILE D 571 9.76 -47.59 1.54
N GLY D 572 8.97 -48.65 1.60
CA GLY D 572 7.84 -48.68 2.48
C GLY D 572 6.71 -47.84 1.95
N GLN D 573 5.68 -47.68 2.79
CA GLN D 573 4.53 -46.77 2.59
C GLN D 573 3.79 -47.10 1.30
N ASN D 574 3.18 -48.29 1.28
CA ASN D 574 2.53 -48.75 0.06
C ASN D 574 1.23 -48.02 -0.24
N GLU D 575 0.60 -47.45 0.78
CA GLU D 575 -0.78 -46.97 0.63
C GLU D 575 -0.84 -45.73 -0.24
N ALA D 576 -0.04 -44.73 0.07
CA ALA D 576 -0.10 -43.53 -0.75
C ALA D 576 0.61 -43.71 -2.08
N VAL D 577 1.50 -44.69 -2.18
CA VAL D 577 2.04 -45.04 -3.50
C VAL D 577 0.92 -45.56 -4.38
N ASP D 578 0.04 -46.40 -3.82
CA ASP D 578 -1.16 -46.85 -4.52
C ASP D 578 -2.06 -45.69 -4.91
N ALA D 579 -2.29 -44.77 -3.96
CA ALA D 579 -3.21 -43.66 -4.20
C ALA D 579 -2.69 -42.70 -5.25
N VAL D 580 -1.42 -42.30 -5.14
CA VAL D 580 -0.79 -41.41 -6.11
C VAL D 580 -0.76 -42.04 -7.49
N SER D 581 -0.38 -43.31 -7.55
CA SER D 581 -0.28 -44.03 -8.80
C SER D 581 -1.62 -44.11 -9.49
N ASN D 582 -2.67 -44.40 -8.74
CA ASN D 582 -3.99 -44.51 -9.33
C ASN D 582 -4.51 -43.16 -9.77
N ALA D 583 -4.13 -42.09 -9.09
CA ALA D 583 -4.53 -40.76 -9.54
C ALA D 583 -3.92 -40.42 -10.88
N ILE D 584 -2.63 -40.70 -11.06
CA ILE D 584 -2.01 -40.32 -12.32
C ILE D 584 -2.44 -41.27 -13.43
N ARG D 585 -2.71 -42.53 -13.12
CA ARG D 585 -3.23 -43.42 -14.15
C ARG D 585 -4.68 -43.09 -14.52
N ARG D 586 -5.46 -42.54 -13.59
CA ARG D 586 -6.77 -42.02 -13.97
C ARG D 586 -6.64 -40.85 -14.91
N SER D 587 -5.67 -39.97 -14.65
CA SER D 587 -5.58 -38.78 -15.47
C SER D 587 -5.03 -39.07 -16.86
N ARG D 588 -4.18 -40.09 -17.01
CA ARG D 588 -3.70 -40.39 -18.34
C ARG D 588 -4.69 -41.19 -19.17
N ALA D 589 -5.52 -41.99 -18.53
CA ALA D 589 -6.47 -42.79 -19.28
C ALA D 589 -7.69 -42.00 -19.73
N GLY D 590 -7.82 -40.76 -19.31
CA GLY D 590 -8.98 -39.97 -19.69
C GLY D 590 -10.20 -40.38 -18.92
N LEU D 591 -10.07 -40.51 -17.60
CA LEU D 591 -11.22 -40.79 -16.75
C LEU D 591 -11.32 -39.82 -15.59
N ALA D 592 -10.54 -38.76 -15.57
CA ALA D 592 -10.58 -37.83 -14.47
C ALA D 592 -11.81 -36.93 -14.60
N ASP D 593 -12.26 -36.41 -13.47
CA ASP D 593 -13.29 -35.39 -13.49
C ASP D 593 -12.65 -34.09 -13.97
N PRO D 594 -13.05 -33.55 -15.12
CA PRO D 594 -12.38 -32.37 -15.64
C PRO D 594 -12.84 -31.06 -15.02
N ASN D 595 -13.67 -31.09 -13.97
CA ASN D 595 -13.99 -29.91 -13.21
C ASN D 595 -13.17 -29.81 -11.93
N ARG D 596 -12.27 -30.75 -11.69
CA ARG D 596 -11.48 -30.82 -10.48
C ARG D 596 -10.04 -31.10 -10.89
N PRO D 597 -9.07 -30.84 -10.01
CA PRO D 597 -7.69 -31.21 -10.32
C PRO D 597 -7.50 -32.72 -10.37
N ILE D 598 -6.32 -33.11 -10.85
CA ILE D 598 -5.98 -34.53 -11.00
C ILE D 598 -6.01 -35.22 -9.65
N GLY D 599 -5.34 -34.64 -8.67
CA GLY D 599 -5.32 -35.24 -7.36
C GLY D 599 -5.21 -34.22 -6.25
N SER D 600 -6.10 -34.30 -5.29
CA SER D 600 -6.09 -33.42 -4.14
C SER D 600 -5.87 -34.28 -2.91
N PHE D 601 -4.63 -34.42 -2.48
CA PHE D 601 -4.27 -35.38 -1.45
C PHE D 601 -4.07 -34.73 -0.10
N LEU D 602 -3.90 -35.57 0.92
CA LEU D 602 -3.52 -35.10 2.23
C LEU D 602 -2.76 -36.22 2.93
N PHE D 603 -1.55 -35.92 3.39
CA PHE D 603 -0.66 -36.94 3.94
C PHE D 603 -0.62 -36.81 5.45
N LEU D 604 -0.86 -37.90 6.15
CA LEU D 604 -0.87 -37.92 7.61
C LEU D 604 0.04 -39.03 8.10
N GLY D 605 0.69 -38.80 9.23
CA GLY D 605 1.62 -39.76 9.77
C GLY D 605 2.72 -39.06 10.51
N PRO D 606 3.55 -39.79 11.23
CA PRO D 606 4.55 -39.14 12.07
C PRO D 606 5.71 -38.55 11.27
N THR D 607 6.75 -38.08 11.96
CA THR D 607 7.87 -37.49 11.24
C THR D 607 8.75 -38.57 10.63
N GLY D 608 9.43 -38.21 9.56
CA GLY D 608 10.42 -39.07 8.95
C GLY D 608 9.88 -40.36 8.36
N VAL D 609 8.73 -40.31 7.71
CA VAL D 609 8.14 -41.51 7.12
C VAL D 609 7.97 -41.42 5.61
N GLY D 610 8.23 -40.27 5.00
CA GLY D 610 8.21 -40.23 3.55
C GLY D 610 7.08 -39.46 2.92
N LYS D 611 6.72 -38.31 3.47
CA LYS D 611 5.73 -37.45 2.84
C LYS D 611 6.36 -36.58 1.76
N THR D 612 7.27 -35.71 2.19
CA THR D 612 7.99 -34.86 1.25
C THR D 612 8.85 -35.69 0.32
N GLU D 613 9.29 -36.88 0.73
CA GLU D 613 9.99 -37.76 -0.19
C GLU D 613 9.08 -38.35 -1.24
N LEU D 614 7.84 -38.64 -0.89
CA LEU D 614 6.91 -39.12 -1.92
C LEU D 614 6.62 -38.01 -2.92
N CYS D 615 6.53 -36.77 -2.46
CA CYS D 615 6.31 -35.68 -3.40
C CYS D 615 7.56 -35.42 -4.26
N LYS D 616 8.74 -35.51 -3.68
CA LYS D 616 9.95 -35.32 -4.47
C LYS D 616 10.17 -36.46 -5.44
N ALA D 617 9.74 -37.67 -5.08
CA ALA D 617 9.83 -38.77 -6.01
C ALA D 617 8.78 -38.66 -7.10
N LEU D 618 7.62 -38.06 -6.80
CA LEU D 618 6.69 -37.73 -7.87
C LEU D 618 7.29 -36.75 -8.86
N ALA D 619 7.95 -35.72 -8.37
CA ALA D 619 8.55 -34.77 -9.29
C ALA D 619 9.68 -35.41 -10.08
N ASN D 620 10.44 -36.31 -9.46
CA ASN D 620 11.51 -37.00 -10.17
C ASN D 620 10.95 -37.94 -11.23
N PHE D 621 9.86 -38.64 -10.92
CA PHE D 621 9.20 -39.50 -11.89
C PHE D 621 8.65 -38.69 -13.05
N MET D 622 7.74 -37.79 -12.75
CA MET D 622 6.90 -37.17 -13.75
C MET D 622 7.66 -36.10 -14.54
N PHE D 623 8.66 -35.48 -13.93
CA PHE D 623 9.26 -34.25 -14.43
C PHE D 623 10.78 -34.31 -14.52
N ASP D 624 11.39 -35.46 -14.25
CA ASP D 624 12.81 -35.77 -14.41
C ASP D 624 13.74 -34.95 -13.52
N SER D 625 13.22 -34.19 -12.56
CA SER D 625 14.05 -33.43 -11.64
C SER D 625 13.29 -33.26 -10.35
N ASP D 626 14.01 -33.28 -9.23
CA ASP D 626 13.37 -33.27 -7.91
C ASP D 626 12.69 -31.92 -7.65
N GLU D 627 13.38 -30.83 -7.94
CA GLU D 627 12.86 -29.50 -7.63
C GLU D 627 12.14 -28.91 -8.82
N ALA D 628 11.20 -29.66 -9.38
CA ALA D 628 10.35 -29.18 -10.46
C ALA D 628 8.92 -29.44 -10.02
N MET D 629 8.41 -28.50 -9.23
CA MET D 629 7.14 -28.63 -8.54
C MET D 629 6.84 -27.27 -7.95
N VAL D 630 5.61 -27.08 -7.50
CA VAL D 630 5.20 -25.82 -6.92
C VAL D 630 5.26 -26.04 -5.41
N ARG D 631 6.39 -25.71 -4.82
CA ARG D 631 6.62 -26.04 -3.42
C ARG D 631 6.23 -24.85 -2.55
N ILE D 632 5.24 -25.04 -1.71
CA ILE D 632 4.74 -23.98 -0.87
C ILE D 632 4.95 -24.43 0.55
N ASP D 633 5.86 -23.78 1.24
CA ASP D 633 6.08 -24.04 2.66
C ASP D 633 4.97 -23.32 3.40
N MET D 634 3.97 -24.08 3.84
CA MET D 634 2.78 -23.52 4.48
C MET D 634 3.05 -22.99 5.87
N SER D 635 4.20 -23.30 6.43
CA SER D 635 4.54 -22.82 7.75
C SER D 635 5.07 -21.41 7.74
N GLU D 636 5.32 -20.84 6.57
CA GLU D 636 5.51 -19.40 6.45
C GLU D 636 4.20 -18.64 6.51
N PHE D 637 3.06 -19.32 6.44
CA PHE D 637 1.77 -18.66 6.29
C PHE D 637 1.06 -18.63 7.62
N MET D 638 1.77 -18.38 8.70
CA MET D 638 1.15 -18.42 10.01
C MET D 638 0.34 -17.19 10.32
N GLU D 639 0.28 -16.23 9.41
CA GLU D 639 -0.47 -15.01 9.62
C GLU D 639 -1.58 -14.93 8.59
N LYS D 640 -2.55 -14.06 8.86
CA LYS D 640 -3.79 -13.98 8.12
C LYS D 640 -3.64 -13.15 6.83
N HIS D 641 -2.43 -12.94 6.35
CA HIS D 641 -2.20 -12.15 5.15
C HIS D 641 -1.14 -12.74 4.23
N SER D 642 -0.63 -13.89 4.58
CA SER D 642 0.13 -14.63 3.60
C SER D 642 -0.76 -15.32 2.57
N VAL D 643 -2.08 -15.28 2.77
CA VAL D 643 -3.02 -15.38 1.66
C VAL D 643 -2.62 -14.44 0.54
N SER D 644 -2.39 -13.17 0.87
CA SER D 644 -1.90 -12.23 -0.11
C SER D 644 -0.46 -12.50 -0.50
N ARG D 645 0.28 -13.31 0.25
CA ARG D 645 1.53 -13.79 -0.36
C ARG D 645 1.25 -14.67 -1.58
N LEU D 646 0.30 -15.59 -1.46
CA LEU D 646 0.18 -16.53 -2.58
C LEU D 646 -0.70 -15.99 -3.71
N VAL D 647 -1.84 -15.35 -3.42
CA VAL D 647 -2.76 -14.91 -4.47
C VAL D 647 -2.28 -13.61 -5.12
N GLY D 648 -2.02 -12.58 -4.34
CA GLY D 648 -1.49 -11.37 -4.93
C GLY D 648 -2.04 -10.09 -4.34
N ALA D 649 -1.52 -8.95 -4.77
CA ALA D 649 -2.10 -7.79 -4.12
C ALA D 649 -3.28 -7.28 -4.93
N PRO D 650 -4.31 -6.77 -4.27
CA PRO D 650 -5.43 -6.17 -4.98
C PRO D 650 -5.03 -4.81 -5.52
N PRO D 651 -5.79 -4.26 -6.48
CA PRO D 651 -5.37 -3.04 -7.17
C PRO D 651 -5.14 -1.83 -6.26
N GLY D 652 -4.14 -1.05 -6.63
CA GLY D 652 -3.74 0.08 -5.85
C GLY D 652 -2.68 -0.20 -4.82
N TYR D 653 -2.42 -1.44 -4.51
CA TYR D 653 -1.54 -1.77 -3.42
C TYR D 653 -0.15 -2.03 -3.98
N VAL D 654 0.76 -2.54 -3.15
CA VAL D 654 2.18 -2.42 -3.47
C VAL D 654 2.59 -3.39 -4.57
N GLY D 655 2.49 -4.69 -4.31
CA GLY D 655 3.03 -5.64 -5.26
C GLY D 655 2.02 -6.08 -6.28
N TYR D 656 1.21 -5.14 -6.77
CA TYR D 656 0.13 -5.48 -7.68
C TYR D 656 0.64 -5.93 -9.04
N GLU D 657 1.71 -5.31 -9.54
CA GLU D 657 2.19 -5.63 -10.86
C GLU D 657 2.87 -6.98 -10.92
N GLU D 658 3.35 -7.50 -9.81
CA GLU D 658 4.13 -8.72 -9.82
C GLU D 658 3.29 -9.97 -9.80
N GLY D 659 1.99 -9.83 -9.62
CA GLY D 659 1.13 -10.99 -9.56
C GLY D 659 1.29 -11.71 -8.24
N GLY D 660 0.78 -12.92 -8.21
CA GLY D 660 0.91 -13.77 -7.06
C GLY D 660 2.19 -14.56 -7.11
N TYR D 661 2.20 -15.66 -6.41
CA TYR D 661 3.26 -16.64 -6.54
C TYR D 661 2.73 -17.99 -6.92
N LEU D 662 1.58 -18.40 -6.38
CA LEU D 662 1.00 -19.66 -6.79
C LEU D 662 0.39 -19.54 -8.17
N THR D 663 -0.42 -18.50 -8.38
CA THR D 663 -1.21 -18.38 -9.59
C THR D 663 -0.33 -18.17 -10.81
N GLU D 664 0.71 -17.36 -10.67
CA GLU D 664 1.62 -17.15 -11.79
C GLU D 664 2.38 -18.42 -12.12
N ALA D 665 2.88 -19.14 -11.10
CA ALA D 665 3.67 -20.33 -11.34
C ALA D 665 2.85 -21.50 -11.86
N VAL D 666 1.54 -21.49 -11.68
CA VAL D 666 0.73 -22.49 -12.37
C VAL D 666 0.32 -22.02 -13.75
N ARG D 667 0.10 -20.72 -13.94
CA ARG D 667 -0.20 -20.22 -15.27
C ARG D 667 0.99 -20.31 -16.23
N ARG D 668 2.22 -20.40 -15.72
CA ARG D 668 3.35 -20.73 -16.61
C ARG D 668 3.20 -22.16 -17.13
N ARG D 669 3.13 -23.12 -16.22
CA ARG D 669 3.11 -24.54 -16.56
C ARG D 669 1.89 -25.20 -15.92
N PRO D 670 0.79 -25.34 -16.65
CA PRO D 670 -0.47 -25.74 -16.02
C PRO D 670 -0.54 -27.20 -15.62
N TYR D 671 0.46 -27.97 -15.96
CA TYR D 671 0.61 -29.33 -15.49
C TYR D 671 1.82 -29.35 -14.56
N SER D 672 1.56 -29.21 -13.26
CA SER D 672 2.62 -29.23 -12.28
C SER D 672 2.11 -29.92 -11.04
N VAL D 673 2.98 -30.04 -10.05
CA VAL D 673 2.71 -30.77 -8.83
C VAL D 673 2.79 -29.78 -7.68
N ILE D 674 1.64 -29.47 -7.09
CA ILE D 674 1.54 -28.38 -6.14
C ILE D 674 1.73 -28.97 -4.75
N LEU D 675 2.89 -28.74 -4.16
CA LEU D 675 3.20 -29.25 -2.83
C LEU D 675 2.92 -28.19 -1.79
N LEU D 676 2.10 -28.54 -0.81
CA LEU D 676 1.85 -27.67 0.31
C LEU D 676 2.45 -28.35 1.53
N ASP D 677 3.71 -28.02 1.81
CA ASP D 677 4.49 -28.71 2.80
C ASP D 677 4.13 -28.20 4.19
N ALA D 678 3.90 -29.14 5.12
CA ALA D 678 3.62 -28.88 6.53
C ALA D 678 2.39 -27.99 6.69
N VAL D 679 1.23 -28.52 6.29
CA VAL D 679 0.10 -27.65 6.07
C VAL D 679 -0.61 -27.29 7.37
N GLU D 680 -0.37 -28.00 8.46
CA GLU D 680 -1.10 -27.79 9.71
C GLU D 680 -0.63 -26.55 10.45
N LYS D 681 0.41 -25.88 9.96
CA LYS D 681 1.04 -24.77 10.63
C LYS D 681 0.44 -23.43 10.27
N ALA D 682 -0.35 -23.35 9.21
CA ALA D 682 -0.75 -22.07 8.65
C ALA D 682 -1.90 -21.48 9.46
N HIS D 683 -2.47 -20.52 8.96
CA HIS D 683 -3.70 -19.94 9.46
C HIS D 683 -4.84 -20.35 8.54
N PRO D 684 -6.04 -20.57 9.06
CA PRO D 684 -7.10 -21.23 8.26
C PRO D 684 -7.61 -20.45 7.04
N ASP D 685 -7.34 -19.15 6.94
CA ASP D 685 -7.80 -18.43 5.77
C ASP D 685 -7.09 -18.88 4.49
N VAL D 686 -5.87 -19.38 4.64
CA VAL D 686 -5.17 -19.98 3.53
C VAL D 686 -5.91 -21.22 3.07
N PHE D 687 -6.54 -21.93 4.00
CA PHE D 687 -7.36 -23.04 3.59
C PHE D 687 -8.63 -22.61 2.91
N ASN D 688 -9.08 -21.38 3.12
CA ASN D 688 -10.23 -20.95 2.33
C ASN D 688 -9.86 -20.73 0.86
N ILE D 689 -8.65 -20.21 0.63
CA ILE D 689 -8.11 -20.17 -0.73
C ILE D 689 -8.06 -21.57 -1.35
N LEU D 690 -7.63 -22.54 -0.55
CA LEU D 690 -7.66 -23.91 -1.02
C LEU D 690 -9.06 -24.46 -1.22
N LEU D 691 -10.08 -23.92 -0.55
CA LEU D 691 -11.43 -24.38 -0.80
C LEU D 691 -11.82 -24.14 -2.24
N GLN D 692 -11.53 -22.93 -2.74
CA GLN D 692 -11.82 -22.63 -4.15
C GLN D 692 -11.06 -23.54 -5.10
N VAL D 693 -9.75 -23.69 -4.82
CA VAL D 693 -8.88 -24.49 -5.70
C VAL D 693 -9.30 -25.95 -5.75
N LEU D 694 -9.51 -26.56 -4.57
CA LEU D 694 -9.81 -27.98 -4.54
C LEU D 694 -11.22 -28.29 -5.01
N ASP D 695 -12.16 -27.35 -4.90
CA ASP D 695 -13.48 -27.63 -5.44
C ASP D 695 -13.47 -27.58 -6.95
N ASP D 696 -13.10 -26.44 -7.53
CA ASP D 696 -13.38 -26.33 -8.96
C ASP D 696 -12.19 -25.86 -9.77
N GLY D 697 -10.98 -25.99 -9.24
CA GLY D 697 -9.79 -25.82 -10.05
C GLY D 697 -9.54 -24.43 -10.55
N ARG D 698 -10.23 -23.43 -10.06
CA ARG D 698 -9.96 -22.07 -10.47
C ARG D 698 -9.59 -21.24 -9.26
N LEU D 699 -8.64 -20.36 -9.46
CA LEU D 699 -8.14 -19.47 -8.43
C LEU D 699 -7.91 -18.13 -9.08
N THR D 700 -8.56 -17.09 -8.59
CA THR D 700 -8.50 -15.79 -9.22
C THR D 700 -7.46 -14.94 -8.51
N ASP D 701 -6.44 -14.50 -9.24
CA ASP D 701 -5.37 -13.74 -8.61
C ASP D 701 -5.81 -12.29 -8.40
N GLY D 702 -4.86 -11.41 -8.09
CA GLY D 702 -5.20 -10.02 -7.87
C GLY D 702 -5.60 -9.31 -9.14
N GLN D 703 -4.97 -9.66 -10.25
CA GLN D 703 -5.18 -8.97 -11.51
C GLN D 703 -6.41 -9.46 -12.27
N GLY D 704 -7.24 -10.28 -11.65
CA GLY D 704 -8.48 -10.72 -12.25
C GLY D 704 -8.32 -11.62 -13.45
N ARG D 705 -7.45 -12.62 -13.37
CA ARG D 705 -7.38 -13.67 -14.37
C ARG D 705 -7.29 -15.01 -13.67
N THR D 706 -8.20 -15.91 -13.98
CA THR D 706 -8.46 -17.07 -13.15
C THR D 706 -7.64 -18.24 -13.66
N VAL D 707 -6.61 -18.62 -12.91
CA VAL D 707 -5.66 -19.62 -13.39
C VAL D 707 -6.30 -20.99 -13.25
N ASP D 708 -6.35 -21.74 -14.35
CA ASP D 708 -7.02 -23.02 -14.40
C ASP D 708 -6.12 -24.05 -13.72
N PHE D 709 -6.45 -24.44 -12.50
CA PHE D 709 -5.66 -25.44 -11.77
C PHE D 709 -6.10 -26.85 -12.04
N ARG D 710 -6.85 -27.09 -13.10
CA ARG D 710 -7.49 -28.39 -13.29
C ARG D 710 -6.59 -29.42 -13.91
N ASN D 711 -5.29 -29.18 -13.94
CA ASN D 711 -4.35 -30.15 -14.47
C ASN D 711 -3.18 -30.33 -13.53
N THR D 712 -3.41 -30.20 -12.23
CA THR D 712 -2.35 -30.25 -11.24
C THR D 712 -2.69 -31.24 -10.16
N VAL D 713 -1.66 -31.71 -9.48
CA VAL D 713 -1.81 -32.68 -8.40
C VAL D 713 -1.50 -31.92 -7.11
N VAL D 714 -2.54 -31.53 -6.38
CA VAL D 714 -2.38 -30.74 -5.16
C VAL D 714 -2.14 -31.70 -4.02
N ILE D 715 -0.97 -31.61 -3.39
CA ILE D 715 -0.59 -32.54 -2.34
C ILE D 715 -0.28 -31.73 -1.08
N MET D 716 -0.81 -32.17 0.05
CA MET D 716 -0.59 -31.50 1.32
C MET D 716 -0.02 -32.48 2.32
N THR D 717 1.06 -32.10 2.96
CA THR D 717 1.71 -32.95 3.96
C THR D 717 1.44 -32.41 5.35
N SER D 718 1.18 -33.31 6.29
CA SER D 718 0.92 -32.90 7.65
C SER D 718 1.25 -34.06 8.58
N ASN D 719 1.23 -33.78 9.87
CA ASN D 719 1.47 -34.84 10.84
C ASN D 719 0.47 -34.79 11.98
N LEU D 720 -0.79 -34.44 11.69
CA LEU D 720 -1.78 -34.15 12.72
C LEU D 720 -2.19 -35.35 13.55
N GLY D 721 -1.83 -36.56 13.17
CA GLY D 721 -2.11 -37.69 14.02
C GLY D 721 -0.87 -38.42 14.48
N SER D 722 0.16 -37.68 14.87
CA SER D 722 1.48 -38.28 15.12
C SER D 722 1.44 -39.25 16.29
N ASP D 723 0.92 -38.80 17.43
CA ASP D 723 0.94 -39.61 18.64
C ASP D 723 0.00 -40.80 18.52
N LEU D 724 -1.15 -40.60 17.88
CA LEU D 724 -2.13 -41.67 17.75
C LEU D 724 -1.66 -42.75 16.80
N ILE D 725 -0.95 -42.38 15.75
CA ILE D 725 -0.41 -43.38 14.82
C ILE D 725 0.79 -44.09 15.44
N GLN D 726 1.69 -43.34 16.09
CA GLN D 726 2.81 -43.98 16.77
C GLN D 726 2.38 -44.88 17.92
N GLU D 727 1.20 -44.64 18.49
CA GLU D 727 0.71 -45.54 19.52
C GLU D 727 -0.01 -46.75 18.95
N ARG D 728 -1.02 -46.53 18.11
CA ARG D 728 -1.99 -47.59 17.82
C ARG D 728 -1.90 -48.15 16.41
N PHE D 729 -0.76 -48.03 15.72
CA PHE D 729 -0.72 -48.58 14.37
C PHE D 729 -0.70 -50.11 14.39
N GLY D 730 -0.11 -50.69 15.43
CA GLY D 730 -0.30 -52.10 15.66
C GLY D 730 -1.74 -52.41 16.03
N GLU D 731 -2.09 -53.68 15.89
CA GLU D 731 -3.40 -54.30 16.19
C GLU D 731 -4.59 -53.58 15.55
N LEU D 732 -4.38 -52.78 14.52
CA LEU D 732 -5.47 -52.18 13.78
C LEU D 732 -5.27 -52.39 12.28
N ASP D 733 -6.37 -52.43 11.56
CA ASP D 733 -6.33 -52.47 10.10
C ASP D 733 -6.11 -51.05 9.58
N TYR D 734 -6.15 -50.89 8.26
CA TYR D 734 -5.89 -49.57 7.71
C TYR D 734 -7.12 -48.67 7.78
N ALA D 735 -8.32 -49.25 7.67
CA ALA D 735 -9.54 -48.46 7.55
C ALA D 735 -9.87 -47.75 8.86
N HIS D 736 -9.73 -48.45 9.98
CA HIS D 736 -10.03 -47.85 11.27
C HIS D 736 -9.02 -46.76 11.61
N MET D 737 -7.77 -46.96 11.21
CA MET D 737 -6.75 -45.94 11.41
C MET D 737 -7.06 -44.71 10.59
N LYS D 738 -7.47 -44.90 9.33
CA LYS D 738 -7.89 -43.77 8.49
C LYS D 738 -9.05 -43.02 9.11
N GLU D 739 -10.02 -43.76 9.65
CA GLU D 739 -11.18 -43.12 10.24
C GLU D 739 -10.83 -42.35 11.51
N LEU D 740 -9.93 -42.92 12.33
CA LEU D 740 -9.63 -42.31 13.61
C LEU D 740 -8.79 -41.05 13.43
N VAL D 741 -7.78 -41.11 12.55
CA VAL D 741 -7.02 -39.90 12.29
C VAL D 741 -7.85 -38.92 11.46
N LEU D 742 -8.87 -39.39 10.74
CA LEU D 742 -9.76 -38.48 10.05
C LEU D 742 -10.64 -37.73 11.04
N GLY D 743 -10.99 -38.36 12.15
CA GLY D 743 -11.66 -37.64 13.22
C GLY D 743 -10.77 -36.60 13.88
N VAL D 744 -9.48 -36.91 14.03
CA VAL D 744 -8.54 -35.92 14.57
C VAL D 744 -8.40 -34.72 13.64
N VAL D 745 -8.31 -34.98 12.33
CA VAL D 745 -8.29 -33.91 11.34
C VAL D 745 -9.61 -33.14 11.35
N SER D 746 -10.72 -33.82 11.61
CA SER D 746 -12.02 -33.16 11.74
C SER D 746 -12.02 -32.18 12.91
N HIS D 747 -11.31 -32.52 13.99
CA HIS D 747 -11.09 -31.53 15.03
C HIS D 747 -10.24 -30.37 14.55
N ASN D 748 -9.24 -30.64 13.70
CA ASN D 748 -8.38 -29.52 13.32
C ASN D 748 -8.89 -28.69 12.15
N PHE D 749 -9.24 -29.31 11.04
CA PHE D 749 -9.65 -28.57 9.85
C PHE D 749 -11.14 -28.25 9.91
N ARG D 750 -11.70 -27.84 8.81
CA ARG D 750 -13.12 -27.55 8.68
C ARG D 750 -13.83 -28.68 7.93
N PRO D 751 -15.14 -28.85 8.14
CA PRO D 751 -15.86 -29.89 7.40
C PRO D 751 -15.97 -29.60 5.93
N GLU D 752 -15.85 -28.34 5.54
CA GLU D 752 -15.75 -28.00 4.13
C GLU D 752 -14.47 -28.51 3.52
N PHE D 753 -13.37 -28.36 4.24
CA PHE D 753 -12.07 -28.55 3.61
C PHE D 753 -11.73 -30.01 3.42
N ILE D 754 -12.05 -30.86 4.39
CA ILE D 754 -11.85 -32.29 4.22
C ILE D 754 -12.94 -32.93 3.38
N ASN D 755 -13.86 -32.15 2.86
CA ASN D 755 -14.84 -32.65 1.92
C ASN D 755 -14.31 -32.60 0.50
N ARG D 756 -13.47 -31.61 0.19
CA ARG D 756 -12.90 -31.48 -1.14
C ARG D 756 -11.69 -32.36 -1.38
N ILE D 757 -11.16 -33.01 -0.34
CA ILE D 757 -9.96 -33.82 -0.48
C ILE D 757 -10.26 -35.08 -1.26
N ASP D 758 -9.41 -35.41 -2.22
CA ASP D 758 -9.66 -36.60 -3.04
C ASP D 758 -9.39 -37.87 -2.24
N GLU D 759 -8.26 -37.94 -1.56
CA GLU D 759 -7.99 -39.10 -0.73
C GLU D 759 -7.06 -38.71 0.41
N VAL D 760 -7.44 -39.09 1.62
CA VAL D 760 -6.62 -38.94 2.80
C VAL D 760 -5.92 -40.26 3.03
N VAL D 761 -4.59 -40.26 3.07
CA VAL D 761 -3.82 -41.49 3.22
C VAL D 761 -2.93 -41.39 4.44
N VAL D 762 -2.90 -42.46 5.19
CA VAL D 762 -2.20 -42.53 6.47
C VAL D 762 -0.84 -43.15 6.24
N PHE D 763 0.18 -42.58 6.83
CA PHE D 763 1.48 -43.21 6.81
C PHE D 763 1.71 -44.01 8.07
N HIS D 764 2.77 -44.81 8.05
CA HIS D 764 3.04 -45.69 9.16
C HIS D 764 4.48 -45.53 9.60
N PRO D 765 4.76 -45.75 10.88
CA PRO D 765 6.16 -45.71 11.34
C PRO D 765 6.97 -46.84 10.75
N LEU D 766 8.26 -46.62 10.64
CA LEU D 766 9.12 -47.50 9.87
C LEU D 766 9.66 -48.63 10.74
N GLY D 767 9.71 -49.84 10.17
CA GLY D 767 10.20 -51.01 10.87
C GLY D 767 11.70 -51.17 10.61
N GLU D 768 12.27 -52.29 11.04
CA GLU D 768 13.71 -52.47 10.96
C GLU D 768 14.17 -52.74 9.53
N GLN D 769 13.42 -53.55 8.79
CA GLN D 769 13.76 -53.80 7.40
C GLN D 769 13.61 -52.55 6.55
N HIS D 770 12.65 -51.69 6.89
CA HIS D 770 12.51 -50.41 6.21
C HIS D 770 13.73 -49.53 6.45
N ILE D 771 14.21 -49.50 7.68
CA ILE D 771 15.38 -48.69 7.98
C ILE D 771 16.63 -49.30 7.36
N ALA D 772 16.67 -50.62 7.17
CA ALA D 772 17.77 -51.24 6.44
C ALA D 772 17.78 -50.79 4.98
N SER D 773 16.61 -50.75 4.34
CA SER D 773 16.56 -50.35 2.94
C SER D 773 16.85 -48.86 2.76
N ILE D 774 16.37 -48.03 3.70
CA ILE D 774 16.70 -46.61 3.69
C ILE D 774 18.20 -46.41 3.88
N ALA D 775 18.81 -47.24 4.72
CA ALA D 775 20.25 -47.15 4.95
C ALA D 775 21.02 -47.47 3.68
N GLN D 776 20.55 -48.46 2.92
CA GLN D 776 21.24 -48.76 1.67
C GLN D 776 21.06 -47.66 0.64
N ILE D 777 19.89 -47.00 0.60
CA ILE D 777 19.70 -45.88 -0.32
C ILE D 777 20.62 -44.72 0.03
N GLN D 778 20.74 -44.43 1.33
CA GLN D 778 21.61 -43.34 1.76
C GLN D 778 23.07 -43.66 1.50
N LEU D 779 23.45 -44.93 1.65
CA LEU D 779 24.83 -45.29 1.32
C LEU D 779 25.08 -45.27 -0.17
N LYS D 780 24.07 -45.52 -1.00
CA LYS D 780 24.28 -45.40 -2.44
C LYS D 780 24.50 -43.96 -2.85
N ARG D 781 23.75 -43.02 -2.25
CA ARG D 781 24.05 -41.64 -2.61
C ARG D 781 25.33 -41.14 -1.96
N LEU D 782 25.77 -41.75 -0.84
CA LEU D 782 27.08 -41.41 -0.30
C LEU D 782 28.20 -41.92 -1.20
N TYR D 783 28.02 -43.11 -1.78
CA TYR D 783 28.98 -43.63 -2.74
C TYR D 783 29.00 -42.77 -3.98
N LYS D 784 27.84 -42.23 -4.36
CA LYS D 784 27.77 -41.33 -5.50
C LYS D 784 28.55 -40.05 -5.23
N ARG D 785 28.44 -39.50 -4.01
CA ARG D 785 29.20 -38.31 -3.65
C ARG D 785 30.70 -38.58 -3.68
N LEU D 786 31.13 -39.67 -3.05
CA LEU D 786 32.56 -39.97 -3.01
C LEU D 786 33.11 -40.48 -4.33
N GLU D 787 32.27 -40.99 -5.22
CA GLU D 787 32.76 -41.41 -6.52
C GLU D 787 32.85 -40.23 -7.47
N GLU D 788 31.97 -39.23 -7.31
CA GLU D 788 32.23 -37.95 -7.97
C GLU D 788 33.45 -37.27 -7.38
N ARG D 789 33.73 -37.52 -6.10
CA ARG D 789 34.98 -37.03 -5.53
C ARG D 789 36.18 -37.76 -6.09
N GLY D 790 36.03 -39.06 -6.36
CA GLY D 790 37.12 -39.82 -6.96
C GLY D 790 37.53 -41.01 -6.14
N TYR D 791 36.75 -41.37 -5.13
CA TYR D 791 37.09 -42.48 -4.25
C TYR D 791 36.10 -43.62 -4.47
N GLU D 792 36.31 -44.71 -3.75
CA GLU D 792 35.40 -45.86 -3.78
C GLU D 792 35.27 -46.42 -2.38
N ILE D 793 34.10 -46.96 -2.07
CA ILE D 793 33.87 -47.62 -0.78
C ILE D 793 33.13 -48.94 -1.01
N HIS D 794 33.67 -50.02 -0.48
CA HIS D 794 32.88 -51.18 -0.10
C HIS D 794 32.65 -51.14 1.40
N ILE D 795 31.48 -51.58 1.83
CA ILE D 795 31.16 -51.58 3.24
C ILE D 795 30.79 -53.02 3.62
N SER D 796 30.93 -53.33 4.90
CA SER D 796 30.65 -54.67 5.39
C SER D 796 29.20 -54.79 5.81
N ASP D 797 28.73 -56.04 5.90
CA ASP D 797 27.37 -56.28 6.36
C ASP D 797 27.23 -56.04 7.84
N GLU D 798 28.30 -56.22 8.61
CA GLU D 798 28.23 -55.97 10.04
C GLU D 798 28.20 -54.47 10.32
N ALA D 799 28.87 -53.67 9.50
CA ALA D 799 28.74 -52.22 9.60
C ALA D 799 27.33 -51.77 9.27
N LEU D 800 26.71 -52.40 8.28
CA LEU D 800 25.32 -52.11 7.96
C LEU D 800 24.39 -52.54 9.08
N LYS D 801 24.74 -53.59 9.82
CA LYS D 801 23.94 -53.97 10.97
C LYS D 801 24.08 -52.98 12.11
N LEU D 802 25.29 -52.47 12.33
CA LEU D 802 25.45 -51.44 13.36
C LEU D 802 24.75 -50.14 12.99
N LEU D 803 24.70 -49.78 11.69
CA LEU D 803 23.94 -48.61 11.30
C LEU D 803 22.45 -48.85 11.47
N SER D 804 21.95 -49.97 10.96
CA SER D 804 20.53 -50.30 11.06
C SER D 804 20.09 -50.67 12.47
N GLU D 805 21.01 -50.79 13.43
CA GLU D 805 20.62 -50.93 14.81
C GLU D 805 21.01 -49.74 15.69
N ASN D 806 21.71 -48.75 15.16
CA ASN D 806 21.98 -47.53 15.89
C ASN D 806 21.15 -46.36 15.42
N GLY D 807 20.29 -46.57 14.44
CA GLY D 807 19.42 -45.50 14.00
C GLY D 807 17.96 -45.81 14.26
N TYR D 808 17.66 -47.04 14.64
CA TYR D 808 16.28 -47.49 14.80
C TYR D 808 15.68 -46.89 16.07
N ASP D 809 14.64 -46.07 15.89
CA ASP D 809 13.75 -45.67 16.95
C ASP D 809 12.44 -45.23 16.32
N PRO D 810 11.31 -45.73 16.82
CA PRO D 810 10.03 -45.50 16.13
C PRO D 810 9.52 -44.08 16.25
N VAL D 811 10.07 -43.27 17.15
CA VAL D 811 9.50 -41.94 17.36
C VAL D 811 9.87 -40.99 16.23
N TYR D 812 11.04 -41.16 15.64
CA TYR D 812 11.56 -40.14 14.74
C TYR D 812 11.77 -40.62 13.31
N GLY D 813 11.44 -41.86 13.01
CA GLY D 813 11.40 -42.28 11.62
C GLY D 813 12.77 -42.47 11.00
N ALA D 814 12.92 -41.98 9.78
CA ALA D 814 14.09 -42.26 8.97
C ALA D 814 15.22 -41.26 9.14
N ARG D 815 15.03 -40.23 9.94
CA ARG D 815 16.12 -39.29 10.13
C ARG D 815 17.23 -39.67 11.10
N PRO D 816 16.99 -40.35 12.25
CA PRO D 816 18.13 -40.76 13.08
C PRO D 816 19.03 -41.76 12.40
N LEU D 817 18.52 -42.50 11.43
CA LEU D 817 19.40 -43.26 10.55
C LEU D 817 20.35 -42.35 9.79
N LYS D 818 19.86 -41.21 9.29
CA LYS D 818 20.73 -40.28 8.58
C LYS D 818 21.75 -39.65 9.51
N ARG D 819 21.36 -39.35 10.74
CA ARG D 819 22.36 -38.81 11.66
C ARG D 819 23.36 -39.87 12.10
N ALA D 820 22.92 -41.13 12.21
CA ALA D 820 23.86 -42.19 12.55
C ALA D 820 24.85 -42.43 11.43
N ILE D 821 24.38 -42.43 10.17
CA ILE D 821 25.28 -42.52 9.03
C ILE D 821 26.22 -41.35 9.01
N GLN D 822 25.70 -40.14 9.23
CA GLN D 822 26.46 -38.91 9.15
C GLN D 822 27.60 -38.90 10.15
N GLN D 823 27.29 -39.11 11.42
CA GLN D 823 28.31 -39.24 12.45
C GLN D 823 29.24 -40.42 12.20
N GLN D 824 28.72 -41.65 12.33
CA GLN D 824 29.56 -42.84 12.42
C GLN D 824 30.29 -43.19 11.14
N ILE D 825 29.96 -42.60 10.00
CA ILE D 825 30.77 -42.75 8.80
C ILE D 825 31.45 -41.45 8.42
N GLU D 826 30.67 -40.39 8.18
CA GLU D 826 31.24 -39.22 7.56
C GLU D 826 32.09 -38.38 8.49
N ASN D 827 31.99 -38.57 9.82
CA ASN D 827 32.95 -37.80 10.59
C ASN D 827 34.34 -38.45 10.62
N PRO D 828 34.51 -39.76 10.86
CA PRO D 828 35.88 -40.29 10.76
C PRO D 828 36.38 -40.36 9.35
N LEU D 829 35.51 -40.49 8.36
CA LEU D 829 35.97 -40.54 6.98
C LEU D 829 36.52 -39.20 6.53
N ALA D 830 35.79 -38.12 6.81
CA ALA D 830 36.32 -36.78 6.51
C ALA D 830 37.46 -36.41 7.44
N GLN D 831 37.52 -37.03 8.63
CA GLN D 831 38.70 -36.85 9.48
C GLN D 831 39.94 -37.44 8.83
N GLN D 832 39.78 -38.56 8.14
CA GLN D 832 40.92 -39.22 7.52
C GLN D 832 41.27 -38.68 6.15
N ILE D 833 40.30 -38.23 5.36
CA ILE D 833 40.58 -37.78 4.00
C ILE D 833 41.38 -36.48 4.03
N LEU D 834 40.98 -35.55 4.90
CA LEU D 834 41.68 -34.28 5.00
C LEU D 834 43.07 -34.41 5.62
N SER D 835 43.36 -35.51 6.30
CA SER D 835 44.65 -35.70 6.95
C SER D 835 45.71 -36.26 6.01
N GLY D 836 45.48 -36.18 4.70
CA GLY D 836 46.43 -36.66 3.72
C GLY D 836 46.67 -38.14 3.74
N GLU D 837 45.75 -38.91 4.33
CA GLU D 837 45.98 -40.31 4.63
C GLU D 837 45.42 -41.24 3.56
N LEU D 838 44.14 -41.13 3.26
CA LEU D 838 43.52 -42.05 2.32
C LEU D 838 43.85 -41.66 0.89
N VAL D 839 43.72 -42.63 0.00
CA VAL D 839 44.30 -42.55 -1.34
C VAL D 839 43.20 -42.45 -2.38
N PRO D 840 43.30 -41.52 -3.33
CA PRO D 840 42.41 -41.57 -4.51
C PRO D 840 42.75 -42.75 -5.39
N GLY D 841 41.84 -43.72 -5.45
CA GLY D 841 42.02 -44.90 -6.24
C GLY D 841 42.25 -46.18 -5.49
N LYS D 842 41.82 -46.26 -4.23
CA LYS D 842 41.90 -47.49 -3.46
C LYS D 842 40.58 -47.69 -2.73
N VAL D 843 40.13 -48.94 -2.67
CA VAL D 843 38.81 -49.24 -2.14
C VAL D 843 38.81 -49.06 -0.62
N ILE D 844 38.11 -48.02 -0.17
CA ILE D 844 38.04 -47.70 1.25
C ILE D 844 37.06 -48.68 1.87
N ARG D 845 37.57 -49.74 2.47
CA ARG D 845 36.70 -50.73 3.08
C ARG D 845 36.31 -50.24 4.47
N LEU D 846 35.07 -49.80 4.62
CA LEU D 846 34.54 -49.45 5.92
C LEU D 846 34.24 -50.72 6.68
N GLU D 847 35.08 -51.03 7.65
CA GLU D 847 35.03 -52.28 8.40
C GLU D 847 34.78 -51.97 9.86
N VAL D 848 34.56 -53.03 10.65
CA VAL D 848 34.08 -52.87 12.01
C VAL D 848 35.17 -53.17 13.02
N ASN D 849 35.14 -52.41 14.11
CA ASN D 849 35.64 -52.86 15.40
C ASN D 849 34.47 -53.48 16.15
N GLU D 850 34.60 -53.67 17.46
CA GLU D 850 33.49 -54.18 18.25
C GLU D 850 32.35 -53.16 18.30
N ASP D 851 32.66 -51.87 18.32
CA ASP D 851 31.66 -50.84 18.46
C ASP D 851 31.78 -49.68 17.47
N ARG D 852 32.96 -49.42 16.92
CA ARG D 852 33.19 -48.22 16.12
C ARG D 852 33.64 -48.60 14.72
N ILE D 853 32.89 -48.14 13.72
CA ILE D 853 33.22 -48.41 12.33
C ILE D 853 34.47 -47.63 11.96
N VAL D 854 35.40 -48.29 11.27
CA VAL D 854 36.67 -47.68 10.89
C VAL D 854 36.86 -47.90 9.39
N ALA D 855 37.66 -47.03 8.77
CA ALA D 855 38.05 -47.19 7.38
C ALA D 855 39.47 -47.76 7.31
N VAL D 856 39.70 -48.62 6.32
CA VAL D 856 41.02 -49.21 6.10
C VAL D 856 41.42 -48.99 4.65
N GLN D 857 42.70 -49.24 4.37
CA GLN D 857 43.28 -49.07 3.04
C GLN D 857 44.05 -50.32 2.65
N HIS D 858 43.42 -51.17 1.84
CA HIS D 858 44.11 -52.34 1.32
C HIS D 858 43.74 -52.53 -0.16
N GLN E 159 -14.76 36.43 -47.51
CA GLN E 159 -14.00 36.58 -46.29
C GLN E 159 -13.74 35.23 -45.65
N ALA E 160 -13.28 35.26 -44.39
CA ALA E 160 -13.14 34.05 -43.60
C ALA E 160 -14.43 33.67 -42.90
N LEU E 161 -15.48 34.51 -42.99
CA LEU E 161 -16.75 34.16 -42.37
C LEU E 161 -17.43 33.02 -43.10
N LYS E 162 -17.21 32.89 -44.40
CA LYS E 162 -17.82 31.83 -45.20
C LYS E 162 -16.90 30.64 -45.40
N LYS E 163 -15.88 30.48 -44.57
CA LYS E 163 -14.96 29.36 -44.69
C LYS E 163 -14.79 28.56 -43.42
N TYR E 164 -14.87 29.19 -42.25
CA TYR E 164 -14.62 28.51 -40.99
C TYR E 164 -15.71 28.69 -39.97
N THR E 165 -16.41 29.81 -39.95
CA THR E 165 -17.65 29.95 -39.21
C THR E 165 -18.77 29.36 -40.04
N ILE E 166 -19.54 28.46 -39.43
CA ILE E 166 -20.61 27.76 -40.13
C ILE E 166 -21.93 28.33 -39.63
N ASP E 167 -22.70 28.90 -40.55
CA ASP E 167 -23.92 29.60 -40.18
C ASP E 167 -25.02 28.62 -39.84
N LEU E 168 -25.56 28.74 -38.64
CA LEU E 168 -26.70 27.95 -38.24
C LEU E 168 -28.01 28.55 -38.68
N THR E 169 -28.06 29.87 -38.91
CA THR E 169 -29.31 30.49 -39.32
C THR E 169 -29.65 30.17 -40.77
N GLU E 170 -28.64 29.89 -41.58
CA GLU E 170 -28.91 29.43 -42.94
C GLU E 170 -29.51 28.02 -42.93
N ARG E 171 -28.94 27.13 -42.14
CA ARG E 171 -29.46 25.77 -42.03
C ARG E 171 -30.83 25.76 -41.36
N ALA E 172 -31.09 26.72 -40.48
CA ALA E 172 -32.41 26.86 -39.88
C ALA E 172 -33.40 27.41 -40.89
N GLU E 173 -32.94 28.29 -41.78
CA GLU E 173 -33.81 28.85 -42.79
C GLU E 173 -34.07 27.86 -43.92
N GLN E 174 -33.06 27.09 -44.30
CA GLN E 174 -33.23 26.08 -45.32
C GLN E 174 -33.76 24.76 -44.78
N GLY E 175 -33.97 24.66 -43.47
CA GLY E 175 -34.64 23.51 -42.91
C GLY E 175 -33.81 22.25 -42.81
N LYS E 176 -32.49 22.38 -42.76
CA LYS E 176 -31.64 21.20 -42.61
C LYS E 176 -31.69 20.65 -41.19
N LEU E 177 -32.10 21.46 -40.23
CA LEU E 177 -32.05 21.08 -38.82
C LEU E 177 -33.23 20.19 -38.46
N ASP E 178 -33.45 20.01 -37.17
CA ASP E 178 -34.52 19.15 -36.70
C ASP E 178 -35.51 19.94 -35.87
N PRO E 179 -36.77 19.53 -35.83
CA PRO E 179 -37.75 20.21 -34.98
C PRO E 179 -37.44 19.98 -33.51
N VAL E 180 -37.18 21.07 -32.79
CA VAL E 180 -36.85 21.02 -31.39
C VAL E 180 -38.12 21.28 -30.60
N ILE E 181 -38.49 20.34 -29.74
CA ILE E 181 -39.77 20.35 -29.04
C ILE E 181 -39.51 20.40 -27.55
N GLY E 182 -40.21 21.29 -26.86
CA GLY E 182 -39.96 21.46 -25.44
C GLY E 182 -38.82 22.42 -25.26
N ARG E 183 -38.10 22.30 -24.13
CA ARG E 183 -36.90 23.07 -23.81
C ARG E 183 -37.14 24.57 -23.74
N ASP E 184 -38.40 24.99 -23.58
CA ASP E 184 -38.69 26.41 -23.63
C ASP E 184 -38.18 27.11 -22.38
N GLU E 185 -38.13 26.38 -21.27
CA GLU E 185 -37.54 26.92 -20.05
C GLU E 185 -36.04 27.14 -20.22
N GLU E 186 -35.35 26.18 -20.84
CA GLU E 186 -33.91 26.32 -21.02
C GLU E 186 -33.57 27.35 -22.09
N ILE E 187 -34.38 27.45 -23.15
CA ILE E 187 -34.13 28.47 -24.16
C ILE E 187 -34.43 29.85 -23.61
N ARG E 188 -35.50 29.98 -22.81
CA ARG E 188 -35.82 31.24 -22.17
C ARG E 188 -34.74 31.66 -21.18
N ARG E 189 -34.20 30.70 -20.42
CA ARG E 189 -33.16 31.03 -19.46
C ARG E 189 -31.84 31.32 -20.17
N THR E 190 -31.62 30.70 -21.34
CA THR E 190 -30.46 31.03 -22.15
C THR E 190 -30.54 32.46 -22.65
N ILE E 191 -31.75 32.90 -23.03
CA ILE E 191 -31.91 34.29 -23.47
C ILE E 191 -31.77 35.25 -22.30
N GLN E 192 -32.28 34.85 -21.11
CA GLN E 192 -32.12 35.67 -19.91
C GLN E 192 -30.65 35.87 -19.55
N VAL E 193 -29.87 34.79 -19.58
CA VAL E 193 -28.44 34.90 -19.34
C VAL E 193 -27.76 35.68 -20.47
N LEU E 194 -28.31 35.59 -21.68
CA LEU E 194 -27.63 36.12 -22.86
C LEU E 194 -27.62 37.65 -22.88
N GLN E 195 -28.75 38.28 -22.56
CA GLN E 195 -28.76 39.75 -22.42
C GLN E 195 -28.68 40.12 -20.94
N ARG E 196 -27.56 39.74 -20.34
CA ARG E 196 -27.20 40.18 -19.00
C ARG E 196 -25.80 40.74 -19.06
N ARG E 197 -25.57 41.85 -18.36
CA ARG E 197 -24.31 42.57 -18.41
C ARG E 197 -23.14 41.75 -17.86
N THR E 198 -23.17 41.47 -16.57
CA THR E 198 -22.14 40.62 -15.98
C THR E 198 -22.58 39.17 -16.07
N LYS E 199 -21.58 38.29 -16.14
CA LYS E 199 -21.75 36.87 -16.49
C LYS E 199 -22.54 36.75 -17.79
N ASN E 200 -21.94 37.31 -18.84
CA ASN E 200 -22.66 37.52 -20.09
C ASN E 200 -22.87 36.21 -20.83
N ASN E 201 -21.82 35.44 -21.01
CA ASN E 201 -21.88 34.28 -21.89
C ASN E 201 -22.62 33.13 -21.23
N PRO E 202 -23.55 32.48 -21.93
CA PRO E 202 -24.15 31.26 -21.39
C PRO E 202 -23.37 30.03 -21.81
N VAL E 203 -23.42 29.02 -20.95
CA VAL E 203 -22.78 27.75 -21.23
C VAL E 203 -23.77 26.63 -20.90
N LEU E 204 -24.05 25.80 -21.89
CA LEU E 204 -24.94 24.68 -21.66
C LEU E 204 -24.16 23.57 -20.98
N ILE E 205 -24.66 23.09 -19.86
CA ILE E 205 -23.99 22.08 -19.07
C ILE E 205 -24.96 20.94 -18.89
N GLY E 206 -24.70 19.83 -19.57
CA GLY E 206 -25.56 18.67 -19.47
C GLY E 206 -24.79 17.44 -19.86
N GLU E 207 -25.18 16.31 -19.28
CA GLU E 207 -24.57 15.04 -19.62
C GLU E 207 -24.88 14.72 -21.08
N PRO E 208 -23.96 14.10 -21.82
CA PRO E 208 -24.05 14.15 -23.29
C PRO E 208 -25.19 13.31 -23.82
N GLY E 209 -25.86 13.84 -24.82
CA GLY E 209 -27.03 13.22 -25.41
C GLY E 209 -28.32 13.93 -25.13
N VAL E 210 -28.34 14.86 -24.17
CA VAL E 210 -29.58 15.57 -23.88
C VAL E 210 -29.82 16.73 -24.83
N GLY E 211 -28.97 16.91 -25.83
CA GLY E 211 -29.25 17.85 -26.89
C GLY E 211 -28.94 19.28 -26.54
N LYS E 212 -27.69 19.58 -26.19
CA LYS E 212 -27.30 20.97 -25.99
C LYS E 212 -27.20 21.68 -27.34
N THR E 213 -26.52 21.02 -28.30
CA THR E 213 -26.46 21.52 -29.66
C THR E 213 -27.85 21.58 -30.27
N ALA E 214 -28.74 20.67 -29.86
CA ALA E 214 -30.13 20.76 -30.27
C ALA E 214 -30.82 22.00 -29.71
N ILE E 215 -30.48 22.40 -28.48
CA ILE E 215 -31.08 23.61 -27.91
C ILE E 215 -30.59 24.85 -28.64
N VAL E 216 -29.32 24.86 -29.04
CA VAL E 216 -28.82 26.03 -29.76
C VAL E 216 -29.40 26.08 -31.18
N GLU E 217 -29.57 24.92 -31.81
CA GLU E 217 -30.23 24.90 -33.12
C GLU E 217 -31.70 25.31 -33.02
N GLY E 218 -32.36 24.95 -31.92
CA GLY E 218 -33.72 25.43 -31.70
C GLY E 218 -33.78 26.92 -31.47
N LEU E 219 -32.75 27.48 -30.83
CA LEU E 219 -32.65 28.92 -30.70
C LEU E 219 -32.49 29.59 -32.06
N ALA E 220 -31.71 28.97 -32.94
CA ALA E 220 -31.57 29.49 -34.30
C ALA E 220 -32.88 29.40 -35.07
N GLN E 221 -33.64 28.33 -34.87
CA GLN E 221 -34.96 28.23 -35.51
C GLN E 221 -35.93 29.25 -34.95
N ARG E 222 -35.83 29.60 -33.66
CA ARG E 222 -36.69 30.64 -33.13
C ARG E 222 -36.26 32.04 -33.57
N ILE E 223 -34.99 32.22 -33.93
CA ILE E 223 -34.59 33.48 -34.53
C ILE E 223 -35.10 33.59 -35.96
N ILE E 224 -34.94 32.52 -36.75
CA ILE E 224 -35.36 32.54 -38.16
C ILE E 224 -36.88 32.64 -38.26
N ASN E 225 -37.60 31.91 -37.41
CA ASN E 225 -39.05 32.10 -37.33
C ASN E 225 -39.41 33.42 -36.67
N GLY E 226 -38.49 34.03 -35.92
CA GLY E 226 -38.74 35.34 -35.36
C GLY E 226 -39.63 35.36 -34.14
N GLU E 227 -39.66 34.29 -33.36
CA GLU E 227 -40.44 34.24 -32.15
C GLU E 227 -39.65 34.71 -30.93
N VAL E 228 -38.39 35.09 -31.14
CA VAL E 228 -37.53 35.64 -30.08
C VAL E 228 -37.98 37.06 -29.82
N PRO E 229 -37.63 37.66 -28.67
CA PRO E 229 -37.93 39.10 -28.47
C PRO E 229 -37.13 40.02 -29.39
N GLU E 230 -37.41 41.32 -29.31
CA GLU E 230 -36.90 42.28 -30.29
C GLU E 230 -35.40 42.49 -30.20
N GLY E 231 -34.79 42.21 -29.04
CA GLY E 231 -33.36 42.35 -28.90
C GLY E 231 -32.53 41.31 -29.63
N LEU E 232 -33.18 40.28 -30.17
CA LEU E 232 -32.48 39.21 -30.88
C LEU E 232 -32.91 39.09 -32.33
N LYS E 233 -33.82 39.93 -32.79
CA LYS E 233 -34.28 39.86 -34.17
C LYS E 233 -33.23 40.46 -35.11
N GLY E 234 -33.02 39.81 -36.24
CA GLY E 234 -31.99 40.21 -37.17
C GLY E 234 -30.60 39.70 -36.83
N ARG E 235 -30.42 39.05 -35.69
CA ARG E 235 -29.11 38.57 -35.29
C ARG E 235 -28.74 37.31 -36.08
N ARG E 236 -27.47 36.93 -35.97
CA ARG E 236 -26.95 35.76 -36.67
C ARG E 236 -26.31 34.81 -35.67
N VAL E 237 -26.32 33.52 -36.02
CA VAL E 237 -25.72 32.47 -35.21
C VAL E 237 -24.78 31.71 -36.11
N LEU E 238 -23.48 31.92 -35.95
CA LEU E 238 -22.45 31.25 -36.75
C LEU E 238 -21.52 30.49 -35.83
N ALA E 239 -21.32 29.21 -36.14
CA ALA E 239 -20.49 28.33 -35.33
C ALA E 239 -19.14 28.14 -36.01
N LEU E 240 -18.07 28.43 -35.26
CA LEU E 240 -16.73 28.27 -35.80
C LEU E 240 -16.34 26.80 -35.87
N ASP E 241 -15.74 26.41 -36.98
CA ASP E 241 -15.23 25.05 -37.16
C ASP E 241 -13.78 25.03 -36.74
N MET E 242 -13.47 24.23 -35.72
CA MET E 242 -12.10 24.05 -35.28
C MET E 242 -11.27 23.38 -36.36
N GLY E 243 -11.77 22.24 -36.87
CA GLY E 243 -10.98 21.37 -37.71
C GLY E 243 -10.68 21.92 -39.09
N ALA E 244 -11.52 22.83 -39.59
CA ALA E 244 -11.25 23.41 -40.90
C ALA E 244 -10.08 24.38 -40.83
N LEU E 245 -9.89 25.00 -39.66
CA LEU E 245 -8.81 25.97 -39.48
C LEU E 245 -7.45 25.31 -39.50
N VAL E 246 -7.33 24.12 -38.89
CA VAL E 246 -6.02 23.51 -38.68
C VAL E 246 -5.46 22.91 -39.97
N ALA E 247 -6.34 22.65 -40.95
CA ALA E 247 -5.94 21.84 -42.10
C ALA E 247 -4.99 22.59 -43.03
N GLY E 248 -5.42 23.73 -43.56
CA GLY E 248 -4.63 24.42 -44.56
C GLY E 248 -3.45 25.21 -44.05
N ALA E 249 -3.29 25.33 -42.73
CA ALA E 249 -2.27 26.19 -42.13
C ALA E 249 -0.96 25.43 -41.99
N LYS E 250 -0.29 25.25 -43.13
CA LYS E 250 1.02 24.60 -43.10
C LYS E 250 2.10 25.55 -42.62
N TYR E 251 2.12 26.77 -43.12
CA TYR E 251 3.21 27.69 -42.84
C TYR E 251 3.11 28.23 -41.42
N ARG E 252 4.07 29.07 -41.06
CA ARG E 252 4.27 29.47 -39.67
C ARG E 252 3.20 30.49 -39.26
N GLY E 253 2.40 30.11 -38.27
CA GLY E 253 1.42 31.02 -37.69
C GLY E 253 0.22 31.29 -38.56
N GLU E 254 0.00 30.49 -39.60
CA GLU E 254 -1.14 30.73 -40.47
C GLU E 254 -2.46 30.40 -39.78
N PHE E 255 -2.43 29.47 -38.83
CA PHE E 255 -3.61 29.19 -38.01
C PHE E 255 -3.98 30.40 -37.17
N GLU E 256 -2.98 31.03 -36.56
CA GLU E 256 -3.21 32.20 -35.74
C GLU E 256 -3.67 33.38 -36.59
N GLU E 257 -3.18 33.46 -37.83
CA GLU E 257 -3.62 34.51 -38.74
C GLU E 257 -5.08 34.35 -39.11
N ARG E 258 -5.50 33.11 -39.40
CA ARG E 258 -6.90 32.84 -39.71
C ARG E 258 -7.80 33.12 -38.53
N LEU E 259 -7.37 32.72 -37.32
CA LEU E 259 -8.18 32.96 -36.15
C LEU E 259 -8.24 34.44 -35.79
N LYS E 260 -7.16 35.17 -36.05
CA LYS E 260 -7.18 36.61 -35.82
C LYS E 260 -8.09 37.31 -36.81
N GLY E 261 -8.10 36.83 -38.07
CA GLY E 261 -9.01 37.40 -39.06
C GLY E 261 -10.47 37.13 -38.73
N VAL E 262 -10.76 35.94 -38.21
CA VAL E 262 -12.13 35.62 -37.79
C VAL E 262 -12.53 36.44 -36.57
N LEU E 263 -11.60 36.64 -35.64
CA LEU E 263 -11.85 37.49 -34.47
C LEU E 263 -12.09 38.93 -34.88
N ASN E 264 -11.35 39.42 -35.87
CA ASN E 264 -11.56 40.79 -36.35
C ASN E 264 -12.85 40.90 -37.14
N ASP E 265 -13.28 39.83 -37.81
CA ASP E 265 -14.58 39.86 -38.47
C ASP E 265 -15.72 39.87 -37.46
N LEU E 266 -15.56 39.14 -36.34
CA LEU E 266 -16.57 39.21 -35.29
C LEU E 266 -16.58 40.57 -34.62
N ALA E 267 -15.41 41.20 -34.48
CA ALA E 267 -15.37 42.58 -34.00
C ALA E 267 -16.01 43.53 -35.00
N LYS E 268 -15.91 43.22 -36.29
CA LYS E 268 -16.50 44.05 -37.33
C LYS E 268 -18.02 43.96 -37.32
N GLN E 269 -18.56 42.77 -37.05
CA GLN E 269 -20.01 42.61 -37.08
C GLN E 269 -20.70 43.25 -35.89
N GLU E 270 -19.96 43.54 -34.80
CA GLU E 270 -20.39 44.38 -33.69
C GLU E 270 -21.61 43.80 -32.96
N GLY E 271 -21.44 42.57 -32.46
CA GLY E 271 -22.47 41.94 -31.66
C GLY E 271 -23.68 41.42 -32.42
N ASN E 272 -23.69 41.57 -33.75
CA ASN E 272 -24.81 41.07 -34.53
C ASN E 272 -24.79 39.55 -34.60
N VAL E 273 -23.60 38.97 -34.71
CA VAL E 273 -23.45 37.52 -34.77
C VAL E 273 -23.25 37.01 -33.35
N ILE E 274 -24.19 36.19 -32.88
CA ILE E 274 -24.03 35.52 -31.60
C ILE E 274 -23.22 34.25 -31.84
N LEU E 275 -22.10 34.13 -31.12
CA LEU E 275 -21.19 33.03 -31.34
C LEU E 275 -21.63 31.80 -30.55
N PHE E 276 -21.59 30.65 -31.21
CA PHE E 276 -21.79 29.37 -30.53
C PHE E 276 -20.66 28.43 -30.92
N ILE E 277 -19.83 28.08 -29.93
CA ILE E 277 -18.79 27.08 -30.13
C ILE E 277 -18.98 26.01 -29.06
N ASP E 278 -19.45 24.84 -29.47
CA ASP E 278 -19.52 23.68 -28.59
C ASP E 278 -18.12 23.15 -28.31
N ALA E 279 -18.04 22.29 -27.29
CA ALA E 279 -16.79 21.79 -26.72
C ALA E 279 -15.90 22.98 -26.34
N LEU E 280 -16.37 23.69 -25.31
CA LEU E 280 -15.77 24.95 -24.88
C LEU E 280 -14.31 24.76 -24.49
N HIS E 281 -13.98 23.62 -23.89
CA HIS E 281 -12.61 23.30 -23.55
C HIS E 281 -11.75 23.02 -24.78
N THR E 282 -12.36 22.62 -25.89
CA THR E 282 -11.59 22.52 -27.13
C THR E 282 -11.37 23.89 -27.75
N MET E 283 -12.31 24.82 -27.52
CA MET E 283 -12.07 26.22 -27.90
C MET E 283 -10.94 26.82 -27.06
N VAL E 284 -10.75 26.34 -25.84
CA VAL E 284 -9.62 26.81 -25.02
C VAL E 284 -8.27 26.40 -25.63
N GLY E 285 -8.20 25.25 -26.31
CA GLY E 285 -6.95 24.91 -26.99
C GLY E 285 -7.10 24.22 -28.32
N ALA E 286 -6.55 24.80 -29.39
CA ALA E 286 -6.73 24.27 -30.74
C ALA E 286 -5.41 24.11 -31.47
N GLY E 287 -4.42 23.55 -30.79
CA GLY E 287 -3.18 23.14 -31.42
C GLY E 287 -2.25 24.23 -31.89
N MET E 293 -1.98 29.98 -26.54
CA MET E 293 -1.54 30.78 -27.69
C MET E 293 -2.33 30.41 -28.94
N ASP E 294 -2.70 29.13 -29.04
CA ASP E 294 -3.39 28.65 -30.25
C ASP E 294 -4.80 29.22 -30.36
N ALA E 295 -5.66 28.96 -29.39
CA ALA E 295 -7.00 29.54 -29.47
C ALA E 295 -7.44 30.26 -28.21
N GLY E 296 -7.14 29.72 -27.04
CA GLY E 296 -7.67 30.28 -25.81
C GLY E 296 -7.02 31.58 -25.42
N ASN E 297 -5.78 31.80 -25.79
CA ASN E 297 -5.12 33.07 -25.58
C ASN E 297 -5.42 34.07 -26.70
N MET E 298 -6.30 33.71 -27.63
CA MET E 298 -6.82 34.63 -28.61
C MET E 298 -8.31 34.89 -28.44
N LEU E 299 -9.02 34.04 -27.71
CA LEU E 299 -10.46 34.16 -27.53
C LEU E 299 -10.86 34.39 -26.09
N LYS E 300 -10.26 33.66 -25.15
CA LYS E 300 -10.39 33.96 -23.73
C LYS E 300 -10.06 35.40 -23.32
N PRO E 301 -9.07 36.11 -23.91
CA PRO E 301 -8.93 37.53 -23.57
C PRO E 301 -10.09 38.40 -24.03
N ALA E 302 -10.84 37.99 -25.06
CA ALA E 302 -11.98 38.79 -25.50
C ALA E 302 -13.10 38.80 -24.48
N LEU E 303 -13.13 37.83 -23.57
CA LEU E 303 -14.15 37.80 -22.53
C LEU E 303 -13.94 38.93 -21.54
N ALA E 304 -12.69 39.19 -21.15
CA ALA E 304 -12.39 40.46 -20.51
C ALA E 304 -11.91 41.50 -21.52
N ARG E 305 -12.63 41.59 -22.64
CA ARG E 305 -12.56 42.71 -23.58
C ARG E 305 -13.93 43.11 -24.09
N GLY E 306 -14.97 42.31 -23.90
CA GLY E 306 -16.32 42.68 -24.24
C GLY E 306 -16.68 42.57 -25.71
N GLU E 307 -15.72 42.23 -26.58
CA GLU E 307 -16.04 42.06 -27.99
C GLU E 307 -16.82 40.78 -28.26
N LEU E 308 -16.81 39.84 -27.32
CA LEU E 308 -17.29 38.50 -27.56
C LEU E 308 -18.55 38.24 -26.74
N HIS E 309 -19.51 37.56 -27.35
CA HIS E 309 -20.81 37.25 -26.77
C HIS E 309 -21.15 35.80 -27.02
N CYS E 310 -20.22 34.92 -26.68
CA CYS E 310 -20.32 33.54 -27.13
C CYS E 310 -21.32 32.75 -26.30
N VAL E 311 -21.69 31.59 -26.84
CA VAL E 311 -22.58 30.64 -26.17
C VAL E 311 -21.84 29.32 -26.06
N GLY E 312 -21.76 28.79 -24.84
CA GLY E 312 -20.98 27.60 -24.57
C GLY E 312 -21.80 26.34 -24.53
N ALA E 313 -21.12 25.22 -24.72
CA ALA E 313 -21.75 23.91 -24.66
C ALA E 313 -20.72 22.88 -24.26
N THR E 314 -20.94 22.23 -23.12
CA THR E 314 -20.02 21.21 -22.64
C THR E 314 -20.72 20.28 -21.68
N THR E 315 -20.05 19.18 -21.37
CA THR E 315 -20.53 18.22 -20.39
C THR E 315 -20.23 18.75 -18.99
N LEU E 316 -20.98 18.24 -18.00
CA LEU E 316 -20.75 18.55 -16.60
C LEU E 316 -19.33 18.21 -16.15
N ASP E 317 -18.75 17.14 -16.71
CA ASP E 317 -17.41 16.72 -16.31
C ASP E 317 -16.35 17.73 -16.72
N GLU E 318 -16.46 18.30 -17.91
CA GLU E 318 -15.47 19.28 -18.33
C GLU E 318 -15.70 20.62 -17.66
N TYR E 319 -16.92 20.93 -17.25
CA TYR E 319 -17.11 22.14 -16.46
C TYR E 319 -16.54 21.96 -15.06
N ARG E 320 -16.66 20.75 -14.52
CA ARG E 320 -16.19 20.48 -13.17
C ARG E 320 -14.69 20.26 -13.13
N GLN E 321 -14.06 19.94 -14.26
CA GLN E 321 -12.62 19.75 -14.30
C GLN E 321 -11.87 20.95 -14.89
N TYR E 322 -12.32 21.48 -16.01
CA TYR E 322 -11.52 22.38 -16.81
C TYR E 322 -11.98 23.82 -16.78
N ILE E 323 -13.09 24.12 -16.10
CA ILE E 323 -13.63 25.47 -16.04
C ILE E 323 -13.76 25.97 -14.61
N GLU E 324 -14.27 25.14 -13.69
CA GLU E 324 -14.29 25.53 -12.29
C GLU E 324 -12.89 25.57 -11.69
N LYS E 325 -11.98 24.74 -12.19
CA LYS E 325 -10.57 24.92 -11.86
C LYS E 325 -10.00 26.16 -12.54
N ASP E 326 -10.45 26.45 -13.76
CA ASP E 326 -10.01 27.64 -14.49
C ASP E 326 -10.71 28.85 -13.89
N ALA E 327 -10.21 29.28 -12.74
CA ALA E 327 -10.88 30.29 -11.94
C ALA E 327 -10.69 31.71 -12.44
N ALA E 328 -9.87 31.91 -13.47
CA ALA E 328 -9.69 33.23 -14.05
C ALA E 328 -10.79 33.63 -15.02
N LEU E 329 -11.81 32.78 -15.17
CA LEU E 329 -12.87 33.03 -16.14
C LEU E 329 -14.22 32.63 -15.57
N GLU E 330 -14.37 32.64 -14.24
CA GLU E 330 -15.55 32.04 -13.62
C GLU E 330 -16.77 32.93 -13.77
N ARG E 331 -16.61 34.24 -13.58
CA ARG E 331 -17.75 35.16 -13.64
C ARG E 331 -17.99 35.72 -15.03
N ARG E 332 -17.61 34.97 -16.08
CA ARG E 332 -18.04 35.26 -17.43
C ARG E 332 -18.97 34.19 -17.97
N PHE E 333 -19.48 33.31 -17.11
CA PHE E 333 -20.36 32.24 -17.54
C PHE E 333 -21.42 31.99 -16.48
N GLN E 334 -22.45 31.26 -16.87
CA GLN E 334 -23.52 30.89 -15.95
C GLN E 334 -23.99 29.47 -16.28
N LYS E 335 -24.08 28.64 -15.25
CA LYS E 335 -24.32 27.21 -15.42
C LYS E 335 -25.74 26.92 -15.88
N VAL E 336 -25.94 26.78 -17.18
CA VAL E 336 -27.27 26.42 -17.64
C VAL E 336 -27.40 24.91 -17.50
N PHE E 337 -27.89 24.47 -16.34
CA PHE E 337 -28.01 23.05 -16.10
C PHE E 337 -29.13 22.46 -16.92
N VAL E 338 -28.79 21.95 -18.10
CA VAL E 338 -29.75 21.27 -18.97
C VAL E 338 -29.96 19.88 -18.41
N ALA E 339 -31.14 19.61 -17.87
CA ALA E 339 -31.37 18.31 -17.30
C ALA E 339 -31.77 17.31 -18.36
N GLU E 340 -31.64 16.03 -18.01
CA GLU E 340 -32.19 14.96 -18.83
C GLU E 340 -33.71 15.07 -18.86
N PRO E 341 -34.33 15.06 -20.03
CA PRO E 341 -35.77 15.23 -20.08
C PRO E 341 -36.46 13.97 -19.61
N SER E 342 -37.64 14.14 -19.02
CA SER E 342 -38.37 13.01 -18.50
C SER E 342 -39.14 12.33 -19.63
N VAL E 343 -40.05 11.43 -19.28
CA VAL E 343 -40.69 10.56 -20.26
C VAL E 343 -41.66 11.37 -21.12
N GLU E 344 -42.34 12.36 -20.54
CA GLU E 344 -43.28 13.21 -21.27
C GLU E 344 -42.62 13.97 -22.41
N ASP E 345 -41.58 14.74 -22.08
CA ASP E 345 -40.87 15.52 -23.10
C ASP E 345 -40.17 14.61 -24.08
N THR E 346 -39.75 13.43 -23.62
CA THR E 346 -39.19 12.45 -24.53
C THR E 346 -40.20 12.00 -25.56
N ILE E 347 -41.45 11.77 -25.14
CA ILE E 347 -42.49 11.35 -26.07
C ILE E 347 -42.82 12.48 -27.06
N ALA E 348 -42.81 13.73 -26.59
CA ALA E 348 -43.06 14.86 -27.49
C ALA E 348 -41.97 14.99 -28.55
N ILE E 349 -40.71 14.88 -28.12
CA ILE E 349 -39.57 14.96 -29.04
C ILE E 349 -39.61 13.79 -30.01
N LEU E 350 -40.00 12.60 -29.54
CA LEU E 350 -40.08 11.46 -30.43
C LEU E 350 -41.23 11.59 -31.42
N ARG E 351 -42.28 12.34 -31.09
CA ARG E 351 -43.34 12.53 -32.08
C ARG E 351 -42.90 13.46 -33.20
N GLY E 352 -42.22 14.56 -32.85
CA GLY E 352 -41.68 15.42 -33.90
C GLY E 352 -40.64 14.73 -34.76
N LEU E 353 -39.78 13.92 -34.13
CA LEU E 353 -38.80 13.23 -34.94
C LEU E 353 -39.35 12.00 -35.63
N LYS E 354 -40.52 11.49 -35.23
CA LYS E 354 -41.25 10.54 -36.05
C LYS E 354 -41.64 11.17 -37.37
N GLU E 355 -42.21 12.38 -37.29
CA GLU E 355 -42.55 13.12 -38.51
C GLU E 355 -41.32 13.39 -39.37
N ARG E 356 -40.15 13.55 -38.74
CA ARG E 356 -38.93 13.69 -39.54
C ARG E 356 -38.49 12.36 -40.16
N TYR E 357 -38.55 11.26 -39.40
CA TYR E 357 -37.97 10.00 -39.86
C TYR E 357 -38.85 9.26 -40.87
N GLU E 358 -40.13 9.56 -40.94
CA GLU E 358 -40.96 8.87 -41.92
C GLU E 358 -40.68 9.28 -43.36
N LEU E 359 -39.89 10.33 -43.58
CA LEU E 359 -39.45 10.65 -44.94
C LEU E 359 -38.20 9.88 -45.35
N HIS E 360 -37.57 9.15 -44.44
CA HIS E 360 -36.32 8.46 -44.76
C HIS E 360 -36.49 6.95 -44.84
N HIS E 361 -36.98 6.32 -43.78
CA HIS E 361 -37.15 4.88 -43.81
C HIS E 361 -38.41 4.45 -44.55
N HIS E 362 -39.31 5.39 -44.84
CA HIS E 362 -40.59 5.15 -45.53
C HIS E 362 -41.43 4.13 -44.78
N VAL E 363 -41.61 4.36 -43.48
CA VAL E 363 -42.31 3.43 -42.61
C VAL E 363 -43.37 4.19 -41.83
N GLN E 364 -44.30 3.43 -41.25
CA GLN E 364 -45.34 3.96 -40.38
C GLN E 364 -44.96 3.67 -38.95
N ILE E 365 -44.38 4.66 -38.28
CA ILE E 365 -44.03 4.50 -36.88
C ILE E 365 -45.28 4.70 -36.05
N THR E 366 -45.62 3.68 -35.26
CA THR E 366 -46.86 3.68 -34.49
C THR E 366 -46.59 4.28 -33.11
N ASP E 367 -47.55 5.04 -32.61
CA ASP E 367 -47.36 5.74 -31.33
C ASP E 367 -47.18 4.84 -30.10
N PRO E 368 -47.79 3.65 -30.00
CA PRO E 368 -47.32 2.69 -28.98
C PRO E 368 -45.85 2.34 -29.06
N ALA E 369 -45.26 2.32 -30.26
CA ALA E 369 -43.82 2.11 -30.34
C ALA E 369 -43.05 3.31 -29.81
N ILE E 370 -43.61 4.52 -29.95
CA ILE E 370 -42.96 5.70 -29.39
C ILE E 370 -42.98 5.65 -27.86
N VAL E 371 -44.14 5.36 -27.27
CA VAL E 371 -44.18 5.33 -25.81
C VAL E 371 -43.40 4.14 -25.26
N ALA E 372 -43.35 3.03 -26.01
CA ALA E 372 -42.54 1.90 -25.60
C ALA E 372 -41.06 2.20 -25.71
N ALA E 373 -40.66 2.99 -26.70
CA ALA E 373 -39.27 3.37 -26.83
C ALA E 373 -38.83 4.24 -25.68
N ALA E 374 -39.64 5.23 -25.34
CA ALA E 374 -39.32 6.12 -24.22
C ALA E 374 -39.25 5.36 -22.91
N THR E 375 -40.23 4.50 -22.65
CA THR E 375 -40.26 3.75 -21.40
C THR E 375 -39.12 2.75 -21.31
N LEU E 376 -38.98 1.89 -22.30
CA LEU E 376 -38.00 0.82 -22.24
C LEU E 376 -36.58 1.33 -22.35
N SER E 377 -36.34 2.45 -23.05
CA SER E 377 -35.02 3.05 -22.98
C SER E 377 -34.78 3.68 -21.62
N HIS E 378 -35.82 4.17 -20.96
CA HIS E 378 -35.61 4.70 -19.62
C HIS E 378 -35.31 3.60 -18.62
N ARG E 379 -35.85 2.41 -18.84
CA ARG E 379 -35.67 1.39 -17.81
C ARG E 379 -34.44 0.52 -18.08
N TYR E 380 -34.34 -0.07 -19.25
CA TYR E 380 -33.39 -1.14 -19.49
C TYR E 380 -32.06 -0.67 -20.05
N ILE E 381 -31.77 0.63 -19.98
CA ILE E 381 -30.46 1.15 -20.36
C ILE E 381 -30.03 2.15 -19.30
N ALA E 382 -28.98 1.83 -18.57
CA ALA E 382 -28.35 2.82 -17.72
C ALA E 382 -27.15 3.47 -18.38
N ASP E 383 -26.75 2.96 -19.54
CA ASP E 383 -25.49 3.34 -20.12
C ASP E 383 -25.60 4.67 -20.86
N ARG E 384 -26.70 4.87 -21.57
CA ARG E 384 -26.94 6.06 -22.36
C ARG E 384 -28.14 6.82 -21.80
N GLN E 385 -28.47 7.94 -22.43
CA GLN E 385 -29.39 8.91 -21.84
C GLN E 385 -30.49 9.35 -22.79
N LEU E 386 -31.62 9.76 -22.22
CA LEU E 386 -32.71 10.31 -22.97
C LEU E 386 -32.33 11.69 -23.50
N PRO E 387 -32.93 12.13 -24.63
CA PRO E 387 -33.85 11.48 -25.54
C PRO E 387 -33.08 10.72 -26.60
N ASP E 388 -31.75 10.76 -26.47
CA ASP E 388 -30.83 10.26 -27.47
C ASP E 388 -31.00 8.76 -27.69
N LYS E 389 -31.07 7.99 -26.62
CA LYS E 389 -31.20 6.55 -26.76
C LYS E 389 -32.59 6.14 -27.25
N ALA E 390 -33.62 6.92 -26.93
CA ALA E 390 -34.95 6.61 -27.44
C ALA E 390 -35.01 6.83 -28.95
N ILE E 391 -34.36 7.89 -29.42
CA ILE E 391 -34.22 8.13 -30.85
C ILE E 391 -33.44 7.02 -31.51
N ASP E 392 -32.42 6.50 -30.83
CA ASP E 392 -31.65 5.40 -31.39
C ASP E 392 -32.51 4.14 -31.52
N LEU E 393 -33.37 3.87 -30.54
CA LEU E 393 -34.24 2.70 -30.62
C LEU E 393 -35.25 2.83 -31.75
N ILE E 394 -35.87 4.01 -31.89
CA ILE E 394 -36.85 4.24 -32.95
C ILE E 394 -36.20 4.10 -34.32
N ASP E 395 -35.01 4.69 -34.48
CA ASP E 395 -34.36 4.67 -35.78
C ASP E 395 -33.89 3.28 -36.15
N GLU E 396 -33.40 2.52 -35.17
CA GLU E 396 -32.93 1.19 -35.49
C GLU E 396 -34.08 0.22 -35.75
N ALA E 397 -35.22 0.39 -35.06
CA ALA E 397 -36.37 -0.43 -35.39
C ALA E 397 -36.93 -0.08 -36.76
N ALA E 398 -36.83 1.19 -37.16
CA ALA E 398 -37.25 1.56 -38.51
C ALA E 398 -36.35 0.91 -39.55
N SER E 399 -35.04 0.84 -39.27
CA SER E 399 -34.14 0.14 -40.18
C SER E 399 -34.45 -1.34 -40.26
N SER E 400 -34.81 -1.94 -39.12
CA SER E 400 -35.14 -3.37 -39.10
C SER E 400 -36.38 -3.66 -39.92
N ILE E 401 -37.41 -2.82 -39.81
CA ILE E 401 -38.61 -3.01 -40.60
C ILE E 401 -38.36 -2.74 -42.07
N ARG E 402 -37.47 -1.80 -42.38
CA ARG E 402 -37.10 -1.57 -43.77
C ARG E 402 -36.37 -2.78 -44.36
N MET E 403 -35.57 -3.46 -43.54
CA MET E 403 -34.92 -4.68 -44.02
C MET E 403 -35.90 -5.84 -44.19
N GLN E 404 -36.91 -5.93 -43.30
CA GLN E 404 -37.93 -6.96 -43.50
C GLN E 404 -38.73 -6.72 -44.78
N ILE E 405 -39.11 -5.46 -45.01
CA ILE E 405 -39.83 -5.12 -46.23
C ILE E 405 -38.97 -5.36 -47.46
N ASP E 406 -37.66 -5.17 -47.34
CA ASP E 406 -36.82 -5.21 -48.52
C ASP E 406 -36.61 -6.65 -49.00
N SER E 407 -35.96 -7.48 -48.20
CA SER E 407 -35.64 -8.86 -48.63
C SER E 407 -36.78 -9.84 -48.37
N LYS E 408 -37.05 -10.11 -47.08
CA LYS E 408 -37.93 -11.16 -46.58
C LYS E 408 -37.97 -11.02 -45.05
N PRO E 409 -38.87 -11.68 -44.32
CA PRO E 409 -38.82 -11.62 -42.85
C PRO E 409 -37.59 -12.30 -42.28
N GLU E 410 -37.29 -11.96 -41.01
CA GLU E 410 -36.11 -12.49 -40.35
C GLU E 410 -36.20 -13.99 -40.08
N GLU E 411 -37.41 -14.53 -39.90
CA GLU E 411 -37.54 -15.94 -39.60
C GLU E 411 -37.15 -16.79 -40.80
N LEU E 412 -37.56 -16.34 -42.00
CA LEU E 412 -37.05 -16.92 -43.23
C LEU E 412 -35.54 -16.75 -43.36
N ASP E 413 -34.99 -15.65 -42.83
CA ASP E 413 -33.54 -15.46 -42.88
C ASP E 413 -32.81 -16.42 -41.95
N ARG E 414 -33.36 -16.64 -40.74
CA ARG E 414 -32.82 -17.63 -39.81
C ARG E 414 -32.77 -19.00 -40.46
N LEU E 415 -33.90 -19.41 -41.05
CA LEU E 415 -33.95 -20.74 -41.62
C LEU E 415 -33.13 -20.86 -42.89
N ASP E 416 -32.99 -19.78 -43.66
CA ASP E 416 -32.22 -19.87 -44.89
C ASP E 416 -30.72 -19.93 -44.59
N ARG E 417 -30.26 -19.14 -43.62
CA ARG E 417 -28.86 -19.22 -43.23
C ARG E 417 -28.56 -20.56 -42.55
N ARG E 418 -29.51 -21.10 -41.79
CA ARG E 418 -29.24 -22.39 -41.18
C ARG E 418 -29.28 -23.52 -42.20
N ILE E 419 -30.08 -23.42 -43.26
CA ILE E 419 -30.06 -24.51 -44.23
C ILE E 419 -28.86 -24.39 -45.15
N ILE E 420 -28.33 -23.19 -45.42
CA ILE E 420 -27.08 -23.16 -46.18
C ILE E 420 -25.91 -23.60 -45.29
N GLN E 421 -26.04 -23.38 -43.97
CA GLN E 421 -25.06 -23.87 -43.00
C GLN E 421 -25.01 -25.40 -43.00
N LEU E 422 -26.17 -26.02 -42.79
CA LEU E 422 -26.23 -27.47 -42.78
C LEU E 422 -26.02 -28.06 -44.17
N LYS E 423 -26.21 -27.26 -45.23
CA LYS E 423 -25.86 -27.69 -46.58
C LYS E 423 -24.35 -27.84 -46.72
N LEU E 424 -23.59 -26.85 -46.23
CA LEU E 424 -22.13 -26.99 -46.23
C LEU E 424 -21.69 -28.15 -45.33
N GLU E 425 -22.39 -28.36 -44.22
CA GLU E 425 -22.05 -29.48 -43.34
C GLU E 425 -22.29 -30.84 -44.01
N GLN E 426 -23.45 -30.99 -44.66
CA GLN E 426 -23.77 -32.24 -45.35
C GLN E 426 -22.86 -32.46 -46.54
N GLN E 427 -22.42 -31.38 -47.20
CA GLN E 427 -21.46 -31.53 -48.28
C GLN E 427 -20.10 -31.97 -47.78
N ALA E 428 -19.66 -31.42 -46.64
CA ALA E 428 -18.34 -31.76 -46.14
C ALA E 428 -18.29 -33.11 -45.43
N LEU E 429 -19.41 -33.63 -44.95
CA LEU E 429 -19.41 -34.89 -44.21
C LEU E 429 -19.65 -36.11 -45.10
N MET E 430 -19.22 -36.06 -46.34
CA MET E 430 -19.35 -37.24 -47.21
C MET E 430 -17.98 -37.70 -47.70
N LEU E 441 -22.70 -40.42 -36.60
CA LEU E 441 -21.65 -39.44 -36.78
C LEU E 441 -22.25 -38.13 -37.28
N ASP E 442 -23.39 -38.23 -37.96
CA ASP E 442 -24.00 -37.04 -38.55
C ASP E 442 -24.71 -36.19 -37.51
N MET E 443 -25.79 -36.74 -36.92
CA MET E 443 -26.81 -35.99 -36.18
C MET E 443 -27.29 -34.78 -36.99
N LEU E 444 -27.62 -35.04 -38.26
CA LEU E 444 -27.89 -33.98 -39.22
C LEU E 444 -29.13 -34.21 -40.06
N ASN E 445 -29.58 -35.46 -40.25
CA ASN E 445 -30.68 -35.75 -41.17
C ASN E 445 -32.00 -35.23 -40.62
N GLU E 446 -32.30 -35.55 -39.36
CA GLU E 446 -33.54 -35.07 -38.74
C GLU E 446 -33.52 -33.56 -38.57
N GLU E 447 -32.36 -33.01 -38.23
CA GLU E 447 -32.20 -31.56 -38.05
C GLU E 447 -32.46 -30.81 -39.34
N LEU E 448 -31.75 -31.18 -40.42
CA LEU E 448 -31.91 -30.46 -41.67
C LEU E 448 -33.26 -30.74 -42.32
N SER E 449 -33.82 -31.94 -42.13
CA SER E 449 -35.16 -32.22 -42.66
C SER E 449 -36.23 -31.40 -41.94
N ASP E 450 -36.11 -31.26 -40.62
CA ASP E 450 -37.08 -30.48 -39.88
C ASP E 450 -36.94 -28.99 -40.19
N LYS E 451 -35.71 -28.51 -40.41
CA LYS E 451 -35.56 -27.11 -40.79
C LYS E 451 -36.03 -26.85 -42.21
N GLU E 452 -35.90 -27.84 -43.12
CA GLU E 452 -36.47 -27.69 -44.45
C GLU E 452 -37.99 -27.62 -44.39
N ARG E 453 -38.60 -28.45 -43.55
CA ARG E 453 -40.06 -28.39 -43.38
C ARG E 453 -40.50 -27.07 -42.77
N GLN E 454 -39.73 -26.56 -41.79
CA GLN E 454 -40.07 -25.30 -41.15
C GLN E 454 -39.91 -24.12 -42.10
N TYR E 455 -38.88 -24.17 -42.95
CA TYR E 455 -38.70 -23.13 -43.96
C TYR E 455 -39.79 -23.18 -45.00
N SER E 456 -40.24 -24.37 -45.38
CA SER E 456 -41.36 -24.49 -46.32
C SER E 456 -42.64 -23.94 -45.71
N GLU E 457 -42.86 -24.19 -44.41
CA GLU E 457 -44.06 -23.68 -43.72
C GLU E 457 -44.05 -22.15 -43.66
N LEU E 458 -42.94 -21.57 -43.23
CA LEU E 458 -42.91 -20.11 -43.11
C LEU E 458 -42.86 -19.43 -44.47
N GLU E 459 -42.29 -20.09 -45.48
CA GLU E 459 -42.33 -19.52 -46.84
C GLU E 459 -43.74 -19.57 -47.40
N GLU E 460 -44.50 -20.62 -47.09
CA GLU E 460 -45.88 -20.69 -47.54
C GLU E 460 -46.75 -19.68 -46.81
N GLU E 461 -46.46 -19.43 -45.53
CA GLU E 461 -47.19 -18.39 -44.81
C GLU E 461 -46.85 -17.00 -45.34
N TRP E 462 -45.60 -16.78 -45.73
CA TRP E 462 -45.21 -15.50 -46.33
C TRP E 462 -45.84 -15.31 -47.70
N LYS E 463 -46.01 -16.40 -48.46
CA LYS E 463 -46.78 -16.31 -49.70
C LYS E 463 -48.27 -16.07 -49.41
N ALA E 464 -48.76 -16.58 -48.28
CA ALA E 464 -50.17 -16.37 -47.92
C ALA E 464 -50.43 -14.92 -47.55
N GLU E 465 -49.51 -14.27 -46.84
CA GLU E 465 -49.65 -12.84 -46.59
C GLU E 465 -49.35 -11.99 -47.82
N LYS E 466 -48.66 -12.56 -48.81
CA LYS E 466 -48.40 -11.82 -50.05
C LYS E 466 -49.53 -12.08 -51.05
N LEU E 527 -44.83 -10.16 -43.78
CA LEU E 527 -44.71 -8.74 -44.11
C LEU E 527 -45.25 -7.87 -42.98
N ARG E 528 -44.44 -6.90 -42.57
CA ARG E 528 -44.83 -5.91 -41.56
C ARG E 528 -44.27 -4.57 -41.98
N ASN E 529 -45.10 -3.53 -41.97
CA ASN E 529 -44.66 -2.18 -42.27
C ASN E 529 -44.87 -1.20 -41.13
N LYS E 530 -45.55 -1.61 -40.07
CA LYS E 530 -45.79 -0.77 -38.91
C LYS E 530 -44.81 -1.16 -37.82
N VAL E 531 -43.97 -0.21 -37.42
CA VAL E 531 -43.06 -0.43 -36.30
C VAL E 531 -43.91 -0.47 -35.03
N THR E 532 -44.07 -1.65 -34.44
CA THR E 532 -44.89 -1.81 -33.25
C THR E 532 -44.01 -1.77 -32.01
N ASP E 533 -44.58 -2.11 -30.86
CA ASP E 533 -43.80 -2.17 -29.64
C ASP E 533 -42.89 -3.40 -29.62
N ALA E 534 -43.31 -4.48 -30.30
CA ALA E 534 -42.53 -5.70 -30.31
C ALA E 534 -41.20 -5.49 -31.01
N GLU E 535 -41.18 -4.67 -32.04
CA GLU E 535 -39.94 -4.40 -32.75
C GLU E 535 -39.00 -3.55 -31.91
N ILE E 536 -39.56 -2.62 -31.13
CA ILE E 536 -38.76 -1.84 -30.21
C ILE E 536 -38.15 -2.73 -29.14
N ALA E 537 -38.93 -3.68 -28.63
CA ALA E 537 -38.41 -4.59 -27.62
C ALA E 537 -37.35 -5.53 -28.19
N GLU E 538 -37.46 -5.90 -29.47
CA GLU E 538 -36.44 -6.77 -30.04
C GLU E 538 -35.16 -6.01 -30.34
N VAL E 539 -35.26 -4.74 -30.75
CA VAL E 539 -34.07 -3.92 -30.91
C VAL E 539 -33.40 -3.68 -29.56
N LEU E 540 -34.19 -3.52 -28.51
CA LEU E 540 -33.60 -3.32 -27.18
C LEU E 540 -32.95 -4.60 -26.66
N ALA E 541 -33.61 -5.74 -26.85
CA ALA E 541 -33.02 -7.00 -26.40
C ALA E 541 -31.80 -7.38 -27.21
N ARG E 542 -31.66 -6.87 -28.43
CA ARG E 542 -30.41 -7.08 -29.13
C ARG E 542 -29.36 -6.06 -28.78
N TRP E 543 -29.72 -4.87 -28.31
CA TRP E 543 -28.65 -3.93 -27.98
C TRP E 543 -28.03 -4.25 -26.63
N THR E 544 -28.85 -4.52 -25.63
CA THR E 544 -28.31 -4.78 -24.30
C THR E 544 -28.04 -6.27 -24.06
N GLY E 545 -29.08 -7.08 -24.14
CA GLY E 545 -28.95 -8.48 -23.85
C GLY E 545 -30.06 -8.96 -22.95
N ILE E 546 -30.77 -8.02 -22.34
CA ILE E 546 -31.87 -8.38 -21.45
C ILE E 546 -33.01 -8.97 -22.26
N PRO E 547 -33.52 -10.12 -21.90
CA PRO E 547 -34.63 -10.71 -22.66
C PRO E 547 -35.94 -9.98 -22.46
N VAL E 548 -36.12 -8.89 -23.19
CA VAL E 548 -37.36 -8.14 -23.16
C VAL E 548 -38.33 -8.65 -24.22
N SER E 549 -37.84 -9.32 -25.26
CA SER E 549 -38.59 -9.64 -26.46
C SER E 549 -39.71 -10.63 -26.17
N ARG E 550 -40.61 -10.77 -27.14
CA ARG E 550 -41.69 -11.73 -27.01
C ARG E 550 -41.13 -13.15 -27.08
N MET E 551 -41.76 -14.03 -26.31
CA MET E 551 -41.28 -15.40 -26.16
C MET E 551 -41.58 -16.19 -27.43
N MET E 552 -40.55 -16.70 -28.09
CA MET E 552 -40.76 -17.87 -28.92
C MET E 552 -41.14 -19.04 -28.02
N GLU E 553 -42.09 -19.86 -28.47
CA GLU E 553 -42.76 -20.75 -27.53
C GLU E 553 -41.90 -21.94 -27.12
N SER E 554 -40.76 -22.12 -27.81
CA SER E 554 -39.70 -22.96 -27.28
C SER E 554 -39.22 -22.46 -25.92
N GLU E 555 -39.23 -21.14 -25.69
CA GLU E 555 -38.81 -20.63 -24.38
C GLU E 555 -39.86 -20.88 -23.31
N ARG E 556 -41.15 -20.87 -23.70
CA ARG E 556 -42.20 -21.24 -22.76
C ARG E 556 -42.09 -22.70 -22.34
N GLU E 557 -41.88 -23.59 -23.32
CA GLU E 557 -41.66 -24.99 -22.98
C GLU E 557 -40.35 -25.18 -22.23
N LYS E 558 -39.35 -24.37 -22.54
CA LYS E 558 -38.10 -24.35 -21.80
C LYS E 558 -38.29 -23.89 -20.36
N LEU E 559 -39.33 -23.13 -20.07
CA LEU E 559 -39.53 -22.65 -18.71
C LEU E 559 -40.40 -23.58 -17.84
N LEU E 560 -41.33 -24.28 -18.46
CA LEU E 560 -41.92 -25.43 -17.78
C LEU E 560 -40.83 -26.47 -17.49
N ARG E 561 -39.93 -26.64 -18.45
CA ARG E 561 -38.73 -27.38 -18.15
C ARG E 561 -37.68 -26.60 -17.35
N MET E 562 -37.86 -25.31 -17.05
CA MET E 562 -36.99 -24.68 -16.05
C MET E 562 -37.17 -25.34 -14.71
N GLU E 563 -38.42 -25.51 -14.31
CA GLU E 563 -38.65 -26.31 -13.10
C GLU E 563 -38.19 -27.77 -13.28
N GLN E 564 -38.63 -28.43 -14.37
CA GLN E 564 -38.32 -29.85 -14.48
C GLN E 564 -36.84 -30.12 -14.77
N GLU E 565 -36.16 -29.23 -15.46
CA GLU E 565 -34.77 -29.38 -15.86
C GLU E 565 -33.79 -28.83 -14.86
N LEU E 566 -34.19 -27.96 -13.93
CA LEU E 566 -33.35 -27.86 -12.77
C LEU E 566 -33.45 -29.13 -11.95
N HIS E 567 -34.62 -29.76 -11.90
CA HIS E 567 -34.61 -31.05 -11.21
C HIS E 567 -33.96 -32.19 -12.00
N HIS E 568 -33.59 -31.98 -13.26
CA HIS E 568 -32.78 -33.00 -13.91
C HIS E 568 -31.31 -32.93 -13.51
N ARG E 569 -30.70 -31.74 -13.51
CA ARG E 569 -29.32 -31.68 -13.02
C ARG E 569 -29.25 -31.73 -11.50
N VAL E 570 -29.87 -30.77 -10.83
CA VAL E 570 -29.87 -30.76 -9.36
C VAL E 570 -31.05 -31.62 -8.93
N ILE E 571 -30.81 -32.91 -8.75
CA ILE E 571 -31.78 -33.70 -8.02
C ILE E 571 -31.67 -33.32 -6.55
N GLY E 572 -32.81 -33.35 -5.87
CA GLY E 572 -32.94 -32.83 -4.53
C GLY E 572 -33.37 -31.39 -4.54
N GLN E 573 -33.61 -30.89 -3.31
CA GLN E 573 -33.73 -29.47 -2.98
C GLN E 573 -34.89 -28.81 -3.73
N ASN E 574 -36.10 -29.24 -3.38
CA ASN E 574 -37.31 -28.71 -4.02
C ASN E 574 -37.50 -27.22 -3.73
N GLU E 575 -37.13 -26.79 -2.52
CA GLU E 575 -37.47 -25.46 -2.04
C GLU E 575 -36.78 -24.38 -2.85
N ALA E 576 -35.48 -24.52 -3.06
CA ALA E 576 -34.73 -23.48 -3.75
C ALA E 576 -34.99 -23.48 -5.24
N VAL E 577 -35.21 -24.65 -5.85
CA VAL E 577 -35.56 -24.71 -7.25
C VAL E 577 -36.88 -24.00 -7.50
N ASP E 578 -37.85 -24.21 -6.60
CA ASP E 578 -39.11 -23.48 -6.70
C ASP E 578 -38.91 -21.98 -6.51
N ALA E 579 -38.05 -21.59 -5.57
CA ALA E 579 -37.83 -20.17 -5.29
C ALA E 579 -37.19 -19.46 -6.47
N VAL E 580 -36.17 -20.07 -7.06
CA VAL E 580 -35.48 -19.44 -8.17
C VAL E 580 -36.35 -19.43 -9.42
N SER E 581 -37.10 -20.51 -9.67
CA SER E 581 -38.01 -20.55 -10.80
C SER E 581 -39.08 -19.48 -10.70
N ASN E 582 -39.60 -19.28 -9.49
CA ASN E 582 -40.60 -18.24 -9.29
C ASN E 582 -40.01 -16.86 -9.51
N ALA E 583 -38.73 -16.66 -9.14
CA ALA E 583 -38.13 -15.34 -9.35
C ALA E 583 -37.87 -15.06 -10.82
N ILE E 584 -37.38 -16.06 -11.57
CA ILE E 584 -37.14 -15.84 -12.98
C ILE E 584 -38.45 -15.67 -13.75
N ARG E 585 -39.49 -16.39 -13.34
CA ARG E 585 -40.79 -16.18 -13.95
C ARG E 585 -41.35 -14.79 -13.65
N ARG E 586 -41.25 -14.35 -12.39
CA ARG E 586 -41.73 -13.01 -12.04
C ARG E 586 -40.91 -11.90 -12.66
N SER E 587 -39.70 -12.19 -13.14
CA SER E 587 -39.01 -11.16 -13.89
C SER E 587 -39.23 -11.25 -15.39
N ARG E 588 -39.49 -12.44 -15.94
CA ARG E 588 -39.74 -12.55 -17.38
C ARG E 588 -41.12 -12.04 -17.75
N ALA E 589 -42.10 -12.20 -16.88
CA ALA E 589 -43.44 -11.73 -17.19
C ALA E 589 -43.60 -10.24 -16.92
N GLY E 590 -42.57 -9.56 -16.44
CA GLY E 590 -42.63 -8.12 -16.26
C GLY E 590 -43.24 -7.68 -14.96
N LEU E 591 -42.92 -8.37 -13.86
CA LEU E 591 -43.52 -8.08 -12.58
C LEU E 591 -42.51 -7.72 -11.51
N ALA E 592 -41.22 -7.91 -11.77
CA ALA E 592 -40.21 -7.65 -10.77
C ALA E 592 -40.01 -6.15 -10.56
N ASP E 593 -39.62 -5.80 -9.35
CA ASP E 593 -39.42 -4.41 -8.96
C ASP E 593 -38.22 -3.85 -9.70
N PRO E 594 -38.38 -2.81 -10.53
CA PRO E 594 -37.24 -2.28 -11.27
C PRO E 594 -36.30 -1.41 -10.46
N ASN E 595 -36.45 -1.34 -9.15
CA ASN E 595 -35.51 -0.62 -8.32
C ASN E 595 -34.52 -1.54 -7.62
N ARG E 596 -34.58 -2.82 -7.90
CA ARG E 596 -33.82 -3.86 -7.22
C ARG E 596 -33.29 -4.83 -8.26
N PRO E 597 -32.32 -5.67 -7.91
CA PRO E 597 -31.99 -6.80 -8.79
C PRO E 597 -33.13 -7.80 -8.87
N ILE E 598 -33.01 -8.73 -9.81
CA ILE E 598 -34.06 -9.70 -10.06
C ILE E 598 -34.21 -10.64 -8.88
N GLY E 599 -33.12 -11.24 -8.47
CA GLY E 599 -33.21 -12.24 -7.43
C GLY E 599 -32.01 -12.20 -6.52
N SER E 600 -32.24 -12.05 -5.23
CA SER E 600 -31.18 -12.05 -4.25
C SER E 600 -31.42 -13.20 -3.29
N PHE E 601 -30.59 -14.21 -3.35
CA PHE E 601 -30.81 -15.43 -2.58
C PHE E 601 -29.63 -15.67 -1.67
N LEU E 602 -29.86 -16.44 -0.62
CA LEU E 602 -28.80 -16.86 0.28
C LEU E 602 -28.90 -18.36 0.46
N PHE E 603 -28.03 -19.12 -0.18
CA PHE E 603 -28.17 -20.57 -0.14
C PHE E 603 -27.46 -21.09 1.10
N LEU E 604 -28.21 -21.31 2.17
CA LEU E 604 -27.66 -21.87 3.39
C LEU E 604 -27.84 -23.38 3.40
N GLY E 605 -27.30 -24.01 4.43
CA GLY E 605 -27.43 -25.44 4.57
C GLY E 605 -26.08 -26.10 4.74
N PRO E 606 -26.05 -27.42 4.87
CA PRO E 606 -24.79 -28.09 5.18
C PRO E 606 -23.85 -28.15 3.99
N THR E 607 -22.73 -28.84 4.15
CA THR E 607 -21.59 -28.69 3.26
C THR E 607 -21.63 -29.78 2.21
N GLY E 608 -21.99 -29.41 0.99
CA GLY E 608 -21.95 -30.38 -0.08
C GLY E 608 -23.31 -30.80 -0.62
N VAL E 609 -24.27 -29.89 -0.70
CA VAL E 609 -25.64 -30.36 -0.93
C VAL E 609 -26.24 -29.73 -2.18
N GLY E 610 -25.40 -29.47 -3.15
CA GLY E 610 -25.81 -28.79 -4.35
C GLY E 610 -26.08 -27.32 -4.15
N LYS E 611 -25.21 -26.58 -3.48
CA LYS E 611 -25.46 -25.13 -3.49
C LYS E 611 -24.90 -24.51 -4.76
N THR E 612 -23.57 -24.60 -4.90
CA THR E 612 -22.89 -24.01 -6.04
C THR E 612 -23.29 -24.72 -7.33
N GLU E 613 -23.65 -25.99 -7.26
CA GLU E 613 -24.12 -26.62 -8.48
C GLU E 613 -25.56 -26.31 -8.79
N LEU E 614 -26.34 -25.80 -7.84
CA LEU E 614 -27.62 -25.22 -8.24
C LEU E 614 -27.41 -23.91 -8.98
N CYS E 615 -26.42 -23.12 -8.53
CA CYS E 615 -26.05 -21.93 -9.29
C CYS E 615 -25.57 -22.29 -10.69
N LYS E 616 -24.83 -23.39 -10.80
CA LYS E 616 -24.32 -23.77 -12.11
C LYS E 616 -25.40 -24.39 -12.98
N ALA E 617 -26.40 -25.04 -12.39
CA ALA E 617 -27.52 -25.50 -13.21
C ALA E 617 -28.37 -24.34 -13.67
N LEU E 618 -28.41 -23.24 -12.90
CA LEU E 618 -29.03 -22.02 -13.41
C LEU E 618 -28.28 -21.45 -14.59
N ALA E 619 -26.96 -21.43 -14.51
CA ALA E 619 -26.24 -20.86 -15.63
C ALA E 619 -26.32 -21.76 -16.85
N ASN E 620 -26.38 -23.07 -16.64
CA ASN E 620 -26.57 -24.00 -17.75
C ASN E 620 -27.95 -23.84 -18.36
N PHE E 621 -28.95 -23.53 -17.54
CA PHE E 621 -30.28 -23.26 -18.07
C PHE E 621 -30.28 -21.98 -18.89
N MET E 622 -29.95 -20.87 -18.23
CA MET E 622 -30.25 -19.54 -18.76
C MET E 622 -29.32 -19.14 -19.89
N PHE E 623 -28.07 -19.59 -19.87
CA PHE E 623 -27.06 -19.14 -20.80
C PHE E 623 -26.42 -20.26 -21.60
N ASP E 624 -26.83 -21.50 -21.36
CA ASP E 624 -26.40 -22.69 -22.09
C ASP E 624 -24.90 -22.91 -21.99
N SER E 625 -24.35 -22.62 -20.80
CA SER E 625 -23.01 -22.98 -20.40
C SER E 625 -22.92 -22.80 -18.89
N ASP E 626 -22.17 -23.69 -18.22
CA ASP E 626 -21.94 -23.50 -16.79
C ASP E 626 -21.09 -22.28 -16.52
N GLU E 627 -20.07 -22.07 -17.32
CA GLU E 627 -19.11 -21.01 -17.06
C GLU E 627 -19.50 -19.72 -17.76
N ALA E 628 -20.78 -19.35 -17.65
CA ALA E 628 -21.28 -18.06 -18.10
C ALA E 628 -22.00 -17.48 -16.90
N MET E 629 -21.22 -16.89 -16.00
CA MET E 629 -21.66 -16.36 -14.72
C MET E 629 -20.47 -15.65 -14.13
N VAL E 630 -20.72 -14.61 -13.35
CA VAL E 630 -19.63 -13.83 -12.76
C VAL E 630 -19.36 -14.48 -11.41
N ARG E 631 -18.56 -15.53 -11.44
CA ARG E 631 -18.31 -16.32 -10.24
C ARG E 631 -17.24 -15.64 -9.42
N ILE E 632 -17.66 -14.91 -8.40
CA ILE E 632 -16.76 -14.39 -7.41
C ILE E 632 -16.64 -15.42 -6.31
N ASP E 633 -15.41 -15.78 -5.98
CA ASP E 633 -15.11 -16.64 -4.84
C ASP E 633 -14.75 -15.72 -3.69
N MET E 634 -15.69 -15.55 -2.78
CA MET E 634 -15.57 -14.57 -1.71
C MET E 634 -14.65 -15.01 -0.59
N SER E 635 -13.94 -16.12 -0.74
CA SER E 635 -12.86 -16.44 0.18
C SER E 635 -11.52 -15.97 -0.33
N GLU E 636 -11.49 -15.13 -1.35
CA GLU E 636 -10.33 -14.31 -1.66
C GLU E 636 -10.44 -12.94 -1.06
N PHE E 637 -11.57 -12.64 -0.44
CA PHE E 637 -11.95 -11.30 -0.05
C PHE E 637 -11.89 -11.14 1.45
N MET E 638 -10.86 -11.68 2.06
CA MET E 638 -10.78 -11.80 3.50
C MET E 638 -10.05 -10.65 4.16
N GLU E 639 -9.91 -9.52 3.48
CA GLU E 639 -9.20 -8.39 4.06
C GLU E 639 -10.01 -7.12 3.81
N LYS E 640 -9.41 -5.99 4.16
CA LYS E 640 -10.08 -4.71 4.15
C LYS E 640 -9.92 -3.98 2.82
N HIS E 641 -9.19 -4.59 1.87
CA HIS E 641 -8.88 -3.95 0.61
C HIS E 641 -9.13 -4.83 -0.61
N SER E 642 -9.62 -6.04 -0.39
CA SER E 642 -10.18 -6.76 -1.50
C SER E 642 -11.50 -6.16 -1.98
N VAL E 643 -12.09 -5.24 -1.21
CA VAL E 643 -13.00 -4.24 -1.75
C VAL E 643 -12.42 -3.62 -3.01
N SER E 644 -11.18 -3.15 -2.92
CA SER E 644 -10.53 -2.62 -4.12
C SER E 644 -10.25 -3.70 -5.13
N ARG E 645 -10.21 -4.97 -4.71
CA ARG E 645 -10.10 -6.02 -5.74
C ARG E 645 -11.36 -6.10 -6.60
N LEU E 646 -12.54 -6.11 -5.98
CA LEU E 646 -13.72 -6.31 -6.84
C LEU E 646 -14.28 -5.02 -7.42
N VAL E 647 -14.22 -3.92 -6.69
CA VAL E 647 -14.78 -2.64 -7.15
C VAL E 647 -13.82 -1.90 -8.07
N GLY E 648 -12.56 -1.82 -7.74
CA GLY E 648 -11.60 -1.16 -8.59
C GLY E 648 -10.69 -0.27 -7.78
N ALA E 649 -9.94 0.55 -8.46
CA ALA E 649 -9.03 1.42 -7.74
C ALA E 649 -9.50 2.85 -7.80
N PRO E 650 -9.23 3.65 -6.77
CA PRO E 650 -9.37 5.10 -6.93
C PRO E 650 -8.31 5.62 -7.89
N PRO E 651 -8.53 6.77 -8.52
CA PRO E 651 -7.61 7.19 -9.59
C PRO E 651 -6.25 7.60 -9.09
N GLY E 652 -5.26 7.48 -9.97
CA GLY E 652 -3.88 7.67 -9.63
C GLY E 652 -3.21 6.40 -9.12
N TYR E 653 -3.99 5.39 -8.80
CA TYR E 653 -3.45 4.18 -8.21
C TYR E 653 -3.11 3.17 -9.31
N VAL E 654 -2.67 1.98 -8.93
CA VAL E 654 -1.93 1.12 -9.86
C VAL E 654 -2.88 0.44 -10.82
N GLY E 655 -3.75 -0.40 -10.32
CA GLY E 655 -4.67 -1.08 -11.20
C GLY E 655 -5.92 -0.29 -11.42
N TYR E 656 -5.77 0.90 -11.96
CA TYR E 656 -6.90 1.80 -12.06
C TYR E 656 -7.65 1.64 -13.38
N GLU E 657 -6.93 1.47 -14.48
CA GLU E 657 -7.57 1.40 -15.78
C GLU E 657 -8.17 0.04 -16.05
N GLU E 658 -7.76 -0.99 -15.32
CA GLU E 658 -8.36 -2.30 -15.48
C GLU E 658 -9.72 -2.39 -14.85
N GLY E 659 -10.06 -1.47 -13.97
CA GLY E 659 -11.38 -1.45 -13.40
C GLY E 659 -11.58 -2.57 -12.41
N GLY E 660 -12.81 -2.66 -11.93
CA GLY E 660 -13.17 -3.73 -11.04
C GLY E 660 -13.37 -5.03 -11.77
N TYR E 661 -13.70 -6.05 -11.00
CA TYR E 661 -14.03 -7.33 -11.58
C TYR E 661 -15.54 -7.46 -11.70
N LEU E 662 -16.23 -7.21 -10.59
CA LEU E 662 -17.68 -7.30 -10.55
C LEU E 662 -18.32 -6.18 -11.35
N THR E 663 -17.89 -4.94 -11.12
CA THR E 663 -18.54 -3.79 -11.74
C THR E 663 -18.30 -3.74 -13.23
N GLU E 664 -17.07 -4.01 -13.67
CA GLU E 664 -16.82 -4.09 -15.11
C GLU E 664 -17.53 -5.29 -15.72
N ALA E 665 -17.51 -6.43 -15.04
CA ALA E 665 -18.10 -7.63 -15.62
C ALA E 665 -19.60 -7.54 -15.77
N VAL E 666 -20.26 -6.71 -14.97
CA VAL E 666 -21.69 -6.48 -15.18
C VAL E 666 -21.93 -5.25 -16.06
N ARG E 667 -20.99 -4.33 -16.14
CA ARG E 667 -21.16 -3.21 -17.06
C ARG E 667 -21.04 -3.65 -18.51
N ARG E 668 -20.31 -4.73 -18.78
CA ARG E 668 -20.35 -5.30 -20.12
C ARG E 668 -21.70 -5.91 -20.41
N ARG E 669 -22.08 -6.94 -19.66
CA ARG E 669 -23.33 -7.63 -19.92
C ARG E 669 -24.28 -7.40 -18.77
N PRO E 670 -25.34 -6.63 -18.95
CA PRO E 670 -26.21 -6.31 -17.82
C PRO E 670 -27.06 -7.46 -17.37
N TYR E 671 -27.28 -8.45 -18.20
CA TYR E 671 -28.10 -9.61 -17.86
C TYR E 671 -27.16 -10.77 -17.65
N SER E 672 -26.77 -10.99 -16.40
CA SER E 672 -25.88 -12.07 -16.04
C SER E 672 -26.36 -12.70 -14.75
N VAL E 673 -25.65 -13.72 -14.30
CA VAL E 673 -25.86 -14.32 -12.99
C VAL E 673 -24.61 -14.05 -12.18
N ILE E 674 -24.77 -13.45 -11.01
CA ILE E 674 -23.65 -13.12 -10.16
C ILE E 674 -23.63 -14.13 -9.02
N LEU E 675 -22.55 -14.89 -8.93
CA LEU E 675 -22.38 -15.84 -7.84
C LEU E 675 -21.40 -15.27 -6.84
N LEU E 676 -21.84 -15.12 -5.60
CA LEU E 676 -21.00 -14.67 -4.50
C LEU E 676 -20.77 -15.89 -3.61
N ASP E 677 -19.79 -16.70 -3.96
CA ASP E 677 -19.68 -18.04 -3.41
C ASP E 677 -18.86 -18.02 -2.13
N ALA E 678 -19.38 -18.71 -1.11
CA ALA E 678 -18.83 -18.76 0.24
C ALA E 678 -18.66 -17.36 0.82
N VAL E 679 -19.78 -16.64 0.92
CA VAL E 679 -19.75 -15.23 1.25
C VAL E 679 -19.44 -15.01 2.73
N GLU E 680 -19.59 -16.02 3.57
CA GLU E 680 -19.33 -15.84 4.98
C GLU E 680 -17.85 -15.77 5.30
N LYS E 681 -16.99 -16.13 4.36
CA LYS E 681 -15.55 -15.99 4.56
C LYS E 681 -15.07 -14.57 4.35
N ALA E 682 -15.90 -13.69 3.80
CA ALA E 682 -15.47 -12.35 3.43
C ALA E 682 -15.25 -11.49 4.67
N HIS E 683 -14.61 -10.36 4.44
CA HIS E 683 -14.40 -9.46 5.57
C HIS E 683 -15.59 -8.51 5.68
N PRO E 684 -16.09 -8.28 6.90
CA PRO E 684 -17.41 -7.64 7.05
C PRO E 684 -17.55 -6.23 6.51
N ASP E 685 -16.47 -5.55 6.12
CA ASP E 685 -16.68 -4.38 5.27
C ASP E 685 -16.47 -4.71 3.81
N VAL E 686 -17.10 -5.78 3.34
CA VAL E 686 -17.28 -6.04 1.91
C VAL E 686 -18.78 -6.10 1.73
N PHE E 687 -19.48 -6.49 2.78
CA PHE E 687 -20.93 -6.55 2.76
C PHE E 687 -21.60 -5.20 2.66
N ASN E 688 -20.89 -4.11 2.90
CA ASN E 688 -21.52 -2.81 2.75
C ASN E 688 -21.67 -2.45 1.27
N ILE E 689 -20.69 -2.87 0.48
CA ILE E 689 -20.79 -2.80 -0.98
C ILE E 689 -22.01 -3.58 -1.46
N LEU E 690 -22.22 -4.74 -0.88
CA LEU E 690 -23.36 -5.56 -1.26
C LEU E 690 -24.66 -5.02 -0.68
N LEU E 691 -24.60 -4.22 0.39
CA LEU E 691 -25.78 -3.48 0.83
C LEU E 691 -26.19 -2.45 -0.19
N GLN E 692 -25.21 -1.77 -0.80
CA GLN E 692 -25.54 -0.85 -1.89
C GLN E 692 -26.20 -1.59 -3.04
N VAL E 693 -25.67 -2.77 -3.37
CA VAL E 693 -26.21 -3.58 -4.46
C VAL E 693 -27.64 -4.01 -4.17
N LEU E 694 -27.88 -4.62 -3.01
CA LEU E 694 -29.21 -5.14 -2.75
C LEU E 694 -30.18 -4.07 -2.28
N ASP E 695 -29.70 -2.87 -1.94
CA ASP E 695 -30.58 -1.75 -1.71
C ASP E 695 -31.10 -1.21 -3.02
N ASP E 696 -30.20 -0.73 -3.88
CA ASP E 696 -30.64 0.03 -5.02
C ASP E 696 -30.35 -0.60 -6.37
N GLY E 697 -29.51 -1.62 -6.43
CA GLY E 697 -29.14 -2.15 -7.72
C GLY E 697 -28.13 -1.31 -8.48
N ARG E 698 -27.69 -0.20 -7.91
CA ARG E 698 -26.63 0.60 -8.49
C ARG E 698 -25.43 0.50 -7.57
N LEU E 699 -24.23 0.49 -8.14
CA LEU E 699 -23.01 0.26 -7.39
C LEU E 699 -21.93 1.19 -7.90
N THR E 700 -21.37 2.00 -7.00
CA THR E 700 -20.37 2.97 -7.40
C THR E 700 -19.01 2.30 -7.47
N ASP E 701 -18.43 2.22 -8.66
CA ASP E 701 -17.14 1.56 -8.83
C ASP E 701 -16.01 2.50 -8.41
N GLY E 702 -14.78 2.12 -8.75
CA GLY E 702 -13.65 2.91 -8.32
C GLY E 702 -13.47 4.18 -9.13
N GLN E 703 -13.71 4.11 -10.44
CA GLN E 703 -13.53 5.27 -11.29
C GLN E 703 -14.58 6.35 -11.04
N GLY E 704 -15.71 6.00 -10.44
CA GLY E 704 -16.69 6.99 -10.07
C GLY E 704 -18.12 6.68 -10.46
N ARG E 705 -18.31 6.01 -11.59
CA ARG E 705 -19.63 5.83 -12.17
C ARG E 705 -20.42 4.76 -11.43
N THR E 706 -21.61 4.42 -11.93
CA THR E 706 -22.43 3.39 -11.33
C THR E 706 -22.84 2.38 -12.39
N VAL E 707 -23.08 1.16 -11.95
CA VAL E 707 -23.34 0.02 -12.83
C VAL E 707 -24.67 -0.57 -12.46
N ASP E 708 -25.57 -0.69 -13.43
CA ASP E 708 -26.91 -1.17 -13.15
C ASP E 708 -26.88 -2.67 -12.85
N PHE E 709 -27.29 -3.05 -11.65
CA PHE E 709 -27.38 -4.47 -11.29
C PHE E 709 -28.81 -4.96 -11.25
N ARG E 710 -29.75 -4.20 -11.81
CA ARG E 710 -31.16 -4.53 -11.69
C ARG E 710 -31.65 -5.46 -12.78
N ASN E 711 -30.74 -6.22 -13.38
CA ASN E 711 -31.09 -7.26 -14.33
C ASN E 711 -30.36 -8.55 -14.01
N THR E 712 -29.60 -8.59 -12.92
CA THR E 712 -28.81 -9.73 -12.53
C THR E 712 -29.53 -10.53 -11.47
N VAL E 713 -29.01 -11.72 -11.20
CA VAL E 713 -29.53 -12.60 -10.18
C VAL E 713 -28.40 -12.86 -9.21
N VAL E 714 -28.46 -12.24 -8.05
CA VAL E 714 -27.34 -12.22 -7.12
C VAL E 714 -27.52 -13.37 -6.13
N ILE E 715 -26.68 -14.38 -6.22
CA ILE E 715 -26.87 -15.60 -5.46
C ILE E 715 -25.70 -15.75 -4.51
N MET E 716 -25.98 -15.95 -3.24
CA MET E 716 -24.91 -16.12 -2.27
C MET E 716 -24.98 -17.49 -1.65
N THR E 717 -23.83 -18.10 -1.41
CA THR E 717 -23.77 -19.39 -0.75
C THR E 717 -23.05 -19.24 0.57
N SER E 718 -23.51 -20.02 1.55
CA SER E 718 -22.90 -20.06 2.87
C SER E 718 -23.36 -21.33 3.55
N ASN E 719 -22.75 -21.63 4.69
CA ASN E 719 -23.15 -22.82 5.43
C ASN E 719 -23.20 -22.56 6.93
N LEU E 720 -23.63 -21.36 7.33
CA LEU E 720 -23.46 -20.89 8.70
C LEU E 720 -24.23 -21.71 9.72
N GLY E 721 -25.27 -22.41 9.31
CA GLY E 721 -25.97 -23.27 10.23
C GLY E 721 -25.70 -24.72 9.95
N SER E 722 -24.44 -25.08 9.71
CA SER E 722 -24.09 -26.44 9.31
C SER E 722 -24.47 -27.46 10.36
N ASP E 723 -23.97 -27.28 11.59
CA ASP E 723 -24.24 -28.23 12.67
C ASP E 723 -25.70 -28.21 13.06
N LEU E 724 -26.33 -27.04 13.00
CA LEU E 724 -27.72 -26.88 13.39
C LEU E 724 -28.66 -27.64 12.45
N ILE E 725 -28.45 -27.48 11.15
CA ILE E 725 -29.33 -28.11 10.17
C ILE E 725 -29.05 -29.59 10.06
N GLN E 726 -27.78 -29.99 10.18
CA GLN E 726 -27.47 -31.41 10.23
C GLN E 726 -28.00 -32.09 11.49
N GLU E 727 -28.19 -31.32 12.56
CA GLU E 727 -28.69 -31.90 13.80
C GLU E 727 -30.22 -31.95 13.87
N ARG E 728 -30.91 -30.93 13.35
CA ARG E 728 -32.32 -30.75 13.66
C ARG E 728 -33.25 -30.67 12.46
N PHE E 729 -32.80 -31.04 11.25
CA PHE E 729 -33.71 -30.98 10.11
C PHE E 729 -34.81 -32.04 10.22
N GLY E 730 -34.50 -33.17 10.83
CA GLY E 730 -35.55 -34.10 11.21
C GLY E 730 -36.44 -33.49 12.27
N GLU E 731 -37.69 -33.94 12.28
CA GLU E 731 -38.80 -33.52 13.17
C GLU E 731 -39.03 -32.00 13.22
N LEU E 732 -38.52 -31.24 12.25
CA LEU E 732 -38.76 -29.81 12.17
C LEU E 732 -39.06 -29.45 10.72
N ASP E 733 -40.04 -28.58 10.53
CA ASP E 733 -40.47 -28.19 9.19
C ASP E 733 -39.53 -27.13 8.63
N TYR E 734 -39.93 -26.53 7.50
CA TYR E 734 -39.06 -25.61 6.79
C TYR E 734 -39.04 -24.24 7.44
N ALA E 735 -40.20 -23.76 7.91
CA ALA E 735 -40.30 -22.40 8.41
C ALA E 735 -39.56 -22.22 9.73
N HIS E 736 -39.70 -23.18 10.64
CA HIS E 736 -39.05 -23.07 11.94
C HIS E 736 -37.54 -23.21 11.80
N MET E 737 -37.10 -24.08 10.90
CA MET E 737 -35.67 -24.21 10.61
C MET E 737 -35.13 -22.94 9.97
N LYS E 738 -35.92 -22.31 9.09
CA LYS E 738 -35.52 -21.03 8.52
C LYS E 738 -35.40 -19.97 9.59
N GLU E 739 -36.32 -19.96 10.55
CA GLU E 739 -36.28 -18.99 11.64
C GLU E 739 -35.05 -19.18 12.50
N LEU E 740 -34.71 -20.44 12.81
CA LEU E 740 -33.59 -20.72 13.70
C LEU E 740 -32.25 -20.41 13.03
N VAL E 741 -32.07 -20.88 11.79
CA VAL E 741 -30.82 -20.60 11.10
C VAL E 741 -30.76 -19.14 10.68
N LEU E 742 -31.91 -18.46 10.57
CA LEU E 742 -31.90 -17.04 10.29
C LEU E 742 -31.47 -16.25 11.52
N GLY E 743 -31.80 -16.75 12.71
CA GLY E 743 -31.24 -16.16 13.92
C GLY E 743 -29.74 -16.34 14.01
N VAL E 744 -29.25 -17.50 13.59
CA VAL E 744 -27.79 -17.73 13.57
C VAL E 744 -27.12 -16.78 12.57
N VAL E 745 -27.74 -16.61 11.41
CA VAL E 745 -27.23 -15.67 10.40
C VAL E 745 -27.29 -14.24 10.92
N SER E 746 -28.31 -13.92 11.72
CA SER E 746 -28.40 -12.62 12.37
C SER E 746 -27.27 -12.41 13.36
N HIS E 747 -26.82 -13.49 14.01
CA HIS E 747 -25.60 -13.38 14.81
C HIS E 747 -24.39 -13.13 13.92
N ASN E 748 -24.38 -13.66 12.69
CA ASN E 748 -23.21 -13.45 11.84
C ASN E 748 -23.29 -12.18 10.99
N PHE E 749 -24.33 -12.06 10.17
CA PHE E 749 -24.44 -10.95 9.24
C PHE E 749 -25.03 -9.73 9.94
N ARG E 750 -25.41 -8.72 9.15
CA ARG E 750 -26.18 -7.68 9.80
C ARG E 750 -27.68 -7.91 9.59
N PRO E 751 -28.50 -7.44 10.53
CA PRO E 751 -29.94 -7.32 10.23
C PRO E 751 -30.24 -6.22 9.25
N GLU E 752 -29.31 -5.29 9.05
CA GLU E 752 -29.44 -4.33 7.97
C GLU E 752 -29.24 -4.97 6.60
N PHE E 753 -28.64 -6.16 6.56
CA PHE E 753 -28.29 -6.84 5.32
C PHE E 753 -29.27 -7.94 4.95
N ILE E 754 -29.52 -8.87 5.86
CA ILE E 754 -30.42 -9.99 5.58
C ILE E 754 -31.88 -9.59 5.57
N ASN E 755 -32.19 -8.35 5.92
CA ASN E 755 -33.50 -7.83 5.63
C ASN E 755 -33.66 -7.56 4.14
N ARG E 756 -32.56 -7.30 3.45
CA ARG E 756 -32.60 -6.94 2.04
C ARG E 756 -32.48 -8.14 1.12
N ILE E 757 -32.28 -9.33 1.65
CA ILE E 757 -32.30 -10.54 0.83
C ILE E 757 -33.73 -10.84 0.47
N ASP E 758 -33.98 -11.13 -0.81
CA ASP E 758 -35.34 -11.41 -1.25
C ASP E 758 -35.84 -12.71 -0.64
N GLU E 759 -35.04 -13.76 -0.71
CA GLU E 759 -35.45 -15.03 -0.11
C GLU E 759 -34.22 -15.83 0.28
N VAL E 760 -33.94 -15.90 1.57
CA VAL E 760 -33.07 -16.94 2.09
C VAL E 760 -33.73 -18.28 1.84
N VAL E 761 -32.96 -19.24 1.31
CA VAL E 761 -33.44 -20.61 1.30
C VAL E 761 -32.56 -21.41 2.23
N VAL E 762 -33.04 -22.58 2.61
CA VAL E 762 -32.34 -23.48 3.52
C VAL E 762 -32.31 -24.84 2.86
N PHE E 763 -31.12 -25.42 2.76
CA PHE E 763 -31.03 -26.74 2.16
C PHE E 763 -31.20 -27.78 3.25
N HIS E 764 -30.85 -29.02 2.93
CA HIS E 764 -31.01 -30.11 3.87
C HIS E 764 -29.93 -31.13 3.60
N PRO E 765 -29.64 -31.99 4.57
CA PRO E 765 -28.80 -33.15 4.27
C PRO E 765 -29.48 -34.08 3.30
N LEU E 766 -28.68 -34.86 2.58
CA LEU E 766 -29.18 -35.69 1.51
C LEU E 766 -29.51 -37.08 2.01
N GLY E 767 -30.71 -37.55 1.69
CA GLY E 767 -31.13 -38.91 2.02
C GLY E 767 -30.53 -39.90 1.04
N GLU E 768 -30.84 -41.18 1.21
CA GLU E 768 -30.20 -42.20 0.40
C GLU E 768 -30.76 -42.27 -1.01
N GLN E 769 -32.05 -41.95 -1.20
CA GLN E 769 -32.60 -41.95 -2.55
C GLN E 769 -32.04 -40.79 -3.38
N HIS E 770 -31.78 -39.65 -2.74
CA HIS E 770 -31.13 -38.55 -3.42
C HIS E 770 -29.73 -38.94 -3.87
N ILE E 771 -29.01 -39.67 -3.02
CA ILE E 771 -27.65 -40.05 -3.36
C ILE E 771 -27.65 -41.17 -4.40
N ALA E 772 -28.70 -41.99 -4.44
CA ALA E 772 -28.83 -42.95 -5.52
C ALA E 772 -29.07 -42.26 -6.86
N SER E 773 -29.89 -41.21 -6.86
CA SER E 773 -30.12 -40.46 -8.09
C SER E 773 -28.86 -39.72 -8.53
N ILE E 774 -28.11 -39.18 -7.58
CA ILE E 774 -26.84 -38.53 -7.90
C ILE E 774 -25.85 -39.55 -8.45
N ALA E 775 -25.91 -40.79 -7.96
CA ALA E 775 -25.05 -41.84 -8.49
C ALA E 775 -25.40 -42.13 -9.95
N GLN E 776 -26.69 -42.11 -10.27
CA GLN E 776 -27.09 -42.29 -11.67
C GLN E 776 -26.60 -41.14 -12.54
N ILE E 777 -26.61 -39.92 -12.00
CA ILE E 777 -26.16 -38.75 -12.78
C ILE E 777 -24.66 -38.80 -13.04
N GLN E 778 -23.88 -39.12 -12.00
CA GLN E 778 -22.43 -39.19 -12.16
C GLN E 778 -22.04 -40.36 -13.06
N LEU E 779 -22.78 -41.47 -13.01
CA LEU E 779 -22.46 -42.56 -13.91
C LEU E 779 -22.84 -42.24 -15.34
N LYS E 780 -23.88 -41.43 -15.56
CA LYS E 780 -24.17 -40.98 -16.92
C LYS E 780 -23.06 -40.11 -17.47
N ARG E 781 -22.50 -39.22 -16.64
CA ARG E 781 -21.38 -38.45 -17.19
C ARG E 781 -20.12 -39.28 -17.29
N LEU E 782 -19.98 -40.36 -16.53
CA LEU E 782 -18.86 -41.25 -16.75
C LEU E 782 -19.03 -42.04 -18.04
N TYR E 783 -20.26 -42.40 -18.38
CA TYR E 783 -20.54 -43.03 -19.66
C TYR E 783 -20.24 -42.08 -20.80
N LYS E 784 -20.48 -40.79 -20.59
CA LYS E 784 -20.11 -39.81 -21.61
C LYS E 784 -18.60 -39.66 -21.73
N ARG E 785 -17.88 -39.73 -20.60
CA ARG E 785 -16.43 -39.62 -20.66
C ARG E 785 -15.79 -40.81 -21.34
N LEU E 786 -16.35 -42.00 -21.17
CA LEU E 786 -15.76 -43.14 -21.86
C LEU E 786 -16.28 -43.30 -23.28
N GLU E 787 -17.49 -42.83 -23.57
CA GLU E 787 -18.02 -42.97 -24.91
C GLU E 787 -17.33 -42.01 -25.87
N GLU E 788 -16.80 -40.90 -25.35
CA GLU E 788 -15.93 -40.06 -26.15
C GLU E 788 -14.56 -40.68 -26.37
N ARG E 789 -14.21 -41.71 -25.61
CA ARG E 789 -12.95 -42.43 -25.78
C ARG E 789 -13.14 -43.64 -26.69
N GLY E 790 -14.30 -44.29 -26.62
CA GLY E 790 -14.60 -45.40 -27.50
C GLY E 790 -15.15 -46.62 -26.77
N TYR E 791 -15.46 -46.46 -25.50
CA TYR E 791 -15.88 -47.57 -24.65
C TYR E 791 -17.35 -47.44 -24.28
N GLU E 792 -17.90 -48.56 -23.81
CA GLU E 792 -19.30 -48.63 -23.40
C GLU E 792 -19.40 -49.43 -22.11
N ILE E 793 -20.34 -49.04 -21.25
CA ILE E 793 -20.58 -49.72 -19.99
C ILE E 793 -22.07 -49.95 -19.82
N HIS E 794 -22.46 -51.19 -19.57
CA HIS E 794 -23.79 -51.52 -19.05
C HIS E 794 -23.56 -52.00 -17.63
N ILE E 795 -23.75 -51.11 -16.67
CA ILE E 795 -23.48 -51.45 -15.28
C ILE E 795 -24.57 -52.40 -14.78
N SER E 796 -24.21 -53.23 -13.81
CA SER E 796 -25.21 -53.93 -13.03
C SER E 796 -25.77 -52.99 -11.98
N ASP E 797 -27.08 -53.05 -11.78
CA ASP E 797 -27.69 -52.22 -10.75
C ASP E 797 -27.43 -52.76 -9.36
N GLU E 798 -26.91 -53.99 -9.24
CA GLU E 798 -26.45 -54.48 -7.95
C GLU E 798 -25.15 -53.80 -7.54
N ALA E 799 -24.32 -53.43 -8.52
CA ALA E 799 -23.12 -52.65 -8.22
C ALA E 799 -23.47 -51.24 -7.80
N LEU E 800 -24.54 -50.68 -8.35
CA LEU E 800 -24.99 -49.36 -7.94
C LEU E 800 -25.49 -49.37 -6.51
N LYS E 801 -25.98 -50.52 -6.04
CA LYS E 801 -26.28 -50.66 -4.61
C LYS E 801 -25.01 -50.63 -3.77
N LEU E 802 -23.91 -51.15 -4.29
CA LEU E 802 -22.65 -51.03 -3.56
C LEU E 802 -22.13 -49.60 -3.56
N LEU E 803 -22.33 -48.86 -4.65
CA LEU E 803 -21.97 -47.45 -4.63
C LEU E 803 -22.86 -46.66 -3.68
N SER E 804 -24.13 -47.08 -3.56
CA SER E 804 -25.04 -46.40 -2.66
C SER E 804 -24.72 -46.70 -1.20
N GLU E 805 -24.44 -47.97 -0.88
CA GLU E 805 -24.15 -48.34 0.50
C GLU E 805 -22.77 -47.87 0.92
N ASN E 806 -21.78 -47.96 0.05
CA ASN E 806 -20.44 -47.50 0.39
C ASN E 806 -20.39 -45.98 0.41
N GLY E 807 -20.76 -45.35 -0.70
CA GLY E 807 -20.70 -43.91 -0.78
C GLY E 807 -21.81 -43.21 -0.04
N TYR E 808 -21.77 -43.26 1.29
CA TYR E 808 -22.77 -42.60 2.09
C TYR E 808 -22.24 -42.28 3.47
N ASP E 809 -22.54 -41.06 3.93
CA ASP E 809 -22.53 -40.59 5.32
C ASP E 809 -23.26 -39.25 5.37
N PRO E 810 -24.09 -39.03 6.38
CA PRO E 810 -24.96 -37.84 6.39
C PRO E 810 -24.26 -36.53 6.71
N VAL E 811 -22.94 -36.49 6.76
CA VAL E 811 -22.24 -35.29 7.20
C VAL E 811 -21.46 -34.60 6.08
N TYR E 812 -21.18 -35.27 4.98
CA TYR E 812 -20.29 -34.71 3.97
C TYR E 812 -20.96 -34.52 2.62
N GLY E 813 -22.28 -34.59 2.53
CA GLY E 813 -22.95 -34.28 1.29
C GLY E 813 -22.80 -35.36 0.24
N ALA E 814 -22.92 -34.94 -1.01
CA ALA E 814 -22.87 -35.86 -2.14
C ALA E 814 -21.47 -36.16 -2.61
N ARG E 815 -20.48 -35.58 -2.00
CA ARG E 815 -19.10 -35.80 -2.38
C ARG E 815 -18.46 -37.13 -2.01
N PRO E 816 -18.79 -37.80 -0.89
CA PRO E 816 -18.29 -39.17 -0.72
C PRO E 816 -18.82 -40.13 -1.75
N LEU E 817 -19.97 -39.84 -2.35
CA LEU E 817 -20.40 -40.61 -3.52
C LEU E 817 -19.42 -40.44 -4.66
N LYS E 818 -18.98 -39.21 -4.93
CA LYS E 818 -18.06 -38.98 -6.02
C LYS E 818 -16.70 -39.59 -5.75
N ARG E 819 -16.27 -39.57 -4.48
CA ARG E 819 -15.02 -40.24 -4.13
C ARG E 819 -15.15 -41.75 -4.26
N ALA E 820 -16.28 -42.31 -3.86
CA ALA E 820 -16.42 -43.76 -3.91
C ALA E 820 -16.55 -44.24 -5.34
N ILE E 821 -17.25 -43.48 -6.19
CA ILE E 821 -17.30 -43.78 -7.62
C ILE E 821 -15.92 -43.71 -8.22
N GLN E 822 -15.20 -42.61 -7.92
CA GLN E 822 -13.87 -42.36 -8.45
C GLN E 822 -12.91 -43.49 -8.12
N GLN E 823 -12.78 -43.81 -6.84
CA GLN E 823 -11.92 -44.90 -6.40
C GLN E 823 -12.39 -46.26 -6.93
N GLN E 824 -13.54 -46.74 -6.44
CA GLN E 824 -13.96 -48.11 -6.69
C GLN E 824 -14.39 -48.38 -8.11
N ILE E 825 -14.42 -47.40 -9.01
CA ILE E 825 -14.61 -47.73 -10.40
C ILE E 825 -13.39 -47.29 -11.19
N GLU E 826 -13.07 -46.00 -11.14
CA GLU E 826 -12.06 -45.45 -12.04
C GLU E 826 -10.65 -45.94 -11.74
N ASN E 827 -10.34 -46.40 -10.52
CA ASN E 827 -8.96 -46.84 -10.36
C ASN E 827 -8.73 -48.23 -10.98
N PRO E 828 -9.53 -49.27 -10.73
CA PRO E 828 -9.28 -50.52 -11.46
C PRO E 828 -9.59 -50.41 -12.94
N LEU E 829 -10.48 -49.52 -13.34
CA LEU E 829 -10.83 -49.44 -14.74
C LEU E 829 -9.72 -48.75 -15.54
N ALA E 830 -9.13 -47.68 -15.01
CA ALA E 830 -8.00 -47.09 -15.70
C ALA E 830 -6.76 -47.96 -15.58
N GLN E 831 -6.67 -48.75 -14.51
CA GLN E 831 -5.66 -49.80 -14.42
C GLN E 831 -5.79 -50.79 -15.56
N GLN E 832 -7.01 -51.21 -15.86
CA GLN E 832 -7.27 -52.24 -16.86
C GLN E 832 -7.47 -51.68 -18.26
N ILE E 833 -7.44 -50.37 -18.43
CA ILE E 833 -7.36 -49.74 -19.74
C ILE E 833 -5.93 -49.42 -20.13
N LEU E 834 -5.16 -48.81 -19.22
CA LEU E 834 -3.77 -48.56 -19.52
C LEU E 834 -2.91 -49.81 -19.49
N SER E 835 -3.43 -50.94 -19.03
CA SER E 835 -2.69 -52.19 -19.14
C SER E 835 -2.69 -52.72 -20.57
N GLY E 836 -3.56 -52.21 -21.42
CA GLY E 836 -3.77 -52.78 -22.73
C GLY E 836 -4.74 -53.94 -22.75
N GLU E 837 -5.27 -54.32 -21.60
CA GLU E 837 -6.22 -55.41 -21.51
C GLU E 837 -7.53 -55.06 -22.21
N LEU E 838 -8.24 -54.05 -21.71
CA LEU E 838 -9.56 -53.72 -22.21
C LEU E 838 -9.45 -52.99 -23.54
N VAL E 839 -10.21 -53.47 -24.51
CA VAL E 839 -10.16 -53.01 -25.90
C VAL E 839 -11.53 -52.43 -26.19
N PRO E 840 -11.64 -51.34 -26.97
CA PRO E 840 -12.97 -50.81 -27.30
C PRO E 840 -13.80 -51.78 -28.12
N GLY E 841 -15.12 -51.59 -28.05
CA GLY E 841 -16.04 -52.42 -28.80
C GLY E 841 -16.90 -53.28 -27.92
N LYS E 842 -16.36 -53.72 -26.79
CA LYS E 842 -17.06 -54.67 -25.96
C LYS E 842 -17.74 -53.98 -24.78
N VAL E 843 -18.87 -54.55 -24.36
CA VAL E 843 -19.66 -54.01 -23.27
C VAL E 843 -18.91 -54.29 -21.98
N ILE E 844 -18.48 -53.22 -21.29
CA ILE E 844 -17.75 -53.38 -20.05
C ILE E 844 -18.79 -53.49 -18.93
N ARG E 845 -19.24 -54.70 -18.64
CA ARG E 845 -20.25 -54.93 -17.61
C ARG E 845 -19.58 -54.82 -16.25
N LEU E 846 -19.87 -53.72 -15.55
CA LEU E 846 -19.33 -53.53 -14.21
C LEU E 846 -20.11 -54.41 -13.25
N GLU E 847 -19.67 -55.65 -13.14
CA GLU E 847 -20.25 -56.59 -12.20
C GLU E 847 -19.48 -56.55 -10.89
N VAL E 848 -20.01 -57.24 -9.89
CA VAL E 848 -19.40 -57.27 -8.58
C VAL E 848 -18.76 -58.63 -8.34
N ASN E 849 -17.73 -58.63 -7.52
CA ASN E 849 -17.37 -59.81 -6.75
C ASN E 849 -18.07 -59.70 -5.40
N GLU E 850 -17.66 -60.53 -4.44
CA GLU E 850 -18.30 -60.54 -3.14
C GLU E 850 -18.00 -59.29 -2.33
N ASP E 851 -16.95 -58.55 -2.67
CA ASP E 851 -16.57 -57.36 -1.94
C ASP E 851 -16.56 -56.10 -2.80
N ARG E 852 -16.01 -56.18 -4.00
CA ARG E 852 -15.69 -54.99 -4.77
C ARG E 852 -16.42 -55.01 -6.11
N ILE E 853 -16.09 -54.05 -6.96
CA ILE E 853 -16.65 -53.94 -8.29
C ILE E 853 -15.51 -54.05 -9.29
N VAL E 854 -15.66 -54.95 -10.26
CA VAL E 854 -14.59 -55.26 -11.20
C VAL E 854 -15.16 -55.26 -12.61
N ALA E 855 -14.32 -54.85 -13.57
CA ALA E 855 -14.73 -54.79 -14.96
C ALA E 855 -14.40 -56.09 -15.68
N VAL E 856 -15.32 -56.54 -16.53
CA VAL E 856 -15.16 -57.77 -17.29
C VAL E 856 -15.24 -57.45 -18.78
N GLN E 857 -14.92 -58.45 -19.60
CA GLN E 857 -14.92 -58.32 -21.05
C GLN E 857 -15.55 -59.57 -21.66
N HIS E 858 -16.73 -59.40 -22.25
CA HIS E 858 -17.37 -60.48 -22.97
C HIS E 858 -18.06 -59.96 -24.23
N GLN F 159 5.60 51.73 -22.21
CA GLN F 159 5.60 50.83 -21.07
C GLN F 159 4.99 49.48 -21.41
N ALA F 160 5.66 48.40 -21.03
CA ALA F 160 5.07 47.07 -21.18
C ALA F 160 3.93 46.85 -20.21
N LEU F 161 3.89 47.62 -19.11
CA LEU F 161 2.72 47.63 -18.25
C LEU F 161 1.50 48.14 -19.00
N LYS F 162 1.68 49.21 -19.78
CA LYS F 162 0.59 49.75 -20.59
C LYS F 162 0.23 48.85 -21.76
N LYS F 163 1.08 47.89 -22.11
CA LYS F 163 0.74 46.97 -23.19
C LYS F 163 -0.31 45.96 -22.74
N TYR F 164 0.04 45.12 -21.74
CA TYR F 164 -0.82 43.98 -21.46
C TYR F 164 -0.98 43.72 -19.97
N THR F 165 -1.00 44.77 -19.15
CA THR F 165 -1.46 44.66 -17.77
C THR F 165 -2.70 45.52 -17.60
N ILE F 166 -3.33 45.40 -16.43
CA ILE F 166 -4.60 46.06 -16.16
C ILE F 166 -4.41 46.95 -14.94
N ASP F 167 -4.68 48.24 -15.10
CA ASP F 167 -4.68 49.18 -14.00
C ASP F 167 -6.06 49.20 -13.36
N LEU F 168 -6.14 48.80 -12.09
CA LEU F 168 -7.41 48.90 -11.38
C LEU F 168 -7.64 50.28 -10.82
N THR F 169 -6.57 51.00 -10.47
CA THR F 169 -6.74 52.33 -9.88
C THR F 169 -7.23 53.34 -10.90
N GLU F 170 -6.82 53.21 -12.17
CA GLU F 170 -7.36 54.07 -13.21
C GLU F 170 -8.84 53.83 -13.41
N ARG F 171 -9.28 52.57 -13.34
CA ARG F 171 -10.69 52.26 -13.54
C ARG F 171 -11.53 52.69 -12.34
N ALA F 172 -10.98 52.58 -11.13
CA ALA F 172 -11.68 53.11 -9.97
C ALA F 172 -11.71 54.63 -9.96
N GLU F 173 -10.68 55.26 -10.53
CA GLU F 173 -10.68 56.70 -10.67
C GLU F 173 -11.66 57.16 -11.74
N GLN F 174 -11.88 56.34 -12.76
CA GLN F 174 -12.85 56.62 -13.79
C GLN F 174 -14.19 55.96 -13.53
N GLY F 175 -14.37 55.35 -12.35
CA GLY F 175 -15.66 54.82 -11.97
C GLY F 175 -16.11 53.59 -12.71
N LYS F 176 -15.19 52.91 -13.40
CA LYS F 176 -15.55 51.75 -14.21
C LYS F 176 -15.59 50.45 -13.41
N LEU F 177 -15.72 50.51 -12.10
CA LEU F 177 -15.65 49.31 -11.27
C LEU F 177 -16.88 49.21 -10.39
N ASP F 178 -16.92 48.16 -9.58
CA ASP F 178 -18.01 47.95 -8.66
C ASP F 178 -17.77 48.71 -7.36
N PRO F 179 -18.73 49.47 -6.87
CA PRO F 179 -18.64 50.00 -5.51
C PRO F 179 -18.73 48.87 -4.50
N VAL F 180 -17.93 48.97 -3.45
CA VAL F 180 -17.83 47.91 -2.45
C VAL F 180 -18.21 48.51 -1.10
N ILE F 181 -19.22 47.95 -0.47
CA ILE F 181 -19.64 48.33 0.86
C ILE F 181 -19.50 47.12 1.76
N GLY F 182 -18.88 47.31 2.92
CA GLY F 182 -18.47 46.21 3.78
C GLY F 182 -16.99 45.96 3.65
N ARG F 183 -16.57 44.89 4.33
CA ARG F 183 -15.19 44.37 4.28
C ARG F 183 -14.16 45.39 4.76
N ASP F 184 -14.52 46.18 5.78
CA ASP F 184 -13.58 47.16 6.31
C ASP F 184 -12.48 46.48 7.10
N GLU F 185 -12.84 45.44 7.86
CA GLU F 185 -11.89 44.72 8.69
C GLU F 185 -10.84 44.00 7.85
N GLU F 186 -11.26 43.44 6.72
CA GLU F 186 -10.33 42.68 5.88
C GLU F 186 -9.37 43.61 5.16
N ILE F 187 -9.84 44.78 4.75
CA ILE F 187 -8.94 45.76 4.14
C ILE F 187 -7.97 46.30 5.19
N ARG F 188 -8.45 46.50 6.42
CA ARG F 188 -7.58 46.96 7.50
C ARG F 188 -6.49 45.94 7.82
N ARG F 189 -6.85 44.66 7.88
CA ARG F 189 -5.86 43.62 8.16
C ARG F 189 -4.92 43.42 6.98
N THR F 190 -5.42 43.67 5.76
CA THR F 190 -4.55 43.64 4.59
C THR F 190 -3.52 44.76 4.63
N ILE F 191 -3.91 45.93 5.09
CA ILE F 191 -2.95 47.03 5.19
C ILE F 191 -2.00 46.82 6.37
N GLN F 192 -2.45 46.11 7.41
CA GLN F 192 -1.54 45.62 8.43
C GLN F 192 -0.47 44.71 7.84
N VAL F 193 -0.88 43.80 6.95
CA VAL F 193 0.07 42.84 6.40
C VAL F 193 1.00 43.50 5.38
N LEU F 194 0.49 44.48 4.62
CA LEU F 194 1.30 45.11 3.59
C LEU F 194 2.45 45.94 4.17
N GLN F 195 2.16 46.82 5.13
CA GLN F 195 3.19 47.70 5.66
C GLN F 195 4.05 46.98 6.69
N ARG F 196 4.88 46.05 6.18
CA ARG F 196 5.85 45.32 6.97
C ARG F 196 7.18 45.37 6.24
N ARG F 197 8.18 44.67 6.77
CA ARG F 197 9.39 44.43 5.99
C ARG F 197 9.59 42.95 5.68
N THR F 198 9.16 42.07 6.59
CA THR F 198 9.07 40.65 6.28
C THR F 198 7.62 40.30 6.03
N LYS F 199 7.41 39.25 5.21
CA LYS F 199 6.07 38.73 4.87
C LYS F 199 5.20 39.82 4.25
N ASN F 200 5.75 40.50 3.25
CA ASN F 200 5.10 41.70 2.70
C ASN F 200 3.89 41.34 1.88
N ASN F 201 3.85 40.15 1.31
CA ASN F 201 2.82 39.79 0.36
C ASN F 201 1.69 39.06 1.08
N PRO F 202 0.47 39.56 1.03
CA PRO F 202 -0.67 38.78 1.51
C PRO F 202 -1.26 37.97 0.38
N VAL F 203 -1.99 36.94 0.76
CA VAL F 203 -2.79 36.17 -0.18
C VAL F 203 -4.18 36.02 0.41
N LEU F 204 -5.19 36.35 -0.40
CA LEU F 204 -6.57 36.38 0.07
C LEU F 204 -7.13 34.98 -0.04
N ILE F 205 -6.96 34.19 1.02
CA ILE F 205 -7.63 32.90 1.08
C ILE F 205 -9.12 33.14 1.26
N GLY F 206 -9.91 32.65 0.32
CA GLY F 206 -11.35 32.79 0.40
C GLY F 206 -12.06 31.54 -0.02
N GLU F 207 -13.09 31.71 -0.83
CA GLU F 207 -13.96 30.64 -1.30
C GLU F 207 -14.39 30.98 -2.71
N PRO F 208 -14.87 30.01 -3.48
CA PRO F 208 -15.33 30.35 -4.83
C PRO F 208 -16.60 31.18 -4.84
N GLY F 209 -16.45 32.49 -4.69
CA GLY F 209 -17.60 33.37 -4.76
C GLY F 209 -17.92 34.17 -3.52
N VAL F 210 -16.91 34.57 -2.75
CA VAL F 210 -17.15 35.37 -1.56
C VAL F 210 -16.51 36.76 -1.66
N GLY F 211 -16.18 37.20 -2.87
CA GLY F 211 -15.75 38.58 -3.05
C GLY F 211 -14.28 38.81 -2.83
N LYS F 212 -13.44 37.87 -3.27
CA LYS F 212 -12.00 38.05 -3.17
C LYS F 212 -11.52 39.16 -4.08
N THR F 213 -12.12 39.27 -5.27
CA THR F 213 -11.80 40.37 -6.16
C THR F 213 -12.32 41.69 -5.62
N ALA F 214 -13.46 41.65 -4.93
CA ALA F 214 -14.10 42.87 -4.46
C ALA F 214 -13.32 43.56 -3.37
N ILE F 215 -12.52 42.80 -2.61
CA ILE F 215 -11.70 43.41 -1.57
C ILE F 215 -10.61 44.27 -2.17
N VAL F 216 -9.97 43.78 -3.25
CA VAL F 216 -8.96 44.59 -3.92
C VAL F 216 -9.60 45.74 -4.68
N GLU F 217 -10.82 45.54 -5.19
CA GLU F 217 -11.54 46.64 -5.83
C GLU F 217 -11.85 47.75 -4.83
N GLY F 218 -12.30 47.38 -3.63
CA GLY F 218 -12.53 48.37 -2.59
C GLY F 218 -11.26 49.00 -2.07
N LEU F 219 -10.15 48.25 -2.09
CA LEU F 219 -8.86 48.81 -1.72
C LEU F 219 -8.42 49.88 -2.71
N ALA F 220 -8.60 49.62 -4.01
CA ALA F 220 -8.27 50.62 -5.01
C ALA F 220 -9.20 51.82 -4.95
N GLN F 221 -10.48 51.59 -4.61
CA GLN F 221 -11.38 52.72 -4.41
C GLN F 221 -11.02 53.54 -3.19
N ARG F 222 -10.47 52.91 -2.14
CA ARG F 222 -10.01 53.69 -1.00
C ARG F 222 -8.71 54.40 -1.31
N ILE F 223 -7.90 53.86 -2.22
CA ILE F 223 -6.72 54.57 -2.69
C ILE F 223 -7.11 55.83 -3.44
N ILE F 224 -8.07 55.70 -4.36
CA ILE F 224 -8.52 56.85 -5.13
C ILE F 224 -9.26 57.85 -4.24
N ASN F 225 -10.08 57.36 -3.32
CA ASN F 225 -10.77 58.23 -2.39
C ASN F 225 -9.89 58.68 -1.23
N GLY F 226 -8.66 58.18 -1.13
CA GLY F 226 -7.76 58.64 -0.11
C GLY F 226 -8.08 58.17 1.29
N GLU F 227 -8.94 57.16 1.43
CA GLU F 227 -9.28 56.64 2.75
C GLU F 227 -8.23 55.69 3.28
N VAL F 228 -7.23 55.36 2.49
CA VAL F 228 -6.11 54.51 2.89
C VAL F 228 -5.19 55.26 3.83
N PRO F 229 -4.35 54.58 4.61
CA PRO F 229 -3.27 55.26 5.33
C PRO F 229 -2.24 55.86 4.39
N GLU F 230 -1.37 56.70 4.97
CA GLU F 230 -0.45 57.53 4.19
C GLU F 230 0.59 56.71 3.45
N GLY F 231 0.92 55.51 3.95
CA GLY F 231 1.93 54.71 3.30
C GLY F 231 1.49 54.16 1.96
N LEU F 232 0.21 53.92 1.78
CA LEU F 232 -0.31 53.42 0.53
C LEU F 232 -0.88 54.50 -0.36
N LYS F 233 -0.76 55.77 0.04
CA LYS F 233 -1.21 56.86 -0.82
C LYS F 233 -0.23 57.06 -1.97
N GLY F 234 -0.78 57.27 -3.16
CA GLY F 234 0.01 57.36 -4.36
C GLY F 234 0.34 56.03 -5.01
N ARG F 235 -0.02 54.91 -4.39
CA ARG F 235 0.26 53.61 -4.96
C ARG F 235 -0.71 53.27 -6.08
N ARG F 236 -0.19 52.64 -7.13
CA ARG F 236 -0.99 52.26 -8.29
C ARG F 236 -1.07 50.74 -8.34
N VAL F 237 -2.22 50.19 -8.00
CA VAL F 237 -2.42 48.75 -8.02
C VAL F 237 -2.68 48.33 -9.45
N LEU F 238 -1.72 47.65 -10.06
CA LEU F 238 -1.86 47.10 -11.40
C LEU F 238 -2.11 45.61 -11.29
N ALA F 239 -3.10 45.13 -12.02
CA ALA F 239 -3.45 43.71 -12.04
C ALA F 239 -2.72 43.02 -13.18
N LEU F 240 -2.60 41.70 -13.07
CA LEU F 240 -1.87 40.90 -14.04
C LEU F 240 -2.88 40.17 -14.92
N ASP F 241 -2.68 40.28 -16.23
CA ASP F 241 -3.61 39.71 -17.19
C ASP F 241 -2.90 38.59 -17.96
N MET F 242 -3.53 37.41 -17.99
CA MET F 242 -2.88 36.23 -18.55
C MET F 242 -2.84 36.27 -20.06
N GLY F 243 -4.01 36.21 -20.69
CA GLY F 243 -4.08 36.02 -22.13
C GLY F 243 -3.66 37.23 -22.91
N ALA F 244 -3.70 38.42 -22.28
CA ALA F 244 -3.09 39.59 -22.89
C ALA F 244 -1.58 39.42 -22.99
N LEU F 245 -0.96 38.80 -21.99
CA LEU F 245 0.46 38.52 -22.11
C LEU F 245 0.77 37.35 -23.03
N VAL F 246 -0.18 36.42 -23.22
CA VAL F 246 0.01 35.35 -24.18
C VAL F 246 -0.71 35.66 -25.51
N ALA F 247 -0.92 36.95 -25.81
CA ALA F 247 -1.69 37.32 -26.99
C ALA F 247 -0.93 36.99 -28.28
N GLY F 248 0.22 37.61 -28.47
CA GLY F 248 0.96 37.42 -29.70
C GLY F 248 2.31 36.78 -29.50
N ALA F 249 2.38 35.74 -28.65
CA ALA F 249 3.67 35.19 -28.24
C ALA F 249 3.66 33.68 -28.40
N LYS F 250 4.26 33.20 -29.49
CA LYS F 250 4.47 31.78 -29.71
C LYS F 250 5.94 31.39 -29.88
N TYR F 251 6.85 32.36 -29.96
CA TYR F 251 8.24 32.08 -30.26
C TYR F 251 8.95 31.47 -29.06
N ARG F 252 10.13 30.92 -29.33
CA ARG F 252 10.96 30.36 -28.26
C ARG F 252 11.56 31.50 -27.46
N GLY F 253 10.85 31.96 -26.44
CA GLY F 253 11.32 33.04 -25.60
C GLY F 253 10.69 34.37 -25.94
N GLU F 254 9.38 34.37 -26.18
CA GLU F 254 8.66 35.60 -26.47
C GLU F 254 7.72 35.99 -25.32
N PHE F 255 6.84 35.08 -24.90
CA PHE F 255 6.04 35.27 -23.70
C PHE F 255 6.90 35.43 -22.46
N GLU F 256 7.97 34.66 -22.37
CA GLU F 256 8.83 34.71 -21.21
C GLU F 256 9.62 36.00 -21.17
N GLU F 257 10.02 36.50 -22.34
CA GLU F 257 10.66 37.81 -22.44
C GLU F 257 9.68 38.92 -22.08
N ARG F 258 8.40 38.76 -22.46
CA ARG F 258 7.37 39.71 -22.06
C ARG F 258 7.20 39.73 -20.55
N LEU F 259 7.14 38.56 -19.93
CA LEU F 259 6.99 38.48 -18.48
C LEU F 259 8.21 39.05 -17.76
N LYS F 260 9.40 38.83 -18.33
CA LYS F 260 10.61 39.42 -17.77
C LYS F 260 10.59 40.93 -17.89
N GLY F 261 10.07 41.46 -19.00
CA GLY F 261 9.92 42.90 -19.14
C GLY F 261 8.91 43.48 -18.17
N VAL F 262 7.84 42.72 -17.89
CA VAL F 262 6.88 43.10 -16.86
C VAL F 262 7.55 43.18 -15.49
N LEU F 263 8.38 42.20 -15.18
CA LEU F 263 9.05 42.20 -13.88
C LEU F 263 10.14 43.27 -13.81
N ASN F 264 10.78 43.59 -14.93
CA ASN F 264 11.71 44.71 -14.96
C ASN F 264 10.99 46.03 -14.74
N ASP F 265 9.78 46.15 -15.26
CA ASP F 265 8.99 47.35 -15.01
C ASP F 265 8.53 47.43 -13.56
N LEU F 266 8.21 46.27 -12.96
CA LEU F 266 7.82 46.26 -11.55
C LEU F 266 8.99 46.59 -10.64
N ALA F 267 10.19 46.15 -11.02
CA ALA F 267 11.38 46.59 -10.30
C ALA F 267 11.68 48.05 -10.57
N LYS F 268 11.27 48.55 -11.73
CA LYS F 268 11.58 49.92 -12.11
C LYS F 268 10.75 50.92 -11.33
N GLN F 269 9.53 50.56 -10.94
CA GLN F 269 8.64 51.54 -10.32
C GLN F 269 8.97 51.82 -8.85
N GLU F 270 9.81 50.98 -8.24
CA GLU F 270 10.49 51.28 -6.97
C GLU F 270 9.52 51.52 -5.82
N GLY F 271 8.75 50.49 -5.50
CA GLY F 271 7.85 50.57 -4.36
C GLY F 271 6.64 51.46 -4.58
N ASN F 272 6.12 51.48 -5.79
CA ASN F 272 4.95 52.27 -6.11
C ASN F 272 3.77 51.43 -6.58
N VAL F 273 4.02 50.22 -7.07
CA VAL F 273 3.00 49.41 -7.71
C VAL F 273 2.79 48.14 -6.90
N ILE F 274 1.55 47.90 -6.51
CA ILE F 274 1.14 46.64 -5.91
C ILE F 274 0.56 45.75 -7.00
N LEU F 275 1.06 44.52 -7.11
CA LEU F 275 0.61 43.57 -8.11
C LEU F 275 -0.42 42.64 -7.50
N PHE F 276 -1.53 42.43 -8.22
CA PHE F 276 -2.60 41.55 -7.77
C PHE F 276 -2.79 40.41 -8.74
N ILE F 277 -2.83 39.18 -8.22
CA ILE F 277 -2.84 37.97 -9.01
C ILE F 277 -4.01 37.13 -8.52
N ASP F 278 -5.09 37.09 -9.29
CA ASP F 278 -6.13 36.11 -9.04
C ASP F 278 -5.64 34.73 -9.45
N ALA F 279 -6.07 33.72 -8.68
CA ALA F 279 -5.71 32.31 -8.87
C ALA F 279 -4.20 32.13 -8.88
N LEU F 280 -3.62 32.37 -7.69
CA LEU F 280 -2.17 32.40 -7.53
C LEU F 280 -1.54 31.06 -7.84
N HIS F 281 -2.18 29.98 -7.38
CA HIS F 281 -1.69 28.63 -7.60
C HIS F 281 -1.69 28.29 -9.08
N THR F 282 -2.67 28.81 -9.83
CA THR F 282 -2.72 28.61 -11.27
C THR F 282 -1.53 29.27 -11.94
N MET F 283 -1.14 30.48 -11.49
CA MET F 283 -0.01 31.15 -12.09
C MET F 283 1.31 30.47 -11.71
N VAL F 284 1.37 29.87 -10.52
CA VAL F 284 2.55 29.08 -10.17
C VAL F 284 2.62 27.81 -11.03
N GLY F 285 1.48 27.28 -11.47
CA GLY F 285 1.51 26.14 -12.36
C GLY F 285 0.93 26.35 -13.75
N ALA F 286 1.24 27.48 -14.40
CA ALA F 286 0.66 27.80 -15.71
C ALA F 286 1.59 27.52 -16.88
N GLY F 287 2.75 28.17 -16.89
CA GLY F 287 3.50 28.36 -18.12
C GLY F 287 4.19 27.13 -18.68
N LYS F 288 3.40 26.16 -19.11
CA LYS F 288 3.91 24.95 -19.73
C LYS F 288 4.41 25.27 -21.13
N ALA F 289 5.69 25.60 -21.25
CA ALA F 289 6.30 25.97 -22.53
C ALA F 289 7.40 24.97 -22.89
N ASP F 290 8.08 25.25 -24.00
CA ASP F 290 9.14 24.39 -24.50
C ASP F 290 10.42 25.22 -24.66
N GLY F 291 11.52 24.70 -24.11
CA GLY F 291 12.84 25.37 -24.07
C GLY F 291 12.73 26.76 -23.44
N ALA F 292 11.97 26.85 -22.35
CA ALA F 292 11.57 28.12 -21.79
C ALA F 292 11.30 27.93 -20.30
N MET F 293 10.58 28.88 -19.71
CA MET F 293 10.21 28.86 -18.30
C MET F 293 8.72 29.15 -18.14
N ASP F 294 8.22 28.90 -16.93
CA ASP F 294 6.83 29.20 -16.59
C ASP F 294 6.72 30.59 -15.98
N ALA F 295 5.56 30.86 -15.36
CA ALA F 295 5.36 32.12 -14.66
C ALA F 295 5.85 32.04 -13.22
N GLY F 296 5.56 30.92 -12.55
CA GLY F 296 5.81 30.84 -11.12
C GLY F 296 7.28 30.88 -10.75
N ASN F 297 8.10 30.15 -11.48
CA ASN F 297 9.53 30.09 -11.21
C ASN F 297 10.31 31.19 -11.92
N MET F 298 9.63 32.15 -12.55
CA MET F 298 10.24 33.41 -12.92
C MET F 298 9.86 34.54 -11.98
N LEU F 299 8.65 34.50 -11.42
CA LEU F 299 8.32 35.48 -10.40
C LEU F 299 8.91 35.12 -9.04
N LYS F 300 9.22 33.85 -8.84
CA LYS F 300 9.78 33.40 -7.56
C LYS F 300 11.09 34.07 -7.14
N PRO F 301 12.01 34.48 -8.04
CA PRO F 301 13.06 35.41 -7.59
C PRO F 301 12.53 36.75 -7.12
N ALA F 302 11.52 37.32 -7.79
CA ALA F 302 11.04 38.65 -7.42
C ALA F 302 10.29 38.67 -6.10
N LEU F 303 9.82 37.51 -5.62
CA LEU F 303 9.21 37.45 -4.30
C LEU F 303 10.23 37.67 -3.20
N ALA F 304 11.26 36.83 -3.17
CA ALA F 304 12.31 36.96 -2.16
C ALA F 304 13.47 37.81 -2.67
N ARG F 305 13.16 38.97 -3.23
CA ARG F 305 14.13 40.01 -3.48
C ARG F 305 13.60 41.40 -3.15
N GLY F 306 12.39 41.50 -2.59
CA GLY F 306 11.82 42.77 -2.20
C GLY F 306 11.32 43.64 -3.34
N GLU F 307 11.45 43.20 -4.58
CA GLU F 307 11.01 43.98 -5.72
C GLU F 307 9.60 43.65 -6.15
N LEU F 308 8.77 43.16 -5.22
CA LEU F 308 7.39 42.81 -5.54
C LEU F 308 6.53 42.93 -4.30
N HIS F 309 5.48 43.74 -4.39
CA HIS F 309 4.54 43.99 -3.31
C HIS F 309 3.25 43.21 -3.53
N CYS F 310 3.38 41.94 -3.94
CA CYS F 310 2.27 41.16 -4.49
C CYS F 310 1.12 40.97 -3.51
N VAL F 311 -0.08 40.84 -4.06
CA VAL F 311 -1.27 40.48 -3.31
C VAL F 311 -1.90 39.30 -4.00
N GLY F 312 -2.04 38.19 -3.28
CA GLY F 312 -2.58 36.98 -3.85
C GLY F 312 -4.04 36.78 -3.48
N ALA F 313 -4.65 35.83 -4.19
CA ALA F 313 -6.06 35.49 -3.98
C ALA F 313 -6.27 34.08 -4.47
N THR F 314 -6.75 33.20 -3.61
CA THR F 314 -6.94 31.81 -3.98
C THR F 314 -7.95 31.15 -3.05
N THR F 315 -8.30 29.93 -3.41
CA THR F 315 -9.09 29.07 -2.57
C THR F 315 -8.20 28.50 -1.47
N LEU F 316 -8.82 28.08 -0.35
CA LEU F 316 -8.07 27.54 0.77
C LEU F 316 -7.38 26.22 0.41
N ASP F 317 -8.06 25.38 -0.38
CA ASP F 317 -7.54 24.04 -0.65
C ASP F 317 -6.29 24.08 -1.53
N GLU F 318 -6.31 24.90 -2.57
CA GLU F 318 -5.15 25.03 -3.44
C GLU F 318 -4.01 25.79 -2.75
N TYR F 319 -4.35 26.64 -1.78
CA TYR F 319 -3.33 27.16 -0.88
C TYR F 319 -2.70 26.02 -0.09
N ARG F 320 -3.54 25.18 0.52
CA ARG F 320 -3.08 24.12 1.41
C ARG F 320 -2.36 23.01 0.65
N GLN F 321 -2.52 22.94 -0.67
CA GLN F 321 -1.67 22.06 -1.46
C GLN F 321 -0.42 22.76 -1.97
N TYR F 322 -0.57 23.90 -2.64
CA TYR F 322 0.48 24.40 -3.50
C TYR F 322 1.32 25.49 -2.87
N ILE F 323 0.94 26.02 -1.71
CA ILE F 323 1.71 27.12 -1.14
C ILE F 323 2.22 26.73 0.24
N GLU F 324 1.47 25.87 0.95
CA GLU F 324 1.96 25.38 2.24
C GLU F 324 3.06 24.34 2.07
N LYS F 325 3.11 23.69 0.91
CA LYS F 325 4.11 22.67 0.67
C LYS F 325 5.49 23.29 0.43
N ASP F 326 5.54 24.45 -0.22
CA ASP F 326 6.80 25.10 -0.52
C ASP F 326 7.38 25.77 0.73
N ALA F 327 8.62 26.25 0.63
CA ALA F 327 9.28 26.96 1.71
C ALA F 327 9.23 28.48 1.53
N ALA F 328 9.82 28.98 0.45
CA ALA F 328 9.88 30.42 0.23
C ALA F 328 8.52 30.98 -0.15
N LEU F 329 7.77 30.22 -0.96
CA LEU F 329 6.40 30.59 -1.29
C LEU F 329 5.51 30.57 -0.05
N GLU F 330 5.83 29.73 0.93
CA GLU F 330 5.07 29.74 2.17
C GLU F 330 5.38 30.97 2.99
N ARG F 331 6.66 31.23 3.24
CA ARG F 331 6.98 32.32 4.15
C ARG F 331 7.11 33.67 3.44
N ARG F 332 6.68 33.78 2.19
CA ARG F 332 6.41 35.08 1.59
C ARG F 332 4.93 35.36 1.46
N PHE F 333 4.06 34.58 2.10
CA PHE F 333 2.62 34.76 1.94
C PHE F 333 1.90 34.56 3.26
N GLN F 334 0.81 35.32 3.42
CA GLN F 334 0.09 35.44 4.68
C GLN F 334 -1.38 35.15 4.50
N LYS F 335 -1.93 34.32 5.38
CA LYS F 335 -3.32 33.88 5.29
C LYS F 335 -4.26 35.00 5.74
N VAL F 336 -4.54 35.92 4.84
CA VAL F 336 -5.62 36.87 5.08
C VAL F 336 -6.91 36.15 4.76
N PHE F 337 -7.52 35.54 5.77
CA PHE F 337 -8.71 34.75 5.53
C PHE F 337 -9.91 35.65 5.26
N VAL F 338 -10.73 35.27 4.30
CA VAL F 338 -11.90 36.04 3.89
C VAL F 338 -13.13 35.28 4.35
N ALA F 339 -13.93 35.91 5.20
CA ALA F 339 -15.12 35.27 5.73
C ALA F 339 -16.24 35.29 4.70
N GLU F 340 -17.00 34.22 4.65
CA GLU F 340 -18.22 34.22 3.87
C GLU F 340 -19.25 35.08 4.58
N PRO F 341 -19.80 36.10 3.92
CA PRO F 341 -20.54 37.15 4.63
C PRO F 341 -21.90 36.67 5.10
N SER F 342 -22.49 37.46 5.99
CA SER F 342 -23.77 37.11 6.59
C SER F 342 -24.91 37.57 5.67
N VAL F 343 -26.13 37.33 6.14
CA VAL F 343 -27.31 37.64 5.32
C VAL F 343 -27.55 39.14 5.28
N GLU F 344 -27.47 39.81 6.44
CA GLU F 344 -27.71 41.25 6.46
C GLU F 344 -26.55 42.02 5.84
N ASP F 345 -25.33 41.47 5.92
CA ASP F 345 -24.22 42.05 5.17
C ASP F 345 -24.48 41.94 3.67
N THR F 346 -25.06 40.83 3.24
CA THR F 346 -25.42 40.67 1.85
C THR F 346 -26.52 41.66 1.45
N ILE F 347 -27.44 41.95 2.39
CA ILE F 347 -28.46 42.97 2.18
C ILE F 347 -27.82 44.33 1.96
N ALA F 348 -26.83 44.66 2.80
CA ALA F 348 -26.14 45.95 2.68
C ALA F 348 -25.37 46.04 1.37
N ILE F 349 -24.77 44.93 0.93
CA ILE F 349 -24.04 44.93 -0.34
C ILE F 349 -24.99 45.08 -1.52
N LEU F 350 -26.14 44.40 -1.47
CA LEU F 350 -27.13 44.53 -2.53
C LEU F 350 -27.74 45.92 -2.57
N ARG F 351 -27.91 46.55 -1.40
CA ARG F 351 -28.34 47.95 -1.38
C ARG F 351 -27.25 48.86 -1.93
N GLY F 352 -25.99 48.46 -1.77
CA GLY F 352 -24.92 49.21 -2.38
C GLY F 352 -24.83 49.07 -3.88
N LEU F 353 -25.44 48.03 -4.45
CA LEU F 353 -25.35 47.78 -5.87
C LEU F 353 -26.71 47.72 -6.55
N LYS F 354 -27.78 48.05 -5.84
CA LYS F 354 -29.11 48.10 -6.45
C LYS F 354 -29.19 49.19 -7.50
N GLU F 355 -28.53 50.33 -7.24
CA GLU F 355 -28.59 51.47 -8.14
C GLU F 355 -27.93 51.16 -9.48
N ARG F 356 -26.85 50.40 -9.47
CA ARG F 356 -26.14 50.05 -10.70
C ARG F 356 -27.01 49.19 -11.61
N TYR F 357 -27.63 48.15 -11.05
CA TYR F 357 -28.47 47.28 -11.86
C TYR F 357 -29.77 47.96 -12.28
N GLU F 358 -30.32 48.85 -11.45
CA GLU F 358 -31.52 49.57 -11.86
C GLU F 358 -31.24 50.56 -12.98
N LEU F 359 -30.12 51.27 -12.90
CA LEU F 359 -29.73 52.16 -14.00
C LEU F 359 -29.28 51.38 -15.23
N HIS F 360 -28.86 50.13 -15.06
CA HIS F 360 -28.57 49.32 -16.24
C HIS F 360 -29.87 48.86 -16.92
N HIS F 361 -30.67 48.07 -16.21
CA HIS F 361 -31.78 47.38 -16.84
C HIS F 361 -33.04 48.22 -16.95
N HIS F 362 -33.00 49.48 -16.52
CA HIS F 362 -34.12 50.42 -16.56
C HIS F 362 -35.33 49.92 -15.76
N VAL F 363 -35.07 49.20 -14.68
CA VAL F 363 -36.12 48.61 -13.86
C VAL F 363 -35.96 49.11 -12.43
N GLN F 364 -36.81 48.62 -11.52
CA GLN F 364 -36.72 48.96 -10.11
C GLN F 364 -36.73 47.70 -9.27
N ILE F 365 -36.04 47.77 -8.13
CA ILE F 365 -35.85 46.61 -7.27
C ILE F 365 -36.45 46.94 -5.90
N THR F 366 -37.27 46.04 -5.39
CA THR F 366 -37.94 46.24 -4.11
C THR F 366 -37.07 45.67 -3.00
N ASP F 367 -37.05 46.35 -1.87
CA ASP F 367 -36.21 45.91 -0.74
C ASP F 367 -36.74 44.67 -0.03
N PRO F 368 -38.06 44.45 0.15
CA PRO F 368 -38.51 43.09 0.51
C PRO F 368 -38.12 42.03 -0.49
N ALA F 369 -38.06 42.35 -1.78
CA ALA F 369 -37.52 41.40 -2.74
C ALA F 369 -36.04 41.14 -2.50
N ILE F 370 -35.29 42.15 -2.04
CA ILE F 370 -33.88 41.98 -1.73
C ILE F 370 -33.70 41.03 -0.55
N VAL F 371 -34.45 41.25 0.53
CA VAL F 371 -34.28 40.41 1.71
C VAL F 371 -34.83 39.00 1.45
N ALA F 372 -35.85 38.87 0.60
CA ALA F 372 -36.35 37.54 0.25
C ALA F 372 -35.36 36.79 -0.61
N ALA F 373 -34.73 37.49 -1.57
CA ALA F 373 -33.72 36.86 -2.42
C ALA F 373 -32.51 36.43 -1.62
N ALA F 374 -32.05 37.27 -0.69
CA ALA F 374 -30.90 36.91 0.13
C ALA F 374 -31.20 35.75 1.05
N THR F 375 -32.37 35.79 1.70
CA THR F 375 -32.73 34.74 2.65
C THR F 375 -32.94 33.40 1.97
N LEU F 376 -33.68 33.39 0.85
CA LEU F 376 -33.90 32.14 0.15
C LEU F 376 -32.66 31.67 -0.61
N SER F 377 -31.76 32.57 -0.99
CA SER F 377 -30.53 32.14 -1.62
C SER F 377 -29.61 31.46 -0.63
N HIS F 378 -29.52 32.00 0.59
CA HIS F 378 -28.78 31.29 1.63
C HIS F 378 -29.51 30.05 2.10
N ARG F 379 -30.84 30.01 1.95
CA ARG F 379 -31.60 28.87 2.43
C ARG F 379 -31.51 27.68 1.47
N TYR F 380 -31.58 27.94 0.17
CA TYR F 380 -31.76 26.88 -0.81
C TYR F 380 -30.51 26.54 -1.62
N ILE F 381 -29.75 27.53 -2.05
CA ILE F 381 -28.67 27.30 -3.00
C ILE F 381 -27.47 26.73 -2.27
N ALA F 382 -26.91 25.64 -2.80
CA ALA F 382 -25.76 24.98 -2.20
C ALA F 382 -24.48 25.08 -3.01
N ASP F 383 -24.58 25.22 -4.34
CA ASP F 383 -23.41 25.31 -5.20
C ASP F 383 -22.70 26.63 -4.98
N ARG F 384 -23.35 27.72 -5.31
CA ARG F 384 -22.75 29.03 -5.14
C ARG F 384 -22.84 29.44 -3.68
N GLN F 385 -22.20 30.55 -3.35
CA GLN F 385 -22.16 31.05 -1.99
C GLN F 385 -22.53 32.51 -1.95
N LEU F 386 -22.67 33.03 -0.73
CA LEU F 386 -22.91 34.45 -0.55
C LEU F 386 -21.67 35.24 -0.95
N PRO F 387 -21.82 36.43 -1.53
CA PRO F 387 -23.07 37.08 -1.91
C PRO F 387 -23.38 36.90 -3.38
N ASP F 388 -22.60 36.07 -4.07
CA ASP F 388 -22.64 36.06 -5.53
C ASP F 388 -23.94 35.47 -6.07
N LYS F 389 -24.49 34.48 -5.37
CA LYS F 389 -25.75 33.90 -5.79
C LYS F 389 -26.90 34.90 -5.68
N ALA F 390 -26.86 35.78 -4.69
CA ALA F 390 -27.90 36.80 -4.56
C ALA F 390 -27.81 37.84 -5.66
N ILE F 391 -26.59 38.24 -6.01
CA ILE F 391 -26.37 39.19 -7.11
C ILE F 391 -26.83 38.57 -8.43
N ASP F 392 -26.57 37.28 -8.61
CA ASP F 392 -27.02 36.60 -9.82
C ASP F 392 -28.54 36.50 -9.87
N LEU F 393 -29.20 36.25 -8.73
CA LEU F 393 -30.65 36.20 -8.70
C LEU F 393 -31.25 37.56 -9.02
N ILE F 394 -30.67 38.63 -8.48
CA ILE F 394 -31.16 39.98 -8.75
C ILE F 394 -31.02 40.33 -10.22
N ASP F 395 -29.87 40.02 -10.81
CA ASP F 395 -29.65 40.42 -12.19
C ASP F 395 -30.41 39.52 -13.16
N GLU F 396 -30.63 38.25 -12.81
CA GLU F 396 -31.44 37.37 -13.64
C GLU F 396 -32.91 37.78 -13.59
N ALA F 397 -33.39 38.18 -12.41
CA ALA F 397 -34.76 38.68 -12.32
C ALA F 397 -34.92 39.99 -13.08
N ALA F 398 -33.89 40.84 -13.08
CA ALA F 398 -33.94 42.09 -13.84
C ALA F 398 -33.99 41.82 -15.34
N SER F 399 -33.19 40.87 -15.84
CA SER F 399 -33.25 40.53 -17.25
C SER F 399 -34.56 39.84 -17.61
N SER F 400 -35.16 39.09 -16.67
CA SER F 400 -36.45 38.47 -16.94
C SER F 400 -37.56 39.51 -17.05
N ILE F 401 -37.51 40.54 -16.19
CA ILE F 401 -38.48 41.63 -16.29
C ILE F 401 -38.25 42.42 -17.57
N ARG F 402 -37.01 42.53 -18.01
CA ARG F 402 -36.74 43.18 -19.29
C ARG F 402 -37.31 42.38 -20.46
N MET F 403 -37.25 41.05 -20.36
CA MET F 403 -37.89 40.22 -21.39
C MET F 403 -39.41 40.32 -21.34
N GLN F 404 -39.99 40.47 -20.15
CA GLN F 404 -41.43 40.67 -20.06
C GLN F 404 -41.84 42.03 -20.62
N ILE F 405 -40.96 43.03 -20.52
CA ILE F 405 -41.18 44.28 -21.23
C ILE F 405 -41.11 44.05 -22.74
N ASP F 406 -40.14 43.24 -23.18
CA ASP F 406 -39.88 43.13 -24.62
C ASP F 406 -40.92 42.25 -25.31
N SER F 407 -41.01 40.98 -24.93
CA SER F 407 -41.80 40.03 -25.70
C SER F 407 -43.30 40.16 -25.41
N LYS F 408 -43.70 39.86 -24.18
CA LYS F 408 -45.09 40.00 -23.75
C LYS F 408 -45.17 40.07 -22.23
N LEU F 527 -46.08 45.27 -18.76
CA LEU F 527 -45.38 46.55 -18.58
C LEU F 527 -45.08 46.81 -17.11
N ARG F 528 -43.99 46.23 -16.62
CA ARG F 528 -43.59 46.39 -15.23
C ARG F 528 -42.11 46.72 -15.16
N ASN F 529 -41.74 47.41 -14.08
CA ASN F 529 -40.34 47.63 -13.78
C ASN F 529 -39.97 47.33 -12.33
N LYS F 530 -40.93 47.24 -11.42
CA LYS F 530 -40.66 47.01 -10.02
C LYS F 530 -40.54 45.51 -9.78
N VAL F 531 -39.31 45.07 -9.49
CA VAL F 531 -39.04 43.66 -9.27
C VAL F 531 -39.47 43.30 -7.85
N THR F 532 -40.55 42.54 -7.72
CA THR F 532 -41.04 42.12 -6.42
C THR F 532 -40.50 40.75 -6.06
N ASP F 533 -40.75 40.35 -4.81
CA ASP F 533 -40.30 39.06 -4.33
C ASP F 533 -41.03 37.89 -4.97
N ALA F 534 -42.22 38.14 -5.53
CA ALA F 534 -42.91 37.11 -6.29
C ALA F 534 -42.13 36.75 -7.54
N GLU F 535 -41.52 37.76 -8.18
CA GLU F 535 -40.65 37.50 -9.31
C GLU F 535 -39.42 36.70 -8.89
N ILE F 536 -38.91 36.98 -7.69
CA ILE F 536 -37.78 36.25 -7.15
C ILE F 536 -38.14 34.79 -6.93
N ALA F 537 -39.34 34.54 -6.39
CA ALA F 537 -39.79 33.17 -6.15
C ALA F 537 -40.02 32.43 -7.47
N GLU F 538 -40.54 33.13 -8.48
CA GLU F 538 -40.74 32.50 -9.79
C GLU F 538 -39.41 32.15 -10.45
N VAL F 539 -38.42 33.03 -10.34
CA VAL F 539 -37.10 32.75 -10.90
C VAL F 539 -36.44 31.60 -10.15
N LEU F 540 -36.52 31.61 -8.82
CA LEU F 540 -35.84 30.61 -8.01
C LEU F 540 -36.47 29.24 -8.16
N ALA F 541 -37.80 29.16 -8.25
CA ALA F 541 -38.44 27.90 -8.52
C ALA F 541 -38.19 27.44 -9.96
N ARG F 542 -38.11 28.39 -10.90
CA ARG F 542 -37.68 28.06 -12.25
C ARG F 542 -36.20 27.69 -12.27
N TRP F 543 -35.42 28.23 -11.34
CA TRP F 543 -34.04 27.80 -11.17
C TRP F 543 -34.04 26.42 -10.52
N GLU F 553 -44.55 31.34 5.87
CA GLU F 553 -43.95 30.40 4.95
C GLU F 553 -43.48 29.13 5.64
N SER F 554 -43.21 29.23 6.94
CA SER F 554 -42.51 28.16 7.64
C SER F 554 -43.37 27.46 8.67
N GLU F 555 -43.90 28.17 9.66
CA GLU F 555 -44.37 27.52 10.88
C GLU F 555 -45.73 26.86 10.69
N ARG F 556 -46.76 27.65 10.41
CA ARG F 556 -48.10 27.10 10.29
C ARG F 556 -48.25 26.28 9.01
N GLU F 557 -47.56 26.69 7.95
CA GLU F 557 -47.55 25.88 6.73
C GLU F 557 -46.86 24.55 6.97
N LYS F 558 -45.78 24.56 7.78
CA LYS F 558 -45.09 23.34 8.14
C LYS F 558 -45.97 22.43 8.97
N LEU F 559 -46.76 23.02 9.87
CA LEU F 559 -47.71 22.27 10.69
C LEU F 559 -48.78 21.61 9.83
N LEU F 560 -49.35 22.37 8.89
CA LEU F 560 -50.42 21.83 8.06
C LEU F 560 -49.92 20.78 7.08
N ARG F 561 -48.75 21.01 6.48
CA ARG F 561 -48.15 20.02 5.60
C ARG F 561 -47.81 18.75 6.36
N MET F 562 -47.34 18.88 7.60
CA MET F 562 -47.09 17.73 8.45
C MET F 562 -48.37 16.92 8.67
N GLU F 563 -49.39 17.58 9.24
CA GLU F 563 -50.62 16.91 9.62
C GLU F 563 -51.42 16.40 8.43
N GLN F 564 -51.17 16.93 7.24
CA GLN F 564 -51.83 16.40 6.06
C GLN F 564 -51.04 15.26 5.42
N GLU F 565 -49.73 15.45 5.22
CA GLU F 565 -48.90 14.46 4.56
C GLU F 565 -48.66 13.21 5.39
N LEU F 566 -48.98 13.24 6.69
CA LEU F 566 -48.89 12.01 7.47
C LEU F 566 -49.87 10.95 6.98
N HIS F 567 -51.10 11.36 6.67
CA HIS F 567 -52.15 10.40 6.36
C HIS F 567 -52.00 9.79 4.98
N HIS F 568 -51.13 10.32 4.14
CA HIS F 568 -50.97 9.80 2.80
C HIS F 568 -50.28 8.45 2.82
N ARG F 569 -49.07 8.42 3.35
CA ARG F 569 -48.31 7.18 3.43
C ARG F 569 -48.88 6.25 4.49
N VAL F 570 -48.86 6.68 5.75
CA VAL F 570 -49.27 5.83 6.86
C VAL F 570 -50.78 5.93 7.01
N ILE F 571 -51.43 4.79 7.06
CA ILE F 571 -52.87 4.72 7.23
C ILE F 571 -53.17 4.53 8.71
N GLY F 572 -54.22 5.22 9.19
CA GLY F 572 -54.69 5.06 10.55
C GLY F 572 -53.74 5.63 11.57
N GLN F 573 -53.82 5.08 12.79
CA GLN F 573 -53.02 5.48 13.96
C GLN F 573 -53.16 6.97 14.24
N ASN F 574 -54.38 7.48 14.09
CA ASN F 574 -54.62 8.91 14.06
C ASN F 574 -54.39 9.54 15.43
N GLU F 575 -54.53 8.76 16.50
CA GLU F 575 -54.11 9.19 17.82
C GLU F 575 -52.62 9.50 17.85
N ALA F 576 -51.81 8.60 17.30
CA ALA F 576 -50.37 8.83 17.25
C ALA F 576 -50.02 9.96 16.30
N VAL F 577 -50.82 10.13 15.23
CA VAL F 577 -50.65 11.24 14.31
C VAL F 577 -50.82 12.57 15.05
N ASP F 578 -51.91 12.70 15.79
CA ASP F 578 -52.16 13.91 16.54
C ASP F 578 -51.15 14.11 17.66
N ALA F 579 -50.67 13.01 18.24
CA ALA F 579 -49.69 13.11 19.32
C ALA F 579 -48.34 13.58 18.79
N VAL F 580 -47.94 13.09 17.63
CA VAL F 580 -46.70 13.57 16.99
C VAL F 580 -46.86 15.02 16.57
N SER F 581 -48.06 15.40 16.13
CA SER F 581 -48.33 16.80 15.81
C SER F 581 -48.20 17.70 17.04
N ASN F 582 -48.69 17.22 18.18
CA ASN F 582 -48.56 17.96 19.44
C ASN F 582 -47.10 18.06 19.87
N ALA F 583 -46.35 16.97 19.69
CA ALA F 583 -44.94 16.97 20.06
C ALA F 583 -44.14 17.91 19.17
N ILE F 584 -44.50 17.97 17.89
CA ILE F 584 -43.86 18.90 16.96
C ILE F 584 -44.16 20.33 17.33
N ARG F 585 -45.40 20.61 17.73
CA ARG F 585 -45.77 21.95 18.18
C ARG F 585 -45.03 22.34 19.45
N ARG F 586 -44.99 21.44 20.43
CA ARG F 586 -44.33 21.75 21.69
C ARG F 586 -42.81 21.77 21.57
N SER F 587 -42.25 21.13 20.55
CA SER F 587 -40.81 21.20 20.33
C SER F 587 -40.44 22.47 19.58
N ARG F 588 -41.15 22.77 18.50
CA ARG F 588 -40.84 23.92 17.68
C ARG F 588 -41.44 25.22 18.21
N ALA F 589 -42.11 25.18 19.36
CA ALA F 589 -42.47 26.42 20.04
C ALA F 589 -41.22 27.17 20.50
N GLY F 590 -40.20 26.43 20.92
CA GLY F 590 -38.97 27.03 21.39
C GLY F 590 -39.00 27.53 22.81
N LEU F 591 -40.15 27.46 23.48
CA LEU F 591 -40.29 27.95 24.85
C LEU F 591 -39.67 27.02 25.88
N ALA F 592 -39.30 25.81 25.48
CA ALA F 592 -38.68 24.85 26.39
C ALA F 592 -37.15 24.99 26.28
N ASP F 593 -36.44 24.04 26.88
CA ASP F 593 -34.99 24.08 26.90
C ASP F 593 -34.43 23.43 25.65
N PRO F 594 -33.58 24.12 24.88
CA PRO F 594 -32.85 23.46 23.80
C PRO F 594 -31.61 22.70 24.23
N ASN F 595 -31.44 22.44 25.53
CA ASN F 595 -30.35 21.64 26.03
C ASN F 595 -30.69 20.16 26.08
N ARG F 596 -31.84 19.77 25.55
CA ARG F 596 -32.30 18.40 25.53
C ARG F 596 -32.66 18.04 24.09
N PRO F 597 -32.51 16.78 23.69
CA PRO F 597 -32.83 16.40 22.31
C PRO F 597 -34.33 16.44 22.08
N ILE F 598 -34.69 16.53 20.79
CA ILE F 598 -36.08 16.70 20.40
C ILE F 598 -36.87 15.43 20.69
N GLY F 599 -36.34 14.28 20.26
CA GLY F 599 -37.07 13.05 20.36
C GLY F 599 -36.88 12.36 21.70
N SER F 600 -37.98 12.03 22.34
CA SER F 600 -37.99 11.11 23.48
C SER F 600 -39.33 10.37 23.41
N PHE F 601 -39.32 9.22 22.74
CA PHE F 601 -40.57 8.56 22.37
C PHE F 601 -40.45 7.07 22.51
N LEU F 602 -41.37 6.49 23.28
CA LEU F 602 -41.59 5.05 23.28
C LEU F 602 -42.88 4.77 22.52
N PHE F 603 -42.78 3.95 21.48
CA PHE F 603 -43.92 3.64 20.63
C PHE F 603 -44.24 2.17 20.79
N LEU F 604 -45.43 1.88 21.30
CA LEU F 604 -45.79 0.53 21.73
C LEU F 604 -46.87 -0.04 20.83
N GLY F 605 -46.80 -1.35 20.65
CA GLY F 605 -47.67 -2.06 19.74
C GLY F 605 -46.93 -3.21 19.12
N PRO F 606 -47.66 -4.13 18.48
CA PRO F 606 -46.99 -5.27 17.82
C PRO F 606 -46.26 -4.85 16.55
N THR F 607 -45.51 -5.77 15.96
CA THR F 607 -44.87 -5.47 14.68
C THR F 607 -45.90 -5.49 13.57
N GLY F 608 -45.52 -4.93 12.42
CA GLY F 608 -46.46 -4.87 11.31
C GLY F 608 -47.54 -3.83 11.50
N VAL F 609 -47.20 -2.71 12.14
CA VAL F 609 -48.11 -1.59 12.30
C VAL F 609 -47.53 -0.33 11.66
N GLY F 610 -46.42 -0.46 10.94
CA GLY F 610 -45.85 0.69 10.27
C GLY F 610 -45.07 1.62 11.18
N LYS F 611 -44.43 1.08 12.21
CA LYS F 611 -43.49 1.86 13.00
C LYS F 611 -42.36 2.37 12.12
N THR F 612 -41.82 1.49 11.27
CA THR F 612 -40.84 1.88 10.28
C THR F 612 -41.43 2.89 9.30
N GLU F 613 -42.71 2.74 8.98
CA GLU F 613 -43.37 3.71 8.12
C GLU F 613 -43.50 5.05 8.80
N LEU F 614 -43.70 5.05 10.13
CA LEU F 614 -43.78 6.30 10.86
C LEU F 614 -42.44 6.99 10.91
N CYS F 615 -41.36 6.22 11.12
CA CYS F 615 -40.02 6.79 11.12
C CYS F 615 -39.66 7.34 9.75
N LYS F 616 -40.01 6.62 8.69
CA LYS F 616 -39.74 7.09 7.35
C LYS F 616 -40.60 8.29 7.00
N ALA F 617 -41.80 8.40 7.58
CA ALA F 617 -42.63 9.57 7.33
C ALA F 617 -42.07 10.80 8.03
N LEU F 618 -41.55 10.61 9.24
CA LEU F 618 -40.87 11.70 9.93
C LEU F 618 -39.63 12.15 9.18
N ALA F 619 -38.88 11.20 8.64
CA ALA F 619 -37.72 11.54 7.81
C ALA F 619 -38.16 12.22 6.52
N ASN F 620 -39.26 11.74 5.93
CA ASN F 620 -39.79 12.27 4.68
C ASN F 620 -40.28 13.69 4.85
N PHE F 621 -40.72 14.07 6.05
CA PHE F 621 -41.10 15.46 6.19
C PHE F 621 -39.91 16.31 6.65
N MET F 622 -39.31 15.95 7.77
CA MET F 622 -38.35 16.84 8.41
C MET F 622 -37.02 16.85 7.67
N PHE F 623 -36.61 15.71 7.14
CA PHE F 623 -35.35 15.62 6.43
C PHE F 623 -35.51 15.10 5.01
N ASP F 624 -36.76 14.84 4.57
CA ASP F 624 -37.13 14.76 3.16
C ASP F 624 -36.46 13.59 2.42
N SER F 625 -36.33 12.46 3.09
CA SER F 625 -35.81 11.26 2.43
C SER F 625 -36.33 10.03 3.14
N ASP F 626 -36.12 8.88 2.50
CA ASP F 626 -36.40 7.61 3.16
C ASP F 626 -35.28 7.26 4.12
N GLU F 627 -34.06 7.14 3.63
CA GLU F 627 -32.93 6.86 4.51
C GLU F 627 -32.25 8.15 4.97
N ALA F 628 -33.04 9.12 5.40
CA ALA F 628 -32.55 10.19 6.26
C ALA F 628 -32.85 9.85 7.71
N MET F 629 -32.47 8.64 8.11
CA MET F 629 -32.89 8.11 9.39
C MET F 629 -31.84 7.11 9.86
N VAL F 630 -32.02 6.67 11.10
CA VAL F 630 -31.15 5.67 11.72
C VAL F 630 -32.05 4.64 12.39
N ARG F 631 -31.94 3.40 11.95
CA ARG F 631 -32.63 2.28 12.59
C ARG F 631 -31.61 1.39 13.26
N ILE F 632 -31.76 1.18 14.56
CA ILE F 632 -30.87 0.32 15.33
C ILE F 632 -31.72 -0.69 16.08
N ASP F 633 -31.46 -1.98 15.84
CA ASP F 633 -32.24 -3.05 16.43
C ASP F 633 -31.53 -3.56 17.68
N MET F 634 -32.06 -3.20 18.85
CA MET F 634 -31.44 -3.55 20.12
C MET F 634 -31.79 -4.93 20.60
N SER F 635 -32.29 -5.81 19.74
CA SER F 635 -32.64 -7.17 20.11
C SER F 635 -31.44 -8.11 20.08
N GLU F 636 -30.23 -7.59 19.99
CA GLU F 636 -29.02 -8.39 19.98
C GLU F 636 -28.04 -7.99 21.06
N PHE F 637 -28.22 -6.85 21.70
CA PHE F 637 -27.29 -6.33 22.70
C PHE F 637 -27.71 -6.71 24.12
N MET F 638 -28.32 -7.90 24.27
CA MET F 638 -28.78 -8.37 25.57
C MET F 638 -27.62 -8.66 26.52
N GLU F 639 -26.46 -8.98 25.98
CA GLU F 639 -25.30 -9.35 26.80
C GLU F 639 -24.60 -8.08 27.29
N LYS F 640 -23.41 -8.25 27.86
CA LYS F 640 -22.65 -7.12 28.36
C LYS F 640 -22.08 -6.26 27.25
N HIS F 641 -21.89 -6.82 26.06
CA HIS F 641 -21.24 -6.12 24.95
C HIS F 641 -22.29 -5.27 24.25
N SER F 642 -22.65 -4.16 24.89
CA SER F 642 -23.70 -3.27 24.40
C SER F 642 -23.16 -1.89 24.05
N VAL F 643 -22.54 -1.20 25.01
CA VAL F 643 -21.98 0.13 24.76
C VAL F 643 -20.78 0.02 23.83
N SER F 644 -20.08 -1.10 23.87
CA SER F 644 -18.95 -1.34 22.98
C SER F 644 -19.39 -1.42 21.52
N ARG F 645 -20.36 -2.28 21.23
CA ARG F 645 -20.79 -2.44 19.85
C ARG F 645 -21.57 -1.21 19.37
N LEU F 646 -22.42 -0.65 20.22
CA LEU F 646 -23.30 0.42 19.79
C LEU F 646 -22.60 1.77 19.76
N VAL F 647 -22.12 2.22 20.92
CA VAL F 647 -21.60 3.58 21.04
C VAL F 647 -20.22 3.68 20.40
N GLY F 648 -19.28 2.89 20.89
CA GLY F 648 -17.94 2.86 20.36
C GLY F 648 -17.13 1.86 21.17
N ALA F 649 -16.38 1.01 20.49
CA ALA F 649 -15.78 -0.09 21.22
C ALA F 649 -14.46 0.32 21.86
N PRO F 650 -14.08 -0.34 22.95
CA PRO F 650 -12.70 -0.32 23.36
C PRO F 650 -11.83 -1.04 22.34
N PRO F 651 -10.56 -0.67 22.20
CA PRO F 651 -9.69 -1.34 21.25
C PRO F 651 -9.41 -2.78 21.68
N GLY F 652 -9.09 -3.62 20.70
CA GLY F 652 -9.01 -5.04 20.93
C GLY F 652 -10.34 -5.73 20.87
N TYR F 653 -11.35 -5.10 20.31
CA TYR F 653 -12.70 -5.65 20.27
C TYR F 653 -13.31 -5.49 18.88
N VAL F 654 -14.61 -5.77 18.77
CA VAL F 654 -15.24 -5.92 17.46
C VAL F 654 -15.43 -4.56 16.81
N GLY F 655 -16.13 -3.66 17.47
CA GLY F 655 -16.51 -2.40 16.86
C GLY F 655 -15.43 -1.36 16.76
N TYR F 656 -14.20 -1.65 17.18
CA TYR F 656 -13.22 -0.59 17.28
C TYR F 656 -12.63 -0.19 15.92
N GLU F 657 -12.42 -1.16 15.03
CA GLU F 657 -12.02 -0.85 13.67
C GLU F 657 -13.22 -0.60 12.75
N GLU F 658 -14.36 -0.21 13.31
CA GLU F 658 -15.59 -0.07 12.57
C GLU F 658 -16.15 1.34 12.66
N GLY F 659 -15.69 2.12 13.63
CA GLY F 659 -16.31 3.39 13.96
C GLY F 659 -17.22 3.26 15.15
N GLY F 660 -18.52 3.26 14.91
CA GLY F 660 -19.51 3.19 15.96
C GLY F 660 -20.89 3.10 15.38
N TYR F 661 -21.70 2.17 15.90
CA TYR F 661 -23.05 1.98 15.38
C TYR F 661 -23.97 3.13 15.71
N LEU F 662 -23.68 3.89 16.76
CA LEU F 662 -24.55 4.98 17.16
C LEU F 662 -23.89 6.35 17.02
N THR F 663 -22.78 6.58 17.72
CA THR F 663 -22.21 7.92 17.73
C THR F 663 -21.52 8.25 16.42
N GLU F 664 -20.85 7.28 15.82
CA GLU F 664 -20.28 7.52 14.50
C GLU F 664 -21.34 7.53 13.41
N ALA F 665 -22.49 6.88 13.66
CA ALA F 665 -23.62 7.04 12.76
C ALA F 665 -24.15 8.46 12.79
N VAL F 666 -24.22 9.05 13.98
CA VAL F 666 -24.63 10.44 14.07
C VAL F 666 -23.52 11.36 13.56
N ARG F 667 -22.27 10.89 13.59
CA ARG F 667 -21.22 11.63 12.88
C ARG F 667 -21.47 11.62 11.39
N ARG F 668 -21.98 10.50 10.86
CA ARG F 668 -22.37 10.47 9.45
C ARG F 668 -23.63 11.29 9.21
N ARG F 669 -24.65 11.14 10.05
CA ARG F 669 -25.91 11.87 9.92
C ARG F 669 -26.19 12.66 11.19
N PRO F 670 -25.65 13.88 11.31
CA PRO F 670 -26.01 14.73 12.46
C PRO F 670 -27.40 15.31 12.36
N TYR F 671 -28.04 15.19 11.21
CA TYR F 671 -29.23 15.94 10.86
C TYR F 671 -30.21 14.89 10.32
N SER F 672 -30.88 14.19 11.24
CA SER F 672 -31.55 12.93 10.92
C SER F 672 -32.43 12.52 12.10
N VAL F 673 -32.93 11.28 12.06
CA VAL F 673 -33.83 10.71 13.07
C VAL F 673 -33.26 9.35 13.48
N ILE F 674 -33.35 9.02 14.78
CA ILE F 674 -32.82 7.78 15.31
C ILE F 674 -33.97 6.90 15.79
N LEU F 675 -33.94 5.63 15.43
CA LEU F 675 -34.88 4.62 15.91
C LEU F 675 -34.16 3.60 16.77
N LEU F 676 -34.78 3.24 17.89
CA LEU F 676 -34.29 2.15 18.74
C LEU F 676 -35.35 1.06 18.81
N ASP F 677 -35.23 0.07 17.94
CA ASP F 677 -36.11 -1.08 18.00
C ASP F 677 -35.72 -1.97 19.17
N ALA F 678 -36.73 -2.56 19.81
CA ALA F 678 -36.61 -3.60 20.84
C ALA F 678 -35.81 -3.09 22.04
N VAL F 679 -36.38 -2.09 22.70
CA VAL F 679 -35.73 -1.52 23.87
C VAL F 679 -35.79 -2.48 25.06
N GLU F 680 -36.71 -3.45 25.05
CA GLU F 680 -36.85 -4.40 26.12
C GLU F 680 -35.72 -5.42 26.18
N LYS F 681 -34.92 -5.55 25.12
CA LYS F 681 -33.79 -6.46 25.08
C LYS F 681 -32.48 -5.79 25.48
N ALA F 682 -32.54 -4.81 26.37
CA ALA F 682 -31.39 -3.99 26.68
C ALA F 682 -30.54 -4.62 27.79
N HIS F 683 -29.62 -3.84 28.32
CA HIS F 683 -28.70 -4.20 29.38
C HIS F 683 -28.59 -2.97 30.27
N PRO F 684 -28.21 -3.13 31.54
CA PRO F 684 -28.01 -1.95 32.40
C PRO F 684 -26.97 -0.96 31.92
N ASP F 685 -25.99 -1.36 31.09
CA ASP F 685 -25.14 -0.36 30.47
C ASP F 685 -25.67 0.05 29.08
N VAL F 686 -26.97 0.29 29.01
CA VAL F 686 -27.61 0.88 27.83
C VAL F 686 -28.37 2.09 28.35
N PHE F 687 -29.08 1.88 29.46
CA PHE F 687 -29.88 2.92 30.10
C PHE F 687 -29.02 4.11 30.51
N ASN F 688 -27.77 3.85 30.89
CA ASN F 688 -26.83 4.92 31.23
C ASN F 688 -26.61 5.85 30.05
N ILE F 689 -26.37 5.26 28.87
CA ILE F 689 -26.32 6.03 27.63
C ILE F 689 -27.65 6.72 27.39
N LEU F 690 -28.75 6.01 27.65
CA LEU F 690 -30.07 6.58 27.44
C LEU F 690 -30.37 7.71 28.42
N LEU F 691 -29.93 7.57 29.68
CA LEU F 691 -30.10 8.65 30.63
C LEU F 691 -29.27 9.87 30.25
N GLN F 692 -28.05 9.65 29.74
CA GLN F 692 -27.23 10.77 29.30
C GLN F 692 -27.82 11.46 28.09
N VAL F 693 -28.45 10.70 27.20
CA VAL F 693 -29.10 11.29 26.03
C VAL F 693 -30.33 12.08 26.45
N LEU F 694 -31.20 11.48 27.26
CA LEU F 694 -32.44 12.15 27.65
C LEU F 694 -32.19 13.34 28.56
N ASP F 695 -31.07 13.35 29.28
CA ASP F 695 -30.66 14.55 29.98
C ASP F 695 -30.13 15.59 29.00
N ASP F 696 -29.25 15.16 28.10
CA ASP F 696 -28.49 16.11 27.30
C ASP F 696 -28.77 15.97 25.81
N GLY F 697 -28.64 14.77 25.27
CA GLY F 697 -28.50 14.60 23.83
C GLY F 697 -27.03 14.59 23.43
N ARG F 698 -26.28 15.57 23.91
CA ARG F 698 -24.85 15.60 23.62
C ARG F 698 -24.13 14.47 24.34
N LEU F 699 -23.19 13.85 23.64
CA LEU F 699 -22.64 12.57 24.07
C LEU F 699 -21.21 12.45 23.55
N THR F 700 -20.44 11.56 24.18
CA THR F 700 -19.05 11.32 23.81
C THR F 700 -18.76 9.84 23.95
N ASP F 701 -18.20 9.24 22.88
CA ASP F 701 -17.93 7.80 22.87
C ASP F 701 -16.63 7.49 23.62
N GLY F 702 -16.17 6.25 23.50
CA GLY F 702 -14.98 5.82 24.20
C GLY F 702 -13.70 6.41 23.69
N GLN F 703 -13.67 6.83 22.42
CA GLN F 703 -12.46 7.45 21.90
C GLN F 703 -12.30 8.86 22.42
N GLY F 704 -13.40 9.53 22.77
CA GLY F 704 -13.30 10.83 23.38
C GLY F 704 -13.56 12.00 22.47
N ARG F 705 -14.59 11.92 21.64
CA ARG F 705 -14.96 13.03 20.78
C ARG F 705 -16.42 13.38 20.97
N THR F 706 -16.72 14.66 20.84
CA THR F 706 -17.99 15.22 21.30
C THR F 706 -19.04 15.15 20.19
N VAL F 707 -20.16 14.49 20.50
CA VAL F 707 -21.30 14.36 19.60
C VAL F 707 -22.44 15.14 20.24
N ASP F 708 -23.41 15.59 19.43
CA ASP F 708 -24.63 16.19 19.95
C ASP F 708 -25.84 15.68 19.18
N PHE F 709 -26.95 15.43 19.90
CA PHE F 709 -28.13 14.82 19.32
C PHE F 709 -29.32 15.76 19.21
N ARG F 710 -29.17 17.02 19.60
CA ARG F 710 -30.33 17.87 19.85
C ARG F 710 -31.00 18.39 18.59
N ASN F 711 -30.48 18.06 17.40
CA ASN F 711 -31.19 18.30 16.16
C ASN F 711 -31.89 17.06 15.65
N THR F 712 -31.86 15.97 16.42
CA THR F 712 -32.36 14.68 15.98
C THR F 712 -33.53 14.25 16.86
N VAL F 713 -34.08 13.08 16.52
CA VAL F 713 -35.23 12.51 17.19
C VAL F 713 -34.87 11.09 17.62
N VAL F 714 -35.06 10.79 18.90
CA VAL F 714 -34.81 9.47 19.45
C VAL F 714 -36.15 8.78 19.66
N ILE F 715 -36.33 7.64 19.02
CA ILE F 715 -37.56 6.86 19.12
C ILE F 715 -37.21 5.46 19.56
N MET F 716 -37.83 5.02 20.66
CA MET F 716 -37.72 3.66 21.14
C MET F 716 -39.04 2.93 20.90
N THR F 717 -38.96 1.61 20.76
CA THR F 717 -40.15 0.79 20.60
C THR F 717 -40.00 -0.49 21.41
N SER F 718 -41.14 -1.03 21.81
CA SER F 718 -41.21 -2.32 22.47
C SER F 718 -42.56 -2.95 22.17
N ASN F 719 -42.77 -4.15 22.69
CA ASN F 719 -44.04 -4.84 22.47
C ASN F 719 -44.51 -5.58 23.73
N LEU F 720 -44.24 -5.02 24.91
CA LEU F 720 -44.50 -5.73 26.14
C LEU F 720 -46.00 -5.87 26.40
N GLY F 721 -46.72 -4.75 26.37
CA GLY F 721 -48.15 -4.81 26.60
C GLY F 721 -48.98 -5.15 25.39
N SER F 722 -48.36 -5.66 24.32
CA SER F 722 -49.07 -5.90 23.07
C SER F 722 -50.09 -7.02 23.17
N ASP F 723 -49.93 -7.94 24.13
CA ASP F 723 -50.92 -8.99 24.31
C ASP F 723 -52.23 -8.43 24.84
N LEU F 724 -52.14 -7.47 25.77
CA LEU F 724 -53.33 -6.79 26.27
C LEU F 724 -54.01 -5.99 25.16
N ILE F 725 -53.21 -5.39 24.28
CA ILE F 725 -53.77 -4.57 23.20
C ILE F 725 -54.42 -5.45 22.15
N GLN F 726 -53.80 -6.59 21.84
CA GLN F 726 -54.42 -7.55 20.95
C GLN F 726 -55.65 -8.20 21.58
N GLU F 727 -55.70 -8.26 22.90
CA GLU F 727 -56.87 -8.82 23.57
C GLU F 727 -58.04 -7.85 23.54
N ARG F 728 -57.86 -6.66 24.10
CA ARG F 728 -58.99 -5.78 24.39
C ARG F 728 -58.75 -4.36 23.93
N PHE F 729 -58.25 -4.15 22.72
CA PHE F 729 -58.30 -2.79 22.17
C PHE F 729 -59.74 -2.43 21.82
N GLY F 730 -60.50 -3.40 21.32
CA GLY F 730 -61.93 -3.20 21.16
C GLY F 730 -62.62 -3.01 22.50
N GLU F 731 -63.76 -2.32 22.43
CA GLU F 731 -64.62 -1.88 23.55
C GLU F 731 -63.85 -1.21 24.71
N LEU F 732 -62.68 -0.64 24.43
CA LEU F 732 -61.94 0.14 25.41
C LEU F 732 -61.49 1.43 24.77
N ASP F 733 -61.15 2.41 25.60
CA ASP F 733 -60.78 3.73 25.12
C ASP F 733 -59.31 3.74 24.72
N TYR F 734 -58.77 4.94 24.52
CA TYR F 734 -57.36 5.14 24.25
C TYR F 734 -56.60 5.72 25.42
N ALA F 735 -57.25 6.55 26.23
CA ALA F 735 -56.57 7.23 27.34
C ALA F 735 -56.29 6.27 28.48
N HIS F 736 -57.32 5.54 28.94
CA HIS F 736 -57.10 4.58 30.00
C HIS F 736 -56.32 3.37 29.52
N MET F 737 -56.43 3.07 28.21
CA MET F 737 -55.53 2.10 27.60
C MET F 737 -54.07 2.53 27.72
N LYS F 738 -53.81 3.80 27.40
CA LYS F 738 -52.46 4.35 27.51
C LYS F 738 -51.98 4.36 28.95
N GLU F 739 -52.87 4.67 29.88
CA GLU F 739 -52.50 4.70 31.29
C GLU F 739 -52.22 3.31 31.83
N LEU F 740 -53.02 2.32 31.41
CA LEU F 740 -52.82 0.95 31.87
C LEU F 740 -51.54 0.35 31.29
N VAL F 741 -51.27 0.60 30.01
CA VAL F 741 -50.04 0.08 29.45
C VAL F 741 -48.83 0.86 29.97
N LEU F 742 -49.03 2.12 30.38
CA LEU F 742 -47.96 2.85 31.04
C LEU F 742 -47.70 2.29 32.43
N GLY F 743 -48.74 1.79 33.10
CA GLY F 743 -48.54 1.05 34.33
C GLY F 743 -47.79 -0.24 34.11
N VAL F 744 -48.05 -0.91 32.98
CA VAL F 744 -47.28 -2.11 32.63
C VAL F 744 -45.82 -1.77 32.37
N VAL F 745 -45.57 -0.62 31.73
CA VAL F 745 -44.21 -0.11 31.55
C VAL F 745 -43.55 0.15 32.90
N SER F 746 -44.31 0.70 33.85
CA SER F 746 -43.81 0.94 35.19
C SER F 746 -43.52 -0.36 35.93
N HIS F 747 -44.26 -1.42 35.61
CA HIS F 747 -43.86 -2.75 36.08
C HIS F 747 -42.54 -3.16 35.48
N ASN F 748 -42.33 -2.87 34.19
CA ASN F 748 -41.11 -3.32 33.54
C ASN F 748 -39.95 -2.34 33.71
N PHE F 749 -40.19 -1.05 33.55
CA PHE F 749 -39.13 -0.06 33.50
C PHE F 749 -39.07 0.72 34.80
N ARG F 750 -38.17 1.70 34.82
CA ARG F 750 -38.03 2.67 35.91
C ARG F 750 -38.89 3.89 35.63
N PRO F 751 -39.54 4.43 36.68
CA PRO F 751 -40.37 5.62 36.48
C PRO F 751 -39.57 6.87 36.15
N GLU F 752 -38.41 7.05 36.80
CA GLU F 752 -37.57 8.19 36.50
C GLU F 752 -36.91 8.08 35.14
N PHE F 753 -36.71 6.84 34.67
CA PHE F 753 -36.22 6.64 33.31
C PHE F 753 -37.26 7.07 32.29
N ILE F 754 -38.50 6.61 32.46
CA ILE F 754 -39.57 6.99 31.54
C ILE F 754 -40.16 8.35 31.87
N ASN F 755 -39.64 9.03 32.89
CA ASN F 755 -40.08 10.39 33.21
C ASN F 755 -39.65 11.35 32.11
N ARG F 756 -38.51 11.09 31.49
CA ARG F 756 -37.95 12.00 30.49
C ARG F 756 -38.57 11.82 29.12
N ILE F 757 -39.47 10.85 28.95
CA ILE F 757 -40.15 10.63 27.68
C ILE F 757 -41.12 11.77 27.43
N ASP F 758 -41.15 12.25 26.18
CA ASP F 758 -42.19 13.20 25.78
C ASP F 758 -43.56 12.53 25.85
N GLU F 759 -43.77 11.49 25.07
CA GLU F 759 -45.10 10.89 24.99
C GLU F 759 -44.98 9.46 24.49
N VAL F 760 -45.83 8.59 25.03
CA VAL F 760 -45.93 7.20 24.61
C VAL F 760 -47.29 7.00 23.96
N VAL F 761 -47.30 6.46 22.75
CA VAL F 761 -48.55 6.22 22.05
C VAL F 761 -48.73 4.72 21.86
N VAL F 762 -49.93 4.34 21.43
CA VAL F 762 -50.34 2.95 21.31
C VAL F 762 -50.58 2.66 19.84
N PHE F 763 -49.96 1.59 19.35
CA PHE F 763 -50.18 1.14 17.98
C PHE F 763 -51.09 -0.09 18.01
N HIS F 764 -52.36 0.13 17.74
CA HIS F 764 -53.40 -0.87 17.78
C HIS F 764 -53.21 -1.90 16.69
N PRO F 765 -53.72 -3.11 16.89
CA PRO F 765 -53.73 -4.09 15.79
C PRO F 765 -54.73 -3.70 14.72
N LEU F 766 -54.19 -3.23 13.60
CA LEU F 766 -55.00 -2.96 12.42
C LEU F 766 -55.56 -4.26 11.85
N GLY F 767 -56.87 -4.30 11.67
CA GLY F 767 -57.58 -5.56 11.46
C GLY F 767 -58.20 -5.71 10.07
N GLU F 768 -59.09 -4.80 9.68
CA GLU F 768 -59.80 -4.99 8.42
C GLU F 768 -59.55 -3.90 7.40
N GLN F 769 -59.86 -2.65 7.72
CA GLN F 769 -59.86 -1.61 6.69
C GLN F 769 -58.46 -1.07 6.45
N HIS F 770 -57.62 -1.06 7.49
CA HIS F 770 -56.25 -0.60 7.29
C HIS F 770 -55.42 -1.67 6.59
N ILE F 771 -55.70 -2.94 6.91
CA ILE F 771 -55.14 -4.07 6.16
C ILE F 771 -55.56 -3.99 4.70
N ALA F 772 -56.83 -3.65 4.47
CA ALA F 772 -57.35 -3.49 3.11
C ALA F 772 -56.61 -2.37 2.38
N SER F 773 -56.35 -1.27 3.08
CA SER F 773 -55.67 -0.14 2.46
C SER F 773 -54.22 -0.46 2.13
N ILE F 774 -53.52 -1.15 3.03
CA ILE F 774 -52.11 -1.40 2.77
C ILE F 774 -51.92 -2.50 1.71
N ALA F 775 -52.80 -3.50 1.70
CA ALA F 775 -52.81 -4.46 0.61
C ALA F 775 -53.21 -3.80 -0.69
N GLN F 776 -54.06 -2.78 -0.62
CA GLN F 776 -54.41 -2.01 -1.80
C GLN F 776 -53.22 -1.23 -2.32
N ILE F 777 -52.34 -0.74 -1.43
CA ILE F 777 -51.13 -0.04 -1.86
C ILE F 777 -50.19 -0.99 -2.60
N GLN F 778 -49.98 -2.18 -2.03
CA GLN F 778 -49.16 -3.19 -2.70
C GLN F 778 -49.74 -3.58 -4.04
N LEU F 779 -51.06 -3.74 -4.10
CA LEU F 779 -51.69 -4.07 -5.37
C LEU F 779 -51.67 -2.88 -6.33
N LYS F 780 -51.61 -1.65 -5.82
CA LYS F 780 -51.50 -0.49 -6.71
C LYS F 780 -50.17 -0.47 -7.43
N ARG F 781 -49.09 -0.75 -6.72
CA ARG F 781 -47.81 -0.77 -7.43
C ARG F 781 -47.72 -1.99 -8.36
N LEU F 782 -48.37 -3.10 -7.99
CA LEU F 782 -48.41 -4.25 -8.89
C LEU F 782 -49.22 -3.94 -10.15
N TYR F 783 -50.34 -3.23 -9.98
CA TYR F 783 -51.15 -2.80 -11.11
C TYR F 783 -50.40 -1.82 -11.99
N LYS F 784 -49.58 -0.98 -11.39
CA LYS F 784 -48.81 -0.02 -12.17
C LYS F 784 -47.79 -0.72 -13.04
N ARG F 785 -47.09 -1.72 -12.49
CA ARG F 785 -46.13 -2.45 -13.31
C ARG F 785 -46.82 -3.31 -14.37
N LEU F 786 -47.98 -3.88 -14.05
CA LEU F 786 -48.69 -4.66 -15.05
C LEU F 786 -49.35 -3.79 -16.12
N GLU F 787 -49.69 -2.56 -15.76
CA GLU F 787 -50.29 -1.65 -16.73
C GLU F 787 -49.24 -1.09 -17.67
N GLU F 788 -48.04 -0.82 -17.15
CA GLU F 788 -46.95 -0.47 -18.04
C GLU F 788 -46.54 -1.66 -18.89
N ARG F 789 -46.74 -2.88 -18.40
CA ARG F 789 -46.61 -4.04 -19.27
C ARG F 789 -47.75 -4.09 -20.29
N GLY F 790 -48.95 -3.68 -19.89
CA GLY F 790 -50.03 -3.58 -20.84
C GLY F 790 -51.27 -4.39 -20.50
N TYR F 791 -51.48 -4.69 -19.22
CA TYR F 791 -52.67 -5.39 -18.77
C TYR F 791 -53.51 -4.45 -17.91
N GLU F 792 -54.68 -4.92 -17.51
CA GLU F 792 -55.54 -4.21 -16.56
C GLU F 792 -56.14 -5.24 -15.62
N ILE F 793 -55.80 -5.13 -14.33
CA ILE F 793 -56.25 -6.08 -13.32
C ILE F 793 -56.97 -5.33 -12.22
N HIS F 794 -58.20 -5.76 -11.94
CA HIS F 794 -58.92 -5.33 -10.76
C HIS F 794 -59.20 -6.54 -9.87
N ILE F 795 -58.99 -6.38 -8.58
CA ILE F 795 -59.21 -7.46 -7.63
C ILE F 795 -60.68 -7.48 -7.23
N SER F 796 -61.18 -8.65 -6.89
CA SER F 796 -62.44 -8.72 -6.17
C SER F 796 -62.23 -8.28 -4.72
N ASP F 797 -63.32 -7.88 -4.09
CA ASP F 797 -63.25 -7.59 -2.66
C ASP F 797 -63.05 -8.87 -1.86
N GLU F 798 -63.60 -9.98 -2.35
CA GLU F 798 -63.46 -11.25 -1.65
C GLU F 798 -62.03 -11.77 -1.72
N ALA F 799 -61.36 -11.57 -2.85
CA ALA F 799 -59.96 -11.96 -2.96
C ALA F 799 -59.08 -11.12 -2.07
N LEU F 800 -59.42 -9.84 -1.90
CA LEU F 800 -58.71 -9.00 -0.95
C LEU F 800 -58.99 -9.44 0.48
N LYS F 801 -60.19 -9.97 0.74
CA LYS F 801 -60.47 -10.55 2.05
C LYS F 801 -59.64 -11.80 2.29
N LEU F 802 -59.43 -12.60 1.24
CA LEU F 802 -58.54 -13.76 1.36
C LEU F 802 -57.10 -13.33 1.60
N LEU F 803 -56.67 -12.23 1.00
CA LEU F 803 -55.35 -11.68 1.32
C LEU F 803 -55.28 -11.22 2.77
N SER F 804 -56.37 -10.62 3.26
CA SER F 804 -56.38 -10.12 4.63
C SER F 804 -56.37 -11.25 5.63
N GLU F 805 -57.09 -12.33 5.33
CA GLU F 805 -57.12 -13.49 6.22
C GLU F 805 -55.87 -14.35 6.08
N ASN F 806 -55.17 -14.28 4.95
CA ASN F 806 -53.99 -15.10 4.73
C ASN F 806 -52.68 -14.34 4.94
N GLY F 807 -52.72 -13.02 4.90
CA GLY F 807 -51.50 -12.25 5.01
C GLY F 807 -51.29 -11.59 6.35
N TYR F 808 -52.35 -11.46 7.15
CA TYR F 808 -52.25 -10.82 8.45
C TYR F 808 -52.32 -11.85 9.57
N ASP F 809 -51.45 -11.68 10.55
CA ASP F 809 -51.47 -12.41 11.81
C ASP F 809 -51.15 -11.43 12.93
N PRO F 810 -51.69 -11.66 14.13
CA PRO F 810 -51.39 -10.77 15.25
C PRO F 810 -49.98 -10.89 15.77
N VAL F 811 -49.31 -12.02 15.55
CA VAL F 811 -47.97 -12.21 16.09
C VAL F 811 -46.92 -11.50 15.26
N TYR F 812 -47.19 -11.25 13.98
CA TYR F 812 -46.23 -10.61 13.09
C TYR F 812 -46.72 -9.30 12.50
N GLY F 813 -47.98 -9.22 12.10
CA GLY F 813 -48.43 -7.99 11.46
C GLY F 813 -48.60 -8.21 9.97
N ALA F 814 -47.89 -7.40 9.17
CA ALA F 814 -48.12 -7.34 7.73
C ALA F 814 -46.87 -7.65 6.91
N ARG F 815 -45.87 -8.29 7.49
CA ARG F 815 -44.83 -8.85 6.64
C ARG F 815 -45.27 -10.15 5.96
N PRO F 816 -46.02 -11.06 6.63
CA PRO F 816 -46.69 -12.12 5.84
C PRO F 816 -47.67 -11.60 4.83
N LEU F 817 -48.20 -10.39 4.98
CA LEU F 817 -48.96 -9.77 3.91
C LEU F 817 -48.15 -9.62 2.64
N LYS F 818 -46.92 -9.10 2.76
CA LYS F 818 -46.09 -8.90 1.57
C LYS F 818 -45.69 -10.22 0.94
N ARG F 819 -45.24 -11.18 1.74
CA ARG F 819 -44.79 -12.41 1.09
C ARG F 819 -45.95 -13.27 0.61
N ALA F 820 -47.12 -13.21 1.27
CA ALA F 820 -48.25 -13.96 0.80
C ALA F 820 -48.86 -13.33 -0.45
N ILE F 821 -48.84 -11.99 -0.54
CA ILE F 821 -49.27 -11.31 -1.76
C ILE F 821 -48.38 -11.73 -2.92
N GLN F 822 -47.06 -11.70 -2.70
CA GLN F 822 -46.08 -12.14 -3.69
C GLN F 822 -46.38 -13.55 -4.19
N GLN F 823 -46.44 -14.51 -3.28
CA GLN F 823 -46.67 -15.91 -3.62
C GLN F 823 -48.03 -16.10 -4.30
N GLN F 824 -49.12 -15.91 -3.55
CA GLN F 824 -50.44 -16.28 -4.01
C GLN F 824 -50.96 -15.43 -5.15
N ILE F 825 -50.41 -14.25 -5.38
CA ILE F 825 -50.86 -13.50 -6.53
C ILE F 825 -49.88 -13.72 -7.67
N GLU F 826 -48.62 -13.32 -7.48
CA GLU F 826 -47.72 -13.18 -8.62
C GLU F 826 -47.24 -14.51 -9.16
N ASN F 827 -47.08 -15.55 -8.32
CA ASN F 827 -46.54 -16.78 -8.90
C ASN F 827 -47.52 -17.50 -9.82
N PRO F 828 -48.83 -17.62 -9.52
CA PRO F 828 -49.73 -18.08 -10.59
C PRO F 828 -49.90 -17.04 -11.69
N LEU F 829 -49.74 -15.75 -11.39
CA LEU F 829 -49.90 -14.75 -12.43
C LEU F 829 -48.73 -14.76 -13.40
N ALA F 830 -47.51 -14.86 -12.88
CA ALA F 830 -46.36 -15.01 -13.76
C ALA F 830 -46.35 -16.38 -14.43
N GLN F 831 -46.98 -17.37 -13.81
CA GLN F 831 -47.18 -18.64 -14.50
C GLN F 831 -48.12 -18.47 -15.68
N GLN F 832 -49.15 -17.65 -15.54
CA GLN F 832 -50.16 -17.55 -16.58
C GLN F 832 -49.76 -16.61 -17.72
N ILE F 833 -49.02 -15.54 -17.43
CA ILE F 833 -48.71 -14.57 -18.48
C ILE F 833 -47.71 -15.16 -19.47
N LEU F 834 -46.72 -15.89 -18.99
CA LEU F 834 -45.81 -16.59 -19.89
C LEU F 834 -46.48 -17.76 -20.58
N SER F 835 -47.60 -18.25 -20.06
CA SER F 835 -48.26 -19.43 -20.58
C SER F 835 -48.94 -19.20 -21.93
N GLY F 836 -48.96 -17.97 -22.44
CA GLY F 836 -49.64 -17.69 -23.68
C GLY F 836 -51.15 -17.71 -23.53
N GLU F 837 -51.65 -17.12 -22.44
CA GLU F 837 -53.06 -17.20 -22.10
C GLU F 837 -53.71 -15.82 -22.00
N LEU F 838 -53.09 -14.89 -21.29
CA LEU F 838 -53.73 -13.62 -20.97
C LEU F 838 -53.41 -12.60 -22.04
N VAL F 839 -54.41 -12.30 -22.87
CA VAL F 839 -54.31 -11.31 -23.95
C VAL F 839 -54.40 -9.93 -23.31
N PRO F 840 -53.63 -8.95 -23.79
CA PRO F 840 -53.83 -7.56 -23.33
C PRO F 840 -55.21 -7.02 -23.66
N GLY F 841 -55.63 -6.03 -22.89
CA GLY F 841 -56.86 -5.30 -23.17
C GLY F 841 -58.10 -5.84 -22.50
N LYS F 842 -57.95 -6.69 -21.49
CA LYS F 842 -59.10 -7.23 -20.79
C LYS F 842 -59.00 -6.92 -19.30
N VAL F 843 -60.15 -6.67 -18.68
CA VAL F 843 -60.23 -6.55 -17.24
C VAL F 843 -60.00 -7.93 -16.64
N ILE F 844 -58.85 -8.11 -16.01
CA ILE F 844 -58.46 -9.41 -15.47
C ILE F 844 -58.93 -9.45 -14.03
N ARG F 845 -60.09 -10.04 -13.81
CA ARG F 845 -60.67 -10.06 -12.47
C ARG F 845 -59.98 -11.13 -11.62
N LEU F 846 -59.42 -10.70 -10.50
CA LEU F 846 -58.90 -11.63 -9.51
C LEU F 846 -60.07 -12.23 -8.76
N GLU F 847 -60.60 -13.32 -9.29
CA GLU F 847 -61.70 -14.02 -8.63
C GLU F 847 -61.14 -14.92 -7.52
N VAL F 848 -62.01 -15.70 -6.91
CA VAL F 848 -61.60 -16.60 -5.85
C VAL F 848 -61.87 -18.04 -6.28
N ASN F 849 -60.98 -18.93 -5.87
CA ASN F 849 -61.26 -20.36 -5.87
C ASN F 849 -61.81 -20.71 -4.49
N GLU F 850 -61.83 -22.00 -4.14
CA GLU F 850 -62.23 -22.38 -2.78
C GLU F 850 -61.23 -21.87 -1.75
N ASP F 851 -59.94 -22.00 -2.04
CA ASP F 851 -58.89 -21.47 -1.18
C ASP F 851 -57.84 -20.67 -1.93
N ARG F 852 -57.95 -20.52 -3.23
CA ARG F 852 -56.94 -19.84 -4.03
C ARG F 852 -57.49 -18.55 -4.61
N ILE F 853 -56.60 -17.83 -5.29
CA ILE F 853 -56.94 -16.60 -6.00
C ILE F 853 -56.57 -16.84 -7.45
N VAL F 854 -57.53 -16.72 -8.35
CA VAL F 854 -57.33 -17.05 -9.76
C VAL F 854 -57.49 -15.78 -10.58
N ALA F 855 -56.77 -15.73 -11.70
CA ALA F 855 -56.86 -14.63 -12.65
C ALA F 855 -57.55 -15.15 -13.92
N VAL F 856 -58.71 -14.58 -14.22
CA VAL F 856 -59.56 -15.09 -15.30
C VAL F 856 -59.63 -14.06 -16.42
N GLN F 857 -60.02 -14.54 -17.60
CA GLN F 857 -60.20 -13.70 -18.77
C GLN F 857 -61.66 -13.73 -19.22
N HIS F 858 -62.12 -12.59 -19.72
CA HIS F 858 -63.49 -12.46 -20.19
C HIS F 858 -63.55 -11.53 -21.40
N UNK G 1 7.90 27.29 -43.32
CA UNK G 1 7.35 25.94 -43.45
C UNK G 1 8.19 24.94 -42.67
N UNK G 2 7.84 24.73 -41.41
CA UNK G 2 8.57 23.81 -40.54
C UNK G 2 7.66 22.64 -40.17
N UNK G 3 8.29 21.55 -39.76
CA UNK G 3 7.59 20.30 -39.50
C UNK G 3 7.38 20.08 -38.01
N UNK G 4 6.30 19.38 -37.68
CA UNK G 4 5.96 19.09 -36.29
C UNK G 4 6.81 17.95 -35.76
N UNK G 5 7.66 18.24 -34.78
CA UNK G 5 8.40 17.19 -34.11
C UNK G 5 7.46 16.40 -33.20
N UNK G 6 7.92 15.20 -32.81
CA UNK G 6 7.19 14.37 -31.86
C UNK G 6 8.03 14.20 -30.61
N UNK G 7 7.47 14.59 -29.47
CA UNK G 7 8.20 14.64 -28.21
C UNK G 7 7.95 13.38 -27.38
N UNK G 8 8.38 13.37 -26.12
CA UNK G 8 8.47 12.12 -25.36
C UNK G 8 7.50 12.01 -24.19
N UNK G 9 7.58 12.88 -23.17
CA UNK G 9 6.53 13.09 -22.16
C UNK G 9 6.20 11.85 -21.32
N UNK G 10 7.09 11.51 -20.38
CA UNK G 10 6.90 10.35 -19.48
C UNK G 10 5.72 10.56 -18.51
N UNK G 11 5.42 9.51 -17.71
CA UNK G 11 4.28 9.49 -16.79
C UNK G 11 4.43 8.37 -15.76
N UNK G 12 3.72 8.52 -14.62
CA UNK G 12 3.91 7.68 -13.43
C UNK G 12 2.58 7.20 -12.86
N UNK G 13 2.68 6.42 -11.76
CA UNK G 13 1.54 5.86 -11.03
C UNK G 13 1.80 6.08 -9.54
N UNK G 14 1.00 5.44 -8.67
CA UNK G 14 1.12 5.59 -7.22
C UNK G 14 0.49 4.38 -6.54
N UNK G 15 1.01 4.01 -5.37
CA UNK G 15 0.63 2.73 -4.78
C UNK G 15 0.41 2.86 -3.29
N UNK G 16 -0.71 2.36 -2.79
CA UNK G 16 -1.00 2.36 -1.37
C UNK G 16 -0.42 1.11 -0.72
N UNK G 17 -0.58 0.99 0.60
CA UNK G 17 0.08 -0.07 1.35
C UNK G 17 -0.64 -0.29 2.67
N UNK G 18 -1.21 -1.47 2.86
CA UNK G 18 -2.02 -1.73 4.04
C UNK G 18 -1.15 -2.12 5.22
N UNK G 19 -1.74 -2.10 6.41
CA UNK G 19 -1.01 -2.32 7.65
C UNK G 19 -1.88 -3.09 8.63
N UNK G 20 -1.74 -4.41 8.66
CA UNK G 20 -2.53 -5.29 9.51
C UNK G 20 -2.19 -5.06 10.97
N UNK G 21 -3.10 -5.46 11.85
CA UNK G 21 -2.94 -5.17 13.26
C UNK G 21 -3.35 -6.41 14.04
N UNK G 22 -2.41 -6.99 14.76
CA UNK G 22 -2.71 -8.15 15.58
C UNK G 22 -3.59 -7.76 16.75
N UNK G 23 -4.32 -8.73 17.28
CA UNK G 23 -5.52 -8.42 18.05
C UNK G 23 -5.50 -8.90 19.49
N UNK G 24 -4.42 -8.67 20.23
CA UNK G 24 -4.44 -9.04 21.64
C UNK G 24 -4.04 -7.91 22.55
#